data_8GAO
#
_entry.id   8GAO
#
_cell.length_a   1.00
_cell.length_b   1.00
_cell.length_c   1.00
_cell.angle_alpha   90.00
_cell.angle_beta   90.00
_cell.angle_gamma   90.00
#
_symmetry.space_group_name_H-M   'P 1'
#
loop_
_entity.id
_entity.type
_entity.pdbx_description
1 polymer 'DnaB-like replicative helicase'
2 polymer 'DNA primase'
3 polymer 'DNA (70-mer)'
4 polymer "RNA (5'-D(*(GTP))-R(P*CP*CP*GP*A)-3')"
5 polymer 'DNA (70-mer)'
6 non-polymer 'PHOSPHOTHIOPHOSPHORIC ACID-ADENYLATE ESTER'
7 non-polymer 'MAGNESIUM ION'
8 non-polymer 'ZINC ION'
#
loop_
_entity_poly.entity_id
_entity_poly.type
_entity_poly.pdbx_seq_one_letter_code
_entity_poly.pdbx_strand_id
1 'polypeptide(L)'
;MVEIILSHLIFDQAYFSKVWPYMDSEYFESGPAKNTFKLIKSHVNEYHSVPSINALNVALENSSFTETEYSGVKTLISKL
ADSPEDHSWLVKETEKYVQQRAMFNATSKIIEIQTNAELPPEKRNKKMPDVGAIPDIMRQALSISFDSYVGHDWMDDYEA
RWLSYMNKARKVPFKLRILNKITKGGAETGTLNVLMAGVNVGKSLGLCSLAADYLQLGHNVLYISMQMAEEVCAKRIDAN
MLDVSLDDIDDGHISYAEYKGKMEKWREKSTLGRLIVKQYPTGGADANTFRSLLNELKLKKNFVPTIIIVDYLGICKSCR
IRVYSENSYTTVKAIAEELRALAVETETVLWTAAQVGKQAWDSSDVNMSDIAESAGLPATADFMLAVIETEELAAAEQQL
IKQIKSRYGDKNKWNKFLMGVQKGNQKWVEIE
;
A,B,C,D,E,F
2 'polypeptide(L)'
;SIPWIDNEFAYRALAHLPKFTQVNNSSTFKLRFRCPVCGDSKTDQNKARGWYYGDNNEGNIHCYNCNYHAPIGIYLKEFE
PDLYREYIFEIRKEKGKSRPIEKPKELPKQPEKKIIKSLPSCVRLDKLAEDHPIIKYVKARCIPKDKWKYLWFTTEWPKL
VNSIAPGTYKKEISEPRLVIPIYNANGKAESFQGRALKKDAPQKYITIEAYPEATKIYGVERVKDGDVYVLEGPIDSLFI
ENGIAITGGQLDLEVVPFKDRRVWVLDNEPRHPDTIKRMTKLVDAGERVMFWDKSPWKSKDVNDMIRKEGATPEQIMEYM
KNNIAQGLMAKMRLSKYAK
;
G
3 'polydeoxyribonucleotide' (DT)(DT)(DT)(DT)(DT)(DT)(DT)(DT)(DT)(DT)(DT)(DT) M
4 'polyribonucleotide' (GTP)CCGA P
5 'polydeoxyribonucleotide'
;(DG)(DA)(DA)(DT)(DG)(DA)(DG)(DG)(DA)(DG)(DT)(DA)(DG)(DT)(DA)(DG)(DT)(DG)(DA)(DA)
(DT)(DG)(DT)(DA)(DG)(DT)(DG)(DA)(DG)(DG)(DT)(DA)(DA)(DT)(DA)(DT)(DC)(DG)(DG)(DC)
(DT)(DG)(DG)(DT)(DC)(DT)(DG)(DG)(DT)(DC)(DT)(DG)(DT)(DG)(DC)(DC)(DA)(DA)(DG)(DT)
(DT)(DG)(DC)(DT)(DG)(DC)(DA)(DA)(DA)(DA)
;
T
#
# COMPACT_ATOMS: atom_id res chain seq x y z
N MET A 1 17.27 7.02 -40.31
CA MET A 1 16.65 8.34 -40.25
C MET A 1 17.43 9.35 -41.08
N VAL A 2 18.73 9.06 -41.28
CA VAL A 2 19.59 9.95 -42.06
C VAL A 2 19.07 10.08 -43.48
N GLU A 3 18.65 8.96 -44.08
CA GLU A 3 18.15 8.99 -45.45
C GLU A 3 16.95 9.92 -45.56
N ILE A 4 16.01 9.83 -44.62
CA ILE A 4 14.83 10.68 -44.65
C ILE A 4 15.21 12.14 -44.50
N ILE A 5 16.13 12.43 -43.58
CA ILE A 5 16.52 13.83 -43.33
C ILE A 5 17.17 14.41 -44.58
N LEU A 6 18.09 13.68 -45.20
CA LEU A 6 18.73 14.18 -46.40
C LEU A 6 17.73 14.32 -47.55
N SER A 7 16.83 13.35 -47.70
CA SER A 7 15.86 13.42 -48.80
C SER A 7 14.94 14.62 -48.64
N HIS A 8 14.48 14.89 -47.43
CA HIS A 8 13.60 16.03 -47.21
C HIS A 8 14.36 17.34 -47.13
N LEU A 9 15.69 17.31 -46.95
CA LEU A 9 16.46 18.52 -47.17
C LEU A 9 16.56 18.83 -48.66
N ILE A 10 16.79 17.80 -49.49
CA ILE A 10 16.92 18.01 -50.92
C ILE A 10 15.59 18.41 -51.54
N PHE A 11 14.50 17.74 -51.16
CA PHE A 11 13.23 17.84 -51.85
C PHE A 11 12.15 18.54 -51.03
N ASP A 12 12.50 19.64 -50.35
CA ASP A 12 11.50 20.41 -49.63
C ASP A 12 12.02 21.83 -49.46
N GLN A 13 11.08 22.73 -49.18
CA GLN A 13 11.40 24.13 -48.95
C GLN A 13 11.05 24.57 -47.53
N ALA A 14 9.91 24.13 -47.00
CA ALA A 14 9.54 24.50 -45.64
C ALA A 14 10.40 23.77 -44.61
N TYR A 15 10.58 22.46 -44.79
CA TYR A 15 11.38 21.67 -43.84
C TYR A 15 12.83 22.14 -43.83
N PHE A 16 13.39 22.42 -45.00
CA PHE A 16 14.74 22.97 -45.06
C PHE A 16 14.81 24.31 -44.33
N SER A 17 13.91 25.23 -44.68
CA SER A 17 13.94 26.55 -44.09
C SER A 17 13.64 26.53 -42.60
N LYS A 18 13.13 25.41 -42.08
CA LYS A 18 12.90 25.27 -40.65
C LYS A 18 14.06 24.63 -39.91
N VAL A 19 14.69 23.61 -40.49
CA VAL A 19 15.63 22.78 -39.74
C VAL A 19 17.08 22.96 -40.18
N TRP A 20 17.36 23.73 -41.22
CA TRP A 20 18.75 23.97 -41.61
C TRP A 20 19.57 24.69 -40.54
N PRO A 21 19.09 25.74 -39.86
CA PRO A 21 19.95 26.46 -38.90
C PRO A 21 20.50 25.59 -37.78
N TYR A 22 20.00 24.37 -37.59
CA TYR A 22 20.41 23.52 -36.48
C TYR A 22 21.10 22.25 -36.96
N MET A 23 21.69 22.25 -38.15
CA MET A 23 22.32 21.07 -38.71
C MET A 23 23.81 21.30 -38.85
N ASP A 24 24.61 20.35 -38.36
CA ASP A 24 26.06 20.43 -38.43
C ASP A 24 26.61 19.15 -39.05
N SER A 25 27.79 19.27 -39.66
CA SER A 25 28.37 18.14 -40.39
C SER A 25 28.73 17.00 -39.44
N GLU A 26 28.90 17.29 -38.15
CA GLU A 26 29.26 16.24 -37.21
C GLU A 26 28.05 15.47 -36.69
N TYR A 27 26.84 15.82 -37.12
CA TYR A 27 25.62 15.21 -36.60
C TYR A 27 25.30 13.85 -37.21
N PHE A 28 25.90 13.48 -38.34
CA PHE A 28 25.36 12.38 -39.13
C PHE A 28 26.15 11.09 -39.01
N GLU A 29 27.42 11.10 -39.39
CA GLU A 29 28.22 9.89 -39.44
C GLU A 29 29.65 10.29 -39.78
N SER A 30 30.51 9.29 -39.99
CA SER A 30 31.84 9.50 -40.56
C SER A 30 31.94 8.92 -41.96
N GLY A 31 30.82 8.59 -42.58
CA GLY A 31 30.81 7.94 -43.87
C GLY A 31 29.92 8.62 -44.89
N PRO A 32 29.02 7.84 -45.50
CA PRO A 32 28.18 8.38 -46.58
C PRO A 32 27.35 9.58 -46.15
N ALA A 33 26.82 9.54 -44.93
CA ALA A 33 25.98 10.62 -44.43
C ALA A 33 26.76 11.92 -44.34
N LYS A 34 27.96 11.86 -43.73
CA LYS A 34 28.76 13.06 -43.55
C LYS A 34 29.17 13.64 -44.89
N ASN A 35 29.60 12.79 -45.82
CA ASN A 35 30.01 13.28 -47.14
C ASN A 35 28.84 13.90 -47.88
N THR A 36 27.66 13.26 -47.82
CA THR A 36 26.49 13.81 -48.49
C THR A 36 26.11 15.16 -47.92
N PHE A 37 26.14 15.29 -46.59
CA PHE A 37 25.81 16.58 -45.99
C PHE A 37 26.87 17.62 -46.31
N LYS A 38 28.13 17.19 -46.42
CA LYS A 38 29.18 18.11 -46.85
C LYS A 38 28.91 18.63 -48.25
N LEU A 39 28.48 17.75 -49.16
CA LEU A 39 28.13 18.18 -50.51
C LEU A 39 26.96 19.16 -50.47
N ILE A 40 25.95 18.87 -49.65
CA ILE A 40 24.80 19.76 -49.54
C ILE A 40 25.23 21.13 -49.03
N LYS A 41 26.07 21.15 -48.00
CA LYS A 41 26.54 22.41 -47.44
C LYS A 41 27.36 23.19 -48.46
N SER A 42 28.25 22.50 -49.18
CA SER A 42 29.06 23.18 -50.19
C SER A 42 28.18 23.79 -51.27
N HIS A 43 27.18 23.03 -51.74
CA HIS A 43 26.31 23.56 -52.78
C HIS A 43 25.49 24.74 -52.28
N VAL A 44 24.95 24.65 -51.07
CA VAL A 44 24.14 25.75 -50.55
C VAL A 44 24.99 26.97 -50.25
N ASN A 45 26.28 26.79 -49.99
CA ASN A 45 27.18 27.91 -49.78
C ASN A 45 27.60 28.58 -51.08
N GLU A 46 28.08 27.82 -52.06
CA GLU A 46 28.50 28.42 -53.32
C GLU A 46 27.32 29.03 -54.07
N TYR A 47 26.17 28.37 -54.06
CA TYR A 47 24.93 28.90 -54.62
C TYR A 47 23.86 28.85 -53.53
N HIS A 48 23.30 30.01 -53.21
CA HIS A 48 22.36 30.10 -52.09
C HIS A 48 21.02 29.49 -52.45
N SER A 49 21.00 28.18 -52.67
CA SER A 49 19.78 27.45 -53.01
C SER A 49 20.00 25.98 -52.76
N VAL A 50 18.92 25.30 -52.40
CA VAL A 50 18.99 23.86 -52.12
C VAL A 50 19.29 23.11 -53.41
N PRO A 51 20.30 22.25 -53.45
CA PRO A 51 20.61 21.52 -54.68
C PRO A 51 19.51 20.54 -55.05
N SER A 52 19.37 20.32 -56.36
CA SER A 52 18.52 19.25 -56.85
C SER A 52 19.29 17.93 -56.84
N ILE A 53 18.55 16.83 -57.07
CA ILE A 53 19.19 15.52 -57.04
C ILE A 53 20.26 15.41 -58.12
N ASN A 54 19.98 15.95 -59.31
CA ASN A 54 21.01 15.96 -60.35
C ASN A 54 22.12 16.94 -60.00
N ALA A 55 21.79 18.04 -59.34
CA ALA A 55 22.82 18.95 -58.86
C ALA A 55 23.71 18.27 -57.84
N LEU A 56 23.11 17.50 -56.92
CA LEU A 56 23.90 16.75 -55.95
C LEU A 56 24.76 15.70 -56.64
N ASN A 57 24.22 15.06 -57.68
CA ASN A 57 25.00 14.08 -58.44
C ASN A 57 26.17 14.74 -59.14
N VAL A 58 25.97 15.95 -59.67
CA VAL A 58 27.06 16.69 -60.29
C VAL A 58 28.12 17.05 -59.26
N ALA A 59 27.69 17.48 -58.07
CA ALA A 59 28.63 17.78 -57.00
C ALA A 59 29.44 16.54 -56.63
N LEU A 60 28.79 15.38 -56.59
CA LEU A 60 29.50 14.12 -56.39
C LEU A 60 30.48 13.88 -57.53
N GLU A 61 30.09 14.20 -58.76
CA GLU A 61 30.97 13.98 -59.90
C GLU A 61 32.23 14.82 -59.80
N ASN A 62 32.12 16.06 -59.33
CA ASN A 62 33.26 16.96 -59.18
C ASN A 62 33.49 17.21 -57.69
N SER A 63 34.24 16.31 -57.06
CA SER A 63 34.60 16.44 -55.65
C SER A 63 35.70 15.44 -55.33
N SER A 64 36.37 15.69 -54.22
CA SER A 64 37.46 14.81 -53.78
C SER A 64 36.89 13.69 -52.92
N PHE A 65 36.70 12.51 -53.51
CA PHE A 65 36.17 11.35 -52.82
C PHE A 65 37.00 10.13 -53.18
N THR A 66 37.18 9.23 -52.21
CA THR A 66 37.80 7.95 -52.50
C THR A 66 36.82 7.05 -53.24
N GLU A 67 37.35 5.95 -53.79
CA GLU A 67 36.53 5.04 -54.59
C GLU A 67 35.35 4.50 -53.78
N THR A 68 35.62 3.98 -52.59
CA THR A 68 34.54 3.49 -51.73
C THR A 68 33.61 4.63 -51.33
N GLU A 69 34.18 5.78 -50.97
CA GLU A 69 33.36 6.95 -50.64
C GLU A 69 32.55 7.40 -51.85
N TYR A 70 33.16 7.37 -53.04
CA TYR A 70 32.44 7.76 -54.24
C TYR A 70 31.24 6.84 -54.47
N SER A 71 31.45 5.53 -54.35
CA SER A 71 30.35 4.59 -54.55
C SER A 71 29.26 4.77 -53.51
N GLY A 72 29.65 4.96 -52.25
CA GLY A 72 28.69 5.15 -51.19
C GLY A 72 27.85 6.39 -51.38
N VAL A 73 28.51 7.50 -51.71
CA VAL A 73 27.79 8.75 -51.92
C VAL A 73 26.87 8.63 -53.13
N LYS A 74 27.33 7.98 -54.20
CA LYS A 74 26.48 7.81 -55.37
C LYS A 74 25.24 7.00 -55.04
N THR A 75 25.42 5.90 -54.30
CA THR A 75 24.28 5.07 -53.93
C THR A 75 23.31 5.83 -53.03
N LEU A 76 23.83 6.57 -52.05
CA LEU A 76 22.95 7.31 -51.16
C LEU A 76 22.21 8.40 -51.92
N ILE A 77 22.88 9.06 -52.86
CA ILE A 77 22.24 10.07 -53.69
C ILE A 77 21.11 9.44 -54.50
N SER A 78 21.37 8.29 -55.11
CA SER A 78 20.33 7.58 -55.84
C SER A 78 19.23 7.05 -54.93
N LYS A 79 19.47 6.98 -53.62
CA LYS A 79 18.51 6.45 -52.66
C LYS A 79 17.67 7.57 -52.03
N LEU A 80 17.76 8.77 -52.58
CA LEU A 80 17.02 9.93 -52.07
C LEU A 80 15.71 10.08 -52.83
N ALA A 81 14.61 10.18 -52.09
CA ALA A 81 13.28 10.25 -52.68
C ALA A 81 12.59 11.55 -52.29
N ASP A 82 11.47 11.81 -52.98
CA ASP A 82 10.65 13.00 -52.74
C ASP A 82 9.38 12.66 -51.97
N SER A 83 9.47 11.76 -50.99
CA SER A 83 8.28 11.30 -50.29
C SER A 83 7.61 12.46 -49.56
N PRO A 84 6.31 12.63 -49.74
CA PRO A 84 5.60 13.73 -49.07
C PRO A 84 5.08 13.36 -47.69
N GLU A 85 5.98 13.26 -46.72
CA GLU A 85 5.60 13.02 -45.34
C GLU A 85 4.90 14.23 -44.75
N ASP A 86 4.28 14.04 -43.59
CA ASP A 86 3.70 15.17 -42.88
C ASP A 86 4.82 16.01 -42.27
N HIS A 87 4.44 17.19 -41.77
CA HIS A 87 5.45 18.16 -41.37
C HIS A 87 5.81 18.04 -39.89
N SER A 88 4.81 17.99 -39.02
CA SER A 88 5.07 18.00 -37.58
C SER A 88 5.89 16.78 -37.15
N TRP A 89 5.51 15.60 -37.64
CA TRP A 89 6.26 14.40 -37.31
C TRP A 89 7.68 14.48 -37.86
N LEU A 90 7.84 14.99 -39.07
CA LEU A 90 9.17 15.10 -39.66
C LEU A 90 10.07 15.99 -38.82
N VAL A 91 9.54 17.15 -38.41
CA VAL A 91 10.30 18.08 -37.57
C VAL A 91 10.65 17.41 -36.25
N LYS A 92 9.68 16.77 -35.60
CA LYS A 92 9.94 16.16 -34.31
C LYS A 92 10.99 15.05 -34.41
N GLU A 93 10.90 14.22 -35.45
CA GLU A 93 11.81 13.10 -35.58
C GLU A 93 13.21 13.57 -35.92
N THR A 94 13.35 14.54 -36.82
CA THR A 94 14.69 15.02 -37.13
C THR A 94 15.30 15.74 -35.93
N GLU A 95 14.48 16.44 -35.14
CA GLU A 95 14.99 17.04 -33.91
C GLU A 95 15.46 15.97 -32.93
N LYS A 96 14.71 14.89 -32.80
CA LYS A 96 15.12 13.81 -31.90
C LYS A 96 16.43 13.18 -32.37
N TYR A 97 16.56 12.93 -33.67
CA TYR A 97 17.80 12.35 -34.18
C TYR A 97 18.98 13.29 -33.95
N VAL A 98 18.77 14.58 -34.19
CA VAL A 98 19.84 15.56 -33.98
C VAL A 98 20.25 15.60 -32.52
N GLN A 99 19.28 15.61 -31.61
CA GLN A 99 19.61 15.65 -30.18
C GLN A 99 20.34 14.39 -29.75
N GLN A 100 19.90 13.22 -30.22
CA GLN A 100 20.58 11.99 -29.84
C GLN A 100 22.01 11.96 -30.35
N ARG A 101 22.22 12.37 -31.60
CA ARG A 101 23.58 12.37 -32.14
C ARG A 101 24.44 13.43 -31.45
N ALA A 102 23.85 14.56 -31.08
CA ALA A 102 24.61 15.57 -30.33
C ALA A 102 25.02 15.05 -28.96
N MET A 103 24.12 14.33 -28.29
CA MET A 103 24.47 13.72 -27.01
C MET A 103 25.59 12.71 -27.18
N PHE A 104 25.51 11.88 -28.23
CA PHE A 104 26.58 10.91 -28.46
C PHE A 104 27.92 11.61 -28.73
N ASN A 105 27.90 12.68 -29.54
CA ASN A 105 29.12 13.41 -29.82
C ASN A 105 29.71 14.04 -28.57
N ALA A 106 28.87 14.65 -27.74
CA ALA A 106 29.36 15.27 -26.51
C ALA A 106 29.91 14.23 -25.55
N THR A 107 29.24 13.08 -25.42
CA THR A 107 29.74 12.02 -24.56
C THR A 107 31.09 11.51 -25.05
N SER A 108 31.22 11.29 -26.36
CA SER A 108 32.49 10.86 -26.91
C SER A 108 33.58 11.91 -26.66
N LYS A 109 33.22 13.19 -26.79
CA LYS A 109 34.20 14.25 -26.60
C LYS A 109 34.68 14.29 -25.15
N ILE A 110 33.76 14.20 -24.17
CA ILE A 110 34.19 14.24 -22.78
C ILE A 110 34.96 12.97 -22.41
N ILE A 111 34.59 11.83 -22.97
CA ILE A 111 35.34 10.60 -22.70
C ILE A 111 36.76 10.72 -23.24
N GLU A 112 36.90 11.26 -24.46
CA GLU A 112 38.24 11.46 -25.02
C GLU A 112 39.01 12.49 -24.22
N ILE A 113 38.33 13.50 -23.69
CA ILE A 113 38.99 14.49 -22.83
C ILE A 113 39.55 13.82 -21.58
N GLN A 114 38.74 13.00 -20.93
CA GLN A 114 39.21 12.31 -19.73
C GLN A 114 40.35 11.35 -20.04
N THR A 115 40.28 10.68 -21.19
CA THR A 115 41.37 9.79 -21.60
C THR A 115 42.65 10.60 -21.84
N ASN A 116 42.53 11.77 -22.46
CA ASN A 116 43.68 12.63 -22.67
C ASN A 116 44.27 13.12 -21.36
N ALA A 117 43.41 13.42 -20.38
CA ALA A 117 43.89 13.95 -19.10
C ALA A 117 44.78 12.93 -18.39
N GLU A 118 44.40 11.65 -18.43
CA GLU A 118 45.19 10.63 -17.74
C GLU A 118 46.39 10.21 -18.59
N LEU A 119 47.18 11.18 -19.02
CA LEU A 119 48.38 10.97 -19.80
C LEU A 119 49.49 11.83 -19.21
N PRO A 120 50.76 11.45 -19.41
CA PRO A 120 51.87 12.31 -19.00
C PRO A 120 51.73 13.70 -19.60
N PRO A 121 51.73 14.74 -18.76
CA PRO A 121 51.52 16.11 -19.29
C PRO A 121 52.53 16.51 -20.34
N GLU A 122 53.76 15.96 -20.29
CA GLU A 122 54.72 16.23 -21.34
C GLU A 122 54.24 15.69 -22.70
N LYS A 123 53.51 14.58 -22.68
CA LYS A 123 52.98 13.97 -23.89
C LYS A 123 51.46 14.07 -23.84
N ARG A 124 50.92 15.19 -24.27
CA ARG A 124 49.47 15.41 -24.30
C ARG A 124 49.15 16.29 -25.49
N ASN A 125 47.87 16.32 -25.85
CA ASN A 125 47.41 17.20 -26.92
C ASN A 125 46.96 18.55 -26.34
N LYS A 126 47.65 19.61 -26.76
CA LYS A 126 47.30 20.94 -26.29
C LYS A 126 45.92 21.37 -26.76
N LYS A 127 45.52 20.98 -27.97
CA LYS A 127 44.24 21.42 -28.53
C LYS A 127 43.06 20.86 -27.74
N MET A 128 43.23 19.73 -27.08
CA MET A 128 42.11 19.14 -26.33
C MET A 128 41.68 20.09 -25.22
N PRO A 129 40.39 20.18 -24.93
CA PRO A 129 39.93 21.07 -23.85
C PRO A 129 40.35 20.53 -22.49
N ASP A 130 40.38 21.42 -21.51
CA ASP A 130 40.72 21.02 -20.15
C ASP A 130 39.52 20.35 -19.48
N VAL A 131 39.79 19.64 -18.38
CA VAL A 131 38.73 18.88 -17.72
C VAL A 131 37.65 19.79 -17.17
N GLY A 132 38.05 20.97 -16.68
CA GLY A 132 37.09 21.87 -16.04
C GLY A 132 35.98 22.34 -16.95
N ALA A 133 36.13 22.20 -18.25
CA ALA A 133 35.10 22.59 -19.20
C ALA A 133 34.12 21.48 -19.52
N ILE A 134 34.25 20.31 -18.89
CA ILE A 134 33.34 19.20 -19.19
C ILE A 134 31.88 19.55 -18.92
N PRO A 135 31.52 20.16 -17.78
CA PRO A 135 30.10 20.52 -17.59
C PRO A 135 29.57 21.49 -18.63
N ASP A 136 30.43 22.35 -19.19
CA ASP A 136 29.98 23.25 -20.25
C ASP A 136 29.65 22.48 -21.52
N ILE A 137 30.51 21.54 -21.90
CA ILE A 137 30.32 20.83 -23.17
C ILE A 137 28.98 20.11 -23.20
N MET A 138 28.68 19.36 -22.13
CA MET A 138 27.40 18.68 -22.05
C MET A 138 26.25 19.67 -22.13
N ARG A 139 26.44 20.87 -21.57
CA ARG A 139 25.43 21.91 -21.70
C ARG A 139 25.20 22.26 -23.17
N GLN A 140 26.28 22.43 -23.93
CA GLN A 140 26.13 22.64 -25.36
C GLN A 140 25.43 21.48 -26.03
N ALA A 141 25.59 20.27 -25.49
CA ALA A 141 24.84 19.13 -25.99
C ALA A 141 23.35 19.32 -25.78
N LEU A 142 22.96 19.80 -24.61
CA LEU A 142 21.54 19.95 -24.31
C LEU A 142 20.97 21.28 -24.79
N SER A 143 21.83 22.17 -25.30
CA SER A 143 21.35 23.42 -25.90
C SER A 143 21.08 23.24 -27.39
N ILE A 144 20.33 22.19 -27.72
CA ILE A 144 19.99 21.87 -29.10
C ILE A 144 18.49 21.59 -29.15
N SER A 145 17.73 22.52 -29.72
CA SER A 145 16.29 22.36 -29.86
C SER A 145 15.85 23.12 -31.09
N PHE A 146 15.18 22.42 -32.02
CA PHE A 146 14.82 23.04 -33.29
C PHE A 146 13.89 24.22 -33.09
N ASP A 147 12.90 24.09 -32.21
CA ASP A 147 12.00 25.19 -31.90
C ASP A 147 12.16 25.52 -30.42
N SER A 148 12.68 26.71 -30.15
CA SER A 148 12.96 27.15 -28.78
C SER A 148 11.81 28.04 -28.33
N TYR A 149 10.72 27.41 -27.90
CA TYR A 149 9.54 28.11 -27.39
C TYR A 149 9.22 27.52 -26.02
N VAL A 150 9.74 28.15 -24.97
CA VAL A 150 9.43 27.77 -23.60
C VAL A 150 8.89 28.98 -22.87
N GLY A 151 7.58 29.06 -22.73
CA GLY A 151 6.95 30.19 -22.10
C GLY A 151 6.91 31.40 -23.00
N HIS A 152 6.16 32.40 -22.56
CA HIS A 152 6.00 33.64 -23.30
C HIS A 152 7.10 34.61 -22.89
N ASP A 153 7.98 34.93 -23.84
CA ASP A 153 9.16 35.75 -23.57
C ASP A 153 8.82 37.20 -23.85
N TRP A 154 8.88 38.04 -22.82
CA TRP A 154 8.63 39.46 -22.99
C TRP A 154 9.77 40.09 -23.78
N MET A 155 9.44 41.13 -24.55
CA MET A 155 10.39 41.89 -25.36
C MET A 155 10.93 41.06 -26.51
N ASP A 156 10.56 39.79 -26.58
CA ASP A 156 10.90 38.94 -27.72
C ASP A 156 9.67 38.42 -28.45
N ASP A 157 8.48 38.62 -27.92
CA ASP A 157 7.24 38.23 -28.56
C ASP A 157 6.19 39.33 -28.45
N TYR A 158 6.63 40.60 -28.54
CA TYR A 158 5.68 41.69 -28.46
C TYR A 158 4.76 41.73 -29.68
N GLU A 159 5.27 41.33 -30.84
CA GLU A 159 4.43 41.32 -32.03
C GLU A 159 3.34 40.25 -31.92
N ALA A 160 3.70 39.05 -31.47
CA ALA A 160 2.69 37.99 -31.32
C ALA A 160 1.68 38.36 -30.26
N ARG A 161 2.13 38.95 -29.16
CA ARG A 161 1.21 39.35 -28.10
C ARG A 161 0.28 40.46 -28.58
N TRP A 162 0.80 41.41 -29.36
CA TRP A 162 -0.07 42.45 -29.92
C TRP A 162 -1.07 41.87 -30.90
N LEU A 163 -0.64 40.90 -31.72
CA LEU A 163 -1.56 40.22 -32.62
C LEU A 163 -2.66 39.51 -31.84
N SER A 164 -2.32 38.87 -30.73
CA SER A 164 -3.33 38.27 -29.87
C SER A 164 -4.28 39.33 -29.30
N TYR A 165 -3.75 40.49 -28.93
CA TYR A 165 -4.60 41.58 -28.44
C TYR A 165 -5.60 42.02 -29.50
N MET A 166 -5.11 42.36 -30.69
CA MET A 166 -5.99 42.87 -31.74
C MET A 166 -6.98 41.83 -32.20
N ASN A 167 -6.52 40.59 -32.37
CA ASN A 167 -7.36 39.51 -32.85
C ASN A 167 -8.37 39.03 -31.82
N LYS A 168 -8.23 39.44 -30.56
CA LYS A 168 -9.08 38.97 -29.47
C LYS A 168 -9.08 37.44 -29.44
N ALA A 169 -7.89 36.85 -29.60
CA ALA A 169 -7.76 35.42 -29.82
C ALA A 169 -8.17 34.60 -28.60
N ARG A 170 -8.43 35.25 -27.47
CA ARG A 170 -8.84 34.54 -26.27
C ARG A 170 -10.32 34.66 -25.97
N LYS A 171 -10.95 35.76 -26.35
CA LYS A 171 -12.35 36.00 -26.00
C LYS A 171 -13.29 35.10 -26.80
N VAL A 172 -14.45 34.82 -26.22
CA VAL A 172 -15.55 34.13 -26.90
C VAL A 172 -16.83 34.86 -26.52
N PRO A 173 -17.55 35.42 -27.49
CA PRO A 173 -18.71 36.25 -27.17
C PRO A 173 -19.82 35.46 -26.49
N PHE A 174 -20.78 36.21 -25.93
CA PHE A 174 -21.88 35.63 -25.17
C PHE A 174 -23.24 35.74 -25.84
N LYS A 175 -23.33 36.39 -27.00
CA LYS A 175 -24.58 36.72 -27.70
C LYS A 175 -25.45 37.65 -26.87
N LEU A 176 -24.98 38.14 -25.74
CA LEU A 176 -25.67 39.14 -24.94
C LEU A 176 -24.78 40.35 -24.79
N ARG A 177 -25.31 41.53 -25.14
CA ARG A 177 -24.49 42.73 -25.11
C ARG A 177 -23.99 43.04 -23.70
N ILE A 178 -24.80 42.75 -22.69
CA ILE A 178 -24.43 43.09 -21.32
C ILE A 178 -23.22 42.27 -20.87
N LEU A 179 -23.22 40.96 -21.13
CA LEU A 179 -22.10 40.13 -20.69
C LEU A 179 -20.80 40.54 -21.37
N ASN A 180 -20.85 40.79 -22.68
CA ASN A 180 -19.66 41.27 -23.37
C ASN A 180 -19.23 42.63 -22.85
N LYS A 181 -20.19 43.46 -22.42
CA LYS A 181 -19.85 44.75 -21.83
C LYS A 181 -19.12 44.57 -20.51
N ILE A 182 -19.52 43.58 -19.71
CA ILE A 182 -18.90 43.38 -18.40
C ILE A 182 -17.69 42.46 -18.45
N THR A 183 -17.34 41.94 -19.62
CA THR A 183 -16.20 41.03 -19.76
C THR A 183 -15.20 41.50 -20.81
N LYS A 184 -15.39 42.69 -21.38
CA LYS A 184 -14.47 43.24 -22.37
C LYS A 184 -14.26 42.28 -23.54
N GLY A 185 -15.35 41.65 -23.98
CA GLY A 185 -15.28 40.78 -25.14
C GLY A 185 -15.79 39.37 -24.90
N GLY A 186 -16.22 39.08 -23.69
CA GLY A 186 -16.76 37.77 -23.35
C GLY A 186 -15.79 36.97 -22.51
N ALA A 187 -16.18 35.71 -22.28
CA ALA A 187 -15.33 34.79 -21.54
C ALA A 187 -14.12 34.40 -22.38
N GLU A 188 -13.05 33.98 -21.70
CA GLU A 188 -11.79 33.67 -22.37
C GLU A 188 -11.55 32.17 -22.38
N THR A 189 -10.78 31.74 -23.36
CA THR A 189 -10.43 30.32 -23.48
C THR A 189 -9.51 29.90 -22.34
N GLY A 190 -9.53 28.60 -22.04
CA GLY A 190 -8.73 28.07 -20.96
C GLY A 190 -9.08 28.63 -19.61
N THR A 191 -10.36 28.91 -19.36
CA THR A 191 -10.80 29.53 -18.13
C THR A 191 -12.01 28.79 -17.57
N LEU A 192 -12.25 29.00 -16.29
CA LEU A 192 -13.39 28.43 -15.57
C LEU A 192 -14.30 29.57 -15.14
N ASN A 193 -15.61 29.32 -15.15
CA ASN A 193 -16.60 30.31 -14.74
C ASN A 193 -17.65 29.61 -13.90
N VAL A 194 -18.24 30.35 -12.95
CA VAL A 194 -19.23 29.78 -12.04
C VAL A 194 -20.40 30.74 -11.90
N LEU A 195 -21.59 30.14 -11.84
CA LEU A 195 -22.82 30.86 -11.53
C LEU A 195 -23.25 30.50 -10.11
N MET A 196 -23.31 31.52 -9.25
CA MET A 196 -23.68 31.35 -7.85
C MET A 196 -25.19 31.50 -7.73
N ALA A 197 -25.88 30.37 -7.73
CA ALA A 197 -27.32 30.38 -7.53
C ALA A 197 -27.66 30.74 -6.08
N GLY A 198 -28.68 31.57 -5.90
CA GLY A 198 -29.11 32.01 -4.59
C GLY A 198 -30.21 31.14 -4.02
N VAL A 199 -31.20 31.78 -3.42
CA VAL A 199 -32.32 31.06 -2.81
C VAL A 199 -33.26 30.58 -3.90
N ASN A 200 -33.06 29.33 -4.34
CA ASN A 200 -33.87 28.81 -5.46
C ASN A 200 -33.63 29.69 -6.70
N VAL A 201 -32.60 29.37 -7.48
CA VAL A 201 -32.37 30.13 -8.75
C VAL A 201 -32.43 29.15 -9.91
N GLY A 202 -32.05 27.90 -9.66
CA GLY A 202 -32.01 26.93 -10.77
C GLY A 202 -30.64 26.99 -11.41
N LYS A 203 -29.68 26.29 -10.80
CA LYS A 203 -28.29 26.34 -11.32
C LYS A 203 -28.33 25.86 -12.76
N SER A 204 -29.17 24.88 -13.04
CA SER A 204 -29.22 24.29 -14.39
C SER A 204 -29.69 25.33 -15.42
N LEU A 205 -30.65 26.17 -15.05
CA LEU A 205 -31.22 27.08 -16.07
C LEU A 205 -30.15 27.98 -16.67
N GLY A 206 -29.34 28.64 -15.85
CA GLY A 206 -28.39 29.58 -16.46
C GLY A 206 -27.42 28.83 -17.34
N LEU A 207 -26.89 27.73 -16.82
CA LEU A 207 -25.91 26.95 -17.60
C LEU A 207 -26.68 26.49 -18.83
N CYS A 208 -27.95 26.17 -18.65
CA CYS A 208 -28.76 25.78 -19.81
C CYS A 208 -28.74 26.90 -20.83
N SER A 209 -29.07 28.13 -20.43
CA SER A 209 -29.18 29.23 -21.41
C SER A 209 -27.83 29.47 -22.07
N LEU A 210 -26.81 29.71 -21.25
CA LEU A 210 -25.47 29.98 -21.82
C LEU A 210 -25.19 28.86 -22.81
N ALA A 211 -25.43 27.61 -22.39
CA ALA A 211 -25.20 26.48 -23.30
C ALA A 211 -25.85 26.81 -24.63
N ALA A 212 -27.11 27.25 -24.57
CA ALA A 212 -27.83 27.59 -25.83
C ALA A 212 -27.09 28.72 -26.54
N ASP A 213 -27.08 29.90 -25.94
CA ASP A 213 -26.47 31.06 -26.60
C ASP A 213 -25.13 30.68 -27.23
N TYR A 214 -24.34 29.89 -26.52
CA TYR A 214 -23.09 29.39 -27.09
C TYR A 214 -23.35 28.49 -28.29
N LEU A 215 -24.49 27.79 -28.28
CA LEU A 215 -24.84 26.94 -29.42
C LEU A 215 -25.20 27.76 -30.63
N GLN A 216 -25.97 28.84 -30.43
CA GLN A 216 -26.41 29.67 -31.54
C GLN A 216 -25.26 30.41 -32.22
N LEU A 217 -24.11 30.51 -31.55
CA LEU A 217 -22.95 31.18 -32.11
C LEU A 217 -22.03 30.25 -32.88
N GLY A 218 -22.41 28.99 -33.04
CA GLY A 218 -21.61 28.04 -33.78
C GLY A 218 -20.53 27.33 -33.00
N HIS A 219 -20.50 27.50 -31.68
CA HIS A 219 -19.48 26.86 -30.86
C HIS A 219 -19.88 25.43 -30.51
N ASN A 220 -18.88 24.54 -30.52
CA ASN A 220 -19.07 23.17 -30.08
C ASN A 220 -19.25 23.16 -28.57
N VAL A 221 -20.39 22.69 -28.07
CA VAL A 221 -20.66 22.72 -26.60
C VAL A 221 -20.87 21.30 -26.08
N LEU A 222 -20.46 21.00 -24.84
CA LEU A 222 -20.66 19.66 -24.23
C LEU A 222 -21.21 19.84 -22.82
N TYR A 223 -22.48 19.55 -22.59
CA TYR A 223 -23.09 19.80 -21.26
C TYR A 223 -23.02 18.54 -20.41
N ILE A 224 -21.91 18.30 -19.72
CA ILE A 224 -21.85 17.14 -18.78
C ILE A 224 -22.81 17.42 -17.62
N SER A 225 -23.94 16.70 -17.56
CA SER A 225 -24.98 16.91 -16.56
C SER A 225 -24.94 15.78 -15.53
N MET A 226 -25.18 16.15 -14.27
CA MET A 226 -25.18 15.20 -13.16
C MET A 226 -26.55 14.98 -12.55
N GLN A 227 -27.21 16.05 -12.11
CA GLN A 227 -28.48 15.96 -11.42
C GLN A 227 -29.67 15.80 -12.34
N MET A 228 -29.44 15.65 -13.65
CA MET A 228 -30.51 15.58 -14.62
C MET A 228 -30.20 14.51 -15.65
N ALA A 229 -31.25 14.04 -16.30
CA ALA A 229 -31.11 13.08 -17.38
C ALA A 229 -30.79 13.81 -18.69
N GLU A 230 -30.12 13.10 -19.60
CA GLU A 230 -29.79 13.66 -20.89
C GLU A 230 -31.03 14.23 -21.58
N GLU A 231 -32.14 13.49 -21.50
CA GLU A 231 -33.37 13.95 -22.14
C GLU A 231 -33.87 15.24 -21.52
N VAL A 232 -33.74 15.38 -20.20
CA VAL A 232 -34.24 16.59 -19.54
C VAL A 232 -33.40 17.81 -19.95
N CYS A 233 -32.08 17.67 -19.93
CA CYS A 233 -31.22 18.77 -20.34
C CYS A 233 -31.44 19.13 -21.80
N ALA A 234 -31.55 18.11 -22.66
CA ALA A 234 -31.84 18.38 -24.07
C ALA A 234 -33.21 19.00 -24.25
N LYS A 235 -34.15 18.69 -23.35
CA LYS A 235 -35.47 19.32 -23.43
C LYS A 235 -35.39 20.80 -23.06
N ARG A 236 -34.57 21.14 -22.06
CA ARG A 236 -34.35 22.55 -21.76
C ARG A 236 -33.66 23.25 -22.92
N ILE A 237 -32.72 22.57 -23.58
CA ILE A 237 -32.07 23.13 -24.76
C ILE A 237 -33.10 23.37 -25.86
N ASP A 238 -34.01 22.41 -26.05
CA ASP A 238 -35.07 22.59 -27.04
C ASP A 238 -35.96 23.75 -26.69
N ALA A 239 -36.26 23.92 -25.40
CA ALA A 239 -37.08 25.05 -24.96
C ALA A 239 -36.40 26.37 -25.29
N ASN A 240 -35.08 26.43 -25.11
CA ASN A 240 -34.38 27.68 -25.39
C ASN A 240 -34.20 27.91 -26.89
N MET A 241 -34.10 26.84 -27.67
CA MET A 241 -33.74 27.00 -29.08
C MET A 241 -34.96 27.13 -29.98
N LEU A 242 -36.04 26.41 -29.68
CA LEU A 242 -37.22 26.36 -30.53
C LEU A 242 -38.32 27.31 -30.10
N ASP A 243 -38.07 28.15 -29.09
CA ASP A 243 -39.04 29.08 -28.53
C ASP A 243 -40.27 28.36 -27.96
N VAL A 244 -40.18 27.06 -27.74
CA VAL A 244 -41.30 26.28 -27.22
C VAL A 244 -41.20 26.19 -25.71
N SER A 245 -42.29 26.52 -25.02
CA SER A 245 -42.31 26.46 -23.58
C SER A 245 -42.06 25.04 -23.09
N LEU A 246 -41.33 24.92 -21.98
CA LEU A 246 -40.97 23.61 -21.47
C LEU A 246 -42.19 22.80 -21.08
N ASP A 247 -43.12 23.40 -20.33
CA ASP A 247 -44.35 22.71 -19.98
C ASP A 247 -45.18 22.36 -21.20
N ASP A 248 -45.12 23.17 -22.26
CA ASP A 248 -45.82 22.83 -23.49
C ASP A 248 -45.28 21.54 -24.11
N ILE A 249 -43.98 21.26 -23.92
CA ILE A 249 -43.42 20.01 -24.41
C ILE A 249 -44.02 18.83 -23.65
N ASP A 250 -44.20 18.98 -22.33
CA ASP A 250 -44.80 17.91 -21.54
C ASP A 250 -46.27 17.72 -21.90
N ASP A 251 -47.01 18.81 -22.03
CA ASP A 251 -48.44 18.72 -22.31
C ASP A 251 -48.70 18.14 -23.69
N GLY A 252 -47.88 18.49 -24.67
CA GLY A 252 -48.12 18.09 -26.04
C GLY A 252 -48.78 19.13 -26.91
N HIS A 253 -48.83 20.39 -26.48
CA HIS A 253 -49.40 21.45 -27.32
C HIS A 253 -48.64 21.56 -28.64
N ILE A 254 -47.31 21.53 -28.59
CA ILE A 254 -46.51 21.53 -29.81
C ILE A 254 -46.50 20.12 -30.38
N SER A 255 -46.85 20.01 -31.65
CA SER A 255 -46.97 18.72 -32.30
C SER A 255 -45.64 18.31 -32.95
N TYR A 256 -45.60 17.05 -33.40
CA TYR A 256 -44.40 16.53 -34.06
C TYR A 256 -44.07 17.29 -35.33
N ALA A 257 -45.10 17.70 -36.08
CA ALA A 257 -44.86 18.42 -37.33
C ALA A 257 -44.14 19.75 -37.06
N GLU A 258 -44.67 20.55 -36.12
CA GLU A 258 -44.04 21.83 -35.80
C GLU A 258 -42.65 21.63 -35.21
N TYR A 259 -42.50 20.64 -34.33
CA TYR A 259 -41.20 20.36 -33.74
C TYR A 259 -40.16 20.04 -34.80
N LYS A 260 -40.49 19.10 -35.70
CA LYS A 260 -39.55 18.72 -36.73
C LYS A 260 -39.28 19.86 -37.69
N GLY A 261 -40.30 20.67 -37.98
CA GLY A 261 -40.09 21.82 -38.84
C GLY A 261 -39.12 22.81 -38.25
N LYS A 262 -39.29 23.12 -36.95
CA LYS A 262 -38.36 24.03 -36.29
C LYS A 262 -36.96 23.44 -36.23
N MET A 263 -36.86 22.13 -35.96
CA MET A 263 -35.54 21.49 -35.90
C MET A 263 -34.84 21.56 -37.24
N GLU A 264 -35.56 21.29 -38.33
CA GLU A 264 -34.94 21.36 -39.65
C GLU A 264 -34.63 22.80 -40.05
N LYS A 265 -35.46 23.75 -39.64
CA LYS A 265 -35.16 25.15 -39.91
C LYS A 265 -33.87 25.57 -39.22
N TRP A 266 -33.69 25.16 -37.96
CA TRP A 266 -32.42 25.42 -37.28
C TRP A 266 -31.27 24.70 -37.97
N ARG A 267 -31.50 23.47 -38.43
CA ARG A 267 -30.47 22.74 -39.15
C ARG A 267 -30.06 23.45 -40.44
N GLU A 268 -31.00 24.15 -41.07
CA GLU A 268 -30.68 24.85 -42.31
C GLU A 268 -29.67 25.96 -42.08
N LYS A 269 -29.73 26.62 -40.92
CA LYS A 269 -28.80 27.70 -40.64
C LYS A 269 -27.38 27.16 -40.49
N SER A 270 -26.45 27.79 -41.19
CA SER A 270 -25.04 27.42 -41.12
C SER A 270 -24.34 27.97 -39.89
N THR A 271 -24.97 28.88 -39.17
CA THR A 271 -24.39 29.48 -37.98
C THR A 271 -24.78 28.76 -36.69
N LEU A 272 -25.07 27.46 -36.78
CA LEU A 272 -25.48 26.68 -35.63
C LEU A 272 -24.41 25.66 -35.29
N GLY A 273 -24.02 25.62 -34.02
CA GLY A 273 -23.04 24.68 -33.52
C GLY A 273 -23.64 23.33 -33.21
N ARG A 274 -22.85 22.51 -32.54
CA ARG A 274 -23.28 21.18 -32.10
C ARG A 274 -23.25 21.10 -30.59
N LEU A 275 -24.30 20.54 -30.02
CA LEU A 275 -24.41 20.36 -28.58
C LEU A 275 -24.43 18.86 -28.29
N ILE A 276 -23.56 18.42 -27.39
CA ILE A 276 -23.44 17.02 -27.01
C ILE A 276 -23.73 16.93 -25.53
N VAL A 277 -24.85 16.30 -25.18
CA VAL A 277 -25.24 16.12 -23.78
C VAL A 277 -24.74 14.76 -23.33
N LYS A 278 -24.03 14.74 -22.21
CA LYS A 278 -23.54 13.51 -21.60
C LYS A 278 -23.87 13.54 -20.12
N GLN A 279 -24.47 12.46 -19.63
CA GLN A 279 -24.89 12.36 -18.25
C GLN A 279 -23.92 11.50 -17.46
N TYR A 280 -23.72 11.87 -16.19
CA TYR A 280 -22.92 11.10 -15.28
C TYR A 280 -23.60 11.03 -13.93
N PRO A 281 -23.45 9.93 -13.20
CA PRO A 281 -24.09 9.79 -11.90
C PRO A 281 -23.60 10.84 -10.92
N THR A 282 -24.53 11.29 -10.07
CA THR A 282 -24.23 12.28 -9.05
C THR A 282 -23.03 11.85 -8.22
N GLY A 283 -21.95 12.63 -8.29
CA GLY A 283 -20.75 12.32 -7.54
C GLY A 283 -19.88 11.24 -8.15
N GLY A 284 -20.26 10.70 -9.29
CA GLY A 284 -19.47 9.66 -9.93
C GLY A 284 -18.61 10.19 -11.06
N ALA A 285 -18.50 11.51 -11.16
CA ALA A 285 -17.74 12.16 -12.23
C ALA A 285 -16.79 13.17 -11.61
N ASP A 286 -15.49 12.89 -11.75
CA ASP A 286 -14.48 13.87 -11.30
C ASP A 286 -13.97 14.55 -12.57
N ALA A 287 -12.97 15.42 -12.46
CA ALA A 287 -12.39 16.07 -13.65
C ALA A 287 -11.70 15.05 -14.55
N ASN A 288 -10.99 14.08 -13.98
CA ASN A 288 -10.19 13.18 -14.83
C ASN A 288 -11.13 12.49 -15.81
N THR A 289 -12.29 12.06 -15.31
CA THR A 289 -13.29 11.45 -16.21
C THR A 289 -13.47 12.38 -17.42
N PHE A 290 -13.92 13.60 -17.18
CA PHE A 290 -14.19 14.54 -18.26
C PHE A 290 -13.10 14.50 -19.30
N ARG A 291 -11.84 14.32 -18.88
CA ARG A 291 -10.75 14.22 -19.85
C ARG A 291 -10.94 13.01 -20.76
N SER A 292 -11.28 11.86 -20.17
CA SER A 292 -11.53 10.66 -20.97
C SER A 292 -12.73 10.86 -21.89
N LEU A 293 -13.76 11.54 -21.40
CA LEU A 293 -14.93 11.82 -22.22
C LEU A 293 -14.56 12.69 -23.41
N LEU A 294 -13.73 13.71 -23.19
CA LEU A 294 -13.26 14.54 -24.29
C LEU A 294 -12.45 13.73 -25.28
N ASN A 295 -11.59 12.84 -24.78
CA ASN A 295 -10.83 11.98 -25.67
C ASN A 295 -11.75 11.14 -26.54
N GLU A 296 -12.78 10.54 -25.93
CA GLU A 296 -13.72 9.71 -26.68
C GLU A 296 -14.48 10.54 -27.71
N LEU A 297 -14.93 11.75 -27.32
CA LEU A 297 -15.68 12.59 -28.24
C LEU A 297 -14.82 13.01 -29.43
N LYS A 298 -13.57 13.36 -29.17
CA LYS A 298 -12.67 13.75 -30.26
C LYS A 298 -12.37 12.57 -31.16
N LEU A 299 -12.13 11.39 -30.59
CA LEU A 299 -11.73 10.24 -31.38
C LEU A 299 -12.90 9.71 -32.21
N LYS A 300 -14.08 9.57 -31.60
CA LYS A 300 -15.22 8.92 -32.22
C LYS A 300 -16.11 9.89 -32.98
N LYS A 301 -16.65 10.89 -32.31
CA LYS A 301 -17.58 11.83 -32.93
C LYS A 301 -16.90 13.01 -33.59
N ASN A 302 -15.56 13.05 -33.59
CA ASN A 302 -14.78 14.17 -34.14
C ASN A 302 -15.19 15.51 -33.53
N PHE A 303 -15.89 15.47 -32.40
CA PHE A 303 -16.43 16.67 -31.76
C PHE A 303 -15.34 17.28 -30.89
N VAL A 304 -14.78 18.40 -31.34
CA VAL A 304 -13.77 19.14 -30.59
C VAL A 304 -14.48 20.30 -29.89
N PRO A 305 -14.63 20.29 -28.58
CA PRO A 305 -15.43 21.31 -27.90
C PRO A 305 -14.65 22.58 -27.66
N THR A 306 -15.39 23.69 -27.65
CA THR A 306 -14.89 24.98 -27.18
C THR A 306 -15.60 25.47 -25.94
N ILE A 307 -16.78 24.95 -25.65
CA ILE A 307 -17.51 25.24 -24.42
C ILE A 307 -17.81 23.91 -23.74
N ILE A 308 -17.51 23.84 -22.45
CA ILE A 308 -17.82 22.67 -21.63
C ILE A 308 -18.61 23.16 -20.42
N ILE A 309 -19.89 22.81 -20.35
CA ILE A 309 -20.75 23.25 -19.26
C ILE A 309 -21.06 22.05 -18.40
N VAL A 310 -20.57 22.06 -17.17
CA VAL A 310 -20.84 21.01 -16.20
C VAL A 310 -21.99 21.48 -15.32
N ASP A 311 -22.94 20.58 -15.03
CA ASP A 311 -24.20 20.99 -14.45
C ASP A 311 -24.04 21.62 -13.07
N TYR A 312 -23.23 21.02 -12.21
CA TYR A 312 -23.13 21.49 -10.83
C TYR A 312 -21.75 21.17 -10.29
N LEU A 313 -21.09 22.18 -9.72
CA LEU A 313 -19.75 21.98 -9.15
C LEU A 313 -19.80 21.17 -7.86
N GLY A 314 -20.74 21.51 -6.97
CA GLY A 314 -20.84 20.79 -5.71
C GLY A 314 -21.19 19.33 -5.90
N ILE A 315 -22.02 19.02 -6.90
CA ILE A 315 -22.37 17.64 -7.20
C ILE A 315 -21.20 16.88 -7.80
N CYS A 316 -20.21 17.58 -8.35
CA CYS A 316 -19.08 16.92 -8.98
C CYS A 316 -18.24 16.19 -7.93
N LYS A 317 -17.20 15.51 -8.41
CA LYS A 317 -16.29 14.75 -7.58
C LYS A 317 -14.88 15.30 -7.76
N SER A 318 -14.11 15.29 -6.67
CA SER A 318 -12.71 15.68 -6.75
C SER A 318 -11.92 14.61 -7.49
N CYS A 319 -10.90 15.05 -8.23
CA CYS A 319 -10.14 14.11 -9.06
C CYS A 319 -9.45 13.05 -8.21
N ARG A 320 -8.68 13.48 -7.20
CA ARG A 320 -8.01 12.55 -6.28
C ARG A 320 -8.29 13.00 -4.84
N ILE A 321 -9.45 12.62 -4.32
CA ILE A 321 -9.80 12.82 -2.92
C ILE A 321 -10.71 11.67 -2.51
N ARG A 322 -10.31 10.91 -1.49
CA ARG A 322 -11.08 9.74 -1.09
C ARG A 322 -12.38 10.14 -0.39
N VAL A 323 -12.30 11.09 0.54
CA VAL A 323 -13.48 11.47 1.31
C VAL A 323 -14.38 12.35 0.47
N TYR A 324 -15.66 11.98 0.38
CA TYR A 324 -16.65 12.75 -0.37
C TYR A 324 -17.74 13.21 0.58
N SER A 325 -18.23 14.43 0.32
CA SER A 325 -19.28 15.02 1.14
C SER A 325 -20.17 15.86 0.22
N GLU A 326 -21.41 16.08 0.67
CA GLU A 326 -22.39 16.81 -0.12
C GLU A 326 -22.05 18.30 -0.23
N ASN A 327 -21.52 18.90 0.86
CA ASN A 327 -21.08 20.29 0.85
C ASN A 327 -19.91 20.45 1.83
N SER A 328 -18.69 20.39 1.30
CA SER A 328 -17.47 20.57 2.07
C SER A 328 -16.51 21.49 1.34
N TYR A 329 -15.82 22.34 2.11
CA TYR A 329 -15.01 23.40 1.51
C TYR A 329 -13.80 22.83 0.77
N THR A 330 -13.12 21.84 1.36
CA THR A 330 -11.95 21.27 0.69
C THR A 330 -12.34 20.62 -0.63
N THR A 331 -13.48 19.92 -0.65
CA THR A 331 -13.91 19.27 -1.88
C THR A 331 -14.23 20.27 -2.98
N VAL A 332 -14.94 21.35 -2.65
CA VAL A 332 -15.28 22.33 -3.67
C VAL A 332 -14.02 23.05 -4.16
N LYS A 333 -13.07 23.32 -3.26
CA LYS A 333 -11.82 23.94 -3.67
C LYS A 333 -11.06 23.04 -4.64
N ALA A 334 -10.93 21.75 -4.30
CA ALA A 334 -10.24 20.83 -5.18
C ALA A 334 -10.96 20.69 -6.52
N ILE A 335 -12.29 20.62 -6.50
CA ILE A 335 -13.05 20.48 -7.73
C ILE A 335 -12.84 21.70 -8.63
N ALA A 336 -12.89 22.89 -8.04
CA ALA A 336 -12.66 24.11 -8.82
C ALA A 336 -11.26 24.10 -9.43
N GLU A 337 -10.25 23.74 -8.64
CA GLU A 337 -8.89 23.72 -9.17
C GLU A 337 -8.74 22.72 -10.30
N GLU A 338 -9.30 21.52 -10.14
CA GLU A 338 -9.17 20.49 -11.16
C GLU A 338 -9.92 20.87 -12.43
N LEU A 339 -11.11 21.44 -12.30
CA LEU A 339 -11.86 21.86 -13.48
C LEU A 339 -11.15 22.99 -14.21
N ARG A 340 -10.56 23.94 -13.46
CA ARG A 340 -9.82 25.00 -14.14
C ARG A 340 -8.58 24.46 -14.82
N ALA A 341 -7.91 23.48 -14.20
CA ALA A 341 -6.77 22.84 -14.87
C ALA A 341 -7.20 22.14 -16.14
N LEU A 342 -8.36 21.48 -16.11
CA LEU A 342 -8.90 20.86 -17.32
C LEU A 342 -9.17 21.90 -18.39
N ALA A 343 -9.77 23.03 -18.01
CA ALA A 343 -10.05 24.09 -18.97
C ALA A 343 -8.77 24.62 -19.59
N VAL A 344 -7.74 24.85 -18.76
CA VAL A 344 -6.47 25.36 -19.26
C VAL A 344 -5.84 24.37 -20.24
N GLU A 345 -5.78 23.09 -19.86
CA GLU A 345 -5.12 22.11 -20.70
C GLU A 345 -5.89 21.80 -21.97
N THR A 346 -7.21 22.03 -21.97
CA THR A 346 -8.02 21.80 -23.17
C THR A 346 -8.16 23.03 -24.04
N GLU A 347 -7.71 24.20 -23.58
CA GLU A 347 -7.92 25.46 -24.29
C GLU A 347 -9.40 25.67 -24.58
N THR A 348 -10.23 25.47 -23.56
CA THR A 348 -11.67 25.55 -23.69
C THR A 348 -12.23 26.37 -22.53
N VAL A 349 -13.36 27.02 -22.79
CA VAL A 349 -14.11 27.71 -21.74
C VAL A 349 -14.91 26.66 -20.99
N LEU A 350 -14.91 26.74 -19.67
CA LEU A 350 -15.67 25.82 -18.82
C LEU A 350 -16.62 26.62 -17.95
N TRP A 351 -17.84 26.14 -17.81
CA TRP A 351 -18.87 26.77 -16.99
C TRP A 351 -19.40 25.77 -15.98
N THR A 352 -19.77 26.26 -14.81
CA THR A 352 -20.36 25.42 -13.78
C THR A 352 -21.22 26.30 -12.87
N ALA A 353 -21.89 25.67 -11.91
CA ALA A 353 -22.76 26.36 -10.98
C ALA A 353 -22.42 25.96 -9.55
N ALA A 354 -22.79 26.82 -8.62
CA ALA A 354 -22.50 26.59 -7.20
C ALA A 354 -23.54 27.31 -6.36
N GLN A 355 -23.62 26.91 -5.09
CA GLN A 355 -24.60 27.45 -4.17
C GLN A 355 -23.94 28.40 -3.17
N VAL A 356 -24.74 29.32 -2.64
CA VAL A 356 -24.26 30.34 -1.71
C VAL A 356 -24.99 30.16 -0.37
N GLY A 357 -24.58 30.97 0.60
CA GLY A 357 -25.12 30.87 1.94
C GLY A 357 -26.48 31.53 2.08
N LYS A 358 -27.07 31.35 3.26
CA LYS A 358 -28.40 31.89 3.52
C LYS A 358 -28.37 33.41 3.64
N GLN A 359 -27.26 33.97 4.11
CA GLN A 359 -27.14 35.42 4.18
C GLN A 359 -27.22 36.03 2.79
N ALA A 360 -26.58 35.40 1.82
CA ALA A 360 -26.75 35.82 0.42
C ALA A 360 -28.18 35.60 -0.06
N TRP A 361 -28.86 34.59 0.49
CA TRP A 361 -30.23 34.30 0.08
C TRP A 361 -31.18 35.40 0.50
N ASP A 362 -31.13 35.80 1.78
CA ASP A 362 -32.09 36.77 2.27
C ASP A 362 -31.82 38.17 1.72
N SER A 363 -30.54 38.54 1.61
CA SER A 363 -30.18 39.88 1.16
C SER A 363 -30.05 39.93 -0.36
N SER A 364 -30.60 41.00 -0.96
CA SER A 364 -30.43 41.19 -2.40
C SER A 364 -28.97 41.38 -2.76
N ASP A 365 -28.24 42.14 -1.96
CA ASP A 365 -26.81 42.33 -2.18
C ASP A 365 -26.04 41.15 -1.62
N VAL A 366 -25.18 40.56 -2.46
CA VAL A 366 -24.42 39.36 -2.11
C VAL A 366 -22.93 39.70 -2.15
N ASN A 367 -22.25 39.48 -1.03
CA ASN A 367 -20.82 39.73 -0.93
C ASN A 367 -20.05 38.43 -1.12
N MET A 368 -18.77 38.57 -1.51
CA MET A 368 -17.91 37.39 -1.63
C MET A 368 -17.76 36.69 -0.29
N SER A 369 -17.79 37.45 0.81
CA SER A 369 -17.85 36.84 2.13
C SER A 369 -19.15 36.06 2.32
N ASP A 370 -20.26 36.59 1.79
CA ASP A 370 -21.56 35.92 1.87
C ASP A 370 -21.65 34.87 0.76
N ILE A 371 -20.68 33.97 0.75
CA ILE A 371 -20.61 32.87 -0.21
C ILE A 371 -20.35 31.59 0.55
N ALA A 372 -21.13 30.55 0.24
CA ALA A 372 -20.94 29.26 0.91
C ALA A 372 -19.55 28.70 0.62
N GLU A 373 -19.18 28.80 -0.66
CA GLU A 373 -17.87 28.28 -1.10
C GLU A 373 -16.97 29.47 -1.42
N SER A 374 -16.69 30.31 -0.41
CA SER A 374 -15.80 31.48 -0.61
C SER A 374 -14.35 31.06 -0.33
N ALA A 375 -13.37 31.87 -0.75
CA ALA A 375 -11.95 31.50 -0.57
C ALA A 375 -11.62 30.29 -1.47
N GLY A 376 -12.39 29.20 -1.36
CA GLY A 376 -12.17 28.04 -2.24
C GLY A 376 -12.46 28.37 -3.69
N LEU A 377 -13.74 28.44 -4.05
CA LEU A 377 -14.10 28.69 -5.48
C LEU A 377 -13.60 30.05 -5.93
N PRO A 378 -13.77 31.14 -5.14
CA PRO A 378 -13.41 32.46 -5.63
C PRO A 378 -11.95 32.37 -6.08
N ALA A 379 -11.14 31.61 -5.36
CA ALA A 379 -9.70 31.53 -5.69
C ALA A 379 -9.47 30.93 -7.08
N THR A 380 -10.24 29.92 -7.48
CA THR A 380 -9.91 29.26 -8.76
C THR A 380 -10.92 29.58 -9.87
N ALA A 381 -11.85 30.51 -9.66
CA ALA A 381 -12.87 30.76 -10.66
C ALA A 381 -12.60 32.09 -11.33
N ASP A 382 -12.33 32.07 -12.63
CA ASP A 382 -12.02 33.30 -13.36
C ASP A 382 -13.21 34.25 -13.38
N PHE A 383 -14.41 33.73 -13.59
CA PHE A 383 -15.62 34.53 -13.62
C PHE A 383 -16.60 33.97 -12.59
N MET A 384 -17.30 34.85 -11.89
CA MET A 384 -18.28 34.45 -10.89
C MET A 384 -19.47 35.39 -10.97
N LEU A 385 -20.63 34.86 -11.35
CA LEU A 385 -21.84 35.66 -11.45
C LEU A 385 -22.86 35.19 -10.43
N ALA A 386 -23.20 36.05 -9.49
CA ALA A 386 -24.22 35.77 -8.49
C ALA A 386 -25.58 36.02 -9.12
N VAL A 387 -26.37 34.95 -9.26
CA VAL A 387 -27.70 35.03 -9.87
C VAL A 387 -28.70 35.02 -8.73
N ILE A 388 -29.42 36.12 -8.57
CA ILE A 388 -30.37 36.27 -7.48
C ILE A 388 -31.75 36.60 -8.05
N GLU A 389 -32.76 35.90 -7.55
CA GLU A 389 -34.14 36.12 -7.94
C GLU A 389 -34.94 36.62 -6.73
N THR A 390 -35.61 37.74 -6.91
CA THR A 390 -36.43 38.33 -5.86
C THR A 390 -37.88 38.35 -6.29
N GLU A 391 -38.77 38.52 -5.31
CA GLU A 391 -40.20 38.48 -5.59
C GLU A 391 -40.61 39.58 -6.56
N GLU A 392 -40.08 40.79 -6.37
CA GLU A 392 -40.37 41.88 -7.29
C GLU A 392 -39.83 41.58 -8.69
N LEU A 393 -38.62 41.01 -8.76
CA LEU A 393 -38.06 40.61 -10.04
C LEU A 393 -38.82 39.43 -10.63
N ALA A 394 -39.33 38.55 -9.77
CA ALA A 394 -40.19 37.46 -10.25
C ALA A 394 -41.45 38.01 -10.90
N ALA A 395 -42.04 39.04 -10.28
CA ALA A 395 -43.21 39.68 -10.87
C ALA A 395 -42.86 40.39 -12.17
N ALA A 396 -41.65 40.95 -12.26
CA ALA A 396 -41.19 41.63 -13.46
C ALA A 396 -40.49 40.68 -14.43
N GLU A 397 -40.42 39.39 -14.10
CA GLU A 397 -39.77 38.38 -14.94
C GLU A 397 -38.32 38.74 -15.22
N GLN A 398 -37.59 39.07 -14.15
CA GLN A 398 -36.20 39.48 -14.25
C GLN A 398 -35.41 38.85 -13.12
N GLN A 399 -34.08 39.03 -13.17
CA GLN A 399 -33.18 38.56 -12.13
C GLN A 399 -32.05 39.54 -11.97
N LEU A 400 -31.54 39.67 -10.74
CA LEU A 400 -30.46 40.60 -10.45
C LEU A 400 -29.14 39.85 -10.51
N ILE A 401 -28.40 40.04 -11.60
CA ILE A 401 -27.11 39.39 -11.78
C ILE A 401 -26.04 40.34 -11.29
N LYS A 402 -25.15 39.84 -10.43
CA LYS A 402 -24.08 40.65 -9.88
C LYS A 402 -22.73 40.00 -10.15
N GLN A 403 -21.81 40.78 -10.69
CA GLN A 403 -20.48 40.30 -11.07
C GLN A 403 -19.62 40.23 -9.82
N ILE A 404 -19.62 39.06 -9.16
CA ILE A 404 -18.97 38.93 -7.86
C ILE A 404 -17.45 38.91 -8.05
N LYS A 405 -16.98 38.19 -9.07
CA LYS A 405 -15.54 38.11 -9.32
C LYS A 405 -15.32 38.06 -10.83
N SER A 406 -14.62 39.06 -11.35
CA SER A 406 -14.30 39.14 -12.78
C SER A 406 -12.79 39.28 -12.92
N ARG A 407 -12.11 38.16 -13.18
CA ARG A 407 -10.71 38.24 -13.56
C ARG A 407 -10.56 38.94 -14.91
N TYR A 408 -11.63 38.98 -15.69
CA TYR A 408 -11.59 39.61 -17.00
C TYR A 408 -11.53 41.13 -16.88
N GLY A 409 -12.37 41.71 -16.03
CA GLY A 409 -12.45 43.16 -15.96
C GLY A 409 -12.69 43.74 -14.58
N ASP A 410 -12.82 45.06 -14.51
CA ASP A 410 -13.07 45.73 -13.24
C ASP A 410 -14.43 45.32 -12.68
N LYS A 411 -14.48 45.06 -11.37
CA LYS A 411 -15.71 44.59 -10.75
C LYS A 411 -16.80 45.65 -10.74
N ASN A 412 -16.43 46.90 -10.48
CA ASN A 412 -17.41 47.95 -10.20
C ASN A 412 -17.88 48.70 -11.45
N LYS A 413 -17.34 48.39 -12.62
CA LYS A 413 -17.71 49.14 -13.82
C LYS A 413 -19.20 49.04 -14.11
N TRP A 414 -19.69 47.82 -14.33
CA TRP A 414 -21.12 47.53 -14.44
C TRP A 414 -21.36 46.30 -13.58
N ASN A 415 -21.65 46.51 -12.30
CA ASN A 415 -21.71 45.40 -11.35
C ASN A 415 -23.06 44.68 -11.40
N LYS A 416 -24.14 45.40 -11.10
CA LYS A 416 -25.46 44.81 -11.01
C LYS A 416 -26.23 45.08 -12.29
N PHE A 417 -26.91 44.06 -12.80
CA PHE A 417 -27.72 44.24 -13.99
C PHE A 417 -28.98 43.39 -13.91
N LEU A 418 -30.07 43.95 -14.41
CA LEU A 418 -31.34 43.25 -14.48
C LEU A 418 -31.38 42.42 -15.75
N MET A 419 -31.67 41.13 -15.63
CA MET A 419 -31.68 40.21 -16.74
C MET A 419 -33.10 39.72 -16.99
N GLY A 420 -33.47 39.66 -18.27
CA GLY A 420 -34.77 39.20 -18.69
C GLY A 420 -34.86 37.69 -18.73
N VAL A 421 -35.07 37.07 -17.57
CA VAL A 421 -35.17 35.62 -17.49
C VAL A 421 -36.59 35.19 -17.83
N GLN A 422 -36.71 34.21 -18.73
CA GLN A 422 -37.97 33.54 -19.04
C GLN A 422 -37.81 32.08 -18.62
N LYS A 423 -38.40 31.74 -17.48
CA LYS A 423 -38.29 30.39 -16.93
C LYS A 423 -38.90 29.33 -17.84
N GLY A 424 -40.06 29.59 -18.40
CA GLY A 424 -40.70 28.65 -19.29
C GLY A 424 -39.88 28.39 -20.54
N ASN A 425 -39.37 29.46 -21.15
CA ASN A 425 -38.48 29.34 -22.29
C ASN A 425 -37.03 29.10 -21.90
N GLN A 426 -36.71 29.18 -20.60
CA GLN A 426 -35.35 28.97 -20.11
C GLN A 426 -34.36 29.88 -20.83
N LYS A 427 -34.76 31.13 -21.02
CA LYS A 427 -34.03 32.04 -21.89
C LYS A 427 -33.63 33.29 -21.14
N TRP A 428 -32.51 33.88 -21.55
CA TRP A 428 -32.04 35.15 -21.02
C TRP A 428 -32.07 36.17 -22.15
N VAL A 429 -32.70 37.31 -21.90
CA VAL A 429 -32.73 38.41 -22.84
C VAL A 429 -32.26 39.67 -22.14
N GLU A 430 -31.80 40.64 -22.94
CA GLU A 430 -31.31 41.90 -22.40
C GLU A 430 -32.49 42.80 -22.02
N ILE A 431 -32.17 43.84 -21.24
CA ILE A 431 -33.15 44.82 -20.79
C ILE A 431 -32.77 46.17 -21.35
N GLU A 432 -33.71 46.82 -22.03
CA GLU A 432 -33.47 48.13 -22.63
C GLU A 432 -33.40 49.22 -21.55
N MET B 1 46.12 2.77 -7.91
CA MET B 1 46.99 2.72 -6.75
C MET B 1 46.22 2.34 -5.49
N VAL B 2 45.23 1.44 -5.67
CA VAL B 2 44.39 1.04 -4.55
C VAL B 2 45.21 0.36 -3.46
N GLU B 3 46.15 -0.51 -3.86
CA GLU B 3 46.94 -1.21 -2.87
C GLU B 3 47.72 -0.24 -1.98
N ILE B 4 48.34 0.77 -2.59
CA ILE B 4 49.07 1.77 -1.80
C ILE B 4 48.13 2.52 -0.87
N ILE B 5 46.96 2.92 -1.39
CA ILE B 5 46.02 3.70 -0.59
C ILE B 5 45.56 2.91 0.63
N LEU B 6 45.21 1.64 0.43
CA LEU B 6 44.77 0.83 1.56
C LEU B 6 45.92 0.54 2.52
N SER B 7 47.11 0.24 1.99
CA SER B 7 48.24 -0.07 2.84
C SER B 7 48.60 1.11 3.73
N HIS B 8 48.43 2.33 3.22
CA HIS B 8 48.66 3.50 4.06
C HIS B 8 47.40 3.93 4.82
N LEU B 9 46.24 3.37 4.50
CA LEU B 9 45.08 3.57 5.35
C LEU B 9 45.20 2.74 6.63
N ILE B 10 45.75 1.53 6.53
CA ILE B 10 45.82 0.65 7.68
C ILE B 10 47.06 0.93 8.51
N PHE B 11 48.18 1.28 7.88
CA PHE B 11 49.47 1.39 8.54
C PHE B 11 49.99 2.82 8.57
N ASP B 12 49.09 3.80 8.69
CA ASP B 12 49.52 5.20 8.79
C ASP B 12 48.38 6.00 9.38
N GLN B 13 48.62 6.59 10.55
CA GLN B 13 47.57 7.36 11.22
C GLN B 13 47.33 8.69 10.52
N ALA B 14 48.40 9.40 10.15
CA ALA B 14 48.24 10.72 9.54
C ALA B 14 47.52 10.62 8.20
N TYR B 15 47.90 9.63 7.39
CA TYR B 15 47.25 9.45 6.08
C TYR B 15 45.77 9.17 6.24
N PHE B 16 45.42 8.32 7.20
CA PHE B 16 44.01 8.02 7.46
C PHE B 16 43.27 9.29 7.89
N SER B 17 43.79 9.97 8.91
CA SER B 17 43.14 11.17 9.40
C SER B 17 43.01 12.24 8.33
N LYS B 18 43.87 12.21 7.31
CA LYS B 18 43.79 13.19 6.24
C LYS B 18 42.77 12.80 5.18
N VAL B 19 42.78 11.54 4.75
CA VAL B 19 42.07 11.16 3.53
C VAL B 19 40.79 10.36 3.76
N TRP B 20 40.57 9.82 4.97
CA TRP B 20 39.44 8.91 5.16
C TRP B 20 38.08 9.57 4.94
N PRO B 21 37.77 10.74 5.49
CA PRO B 21 36.39 11.25 5.39
C PRO B 21 35.90 11.45 3.97
N TYR B 22 36.79 11.70 3.02
CA TYR B 22 36.42 11.82 1.61
C TYR B 22 36.32 10.48 0.92
N MET B 23 36.87 9.42 1.51
CA MET B 23 36.86 8.10 0.91
C MET B 23 35.45 7.53 0.91
N ASP B 24 35.16 6.68 -0.07
CA ASP B 24 33.84 6.11 -0.24
C ASP B 24 33.96 4.76 -0.95
N SER B 25 32.93 3.94 -0.79
CA SER B 25 32.93 2.61 -1.41
C SER B 25 32.89 2.65 -2.92
N GLU B 26 32.39 3.75 -3.50
CA GLU B 26 32.22 3.84 -4.95
C GLU B 26 33.47 4.36 -5.65
N TYR B 27 34.64 4.22 -5.05
CA TYR B 27 35.85 4.82 -5.60
C TYR B 27 36.88 3.84 -6.11
N PHE B 28 36.91 2.59 -5.64
CA PHE B 28 38.07 1.73 -5.89
C PHE B 28 37.87 0.85 -7.12
N GLU B 29 36.94 -0.09 -7.06
CA GLU B 29 36.69 -1.02 -8.15
C GLU B 29 35.47 -1.88 -7.85
N SER B 30 35.21 -2.88 -8.67
CA SER B 30 34.14 -3.85 -8.45
C SER B 30 34.70 -5.20 -8.02
N GLY B 31 35.92 -5.21 -7.49
CA GLY B 31 36.56 -6.45 -7.14
C GLY B 31 36.93 -6.53 -5.67
N PRO B 32 38.06 -7.19 -5.38
CA PRO B 32 38.47 -7.35 -3.98
C PRO B 32 38.67 -6.04 -3.25
N ALA B 33 39.11 -5.00 -3.96
CA ALA B 33 39.39 -3.72 -3.31
C ALA B 33 38.13 -3.13 -2.69
N LYS B 34 37.01 -3.21 -3.40
CA LYS B 34 35.77 -2.66 -2.87
C LYS B 34 35.35 -3.40 -1.61
N ASN B 35 35.50 -4.72 -1.59
CA ASN B 35 35.14 -5.50 -0.40
C ASN B 35 36.08 -5.20 0.76
N THR B 36 37.37 -5.04 0.48
CA THR B 36 38.31 -4.68 1.53
C THR B 36 37.96 -3.32 2.13
N PHE B 37 37.63 -2.35 1.27
CA PHE B 37 37.22 -1.06 1.80
C PHE B 37 35.90 -1.15 2.54
N LYS B 38 35.01 -2.05 2.12
CA LYS B 38 33.77 -2.26 2.85
C LYS B 38 34.04 -2.76 4.26
N LEU B 39 34.94 -3.73 4.39
CA LEU B 39 35.31 -4.22 5.71
C LEU B 39 35.95 -3.12 6.56
N ILE B 40 36.84 -2.34 5.94
CA ILE B 40 37.49 -1.25 6.66
C ILE B 40 36.47 -0.23 7.14
N LYS B 41 35.52 0.13 6.27
CA LYS B 41 34.50 1.10 6.64
C LYS B 41 33.60 0.55 7.74
N SER B 42 33.26 -0.73 7.67
CA SER B 42 32.45 -1.34 8.71
C SER B 42 33.17 -1.27 10.06
N HIS B 43 34.47 -1.61 10.07
CA HIS B 43 35.21 -1.56 11.31
C HIS B 43 35.32 -0.14 11.85
N VAL B 44 35.53 0.83 10.96
CA VAL B 44 35.65 2.22 11.39
C VAL B 44 34.33 2.73 11.94
N ASN B 45 33.23 2.35 11.32
CA ASN B 45 31.92 2.74 11.84
C ASN B 45 31.67 2.10 13.19
N GLU B 46 32.10 0.86 13.37
CA GLU B 46 31.82 0.15 14.62
C GLU B 46 32.69 0.65 15.78
N TYR B 47 33.97 0.93 15.52
CA TYR B 47 34.92 1.20 16.60
C TYR B 47 35.66 2.52 16.48
N HIS B 48 35.36 3.34 15.48
CA HIS B 48 35.95 4.68 15.35
C HIS B 48 37.47 4.64 15.32
N SER B 49 38.02 3.61 14.68
CA SER B 49 39.47 3.47 14.61
C SER B 49 39.83 2.66 13.37
N VAL B 50 41.08 2.79 12.96
CA VAL B 50 41.59 2.01 11.84
C VAL B 50 41.95 0.61 12.34
N PRO B 51 41.36 -0.44 11.81
CA PRO B 51 41.72 -1.79 12.24
C PRO B 51 43.11 -2.17 11.75
N SER B 52 43.70 -3.14 12.44
CA SER B 52 44.95 -3.74 12.01
C SER B 52 44.65 -4.89 11.07
N ILE B 53 45.70 -5.47 10.50
CA ILE B 53 45.52 -6.58 9.57
C ILE B 53 44.88 -7.77 10.26
N ASN B 54 45.22 -7.99 11.54
CA ASN B 54 44.61 -9.08 12.28
C ASN B 54 43.10 -8.89 12.40
N ALA B 55 42.67 -7.66 12.67
CA ALA B 55 41.23 -7.40 12.77
C ALA B 55 40.53 -7.68 11.45
N LEU B 56 41.11 -7.21 10.34
CA LEU B 56 40.50 -7.45 9.03
C LEU B 56 40.44 -8.93 8.71
N ASN B 57 41.59 -9.58 8.59
CA ASN B 57 41.67 -10.90 7.99
C ASN B 57 41.07 -12.00 8.85
N VAL B 58 40.82 -11.75 10.14
CA VAL B 58 40.26 -12.79 11.00
C VAL B 58 38.89 -12.38 11.49
N ALA B 59 38.82 -11.27 12.20
CA ALA B 59 37.55 -10.85 12.81
C ALA B 59 36.55 -10.33 11.78
N LEU B 60 37.01 -9.74 10.68
CA LEU B 60 36.12 -9.06 9.75
C LEU B 60 35.87 -9.92 8.51
N GLU B 61 36.91 -10.46 7.88
CA GLU B 61 36.76 -11.19 6.64
C GLU B 61 35.87 -12.42 6.84
N ASN B 62 35.84 -12.94 8.07
CA ASN B 62 34.99 -14.09 8.35
C ASN B 62 33.54 -13.67 8.45
N SER B 63 32.95 -13.29 7.32
CA SER B 63 31.56 -12.88 7.25
C SER B 63 31.00 -13.31 5.90
N SER B 64 29.79 -12.82 5.59
CA SER B 64 29.13 -13.21 4.35
C SER B 64 29.92 -12.74 3.13
N PHE B 65 30.32 -13.70 2.30
CA PHE B 65 31.07 -13.43 1.08
C PHE B 65 30.99 -14.63 0.15
N THR B 66 31.80 -14.63 -0.90
CA THR B 66 31.87 -15.74 -1.83
C THR B 66 33.29 -16.28 -1.81
N GLU B 67 33.43 -17.55 -2.20
CA GLU B 67 34.74 -18.20 -2.23
C GLU B 67 35.74 -17.36 -3.04
N THR B 68 35.34 -16.93 -4.23
CA THR B 68 36.20 -16.09 -5.06
C THR B 68 36.50 -14.77 -4.37
N GLU B 69 35.45 -14.11 -3.85
CA GLU B 69 35.65 -12.85 -3.15
C GLU B 69 36.48 -13.04 -1.88
N TYR B 70 36.27 -14.11 -1.13
CA TYR B 70 37.07 -14.36 0.06
C TYR B 70 38.53 -14.54 -0.31
N SER B 71 38.81 -15.33 -1.35
CA SER B 71 40.18 -15.54 -1.77
C SER B 71 40.81 -14.24 -2.23
N GLY B 72 40.08 -13.43 -2.99
CA GLY B 72 40.61 -12.16 -3.45
C GLY B 72 40.91 -11.20 -2.31
N VAL B 73 39.99 -11.10 -1.35
CA VAL B 73 40.19 -10.22 -0.21
C VAL B 73 41.39 -10.67 0.61
N LYS B 74 41.51 -11.98 0.86
CA LYS B 74 42.65 -12.47 1.62
C LYS B 74 43.95 -12.21 0.88
N THR B 75 43.96 -12.41 -0.44
CA THR B 75 45.15 -12.14 -1.22
C THR B 75 45.53 -10.66 -1.15
N LEU B 76 44.55 -9.77 -1.27
CA LEU B 76 44.83 -8.34 -1.21
C LEU B 76 45.36 -7.95 0.16
N ILE B 77 44.75 -8.47 1.23
CA ILE B 77 45.19 -8.09 2.58
C ILE B 77 46.57 -8.62 2.86
N SER B 78 46.85 -9.87 2.47
CA SER B 78 48.22 -10.38 2.58
C SER B 78 49.19 -9.56 1.74
N LYS B 79 48.71 -8.98 0.63
CA LYS B 79 49.52 -8.13 -0.22
C LYS B 79 49.73 -6.74 0.36
N LEU B 80 48.91 -6.33 1.34
CA LEU B 80 49.09 -5.02 1.94
C LEU B 80 50.35 -5.01 2.80
N ALA B 81 51.09 -3.91 2.73
CA ALA B 81 52.31 -3.77 3.54
C ALA B 81 52.67 -2.30 3.61
N ASP B 82 53.23 -1.89 4.75
CA ASP B 82 53.65 -0.51 4.91
C ASP B 82 54.94 -0.26 4.13
N SER B 83 54.95 0.84 3.38
CA SER B 83 56.13 1.24 2.62
C SER B 83 56.44 2.70 2.90
N PRO B 84 57.72 3.03 3.13
CA PRO B 84 58.07 4.41 3.45
C PRO B 84 57.91 5.33 2.24
N GLU B 85 56.86 6.14 2.24
CA GLU B 85 56.60 7.09 1.16
C GLU B 85 56.23 8.43 1.77
N ASP B 86 56.73 9.49 1.14
CA ASP B 86 56.56 10.84 1.69
C ASP B 86 55.09 11.20 1.80
N HIS B 87 54.72 11.82 2.92
CA HIS B 87 53.33 12.18 3.19
C HIS B 87 52.99 13.55 2.63
N SER B 88 53.43 13.80 1.39
CA SER B 88 52.90 14.91 0.61
C SER B 88 52.54 14.38 -0.78
N TRP B 89 53.37 13.46 -1.27
CA TRP B 89 53.10 12.79 -2.54
C TRP B 89 51.96 11.79 -2.40
N LEU B 90 51.89 11.09 -1.27
CA LEU B 90 50.81 10.14 -1.03
C LEU B 90 49.45 10.85 -1.06
N VAL B 91 49.33 11.97 -0.35
CA VAL B 91 48.06 12.66 -0.28
C VAL B 91 47.68 13.23 -1.64
N LYS B 92 48.65 13.80 -2.36
CA LYS B 92 48.35 14.36 -3.68
C LYS B 92 47.92 13.28 -4.65
N GLU B 93 48.64 12.15 -4.69
CA GLU B 93 48.26 11.08 -5.60
C GLU B 93 46.92 10.48 -5.21
N THR B 94 46.63 10.38 -3.91
CA THR B 94 45.33 9.90 -3.48
C THR B 94 44.22 10.83 -3.93
N GLU B 95 44.45 12.15 -3.80
CA GLU B 95 43.46 13.11 -4.27
C GLU B 95 43.24 13.00 -5.76
N LYS B 96 44.32 12.85 -6.53
CA LYS B 96 44.19 12.70 -7.97
C LYS B 96 43.41 11.44 -8.33
N TYR B 97 43.70 10.32 -7.65
CA TYR B 97 42.99 9.08 -7.92
C TYR B 97 41.51 9.22 -7.57
N VAL B 98 41.20 9.87 -6.45
CA VAL B 98 39.81 10.04 -6.05
C VAL B 98 39.07 10.90 -7.05
N GLN B 99 39.70 11.99 -7.53
CA GLN B 99 39.07 12.82 -8.54
C GLN B 99 38.84 12.04 -9.83
N GLN B 100 39.83 11.26 -10.25
CA GLN B 100 39.69 10.48 -11.48
C GLN B 100 38.56 9.47 -11.35
N ARG B 101 38.47 8.79 -10.21
CA ARG B 101 37.42 7.79 -10.04
C ARG B 101 36.05 8.44 -9.92
N ALA B 102 35.97 9.62 -9.31
CA ALA B 102 34.72 10.35 -9.27
C ALA B 102 34.27 10.72 -10.68
N MET B 103 35.20 11.19 -11.51
CA MET B 103 34.86 11.50 -12.90
C MET B 103 34.40 10.25 -13.64
N PHE B 104 35.09 9.12 -13.40
CA PHE B 104 34.70 7.87 -14.04
C PHE B 104 33.29 7.47 -13.66
N ASN B 105 32.98 7.52 -12.37
CA ASN B 105 31.64 7.18 -11.90
C ASN B 105 30.59 8.12 -12.46
N ALA B 106 30.89 9.42 -12.50
CA ALA B 106 29.93 10.38 -13.02
C ALA B 106 29.67 10.15 -14.50
N THR B 107 30.72 9.88 -15.28
CA THR B 107 30.55 9.58 -16.69
C THR B 107 29.71 8.33 -16.89
N SER B 108 29.99 7.28 -16.11
CA SER B 108 29.19 6.07 -16.21
C SER B 108 27.73 6.36 -15.86
N LYS B 109 27.51 7.15 -14.83
CA LYS B 109 26.14 7.45 -14.41
C LYS B 109 25.40 8.25 -15.49
N ILE B 110 26.04 9.24 -16.09
CA ILE B 110 25.35 10.02 -17.12
C ILE B 110 25.10 9.18 -18.36
N ILE B 111 26.02 8.28 -18.71
CA ILE B 111 25.77 7.39 -19.83
C ILE B 111 24.57 6.49 -19.54
N GLU B 112 24.50 5.97 -18.31
CA GLU B 112 23.35 5.16 -17.93
C GLU B 112 22.06 5.98 -17.96
N ILE B 113 22.14 7.25 -17.57
CA ILE B 113 20.98 8.13 -17.61
C ILE B 113 20.50 8.32 -19.05
N GLN B 114 21.44 8.55 -19.96
CA GLN B 114 21.08 8.69 -21.37
C GLN B 114 20.43 7.41 -21.89
N THR B 115 21.01 6.26 -21.55
CA THR B 115 20.44 4.99 -21.99
C THR B 115 19.03 4.81 -21.43
N ASN B 116 18.84 5.15 -20.15
CA ASN B 116 17.53 4.98 -19.53
C ASN B 116 16.49 5.89 -20.16
N ALA B 117 16.85 7.16 -20.38
CA ALA B 117 15.92 8.10 -20.98
C ALA B 117 15.59 7.73 -22.42
N GLU B 118 16.57 7.23 -23.19
CA GLU B 118 16.28 6.78 -24.55
C GLU B 118 15.27 5.64 -24.55
N LEU B 119 15.26 4.82 -23.50
CA LEU B 119 14.23 3.81 -23.36
C LEU B 119 12.88 4.48 -23.12
N PRO B 120 11.82 3.94 -23.72
CA PRO B 120 10.49 4.55 -23.58
C PRO B 120 9.98 4.45 -22.16
N PRO B 121 8.94 5.21 -21.80
CA PRO B 121 8.39 5.14 -20.45
C PRO B 121 7.83 3.77 -20.09
N GLU B 122 7.37 3.63 -18.84
CA GLU B 122 6.87 2.40 -18.24
C GLU B 122 7.97 1.37 -18.03
N LYS B 123 9.19 1.65 -18.48
CA LYS B 123 10.38 0.87 -18.18
C LYS B 123 11.56 1.80 -17.91
N ARG B 124 11.27 3.05 -17.59
CA ARG B 124 12.26 4.11 -17.54
C ARG B 124 12.97 4.21 -16.19
N ASN B 125 12.79 3.22 -15.30
CA ASN B 125 13.57 3.10 -14.07
C ASN B 125 13.54 4.41 -13.27
N LYS B 126 12.34 4.73 -12.78
CA LYS B 126 12.12 5.95 -12.02
C LYS B 126 13.07 6.03 -10.83
N LYS B 127 13.18 7.23 -10.25
CA LYS B 127 14.18 7.64 -9.25
C LYS B 127 15.54 7.90 -9.89
N MET B 128 15.71 7.63 -11.17
CA MET B 128 16.94 7.99 -11.86
C MET B 128 16.78 9.36 -12.49
N PRO B 129 17.72 10.28 -12.28
CA PRO B 129 17.54 11.65 -12.77
C PRO B 129 17.50 11.72 -14.29
N ASP B 130 16.81 12.75 -14.80
CA ASP B 130 16.64 12.92 -16.23
C ASP B 130 17.95 13.40 -16.87
N VAL B 131 17.92 13.56 -18.18
CA VAL B 131 19.08 14.04 -18.92
C VAL B 131 19.41 15.49 -18.55
N GLY B 132 18.40 16.27 -18.19
CA GLY B 132 18.62 17.68 -17.95
C GLY B 132 19.68 17.95 -16.91
N ALA B 133 19.70 17.15 -15.85
CA ALA B 133 20.73 17.29 -14.82
C ALA B 133 21.93 16.39 -15.12
N ILE B 134 22.41 16.43 -16.35
CA ILE B 134 23.65 15.77 -16.72
C ILE B 134 24.86 16.64 -16.37
N PRO B 135 24.90 17.93 -16.71
CA PRO B 135 26.14 18.70 -16.47
C PRO B 135 26.50 18.84 -15.00
N ASP B 136 25.54 19.21 -14.13
CA ASP B 136 25.87 19.48 -12.74
C ASP B 136 26.47 18.25 -12.07
N ILE B 137 25.95 17.06 -12.40
CA ILE B 137 26.54 15.83 -11.86
C ILE B 137 28.02 15.77 -12.21
N MET B 138 28.36 16.00 -13.49
CA MET B 138 29.75 16.07 -13.87
C MET B 138 30.47 17.18 -13.12
N ARG B 139 29.81 18.33 -12.98
CA ARG B 139 30.38 19.41 -12.19
C ARG B 139 30.59 18.96 -10.75
N GLN B 140 29.68 18.16 -10.23
CA GLN B 140 29.87 17.60 -8.89
C GLN B 140 31.15 16.77 -8.83
N ALA B 141 31.42 16.00 -9.89
CA ALA B 141 32.65 15.22 -9.92
C ALA B 141 33.88 16.11 -10.02
N LEU B 142 33.71 17.35 -10.49
CA LEU B 142 34.85 18.25 -10.58
C LEU B 142 35.31 18.72 -9.21
N SER B 143 34.37 19.11 -8.35
CA SER B 143 34.70 19.62 -7.01
C SER B 143 34.55 18.48 -6.01
N ILE B 144 35.57 17.63 -5.97
CA ILE B 144 35.57 16.46 -5.10
C ILE B 144 36.92 16.39 -4.38
N SER B 145 37.67 17.48 -4.43
CA SER B 145 39.01 17.51 -3.87
C SER B 145 38.97 17.39 -2.34
N PHE B 146 40.12 17.08 -1.77
CA PHE B 146 40.25 16.90 -0.32
C PHE B 146 40.36 18.24 0.38
N ASP B 147 39.30 19.03 0.25
CA ASP B 147 39.19 20.33 0.90
C ASP B 147 38.18 20.25 2.03
N SER B 148 38.66 20.39 3.27
CA SER B 148 37.81 20.24 4.45
C SER B 148 36.93 21.47 4.58
N TYR B 149 35.90 21.55 3.73
CA TYR B 149 34.95 22.66 3.72
C TYR B 149 33.61 22.10 4.17
N VAL B 150 33.39 22.07 5.49
CA VAL B 150 32.14 21.62 6.08
C VAL B 150 31.67 22.76 6.97
N GLY B 151 30.54 23.36 6.61
CA GLY B 151 30.01 24.47 7.38
C GLY B 151 30.85 25.72 7.24
N HIS B 152 30.42 26.76 7.94
CA HIS B 152 31.07 28.06 7.92
C HIS B 152 31.60 28.34 9.32
N ASP B 153 32.88 28.03 9.55
CA ASP B 153 33.49 28.28 10.85
C ASP B 153 33.42 29.77 11.17
N TRP B 154 33.00 30.08 12.38
CA TRP B 154 32.77 31.48 12.75
C TRP B 154 34.07 32.26 12.80
N MET B 155 35.11 31.67 13.39
CA MET B 155 36.38 32.36 13.53
C MET B 155 37.30 32.18 12.32
N ASP B 156 37.36 30.98 11.76
CA ASP B 156 38.27 30.69 10.67
C ASP B 156 37.86 31.36 9.35
N ASP B 157 36.62 31.84 9.24
CA ASP B 157 36.12 32.39 7.99
C ASP B 157 35.48 33.75 8.18
N TYR B 158 36.12 34.64 8.94
CA TYR B 158 35.60 36.00 9.07
C TYR B 158 35.89 36.84 7.84
N GLU B 159 36.95 36.55 7.09
CA GLU B 159 37.28 37.32 5.90
C GLU B 159 36.20 37.14 4.83
N ALA B 160 35.81 35.89 4.56
CA ALA B 160 34.78 35.66 3.55
C ALA B 160 33.45 36.28 3.96
N ARG B 161 33.13 36.20 5.25
CA ARG B 161 31.90 36.82 5.73
C ARG B 161 31.95 38.33 5.55
N TRP B 162 33.10 38.94 5.79
CA TRP B 162 33.20 40.38 5.59
C TRP B 162 33.13 40.73 4.11
N LEU B 163 33.69 39.89 3.25
CA LEU B 163 33.54 40.11 1.81
C LEU B 163 32.07 40.09 1.41
N SER B 164 31.33 39.11 1.92
CA SER B 164 29.89 39.06 1.65
C SER B 164 29.18 40.29 2.19
N TYR B 165 29.62 40.79 3.36
CA TYR B 165 29.03 42.00 3.91
C TYR B 165 29.26 43.19 3.00
N MET B 166 30.52 43.43 2.64
CA MET B 166 30.88 44.67 1.94
C MET B 166 30.36 44.66 0.51
N ASN B 167 30.41 43.49 -0.15
CA ASN B 167 29.79 43.38 -1.47
C ASN B 167 28.27 43.46 -1.38
N LYS B 168 27.71 43.17 -0.20
CA LYS B 168 26.27 42.97 -0.05
C LYS B 168 25.77 41.97 -1.07
N ALA B 169 26.55 40.90 -1.29
CA ALA B 169 26.25 39.97 -2.35
C ALA B 169 25.18 38.97 -1.91
N ARG B 170 24.11 39.49 -1.33
CA ARG B 170 22.88 38.74 -1.14
C ARG B 170 21.64 39.55 -1.47
N LYS B 171 21.71 40.88 -1.43
CA LYS B 171 20.54 41.71 -1.64
C LYS B 171 20.27 41.91 -3.12
N VAL B 172 19.00 41.84 -3.49
CA VAL B 172 18.52 42.20 -4.81
C VAL B 172 17.55 43.36 -4.65
N PRO B 173 18.01 44.60 -4.81
CA PRO B 173 17.20 45.75 -4.41
C PRO B 173 15.92 45.87 -5.22
N PHE B 174 14.91 46.46 -4.59
CA PHE B 174 13.69 46.83 -5.29
C PHE B 174 13.89 48.13 -6.05
N LYS B 175 12.99 48.38 -7.00
CA LYS B 175 12.97 49.68 -7.66
C LYS B 175 12.33 50.76 -6.80
N LEU B 176 11.70 50.38 -5.69
CA LEU B 176 11.06 51.33 -4.79
C LEU B 176 11.96 51.59 -3.59
N ARG B 177 12.19 52.87 -3.30
CA ARG B 177 12.98 53.24 -2.14
C ARG B 177 12.31 52.80 -0.84
N ILE B 178 10.97 52.79 -0.82
CA ILE B 178 10.26 52.49 0.42
C ILE B 178 10.53 51.06 0.87
N LEU B 179 10.46 50.10 -0.04
CA LEU B 179 10.74 48.72 0.33
C LEU B 179 12.20 48.50 0.66
N ASN B 180 13.12 49.17 -0.03
CA ASN B 180 14.53 49.08 0.28
C ASN B 180 14.87 49.65 1.65
N LYS B 181 14.12 50.66 2.10
CA LYS B 181 14.41 51.24 3.41
C LYS B 181 13.85 50.43 4.57
N ILE B 182 12.96 49.48 4.29
CA ILE B 182 12.46 48.60 5.33
C ILE B 182 13.09 47.21 5.25
N THR B 183 13.64 46.82 4.11
CA THR B 183 14.34 45.55 3.96
C THR B 183 15.85 45.71 4.03
N LYS B 184 16.34 46.92 4.32
CA LYS B 184 17.78 47.17 4.48
C LYS B 184 18.57 46.72 3.24
N GLY B 185 18.01 46.95 2.07
CA GLY B 185 18.71 46.65 0.84
C GLY B 185 17.97 45.76 -0.13
N GLY B 186 16.76 45.35 0.23
CA GLY B 186 15.94 44.51 -0.64
C GLY B 186 15.90 43.07 -0.18
N ALA B 187 15.25 42.25 -0.99
CA ALA B 187 15.16 40.83 -0.71
C ALA B 187 16.50 40.15 -0.94
N GLU B 188 16.73 39.06 -0.21
CA GLU B 188 17.98 38.32 -0.31
C GLU B 188 17.84 37.13 -1.26
N THR B 189 18.97 36.64 -1.73
CA THR B 189 18.98 35.70 -2.85
C THR B 189 18.20 34.43 -2.51
N GLY B 190 18.70 33.64 -1.56
CA GLY B 190 18.07 32.38 -1.27
C GLY B 190 16.89 32.50 -0.32
N THR B 191 15.89 33.28 -0.71
CA THR B 191 14.76 33.54 0.18
C THR B 191 13.45 33.37 -0.59
N LEU B 192 12.43 33.00 0.17
CA LEU B 192 11.05 32.85 -0.30
C LEU B 192 10.22 33.96 0.33
N ASN B 193 9.62 34.79 -0.50
CA ASN B 193 8.86 35.95 -0.05
C ASN B 193 7.41 35.80 -0.47
N VAL B 194 6.50 36.35 0.33
CA VAL B 194 5.08 36.09 0.17
C VAL B 194 4.30 37.39 0.18
N LEU B 195 3.31 37.49 -0.70
CA LEU B 195 2.34 38.58 -0.70
C LEU B 195 0.97 38.03 -0.33
N MET B 196 0.25 38.74 0.52
CA MET B 196 -1.12 38.40 0.87
C MET B 196 -1.99 39.63 0.70
N ALA B 197 -3.08 39.49 -0.04
CA ALA B 197 -4.01 40.59 -0.20
C ALA B 197 -5.45 40.21 0.11
N GLY B 198 -5.86 38.99 -0.24
CA GLY B 198 -7.24 38.57 -0.11
C GLY B 198 -7.80 38.12 -1.44
N VAL B 199 -9.00 38.61 -1.77
CA VAL B 199 -9.64 38.35 -3.05
C VAL B 199 -9.80 39.67 -3.79
N ASN B 200 -9.16 39.78 -4.95
CA ASN B 200 -9.27 40.97 -5.81
C ASN B 200 -8.85 42.23 -5.06
N VAL B 201 -7.90 42.10 -4.14
CA VAL B 201 -7.27 43.24 -3.51
C VAL B 201 -5.86 43.46 -4.04
N GLY B 202 -5.30 42.51 -4.77
CA GLY B 202 -3.94 42.59 -5.26
C GLY B 202 -3.41 41.21 -5.53
N LYS B 203 -2.24 40.89 -4.98
CA LYS B 203 -1.70 39.54 -4.93
C LYS B 203 -1.27 39.05 -6.31
N SER B 204 -1.66 39.78 -7.35
CA SER B 204 -1.04 39.66 -8.67
C SER B 204 -0.74 41.01 -9.30
N LEU B 205 -1.44 42.08 -8.92
CA LEU B 205 -0.96 43.41 -9.24
C LEU B 205 0.38 43.66 -8.58
N GLY B 206 0.53 43.26 -7.32
CA GLY B 206 1.81 43.40 -6.64
C GLY B 206 2.90 42.54 -7.25
N LEU B 207 2.57 41.28 -7.57
CA LEU B 207 3.58 40.40 -8.16
C LEU B 207 4.00 40.89 -9.54
N CYS B 208 3.04 41.32 -10.35
CA CYS B 208 3.38 41.87 -11.66
C CYS B 208 4.18 43.15 -11.52
N SER B 209 3.83 43.99 -10.55
CA SER B 209 4.59 45.22 -10.34
C SER B 209 6.01 44.92 -9.93
N LEU B 210 6.21 43.93 -9.05
CA LEU B 210 7.56 43.57 -8.64
C LEU B 210 8.33 42.93 -9.79
N ALA B 211 7.64 42.18 -10.63
CA ALA B 211 8.29 41.63 -11.83
C ALA B 211 8.76 42.74 -12.74
N ALA B 212 7.92 43.75 -12.95
CA ALA B 212 8.31 44.89 -13.78
C ALA B 212 9.47 45.64 -13.15
N ASP B 213 9.43 45.82 -11.83
CA ASP B 213 10.51 46.54 -11.14
C ASP B 213 11.83 45.79 -11.27
N TYR B 214 11.81 44.48 -11.09
CA TYR B 214 13.03 43.69 -11.25
C TYR B 214 13.47 43.66 -12.71
N LEU B 215 12.53 43.82 -13.64
CA LEU B 215 12.89 43.88 -15.05
C LEU B 215 13.60 45.18 -15.38
N GLN B 216 13.12 46.30 -14.84
CA GLN B 216 13.75 47.59 -15.10
C GLN B 216 15.11 47.71 -14.43
N LEU B 217 15.45 46.78 -13.53
CA LEU B 217 16.75 46.77 -12.88
C LEU B 217 17.71 45.78 -13.52
N GLY B 218 17.37 45.22 -14.68
CA GLY B 218 18.25 44.35 -15.41
C GLY B 218 18.29 42.91 -14.94
N HIS B 219 17.43 42.53 -14.00
CA HIS B 219 17.42 41.16 -13.50
C HIS B 219 16.62 40.25 -14.40
N ASN B 220 17.03 38.98 -14.45
CA ASN B 220 16.25 37.96 -15.12
C ASN B 220 15.05 37.60 -14.25
N VAL B 221 13.86 37.67 -14.82
CA VAL B 221 12.63 37.39 -14.09
C VAL B 221 11.91 36.25 -14.78
N LEU B 222 11.53 35.24 -14.00
CA LEU B 222 10.73 34.12 -14.48
C LEU B 222 9.39 34.16 -13.75
N TYR B 223 8.35 34.56 -14.46
CA TYR B 223 6.99 34.64 -13.92
C TYR B 223 6.30 33.32 -14.23
N ILE B 224 6.23 32.44 -13.24
CA ILE B 224 5.52 31.18 -13.35
C ILE B 224 4.11 31.42 -12.84
N SER B 225 3.15 31.44 -13.76
CA SER B 225 1.77 31.77 -13.45
C SER B 225 0.98 30.48 -13.32
N MET B 226 0.19 30.37 -12.25
CA MET B 226 -0.66 29.19 -12.08
C MET B 226 -2.12 29.53 -12.29
N GLN B 227 -2.57 30.69 -11.79
CA GLN B 227 -3.97 31.07 -11.91
C GLN B 227 -4.27 31.94 -13.13
N MET B 228 -3.27 32.28 -13.93
CA MET B 228 -3.47 33.13 -15.09
C MET B 228 -2.75 32.55 -16.30
N ALA B 229 -3.26 32.90 -17.48
CA ALA B 229 -2.67 32.44 -18.73
C ALA B 229 -1.37 33.16 -19.02
N GLU B 230 -0.62 32.62 -19.98
CA GLU B 230 0.65 33.22 -20.37
C GLU B 230 0.50 34.63 -20.91
N GLU B 231 -0.69 35.00 -21.38
CA GLU B 231 -0.89 36.28 -22.04
C GLU B 231 -1.41 37.36 -21.12
N VAL B 232 -2.23 37.01 -20.12
CA VAL B 232 -2.77 38.03 -19.22
C VAL B 232 -1.66 38.58 -18.32
N CYS B 233 -0.76 37.73 -17.85
CA CYS B 233 0.36 38.21 -17.05
C CYS B 233 1.25 39.14 -17.87
N ALA B 234 1.54 38.75 -19.12
CA ALA B 234 2.32 39.61 -20.00
C ALA B 234 1.57 40.91 -20.28
N LYS B 235 0.24 40.85 -20.30
CA LYS B 235 -0.55 42.06 -20.50
C LYS B 235 -0.42 43.01 -19.32
N ARG B 236 -0.43 42.47 -18.10
CA ARG B 236 -0.21 43.31 -16.93
C ARG B 236 1.20 43.89 -16.94
N ILE B 237 2.19 43.09 -17.37
CA ILE B 237 3.55 43.59 -17.50
C ILE B 237 3.61 44.72 -18.52
N ASP B 238 2.91 44.57 -19.63
CA ASP B 238 2.86 45.62 -20.64
C ASP B 238 2.21 46.88 -20.08
N ALA B 239 1.12 46.72 -19.33
CA ALA B 239 0.46 47.88 -18.74
C ALA B 239 1.38 48.59 -17.76
N ASN B 240 2.18 47.83 -17.02
CA ASN B 240 3.11 48.47 -16.09
C ASN B 240 4.23 49.19 -16.83
N MET B 241 4.83 48.54 -17.83
CA MET B 241 6.06 49.06 -18.43
C MET B 241 5.83 49.96 -19.63
N LEU B 242 4.59 50.15 -20.06
CA LEU B 242 4.30 51.05 -21.16
C LEU B 242 3.50 52.27 -20.74
N ASP B 243 3.21 52.42 -19.46
CA ASP B 243 2.44 53.56 -18.94
C ASP B 243 1.11 53.68 -19.68
N VAL B 244 0.47 52.54 -19.95
CA VAL B 244 -0.80 52.50 -20.66
C VAL B 244 -1.83 51.81 -19.78
N SER B 245 -3.03 52.37 -19.75
CA SER B 245 -4.12 51.74 -19.01
C SER B 245 -4.40 50.35 -19.56
N LEU B 246 -4.65 49.41 -18.65
CA LEU B 246 -4.95 48.05 -19.08
C LEU B 246 -6.24 47.99 -19.89
N ASP B 247 -7.21 48.86 -19.58
CA ASP B 247 -8.40 48.98 -20.41
C ASP B 247 -8.06 49.51 -21.79
N ASP B 248 -7.12 50.46 -21.89
CA ASP B 248 -6.75 51.02 -23.18
C ASP B 248 -6.18 49.96 -24.11
N ILE B 249 -5.53 48.94 -23.54
CA ILE B 249 -5.04 47.83 -24.37
C ILE B 249 -6.19 46.97 -24.87
N ASP B 250 -7.34 47.00 -24.20
CA ASP B 250 -8.46 46.15 -24.57
C ASP B 250 -9.38 46.82 -25.59
N ASP B 251 -9.82 48.05 -25.30
CA ASP B 251 -10.72 48.73 -26.23
C ASP B 251 -10.05 49.01 -27.57
N GLY B 252 -8.77 49.40 -27.54
CA GLY B 252 -8.06 49.72 -28.76
C GLY B 252 -7.74 51.19 -28.92
N HIS B 253 -7.48 51.88 -27.81
CA HIS B 253 -7.06 53.28 -27.88
C HIS B 253 -5.58 53.44 -28.16
N ILE B 254 -4.84 52.35 -28.28
CA ILE B 254 -3.41 52.38 -28.55
C ILE B 254 -3.17 51.75 -29.92
N SER B 255 -2.50 52.48 -30.80
CA SER B 255 -2.16 51.93 -32.11
C SER B 255 -0.97 50.99 -32.01
N TYR B 256 -0.81 50.16 -33.03
CA TYR B 256 0.33 49.27 -33.08
C TYR B 256 1.65 50.04 -33.15
N ALA B 257 1.64 51.22 -33.76
CA ALA B 257 2.84 52.03 -33.84
C ALA B 257 3.32 52.43 -32.46
N GLU B 258 2.41 52.89 -31.60
CA GLU B 258 2.79 53.31 -30.26
C GLU B 258 3.37 52.16 -29.46
N TYR B 259 2.72 51.00 -29.51
CA TYR B 259 3.15 49.81 -28.79
C TYR B 259 4.52 49.37 -29.26
N LYS B 260 4.70 49.27 -30.58
CA LYS B 260 5.98 48.81 -31.11
C LYS B 260 7.10 49.80 -30.78
N GLY B 261 6.80 51.10 -30.89
CA GLY B 261 7.82 52.09 -30.56
C GLY B 261 8.23 52.04 -29.11
N LYS B 262 7.25 51.92 -28.21
CA LYS B 262 7.58 51.82 -26.79
C LYS B 262 8.38 50.57 -26.48
N MET B 263 8.01 49.44 -27.10
CA MET B 263 8.74 48.20 -26.86
C MET B 263 10.18 48.31 -27.37
N GLU B 264 10.37 48.89 -28.55
CA GLU B 264 11.72 49.04 -29.08
C GLU B 264 12.53 50.03 -28.25
N LYS B 265 11.89 51.08 -27.75
CA LYS B 265 12.56 52.02 -26.87
C LYS B 265 13.04 51.32 -25.61
N TRP B 266 12.20 50.46 -25.03
CA TRP B 266 12.61 49.68 -23.87
C TRP B 266 13.77 48.74 -24.24
N ARG B 267 13.71 48.13 -25.42
CA ARG B 267 14.77 47.21 -25.80
C ARG B 267 16.11 47.92 -25.97
N GLU B 268 16.08 49.14 -26.53
CA GLU B 268 17.33 49.84 -26.80
C GLU B 268 18.09 50.17 -25.52
N LYS B 269 17.39 50.23 -24.39
CA LYS B 269 18.05 50.46 -23.12
C LYS B 269 18.88 49.24 -22.72
N SER B 270 19.98 49.48 -22.03
CA SER B 270 20.84 48.40 -21.57
C SER B 270 20.48 47.90 -20.17
N THR B 271 19.55 48.56 -19.49
CA THR B 271 19.14 48.19 -18.14
C THR B 271 17.81 47.44 -18.12
N LEU B 272 17.54 46.63 -19.14
CA LEU B 272 16.30 45.88 -19.24
C LEU B 272 16.62 44.40 -19.27
N GLY B 273 15.97 43.63 -18.41
CA GLY B 273 16.17 42.21 -18.31
C GLY B 273 15.23 41.42 -19.20
N ARG B 274 15.00 40.16 -18.82
CA ARG B 274 14.14 39.26 -19.56
C ARG B 274 13.03 38.75 -18.64
N LEU B 275 11.79 39.10 -18.97
CA LEU B 275 10.63 38.65 -18.20
C LEU B 275 9.96 37.48 -18.91
N ILE B 276 10.51 36.29 -18.68
CA ILE B 276 9.95 35.09 -19.30
C ILE B 276 8.76 34.63 -18.47
N VAL B 277 7.60 34.53 -19.11
CA VAL B 277 6.36 34.14 -18.43
C VAL B 277 6.00 32.75 -18.91
N LYS B 278 5.80 31.83 -17.96
CA LYS B 278 5.46 30.45 -18.24
C LYS B 278 4.29 30.04 -17.37
N GLN B 279 3.33 29.33 -17.94
CA GLN B 279 2.12 28.93 -17.24
C GLN B 279 2.06 27.42 -17.07
N TYR B 280 1.53 26.99 -15.94
CA TYR B 280 1.24 25.60 -15.66
C TYR B 280 -0.20 25.47 -15.21
N PRO B 281 -0.82 24.31 -15.45
CA PRO B 281 -2.22 24.13 -15.03
C PRO B 281 -2.38 24.27 -13.53
N THR B 282 -3.49 24.87 -13.13
CA THR B 282 -3.74 25.16 -11.72
C THR B 282 -3.75 23.89 -10.89
N GLY B 283 -2.76 23.73 -10.03
CA GLY B 283 -2.64 22.53 -9.23
C GLY B 283 -1.84 21.42 -9.86
N GLY B 284 -1.13 21.69 -10.96
CA GLY B 284 -0.39 20.64 -11.64
C GLY B 284 1.09 20.88 -11.77
N ALA B 285 1.65 21.69 -10.86
CA ALA B 285 3.08 21.95 -10.88
C ALA B 285 3.62 21.91 -9.45
N ASP B 286 4.73 21.21 -9.26
CA ASP B 286 5.41 21.10 -7.98
C ASP B 286 6.80 21.71 -8.08
N ALA B 287 7.57 21.58 -6.99
CA ALA B 287 8.95 22.06 -7.00
C ALA B 287 9.78 21.33 -8.05
N ASN B 288 9.49 20.05 -8.28
CA ASN B 288 10.18 19.32 -9.36
C ASN B 288 9.83 19.91 -10.72
N THR B 289 8.57 20.32 -10.91
CA THR B 289 8.18 20.96 -12.16
C THR B 289 8.97 22.24 -12.37
N PHE B 290 9.10 23.05 -11.30
CA PHE B 290 9.83 24.30 -11.44
C PHE B 290 11.31 24.05 -11.66
N ARG B 291 11.88 23.03 -11.03
CA ARG B 291 13.28 22.68 -11.28
C ARG B 291 13.49 22.26 -12.72
N SER B 292 12.58 21.45 -13.26
CA SER B 292 12.68 21.06 -14.67
C SER B 292 12.54 22.28 -15.58
N LEU B 293 11.64 23.20 -15.25
CA LEU B 293 11.48 24.40 -16.05
C LEU B 293 12.74 25.26 -16.02
N LEU B 294 13.35 25.40 -14.84
CA LEU B 294 14.59 26.15 -14.73
C LEU B 294 15.69 25.51 -15.55
N ASN B 295 15.81 24.18 -15.48
CA ASN B 295 16.80 23.48 -16.28
C ASN B 295 16.56 23.70 -17.76
N GLU B 296 15.31 23.62 -18.19
CA GLU B 296 14.99 23.80 -19.60
C GLU B 296 15.31 25.22 -20.06
N LEU B 297 14.97 26.22 -19.25
CA LEU B 297 15.28 27.60 -19.60
C LEU B 297 16.78 27.83 -19.67
N LYS B 298 17.54 27.23 -18.74
CA LYS B 298 18.98 27.36 -18.80
C LYS B 298 19.55 26.71 -20.05
N LEU B 299 19.00 25.55 -20.44
CA LEU B 299 19.55 24.83 -21.58
C LEU B 299 19.21 25.52 -22.90
N LYS B 300 17.95 25.95 -23.07
CA LYS B 300 17.48 26.37 -24.38
C LYS B 300 17.66 27.87 -24.60
N LYS B 301 17.06 28.70 -23.75
CA LYS B 301 17.10 30.14 -23.93
C LYS B 301 18.30 30.79 -23.26
N ASN B 302 19.19 30.01 -22.64
CA ASN B 302 20.32 30.53 -21.88
C ASN B 302 19.84 31.54 -20.84
N PHE B 303 18.73 31.20 -20.19
CA PHE B 303 18.05 32.09 -19.26
C PHE B 303 18.16 31.50 -17.87
N VAL B 304 19.08 32.01 -17.07
CA VAL B 304 19.21 31.66 -15.67
C VAL B 304 18.65 32.79 -14.84
N PRO B 305 17.50 32.59 -14.20
CA PRO B 305 16.83 33.69 -13.50
C PRO B 305 17.55 34.08 -12.23
N THR B 306 17.32 35.34 -11.83
CA THR B 306 17.64 35.79 -10.49
C THR B 306 16.39 36.06 -9.66
N ILE B 307 15.25 36.23 -10.30
CA ILE B 307 13.96 36.38 -9.64
C ILE B 307 13.02 35.34 -10.22
N ILE B 308 12.33 34.61 -9.34
CA ILE B 308 11.29 33.66 -9.73
C ILE B 308 10.03 34.05 -9.00
N ILE B 309 9.01 34.46 -9.75
CA ILE B 309 7.74 34.91 -9.17
C ILE B 309 6.68 33.89 -9.54
N VAL B 310 6.24 33.10 -8.56
CA VAL B 310 5.15 32.17 -8.74
C VAL B 310 3.85 32.90 -8.41
N ASP B 311 2.88 32.82 -9.31
CA ASP B 311 1.66 33.61 -9.16
C ASP B 311 0.85 33.20 -7.93
N TYR B 312 0.99 31.96 -7.48
CA TYR B 312 0.17 31.48 -6.37
C TYR B 312 0.83 30.25 -5.77
N LEU B 313 1.21 30.33 -4.49
CA LEU B 313 1.78 29.18 -3.81
C LEU B 313 0.71 28.15 -3.45
N GLY B 314 -0.47 28.60 -3.03
CA GLY B 314 -1.51 27.71 -2.54
C GLY B 314 -2.07 26.76 -3.57
N ILE B 315 -1.99 27.08 -4.86
CA ILE B 315 -2.54 26.21 -5.89
C ILE B 315 -1.41 25.48 -6.59
N CYS B 316 -0.27 25.34 -5.93
CA CYS B 316 0.78 24.46 -6.37
C CYS B 316 0.52 23.07 -5.79
N LYS B 317 1.48 22.16 -5.95
CA LYS B 317 1.40 20.84 -5.33
C LYS B 317 2.76 20.46 -4.79
N SER B 318 2.76 19.52 -3.85
CA SER B 318 3.99 19.09 -3.19
C SER B 318 4.64 17.97 -3.98
N CYS B 319 5.96 18.04 -4.14
CA CYS B 319 6.69 16.96 -4.79
C CYS B 319 6.83 15.76 -3.86
N ARG B 320 7.09 16.02 -2.57
CA ARG B 320 7.28 14.92 -1.63
C ARG B 320 5.96 14.25 -1.27
N ILE B 321 4.91 15.03 -1.05
CA ILE B 321 3.59 14.46 -0.77
C ILE B 321 3.12 13.69 -2.00
N ARG B 322 2.76 12.43 -1.79
CA ARG B 322 2.32 11.57 -2.88
C ARG B 322 0.81 11.40 -2.94
N VAL B 323 0.14 11.31 -1.80
CA VAL B 323 -1.31 11.22 -1.74
C VAL B 323 -1.84 12.57 -1.30
N TYR B 324 -2.65 13.19 -2.17
CA TYR B 324 -3.20 14.51 -1.87
C TYR B 324 -4.01 14.46 -0.58
N SER B 325 -3.71 15.39 0.32
CA SER B 325 -4.33 15.45 1.64
C SER B 325 -5.39 16.53 1.66
N GLU B 326 -6.53 16.22 2.28
CA GLU B 326 -7.56 17.23 2.50
C GLU B 326 -7.15 18.28 3.52
N ASN B 327 -6.06 18.05 4.25
CA ASN B 327 -5.59 18.99 5.27
C ASN B 327 -4.76 20.08 4.59
N SER B 328 -5.27 21.31 4.63
CA SER B 328 -4.59 22.43 3.99
C SER B 328 -3.25 22.76 4.65
N TYR B 329 -3.17 22.65 5.97
CA TYR B 329 -1.98 23.07 6.70
C TYR B 329 -0.73 22.36 6.18
N THR B 330 -0.72 21.03 6.26
CA THR B 330 0.47 20.27 5.88
C THR B 330 0.77 20.42 4.40
N THR B 331 -0.25 20.42 3.55
CA THR B 331 -0.03 20.54 2.11
C THR B 331 0.63 21.86 1.76
N VAL B 332 0.06 22.97 2.23
CA VAL B 332 0.60 24.29 1.91
C VAL B 332 1.99 24.45 2.52
N LYS B 333 2.19 23.98 3.75
CA LYS B 333 3.50 24.12 4.37
C LYS B 333 4.56 23.33 3.62
N ALA B 334 4.21 22.13 3.16
CA ALA B 334 5.15 21.34 2.37
C ALA B 334 5.47 22.03 1.05
N ILE B 335 4.46 22.59 0.40
CA ILE B 335 4.71 23.31 -0.84
C ILE B 335 5.67 24.48 -0.60
N ALA B 336 5.43 25.23 0.48
CA ALA B 336 6.29 26.37 0.79
C ALA B 336 7.70 25.93 1.10
N GLU B 337 7.86 24.84 1.85
CA GLU B 337 9.20 24.35 2.16
C GLU B 337 9.95 23.93 0.91
N GLU B 338 9.25 23.24 0.00
CA GLU B 338 9.88 22.84 -1.25
C GLU B 338 10.28 24.06 -2.08
N LEU B 339 9.42 25.07 -2.12
CA LEU B 339 9.74 26.29 -2.87
C LEU B 339 10.95 26.98 -2.26
N ARG B 340 11.03 27.05 -0.93
CA ARG B 340 12.19 27.69 -0.32
C ARG B 340 13.45 26.88 -0.56
N ALA B 341 13.34 25.55 -0.58
CA ALA B 341 14.50 24.73 -0.93
C ALA B 341 14.96 25.03 -2.35
N LEU B 342 14.02 25.16 -3.28
CA LEU B 342 14.37 25.54 -4.64
C LEU B 342 15.05 26.91 -4.68
N ALA B 343 14.51 27.86 -3.91
CA ALA B 343 15.06 29.21 -3.91
C ALA B 343 16.49 29.22 -3.38
N VAL B 344 16.75 28.50 -2.30
CA VAL B 344 18.11 28.45 -1.76
C VAL B 344 19.03 27.62 -2.63
N GLU B 345 18.50 26.70 -3.42
CA GLU B 345 19.35 25.95 -4.34
C GLU B 345 19.77 26.81 -5.53
N THR B 346 18.85 27.59 -6.08
CA THR B 346 19.14 28.41 -7.24
C THR B 346 19.61 29.82 -6.89
N GLU B 347 19.63 30.18 -5.61
CA GLU B 347 20.03 31.52 -5.17
C GLU B 347 19.18 32.59 -5.86
N THR B 348 17.88 32.31 -5.97
CA THR B 348 16.95 33.19 -6.66
C THR B 348 15.86 33.64 -5.70
N VAL B 349 15.65 34.95 -5.61
CA VAL B 349 14.54 35.49 -4.83
C VAL B 349 13.25 34.92 -5.39
N LEU B 350 12.53 34.17 -4.56
CA LEU B 350 11.32 33.48 -5.01
C LEU B 350 10.12 34.17 -4.37
N TRP B 351 9.47 35.04 -5.13
CA TRP B 351 8.25 35.70 -4.70
C TRP B 351 7.07 34.79 -4.99
N THR B 352 6.04 34.87 -4.14
CA THR B 352 4.85 34.06 -4.33
C THR B 352 3.70 34.70 -3.57
N ALA B 353 2.57 34.00 -3.52
CA ALA B 353 1.33 34.56 -3.00
C ALA B 353 0.67 33.59 -2.03
N ALA B 354 -0.04 34.15 -1.06
CA ALA B 354 -0.82 33.37 -0.12
C ALA B 354 -2.16 34.05 0.07
N GLN B 355 -3.19 33.24 0.35
CA GLN B 355 -4.54 33.76 0.53
C GLN B 355 -4.79 34.05 2.00
N VAL B 356 -5.41 35.20 2.25
CA VAL B 356 -5.72 35.62 3.61
C VAL B 356 -7.06 35.01 4.03
N GLY B 357 -7.30 34.98 5.33
CA GLY B 357 -8.53 34.42 5.83
C GLY B 357 -9.74 35.27 5.48
N LYS B 358 -10.91 34.62 5.50
CA LYS B 358 -12.15 35.32 5.17
C LYS B 358 -12.40 36.49 6.13
N GLN B 359 -12.02 36.34 7.40
CA GLN B 359 -12.27 37.39 8.38
C GLN B 359 -11.51 38.67 8.02
N ALA B 360 -10.34 38.55 7.42
CA ALA B 360 -9.53 39.72 7.08
C ALA B 360 -10.12 40.55 5.95
N TRP B 361 -11.04 39.99 5.16
CA TRP B 361 -11.63 40.74 4.06
C TRP B 361 -12.45 41.91 4.61
N ASP B 362 -12.27 43.07 3.99
CA ASP B 362 -12.94 44.32 4.41
C ASP B 362 -12.64 44.65 5.87
N SER B 363 -11.42 44.36 6.31
CA SER B 363 -10.97 44.70 7.65
C SER B 363 -9.87 45.75 7.54
N SER B 364 -9.96 46.78 8.40
CA SER B 364 -9.02 47.89 8.32
C SER B 364 -7.58 47.48 8.59
N ASP B 365 -7.38 46.31 9.21
CA ASP B 365 -6.04 45.81 9.49
C ASP B 365 -6.02 44.30 9.31
N VAL B 366 -4.85 43.76 8.98
CA VAL B 366 -4.64 42.33 8.81
C VAL B 366 -3.42 41.92 9.61
N ASN B 367 -3.61 41.01 10.55
CA ASN B 367 -2.51 40.46 11.33
C ASN B 367 -2.03 39.15 10.71
N MET B 368 -0.86 38.69 11.17
CA MET B 368 -0.29 37.45 10.64
C MET B 368 -1.20 36.25 10.87
N SER B 369 -2.04 36.29 11.90
CA SER B 369 -2.96 35.19 12.20
C SER B 369 -4.11 35.13 11.21
N ASP B 370 -4.10 35.93 10.15
CA ASP B 370 -5.15 35.88 9.13
C ASP B 370 -4.78 35.02 7.93
N ILE B 371 -3.60 34.39 7.95
CA ILE B 371 -3.21 33.50 6.86
C ILE B 371 -4.18 32.32 6.79
N ALA B 372 -4.65 32.01 5.58
CA ALA B 372 -5.68 31.01 5.40
C ALA B 372 -5.12 29.66 4.97
N GLU B 373 -4.13 29.67 4.08
CA GLU B 373 -3.68 28.42 3.47
C GLU B 373 -3.00 27.52 4.49
N SER B 374 -2.10 28.08 5.30
CA SER B 374 -1.42 27.30 6.34
C SER B 374 -0.69 28.24 7.29
N ALA B 375 -0.70 27.89 8.57
CA ALA B 375 0.15 28.58 9.53
C ALA B 375 1.61 28.18 9.40
N GLY B 376 1.91 27.14 8.61
CA GLY B 376 3.30 26.75 8.39
C GLY B 376 4.00 27.54 7.31
N LEU B 377 3.24 28.17 6.41
CA LEU B 377 3.85 29.04 5.40
C LEU B 377 4.58 30.23 6.02
N PRO B 378 4.01 30.98 6.96
CA PRO B 378 4.80 32.02 7.63
C PRO B 378 5.99 31.47 8.40
N ALA B 379 5.94 30.20 8.80
CA ALA B 379 7.08 29.60 9.47
C ALA B 379 8.29 29.46 8.55
N THR B 380 8.07 29.07 7.30
CA THR B 380 9.17 28.89 6.36
C THR B 380 9.30 30.04 5.37
N ALA B 381 8.51 31.09 5.51
CA ALA B 381 8.67 32.26 4.65
C ALA B 381 9.81 33.13 5.15
N ASP B 382 10.24 34.06 4.30
CA ASP B 382 11.33 34.96 4.66
C ASP B 382 10.89 36.41 4.78
N PHE B 383 9.89 36.83 4.01
CA PHE B 383 9.45 38.22 4.05
C PHE B 383 8.03 38.28 3.52
N MET B 384 7.07 38.62 4.38
CA MET B 384 5.67 38.65 4.00
C MET B 384 5.15 40.08 4.01
N LEU B 385 4.31 40.38 3.02
CA LEU B 385 3.66 41.68 2.94
C LEU B 385 2.15 41.49 2.84
N ALA B 386 1.41 42.47 3.33
CA ALA B 386 -0.04 42.42 3.36
C ALA B 386 -0.63 43.68 2.72
N VAL B 387 -1.69 43.49 1.94
CA VAL B 387 -2.38 44.59 1.26
C VAL B 387 -3.75 44.75 1.93
N ILE B 388 -3.98 45.93 2.51
CA ILE B 388 -5.14 46.12 3.37
C ILE B 388 -6.00 47.32 2.95
N GLU B 389 -6.00 47.66 1.67
CA GLU B 389 -6.82 48.76 1.17
C GLU B 389 -8.28 48.33 1.15
N THR B 390 -9.08 48.83 2.09
CA THR B 390 -10.47 48.38 2.20
C THR B 390 -11.41 49.14 1.28
N GLU B 391 -11.68 50.40 1.59
CA GLU B 391 -12.54 51.22 0.75
C GLU B 391 -11.96 52.61 0.51
N GLU B 392 -11.37 53.19 1.55
CA GLU B 392 -10.90 54.57 1.46
C GLU B 392 -9.66 54.67 0.58
N LEU B 393 -8.73 53.73 0.74
CA LEU B 393 -7.52 53.73 -0.08
C LEU B 393 -7.84 53.40 -1.53
N ALA B 394 -8.89 52.61 -1.76
CA ALA B 394 -9.34 52.38 -3.14
C ALA B 394 -9.81 53.67 -3.78
N ALA B 395 -10.58 54.48 -3.04
CA ALA B 395 -11.03 55.76 -3.55
C ALA B 395 -9.88 56.74 -3.75
N ALA B 396 -8.83 56.64 -2.95
CA ALA B 396 -7.66 57.49 -3.08
C ALA B 396 -6.54 56.83 -3.87
N GLU B 397 -6.81 55.68 -4.49
CA GLU B 397 -5.82 54.95 -5.28
C GLU B 397 -4.58 54.62 -4.45
N GLN B 398 -4.81 54.20 -3.21
CA GLN B 398 -3.74 53.89 -2.27
C GLN B 398 -3.83 52.43 -1.85
N GLN B 399 -2.71 51.94 -1.29
CA GLN B 399 -2.65 50.62 -0.69
C GLN B 399 -1.74 50.67 0.53
N LEU B 400 -2.28 50.28 1.67
CA LEU B 400 -1.51 50.25 2.92
C LEU B 400 -0.90 48.87 3.09
N ILE B 401 0.37 48.84 3.50
CA ILE B 401 1.12 47.60 3.70
C ILE B 401 1.54 47.55 5.16
N LYS B 402 1.31 46.41 5.81
CA LYS B 402 1.59 46.28 7.23
C LYS B 402 2.92 45.59 7.54
N GLN B 403 3.49 44.84 6.60
CA GLN B 403 4.76 44.15 6.80
C GLN B 403 4.66 43.19 8.00
N ILE B 404 3.81 42.19 7.82
CA ILE B 404 3.44 41.31 8.93
C ILE B 404 4.64 40.54 9.44
N LYS B 405 5.51 40.08 8.53
CA LYS B 405 6.70 39.32 8.89
C LYS B 405 7.88 39.88 8.13
N SER B 406 9.04 39.95 8.78
CA SER B 406 10.27 40.43 8.16
C SER B 406 11.46 39.73 8.79
N ARG B 407 12.18 38.95 8.01
CA ARG B 407 13.46 38.41 8.44
C ARG B 407 14.62 39.34 8.12
N TYR B 408 14.38 40.41 7.37
CA TYR B 408 15.44 41.35 7.01
C TYR B 408 15.59 42.49 8.00
N GLY B 409 14.63 42.70 8.90
CA GLY B 409 14.74 43.78 9.85
C GLY B 409 13.60 43.75 10.83
N ASP B 410 13.71 44.59 11.85
CA ASP B 410 12.65 44.75 12.83
C ASP B 410 11.39 45.20 12.12
N LYS B 411 10.36 44.36 12.12
CA LYS B 411 9.16 44.62 11.35
C LYS B 411 8.30 45.73 11.94
N ASN B 412 8.65 46.25 13.11
CA ASN B 412 7.86 47.27 13.77
C ASN B 412 8.36 48.69 13.48
N LYS B 413 9.49 48.84 12.78
CA LYS B 413 10.07 50.16 12.60
C LYS B 413 9.26 51.02 11.63
N TRP B 414 8.88 50.46 10.49
CA TRP B 414 8.12 51.15 9.45
C TRP B 414 6.89 50.35 9.09
N ASN B 415 6.11 49.99 10.11
CA ASN B 415 5.03 49.02 9.94
C ASN B 415 4.05 49.42 8.85
N LYS B 416 3.79 50.72 8.69
CA LYS B 416 2.84 51.21 7.70
C LYS B 416 3.49 52.28 6.83
N PHE B 417 3.32 52.19 5.51
CA PHE B 417 3.82 53.22 4.63
C PHE B 417 2.92 53.59 3.45
N LEU B 418 1.74 52.98 3.31
CA LEU B 418 0.71 53.42 2.37
C LEU B 418 1.24 53.47 0.93
N MET B 419 1.50 52.27 0.40
CA MET B 419 1.99 52.14 -0.97
C MET B 419 1.02 52.77 -1.97
N GLY B 420 1.58 53.49 -2.93
CA GLY B 420 0.80 54.17 -3.96
C GLY B 420 0.42 53.31 -5.15
N VAL B 421 -0.62 52.48 -5.02
CA VAL B 421 -1.02 51.62 -6.11
C VAL B 421 -1.60 52.43 -7.26
N GLN B 422 -1.50 51.88 -8.47
CA GLN B 422 -2.22 52.37 -9.64
C GLN B 422 -2.72 51.11 -10.37
N LYS B 423 -4.02 50.83 -10.22
CA LYS B 423 -4.59 49.60 -10.74
C LYS B 423 -4.69 49.62 -12.27
N GLY B 424 -5.05 50.76 -12.86
CA GLY B 424 -5.17 50.83 -14.30
C GLY B 424 -3.87 50.49 -15.01
N ASN B 425 -2.77 51.05 -14.52
CA ASN B 425 -1.45 50.71 -15.05
C ASN B 425 -0.86 49.49 -14.39
N GLN B 426 -1.46 48.99 -13.30
CA GLN B 426 -0.97 47.82 -12.58
C GLN B 426 0.47 48.03 -12.12
N LYS B 427 0.66 49.05 -11.28
CA LYS B 427 1.99 49.38 -10.81
C LYS B 427 1.93 50.00 -9.43
N TRP B 428 3.10 50.22 -8.85
CA TRP B 428 3.23 50.83 -7.53
C TRP B 428 4.20 52.01 -7.62
N VAL B 429 3.84 53.11 -6.96
CA VAL B 429 4.69 54.28 -6.84
C VAL B 429 4.66 54.75 -5.40
N GLU B 430 5.67 55.53 -5.02
CA GLU B 430 5.78 56.02 -3.66
C GLU B 430 4.93 57.26 -3.44
N ILE B 431 4.82 57.67 -2.18
CA ILE B 431 4.04 58.84 -1.79
C ILE B 431 4.99 59.87 -1.19
N GLU B 432 6.22 59.92 -1.69
CA GLU B 432 7.21 60.88 -1.22
C GLU B 432 6.72 62.31 -1.35
N MET C 1 38.86 -16.72 15.65
CA MET C 1 39.77 -15.79 16.31
C MET C 1 40.31 -16.37 17.61
N VAL C 2 40.30 -17.70 17.71
CA VAL C 2 40.84 -18.36 18.89
C VAL C 2 42.32 -18.05 19.06
N GLU C 3 43.06 -17.97 17.95
CA GLU C 3 44.47 -17.62 18.03
C GLU C 3 44.66 -16.25 18.65
N ILE C 4 43.85 -15.27 18.24
CA ILE C 4 43.95 -13.92 18.78
C ILE C 4 43.61 -13.92 20.27
N ILE C 5 42.56 -14.64 20.65
CA ILE C 5 42.12 -14.65 22.04
C ILE C 5 43.19 -15.26 22.93
N LEU C 6 43.75 -16.40 22.52
CA LEU C 6 44.80 -17.02 23.32
C LEU C 6 46.05 -16.16 23.38
N SER C 7 46.45 -15.56 22.25
CA SER C 7 47.65 -14.74 22.23
C SER C 7 47.50 -13.53 23.15
N HIS C 8 46.34 -12.89 23.14
CA HIS C 8 46.13 -11.75 24.02
C HIS C 8 45.85 -12.16 25.46
N LEU C 9 45.43 -13.39 25.70
CA LEU C 9 45.38 -13.89 27.06
C LEU C 9 46.78 -14.07 27.63
N ILE C 10 47.69 -14.61 26.81
CA ILE C 10 49.04 -14.87 27.30
C ILE C 10 49.80 -13.56 27.52
N PHE C 11 49.72 -12.63 26.57
CA PHE C 11 50.59 -11.46 26.58
C PHE C 11 49.93 -10.22 27.18
N ASP C 12 48.74 -9.86 26.72
CA ASP C 12 48.07 -8.68 27.25
C ASP C 12 47.68 -8.90 28.70
N GLN C 13 47.49 -7.80 29.42
CA GLN C 13 47.16 -7.83 30.84
C GLN C 13 45.76 -7.32 31.14
N ALA C 14 45.39 -6.15 30.61
CA ALA C 14 44.05 -5.63 30.83
C ALA C 14 43.00 -6.52 30.19
N TYR C 15 43.29 -7.04 29.00
CA TYR C 15 42.38 -7.97 28.34
C TYR C 15 42.15 -9.20 29.20
N PHE C 16 43.23 -9.76 29.75
CA PHE C 16 43.07 -10.88 30.69
C PHE C 16 42.32 -10.44 31.93
N SER C 17 42.57 -9.22 32.42
CA SER C 17 41.92 -8.76 33.64
C SER C 17 40.41 -8.68 33.47
N LYS C 18 39.95 -8.34 32.27
CA LYS C 18 38.50 -8.20 32.08
C LYS C 18 37.85 -9.49 31.57
N VAL C 19 38.51 -10.22 30.67
CA VAL C 19 37.86 -11.30 29.95
C VAL C 19 37.98 -12.67 30.64
N TRP C 20 38.91 -12.83 31.57
CA TRP C 20 39.11 -14.14 32.18
C TRP C 20 37.90 -14.66 32.95
N PRO C 21 37.17 -13.86 33.73
CA PRO C 21 36.02 -14.41 34.46
C PRO C 21 35.00 -15.10 33.57
N TYR C 22 34.77 -14.59 32.37
CA TYR C 22 33.82 -15.20 31.44
C TYR C 22 34.53 -16.14 30.46
N MET C 23 35.23 -17.15 30.99
CA MET C 23 35.96 -18.09 30.15
C MET C 23 35.76 -19.51 30.65
N ASP C 24 35.43 -20.41 29.73
CA ASP C 24 35.28 -21.82 30.04
C ASP C 24 35.95 -22.64 28.94
N SER C 25 36.50 -23.79 29.33
CA SER C 25 37.21 -24.63 28.36
C SER C 25 36.30 -25.14 27.25
N GLU C 26 34.99 -25.19 27.47
CA GLU C 26 34.06 -25.64 26.46
C GLU C 26 33.87 -24.64 25.33
N TYR C 27 34.26 -23.37 25.53
CA TYR C 27 34.02 -22.33 24.55
C TYR C 27 34.83 -22.49 23.27
N PHE C 28 35.96 -23.17 23.30
CA PHE C 28 36.88 -23.03 22.18
C PHE C 28 36.73 -24.12 21.11
N GLU C 29 37.01 -25.36 21.47
CA GLU C 29 37.11 -26.45 20.50
C GLU C 29 37.32 -27.74 21.29
N SER C 30 37.57 -28.83 20.57
CA SER C 30 37.99 -30.09 21.16
C SER C 30 39.39 -30.50 20.70
N GLY C 31 40.13 -29.59 20.07
CA GLY C 31 41.43 -29.91 19.54
C GLY C 31 42.54 -29.12 20.19
N PRO C 32 43.42 -28.53 19.37
CA PRO C 32 44.54 -27.74 19.92
C PRO C 32 44.09 -26.59 20.80
N ALA C 33 42.99 -25.92 20.44
CA ALA C 33 42.52 -24.79 21.23
C ALA C 33 42.12 -25.22 22.63
N LYS C 34 41.40 -26.33 22.75
CA LYS C 34 40.95 -26.79 24.05
C LYS C 34 42.13 -27.13 24.95
N ASN C 35 43.11 -27.87 24.42
CA ASN C 35 44.26 -28.24 25.22
C ASN C 35 45.10 -27.02 25.60
N THR C 36 45.25 -26.08 24.66
CA THR C 36 45.99 -24.85 24.98
C THR C 36 45.32 -24.08 26.10
N PHE C 37 44.00 -23.92 26.03
CA PHE C 37 43.30 -23.20 27.09
C PHE C 37 43.33 -23.98 28.39
N LYS C 38 43.31 -25.31 28.33
CA LYS C 38 43.43 -26.11 29.54
C LYS C 38 44.78 -25.90 30.19
N LEU C 39 45.84 -25.86 29.39
CA LEU C 39 47.17 -25.58 29.93
C LEU C 39 47.22 -24.19 30.56
N ILE C 40 46.62 -23.20 29.88
CA ILE C 40 46.61 -21.84 30.43
C ILE C 40 45.88 -21.80 31.76
N LYS C 41 44.72 -22.45 31.83
CA LYS C 41 43.93 -22.44 33.05
C LYS C 41 44.64 -23.18 34.18
N SER C 42 45.26 -24.32 33.86
CA SER C 42 45.99 -25.04 34.89
C SER C 42 47.15 -24.21 35.42
N HIS C 43 47.88 -23.54 34.53
CA HIS C 43 49.01 -22.73 34.99
C HIS C 43 48.55 -21.56 35.84
N VAL C 44 47.44 -20.92 35.46
CA VAL C 44 46.96 -19.80 36.26
C VAL C 44 46.39 -20.28 37.58
N ASN C 45 45.88 -21.52 37.62
CA ASN C 45 45.40 -22.07 38.88
C ASN C 45 46.55 -22.39 39.82
N GLU C 46 47.60 -23.05 39.31
CA GLU C 46 48.74 -23.39 40.15
C GLU C 46 49.41 -22.13 40.69
N TYR C 47 49.94 -21.30 39.80
CA TYR C 47 50.54 -20.02 40.16
C TYR C 47 49.64 -18.92 39.61
N HIS C 48 49.18 -18.03 40.50
CA HIS C 48 48.19 -17.02 40.13
C HIS C 48 48.85 -15.88 39.33
N SER C 49 49.27 -16.24 38.12
CA SER C 49 49.84 -15.28 37.18
C SER C 49 49.73 -15.87 35.78
N VAL C 50 49.54 -14.99 34.81
CA VAL C 50 49.46 -15.45 33.42
C VAL C 50 50.82 -16.02 33.00
N PRO C 51 50.86 -17.22 32.44
CA PRO C 51 52.14 -17.85 32.13
C PRO C 51 52.86 -17.16 30.97
N SER C 52 54.04 -17.68 30.68
CA SER C 52 54.82 -17.29 29.50
C SER C 52 54.84 -18.43 28.51
N ILE C 53 55.43 -18.16 27.34
CA ILE C 53 55.59 -19.20 26.34
C ILE C 53 56.52 -20.29 26.86
N ASN C 54 57.60 -19.91 27.55
CA ASN C 54 58.47 -20.90 28.17
C ASN C 54 57.72 -21.71 29.21
N ALA C 55 56.84 -21.06 29.96
CA ALA C 55 56.01 -21.78 30.92
C ALA C 55 55.11 -22.78 30.21
N LEU C 56 54.54 -22.39 29.07
CA LEU C 56 53.71 -23.32 28.30
C LEU C 56 54.53 -24.51 27.83
N ASN C 57 55.75 -24.28 27.36
CA ASN C 57 56.60 -25.38 26.91
C ASN C 57 56.94 -26.32 28.07
N VAL C 58 57.26 -25.76 29.23
CA VAL C 58 57.57 -26.58 30.39
C VAL C 58 56.35 -27.39 30.81
N ALA C 59 55.17 -26.77 30.79
CA ALA C 59 53.94 -27.50 31.13
C ALA C 59 53.68 -28.63 30.14
N LEU C 60 53.93 -28.38 28.85
CA LEU C 60 53.80 -29.44 27.85
C LEU C 60 54.77 -30.58 28.14
N GLU C 61 56.01 -30.25 28.51
CA GLU C 61 57.00 -31.29 28.77
C GLU C 61 56.62 -32.14 29.98
N ASN C 62 56.32 -31.49 31.11
CA ASN C 62 56.03 -32.26 32.32
C ASN C 62 54.65 -32.90 32.24
N SER C 63 53.65 -32.16 31.80
CA SER C 63 52.29 -32.67 31.65
C SER C 63 52.05 -32.89 30.16
N SER C 64 51.97 -34.14 29.74
CA SER C 64 51.90 -34.50 28.33
C SER C 64 50.58 -35.19 28.01
N PHE C 65 50.24 -35.17 26.73
CA PHE C 65 49.10 -35.88 26.16
C PHE C 65 49.62 -36.87 25.14
N THR C 66 48.69 -37.49 24.40
CA THR C 66 49.07 -38.39 23.33
C THR C 66 49.82 -37.61 22.25
N GLU C 67 50.83 -38.26 21.66
CA GLU C 67 51.73 -37.57 20.74
C GLU C 67 51.01 -36.97 19.55
N THR C 68 49.95 -37.63 19.07
CA THR C 68 49.22 -37.13 17.91
C THR C 68 48.62 -35.76 18.19
N GLU C 69 48.06 -35.58 19.38
CA GLU C 69 47.56 -34.26 19.76
C GLU C 69 48.65 -33.41 20.40
N TYR C 70 49.69 -34.04 20.94
CA TYR C 70 50.79 -33.29 21.53
C TYR C 70 51.50 -32.44 20.47
N SER C 71 51.74 -33.02 19.30
CA SER C 71 52.35 -32.25 18.21
C SER C 71 51.46 -31.10 17.78
N GLY C 72 50.15 -31.34 17.67
CA GLY C 72 49.24 -30.27 17.30
C GLY C 72 49.23 -29.15 18.32
N VAL C 73 49.26 -29.50 19.61
CA VAL C 73 49.28 -28.48 20.65
C VAL C 73 50.58 -27.69 20.60
N LYS C 74 51.72 -28.39 20.46
CA LYS C 74 53.00 -27.68 20.45
C LYS C 74 53.14 -26.78 19.23
N THR C 75 52.62 -27.19 18.07
CA THR C 75 52.67 -26.33 16.90
C THR C 75 51.60 -25.24 16.94
N LEU C 76 50.55 -25.41 17.75
CA LEU C 76 49.60 -24.33 17.94
C LEU C 76 50.22 -23.19 18.73
N ILE C 77 50.99 -23.51 19.77
CA ILE C 77 51.72 -22.48 20.51
C ILE C 77 53.06 -22.32 19.80
N SER C 78 53.01 -21.64 18.67
CA SER C 78 54.19 -21.07 18.03
C SER C 78 53.84 -19.78 17.31
N LYS C 79 52.58 -19.34 17.38
CA LYS C 79 52.09 -18.19 16.63
C LYS C 79 51.47 -17.13 17.53
N LEU C 80 51.26 -17.42 18.81
CA LEU C 80 50.75 -16.42 19.73
C LEU C 80 51.79 -15.32 19.89
N ALA C 81 51.51 -14.16 19.33
CA ALA C 81 52.43 -13.03 19.35
C ALA C 81 51.82 -11.88 20.15
N ASP C 82 52.64 -10.86 20.38
CA ASP C 82 52.18 -9.70 21.14
C ASP C 82 51.00 -9.02 20.44
N SER C 83 51.24 -8.49 19.24
CA SER C 83 50.21 -7.92 18.38
C SER C 83 49.35 -6.91 19.15
N PRO C 84 49.89 -5.73 19.47
CA PRO C 84 49.14 -4.81 20.34
C PRO C 84 47.91 -4.22 19.66
N GLU C 85 46.83 -4.99 19.62
CA GLU C 85 45.57 -4.52 19.07
C GLU C 85 44.91 -3.51 20.00
N ASP C 86 43.89 -2.84 19.48
CA ASP C 86 43.09 -1.95 20.30
C ASP C 86 42.24 -2.78 21.28
N HIS C 87 41.77 -2.12 22.33
CA HIS C 87 41.11 -2.85 23.41
C HIS C 87 39.62 -3.01 23.14
N SER C 88 38.96 -1.97 22.62
CA SER C 88 37.52 -2.04 22.42
C SER C 88 37.14 -3.10 21.41
N TRP C 89 37.81 -3.11 20.25
CA TRP C 89 37.51 -4.12 19.24
C TRP C 89 37.83 -5.52 19.75
N LEU C 90 38.93 -5.66 20.49
CA LEU C 90 39.30 -6.98 21.00
C LEU C 90 38.26 -7.51 21.97
N VAL C 91 37.81 -6.66 22.90
CA VAL C 91 36.78 -7.08 23.85
C VAL C 91 35.48 -7.42 23.14
N LYS C 92 35.07 -6.57 22.18
CA LYS C 92 33.82 -6.84 21.49
C LYS C 92 33.88 -8.12 20.67
N GLU C 93 35.01 -8.36 20.02
CA GLU C 93 35.14 -9.57 19.20
C GLU C 93 35.21 -10.82 20.07
N THR C 94 35.88 -10.74 21.22
CA THR C 94 35.87 -11.87 22.14
C THR C 94 34.46 -12.13 22.65
N GLU C 95 33.71 -11.06 22.93
CA GLU C 95 32.32 -11.23 23.38
C GLU C 95 31.48 -11.90 22.30
N LYS C 96 31.65 -11.47 21.04
CA LYS C 96 30.89 -12.09 19.96
C LYS C 96 31.27 -13.56 19.79
N TYR C 97 32.56 -13.87 19.89
CA TYR C 97 33.00 -15.25 19.73
C TYR C 97 32.44 -16.13 20.85
N VAL C 98 32.50 -15.65 22.09
CA VAL C 98 32.01 -16.47 23.20
C VAL C 98 30.48 -16.60 23.13
N GLN C 99 29.78 -15.56 22.68
CA GLN C 99 28.34 -15.68 22.54
C GLN C 99 27.97 -16.68 21.44
N GLN C 100 28.65 -16.62 20.30
CA GLN C 100 28.37 -17.57 19.23
C GLN C 100 28.66 -18.99 19.66
N ARG C 101 29.80 -19.21 20.33
CA ARG C 101 30.13 -20.55 20.76
C ARG C 101 29.21 -21.03 21.88
N ALA C 102 28.72 -20.11 22.72
CA ALA C 102 27.74 -20.50 23.73
C ALA C 102 26.43 -20.91 23.08
N MET C 103 25.99 -20.18 22.06
CA MET C 103 24.79 -20.59 21.34
C MET C 103 24.97 -21.95 20.70
N PHE C 104 26.12 -22.19 20.08
CA PHE C 104 26.36 -23.49 19.46
C PHE C 104 26.39 -24.60 20.49
N ASN C 105 27.06 -24.37 21.62
CA ASN C 105 27.13 -25.38 22.68
C ASN C 105 25.75 -25.67 23.25
N ALA C 106 24.95 -24.63 23.48
CA ALA C 106 23.60 -24.84 24.01
C ALA C 106 22.73 -25.59 23.01
N THR C 107 22.82 -25.25 21.73
CA THR C 107 22.04 -25.95 20.72
C THR C 107 22.44 -27.42 20.66
N SER C 108 23.74 -27.70 20.65
CA SER C 108 24.18 -29.10 20.66
C SER C 108 23.73 -29.80 21.92
N LYS C 109 23.73 -29.10 23.05
CA LYS C 109 23.31 -29.69 24.31
C LYS C 109 21.82 -30.05 24.28
N ILE C 110 20.97 -29.16 23.79
CA ILE C 110 19.55 -29.46 23.75
C ILE C 110 19.27 -30.57 22.72
N ILE C 111 20.03 -30.60 21.63
CA ILE C 111 19.88 -31.70 20.67
C ILE C 111 20.25 -33.02 21.32
N GLU C 112 21.34 -33.04 22.08
CA GLU C 112 21.73 -34.25 22.79
C GLU C 112 20.68 -34.65 23.84
N ILE C 113 20.09 -33.65 24.51
CA ILE C 113 19.06 -33.94 25.49
C ILE C 113 17.85 -34.58 24.84
N GLN C 114 17.41 -34.04 23.71
CA GLN C 114 16.28 -34.64 23.00
C GLN C 114 16.61 -36.03 22.48
N THR C 115 17.84 -36.21 21.99
CA THR C 115 18.24 -37.53 21.52
C THR C 115 18.24 -38.55 22.66
N ASN C 116 18.72 -38.14 23.83
CA ASN C 116 18.67 -39.01 25.00
C ASN C 116 17.23 -39.30 25.40
N ALA C 117 16.34 -38.30 25.30
CA ALA C 117 14.94 -38.52 25.62
C ALA C 117 14.30 -39.53 24.68
N GLU C 118 14.67 -39.50 23.39
CA GLU C 118 14.12 -40.46 22.44
C GLU C 118 14.49 -41.89 22.82
N LEU C 119 15.64 -42.09 23.45
CA LEU C 119 16.07 -43.44 23.80
C LEU C 119 15.18 -44.02 24.91
N PRO C 120 15.04 -45.34 24.95
CA PRO C 120 14.29 -45.94 26.04
C PRO C 120 15.00 -45.73 27.36
N PRO C 121 14.25 -45.66 28.47
CA PRO C 121 14.89 -45.44 29.78
C PRO C 121 15.85 -46.55 30.18
N GLU C 122 15.71 -47.75 29.62
CA GLU C 122 16.61 -48.84 29.96
C GLU C 122 18.06 -48.51 29.56
N LYS C 123 18.24 -47.93 28.38
CA LYS C 123 19.56 -47.62 27.86
C LYS C 123 19.85 -46.13 27.79
N ARG C 124 19.04 -45.30 28.44
CA ARG C 124 19.28 -43.86 28.41
C ARG C 124 20.32 -43.46 29.45
N ASN C 125 21.02 -42.36 29.18
CA ASN C 125 22.00 -41.84 30.11
C ASN C 125 21.32 -41.15 31.29
N LYS C 126 22.04 -41.05 32.41
CA LYS C 126 21.54 -40.39 33.61
C LYS C 126 22.13 -39.01 33.83
N LYS C 127 23.35 -38.77 33.33
CA LYS C 127 23.98 -37.47 33.54
C LYS C 127 23.29 -36.36 32.75
N MET C 128 22.75 -36.67 31.58
CA MET C 128 22.08 -35.67 30.78
C MET C 128 20.83 -35.18 31.49
N PRO C 129 20.51 -33.89 31.39
CA PRO C 129 19.35 -33.35 32.10
C PRO C 129 18.04 -33.80 31.46
N ASP C 130 16.95 -33.42 32.10
CA ASP C 130 15.62 -33.76 31.61
C ASP C 130 15.15 -32.73 30.58
N VAL C 131 14.09 -33.10 29.85
CA VAL C 131 13.61 -32.27 28.76
C VAL C 131 13.07 -30.94 29.27
N GLY C 132 12.45 -30.95 30.44
CA GLY C 132 11.87 -29.73 30.97
C GLY C 132 12.88 -28.64 31.24
N ALA C 133 14.17 -28.98 31.30
CA ALA C 133 15.23 -28.00 31.50
C ALA C 133 15.74 -27.39 30.21
N ILE C 134 15.26 -27.85 29.06
CA ILE C 134 15.76 -27.34 27.78
C ILE C 134 15.56 -25.82 27.65
N PRO C 135 14.42 -25.24 28.01
CA PRO C 135 14.29 -23.78 27.88
C PRO C 135 15.31 -23.00 28.71
N ASP C 136 15.39 -23.28 30.01
CA ASP C 136 16.17 -22.43 30.90
C ASP C 136 17.65 -22.43 30.54
N ILE C 137 18.21 -23.59 30.19
CA ILE C 137 19.62 -23.62 29.81
C ILE C 137 19.87 -22.75 28.59
N MET C 138 18.88 -22.67 27.69
CA MET C 138 19.02 -21.77 26.55
C MET C 138 19.13 -20.32 27.02
N ARG C 139 18.31 -19.94 27.99
CA ARG C 139 18.48 -18.64 28.62
C ARG C 139 19.88 -18.50 29.19
N GLN C 140 20.40 -19.57 29.80
CA GLN C 140 21.74 -19.53 30.36
C GLN C 140 22.77 -19.23 29.29
N ALA C 141 22.51 -19.60 28.04
CA ALA C 141 23.39 -19.24 26.94
C ALA C 141 23.02 -17.91 26.31
N LEU C 142 21.75 -17.50 26.42
CA LEU C 142 21.35 -16.23 25.83
C LEU C 142 21.97 -15.05 26.57
N SER C 143 21.97 -15.09 27.89
CA SER C 143 22.48 -13.98 28.69
C SER C 143 23.91 -14.28 29.14
N ILE C 144 24.80 -14.32 28.15
CA ILE C 144 26.23 -14.40 28.39
C ILE C 144 26.88 -13.18 27.75
N SER C 145 27.55 -12.37 28.56
CA SER C 145 28.13 -11.13 28.08
C SER C 145 29.21 -10.67 29.05
N PHE C 146 30.02 -9.72 28.61
CA PHE C 146 31.08 -9.16 29.43
C PHE C 146 30.65 -7.93 30.21
N ASP C 147 29.38 -7.53 30.08
CA ASP C 147 28.86 -6.39 30.84
C ASP C 147 28.66 -6.83 32.28
N SER C 148 29.65 -6.54 33.13
CA SER C 148 29.56 -6.91 34.52
C SER C 148 28.38 -6.26 35.23
N TYR C 149 27.89 -5.13 34.73
CA TYR C 149 26.74 -4.45 35.28
C TYR C 149 25.57 -4.56 34.31
N VAL C 150 24.51 -5.22 34.74
CA VAL C 150 23.27 -5.26 33.97
C VAL C 150 22.52 -3.94 34.04
N GLY C 151 22.51 -3.29 35.19
CA GLY C 151 21.89 -1.99 35.33
C GLY C 151 22.49 -1.31 36.53
N HIS C 152 21.82 -0.29 37.02
CA HIS C 152 22.28 0.47 38.18
C HIS C 152 21.53 0.01 39.42
N ASP C 153 22.25 -0.64 40.33
CA ASP C 153 21.69 -1.04 41.61
C ASP C 153 21.73 0.14 42.56
N TRP C 154 20.66 0.33 43.33
CA TRP C 154 20.56 1.52 44.17
C TRP C 154 21.52 1.42 45.36
N MET C 155 21.56 0.28 46.03
CA MET C 155 22.37 0.13 47.22
C MET C 155 23.78 -0.37 46.92
N ASP C 156 23.91 -1.29 45.97
CA ASP C 156 25.24 -1.81 45.63
C ASP C 156 26.13 -0.74 45.03
N ASP C 157 25.53 0.29 44.42
CA ASP C 157 26.26 1.36 43.77
C ASP C 157 25.96 2.72 44.38
N TYR C 158 25.97 2.81 45.71
CA TYR C 158 25.96 4.11 46.35
C TYR C 158 27.24 4.87 46.01
N GLU C 159 28.36 4.17 45.98
CA GLU C 159 29.55 4.70 45.33
C GLU C 159 29.39 4.61 43.82
N ALA C 160 30.28 5.33 43.11
CA ALA C 160 30.26 5.51 41.66
C ALA C 160 29.04 6.31 41.20
N ARG C 161 28.15 6.69 42.10
CA ARG C 161 27.10 7.65 41.81
C ARG C 161 27.27 8.95 42.56
N TRP C 162 27.85 8.88 43.77
CA TRP C 162 28.18 10.11 44.48
C TRP C 162 29.23 10.92 43.74
N LEU C 163 30.08 10.26 42.94
CA LEU C 163 31.01 11.00 42.10
C LEU C 163 30.28 11.94 41.16
N SER C 164 29.18 11.48 40.58
CA SER C 164 28.40 12.32 39.68
C SER C 164 27.73 13.48 40.40
N TYR C 165 27.72 13.48 41.73
CA TYR C 165 27.13 14.60 42.47
C TYR C 165 28.16 15.64 42.85
N MET C 166 29.35 15.21 43.30
CA MET C 166 30.41 16.16 43.60
C MET C 166 30.84 16.91 42.34
N ASN C 167 31.38 16.18 41.36
CA ASN C 167 31.61 16.73 40.03
C ASN C 167 30.31 16.58 39.25
N LYS C 168 29.77 17.71 38.78
CA LYS C 168 28.45 17.68 38.16
C LYS C 168 28.41 16.74 36.96
N ALA C 169 29.40 16.87 36.07
CA ALA C 169 29.61 15.93 34.97
C ALA C 169 28.43 15.87 34.00
N ARG C 170 27.40 16.63 34.28
CA ARG C 170 26.25 16.76 33.39
C ARG C 170 25.91 18.21 33.10
N LYS C 171 26.05 19.10 34.08
CA LYS C 171 25.65 20.48 33.92
C LYS C 171 26.61 21.21 33.00
N VAL C 172 26.06 22.16 32.23
CA VAL C 172 26.86 23.08 31.40
C VAL C 172 26.36 24.49 31.69
N PRO C 173 27.21 25.41 32.12
CA PRO C 173 26.75 26.74 32.52
C PRO C 173 26.11 27.49 31.36
N PHE C 174 25.22 28.42 31.71
CA PHE C 174 24.38 29.13 30.75
C PHE C 174 24.93 30.49 30.37
N LYS C 175 25.85 31.06 31.15
CA LYS C 175 26.38 32.41 31.02
C LYS C 175 25.31 33.47 31.25
N LEU C 176 24.08 33.07 31.56
CA LEU C 176 23.03 33.98 31.97
C LEU C 176 22.55 33.57 33.35
N ARG C 177 22.74 34.46 34.33
CA ARG C 177 22.48 34.10 35.71
C ARG C 177 21.03 33.70 35.94
N ILE C 178 20.10 34.31 35.21
CA ILE C 178 18.69 33.95 35.37
C ILE C 178 18.45 32.51 34.89
N LEU C 179 19.05 32.14 33.76
CA LEU C 179 18.87 30.78 33.26
C LEU C 179 19.47 29.75 34.20
N ASN C 180 20.66 30.02 34.74
CA ASN C 180 21.26 29.12 35.71
C ASN C 180 20.40 29.03 36.97
N LYS C 181 19.86 30.16 37.41
CA LYS C 181 19.03 30.17 38.62
C LYS C 181 17.76 29.34 38.42
N ILE C 182 17.14 29.44 37.25
CA ILE C 182 15.95 28.65 36.97
C ILE C 182 16.28 27.25 36.49
N THR C 183 17.56 26.93 36.32
CA THR C 183 17.97 25.62 35.86
C THR C 183 18.85 24.89 36.85
N LYS C 184 19.44 25.59 37.82
CA LYS C 184 20.28 24.98 38.83
C LYS C 184 21.44 24.22 38.21
N GLY C 185 22.30 24.97 37.52
CA GLY C 185 23.50 24.42 36.89
C GLY C 185 23.51 24.46 35.38
N GLY C 186 22.42 24.84 34.72
CA GLY C 186 22.39 24.89 33.26
C GLY C 186 21.89 23.59 32.66
N ALA C 187 21.80 23.61 31.33
CA ALA C 187 21.31 22.44 30.60
C ALA C 187 22.27 21.27 30.77
N GLU C 188 21.70 20.08 30.97
CA GLU C 188 22.47 18.87 31.21
C GLU C 188 22.83 18.19 29.90
N THR C 189 23.95 17.47 29.93
CA THR C 189 24.40 16.76 28.75
C THR C 189 23.45 15.63 28.41
N GLY C 190 23.46 15.22 27.14
CA GLY C 190 22.59 14.16 26.68
C GLY C 190 21.12 14.48 26.84
N THR C 191 20.73 15.73 26.58
CA THR C 191 19.35 16.15 26.71
C THR C 191 18.97 17.08 25.57
N LEU C 192 17.69 17.09 25.27
CA LEU C 192 17.10 17.89 24.20
C LEU C 192 16.34 19.05 24.83
N ASN C 193 16.67 20.26 24.41
CA ASN C 193 16.05 21.48 24.92
C ASN C 193 15.37 22.20 23.78
N VAL C 194 14.24 22.85 24.08
CA VAL C 194 13.41 23.46 23.05
C VAL C 194 13.07 24.88 23.46
N LEU C 195 13.26 25.81 22.52
CA LEU C 195 12.67 27.14 22.60
C LEU C 195 11.46 27.15 21.67
N MET C 196 10.28 27.34 22.23
CA MET C 196 9.05 27.37 21.45
C MET C 196 8.54 28.80 21.36
N ALA C 197 8.26 29.25 20.15
CA ALA C 197 7.76 30.60 19.96
C ALA C 197 7.08 30.67 18.60
N GLY C 198 6.26 31.72 18.43
CA GLY C 198 5.55 31.92 17.19
C GLY C 198 6.46 32.40 16.07
N VAL C 199 5.84 32.73 14.94
CA VAL C 199 6.59 33.16 13.77
C VAL C 199 7.20 34.54 14.03
N ASN C 200 8.50 34.66 13.76
CA ASN C 200 9.21 35.93 13.87
C ASN C 200 9.13 36.49 15.29
N VAL C 201 9.23 35.61 16.28
CA VAL C 201 9.26 36.05 17.67
C VAL C 201 10.65 36.00 18.26
N GLY C 202 11.55 35.20 17.68
CA GLY C 202 12.91 35.15 18.17
C GLY C 202 13.42 33.77 18.55
N LYS C 203 12.88 32.72 17.92
CA LYS C 203 13.43 31.38 18.15
C LYS C 203 14.89 31.31 17.75
N SER C 204 15.20 31.71 16.52
CA SER C 204 16.59 31.67 16.06
C SER C 204 17.41 32.75 16.74
N LEU C 205 16.79 33.87 17.13
CA LEU C 205 17.50 34.86 17.91
C LEU C 205 17.96 34.27 19.24
N GLY C 206 17.08 33.56 19.93
CA GLY C 206 17.45 32.94 21.18
C GLY C 206 18.47 31.83 21.00
N LEU C 207 18.33 31.04 19.94
CA LEU C 207 19.29 29.98 19.68
C LEU C 207 20.67 30.56 19.39
N CYS C 208 20.73 31.65 18.62
CA CYS C 208 22.01 32.31 18.37
C CYS C 208 22.60 32.90 19.64
N SER C 209 21.74 33.49 20.49
CA SER C 209 22.23 34.02 21.75
C SER C 209 22.85 32.92 22.61
N LEU C 210 22.16 31.78 22.71
CA LEU C 210 22.69 30.68 23.50
C LEU C 210 23.96 30.11 22.88
N ALA C 211 24.01 30.03 21.55
CA ALA C 211 25.20 29.53 20.88
C ALA C 211 26.39 30.45 21.12
N ALA C 212 26.16 31.76 21.05
CA ALA C 212 27.24 32.71 21.33
C ALA C 212 27.68 32.64 22.78
N ASP C 213 26.73 32.51 23.71
CA ASP C 213 27.08 32.41 25.12
C ASP C 213 27.92 31.17 25.38
N TYR C 214 27.55 30.04 24.77
CA TYR C 214 28.35 28.84 24.92
C TYR C 214 29.72 28.99 24.26
N LEU C 215 29.78 29.70 23.13
CA LEU C 215 31.04 29.92 22.45
C LEU C 215 31.99 30.73 23.34
N GLN C 216 31.46 31.74 24.03
CA GLN C 216 32.26 32.48 24.99
C GLN C 216 32.73 31.61 26.14
N LEU C 217 32.00 30.55 26.47
CA LEU C 217 32.41 29.62 27.52
C LEU C 217 33.16 28.42 26.94
N GLY C 218 34.10 28.69 26.05
CA GLY C 218 35.02 27.65 25.57
C GLY C 218 34.36 26.37 25.15
N HIS C 219 33.18 26.44 24.54
CA HIS C 219 32.42 25.26 24.16
C HIS C 219 32.34 25.15 22.64
N ASN C 220 32.46 23.93 22.15
CA ASN C 220 32.26 23.63 20.74
C ASN C 220 30.77 23.70 20.45
N VAL C 221 30.36 24.62 19.59
CA VAL C 221 28.95 24.81 19.25
C VAL C 221 28.78 24.52 17.77
N LEU C 222 27.91 23.56 17.46
CA LEU C 222 27.57 23.23 16.08
C LEU C 222 26.16 23.72 15.81
N TYR C 223 26.04 24.75 14.98
CA TYR C 223 24.77 25.39 14.69
C TYR C 223 24.26 24.82 13.36
N ILE C 224 23.55 23.71 13.43
CA ILE C 224 22.95 23.09 12.25
C ILE C 224 21.66 23.84 11.98
N SER C 225 21.63 24.59 10.89
CA SER C 225 20.46 25.36 10.52
C SER C 225 19.82 24.81 9.25
N MET C 226 18.51 24.60 9.30
CA MET C 226 17.75 24.17 8.15
C MET C 226 17.04 25.29 7.43
N GLN C 227 16.64 26.34 8.13
CA GLN C 227 15.87 27.42 7.54
C GLN C 227 16.73 28.54 6.99
N MET C 228 17.65 29.07 7.78
CA MET C 228 18.48 30.18 7.35
C MET C 228 19.76 29.67 6.69
N ALA C 229 20.37 30.55 5.90
CA ALA C 229 21.63 30.24 5.25
C ALA C 229 22.79 30.51 6.20
N GLU C 230 23.90 29.81 5.94
CA GLU C 230 25.09 29.89 6.79
C GLU C 230 25.49 31.34 7.04
N GLU C 231 25.53 32.15 5.99
CA GLU C 231 25.93 33.54 6.14
C GLU C 231 24.98 34.28 7.07
N VAL C 232 23.68 34.00 6.97
CA VAL C 232 22.70 34.72 7.79
C VAL C 232 22.89 34.39 9.27
N CYS C 233 23.05 33.10 9.59
CA CYS C 233 23.29 32.70 10.97
C CYS C 233 24.60 33.28 11.48
N ALA C 234 25.64 33.25 10.65
CA ALA C 234 26.92 33.83 11.04
C ALA C 234 26.78 35.31 11.33
N LYS C 235 25.97 36.02 10.53
CA LYS C 235 25.74 37.43 10.77
C LYS C 235 24.99 37.66 12.07
N ARG C 236 24.00 36.81 12.35
CA ARG C 236 23.20 36.95 13.56
C ARG C 236 24.06 36.67 14.79
N ILE C 237 25.10 35.86 14.62
CA ILE C 237 26.07 35.59 15.68
C ILE C 237 27.00 36.78 15.85
N ASP C 238 27.51 37.30 14.74
CA ASP C 238 28.44 38.43 14.75
C ASP C 238 27.79 39.65 15.37
N ALA C 239 26.48 39.79 15.18
CA ALA C 239 25.76 40.89 15.83
C ALA C 239 25.86 40.79 17.36
N ASN C 240 26.07 39.57 17.87
CA ASN C 240 26.17 39.39 19.31
C ASN C 240 27.61 39.45 19.79
N MET C 241 28.50 38.69 19.14
CA MET C 241 29.89 38.63 19.55
C MET C 241 30.64 39.94 19.36
N LEU C 242 30.34 40.68 18.30
CA LEU C 242 31.08 41.89 17.98
C LEU C 242 30.40 43.17 18.47
N ASP C 243 29.25 43.06 19.12
CA ASP C 243 28.58 44.19 19.76
C ASP C 243 28.27 45.30 18.76
N VAL C 244 28.05 44.91 17.50
CA VAL C 244 27.68 45.85 16.45
C VAL C 244 26.30 45.47 15.94
N SER C 245 25.41 46.45 15.87
CA SER C 245 24.03 46.18 15.45
C SER C 245 24.01 45.67 14.02
N LEU C 246 22.95 44.91 13.71
CA LEU C 246 22.76 44.41 12.35
C LEU C 246 22.62 45.56 11.36
N ASP C 247 21.92 46.63 11.77
CA ASP C 247 21.85 47.82 10.93
C ASP C 247 23.23 48.38 10.65
N ASP C 248 24.10 48.37 11.66
CA ASP C 248 25.47 48.85 11.46
C ASP C 248 26.22 47.95 10.48
N ILE C 249 25.76 46.71 10.30
CA ILE C 249 26.41 45.83 9.35
C ILE C 249 25.87 46.05 7.94
N ASP C 250 24.55 46.09 7.79
CA ASP C 250 23.92 46.23 6.48
C ASP C 250 24.00 47.65 5.93
N ASP C 251 24.36 48.63 6.76
CA ASP C 251 24.58 49.99 6.29
C ASP C 251 26.05 50.33 6.14
N GLY C 252 26.95 49.35 6.26
CA GLY C 252 28.37 49.61 6.16
C GLY C 252 28.89 50.60 7.17
N HIS C 253 28.35 50.58 8.39
CA HIS C 253 28.74 51.52 9.43
C HIS C 253 29.90 51.03 10.28
N ILE C 254 30.46 49.87 9.96
CA ILE C 254 31.65 49.36 10.64
C ILE C 254 32.77 49.26 9.63
N SER C 255 33.91 49.88 9.94
CA SER C 255 35.08 49.77 9.10
C SER C 255 35.67 48.37 9.20
N TYR C 256 36.24 47.89 8.09
CA TYR C 256 36.83 46.56 8.08
C TYR C 256 37.94 46.43 9.10
N ALA C 257 38.64 47.53 9.39
CA ALA C 257 39.64 47.50 10.46
C ALA C 257 39.00 47.17 11.79
N GLU C 258 37.84 47.76 12.08
CA GLU C 258 37.13 47.46 13.33
C GLU C 258 36.73 46.00 13.39
N TYR C 259 36.20 45.47 12.29
CA TYR C 259 35.77 44.08 12.25
C TYR C 259 36.94 43.14 12.50
N LYS C 260 38.05 43.36 11.79
CA LYS C 260 39.21 42.49 11.96
C LYS C 260 39.79 42.62 13.36
N GLY C 261 39.82 43.84 13.90
CA GLY C 261 40.34 44.02 15.24
C GLY C 261 39.51 43.30 16.28
N LYS C 262 38.18 43.42 16.20
CA LYS C 262 37.32 42.72 17.15
C LYS C 262 37.43 41.21 16.99
N MET C 263 37.48 40.72 15.75
CA MET C 263 37.60 39.28 15.53
C MET C 263 38.90 38.74 16.09
N GLU C 264 40.01 39.46 15.87
CA GLU C 264 41.29 38.98 16.40
C GLU C 264 41.37 39.15 17.91
N LYS C 265 40.70 40.16 18.47
CA LYS C 265 40.62 40.28 19.91
C LYS C 265 39.90 39.09 20.52
N TRP C 266 38.81 38.66 19.89
CA TRP C 266 38.14 37.44 20.34
C TRP C 266 39.03 36.22 20.15
N ARG C 267 39.77 36.16 19.04
CA ARG C 267 40.61 35.00 18.78
C ARG C 267 41.73 34.87 19.79
N GLU C 268 42.33 35.99 20.20
CA GLU C 268 43.44 35.94 21.14
C GLU C 268 43.03 35.38 22.50
N LYS C 269 41.74 35.45 22.83
CA LYS C 269 41.25 34.84 24.05
C LYS C 269 41.46 33.33 24.02
N SER C 270 41.95 32.78 25.12
CA SER C 270 42.05 31.34 25.26
C SER C 270 40.74 30.71 25.73
N THR C 271 39.76 31.52 26.08
CA THR C 271 38.46 31.04 26.54
C THR C 271 37.42 31.12 25.42
N LEU C 272 37.85 30.93 24.19
CA LEU C 272 36.97 30.95 23.03
C LEU C 272 37.00 29.60 22.32
N GLY C 273 35.83 29.03 22.10
CA GLY C 273 35.69 27.76 21.45
C GLY C 273 35.58 27.90 19.95
N ARG C 274 34.87 26.97 19.33
CA ARG C 274 34.64 26.96 17.90
C ARG C 274 33.14 26.90 17.62
N LEU C 275 32.69 27.70 16.66
CA LEU C 275 31.29 27.71 16.25
C LEU C 275 31.23 27.32 14.77
N ILE C 276 30.58 26.19 14.49
CA ILE C 276 30.42 25.71 13.12
C ILE C 276 28.94 25.83 12.78
N VAL C 277 28.63 26.54 11.71
CA VAL C 277 27.26 26.72 11.24
C VAL C 277 27.09 25.93 9.96
N LYS C 278 26.16 25.00 9.95
CA LYS C 278 25.91 24.12 8.83
C LYS C 278 24.49 24.33 8.32
N GLN C 279 24.34 24.35 7.00
CA GLN C 279 23.05 24.55 6.36
C GLN C 279 22.58 23.28 5.67
N TYR C 280 21.32 22.94 5.86
CA TYR C 280 20.69 21.83 5.17
C TYR C 280 19.39 22.30 4.54
N PRO C 281 18.96 21.66 3.45
CA PRO C 281 17.68 22.03 2.84
C PRO C 281 16.53 21.85 3.81
N THR C 282 15.56 22.75 3.73
CA THR C 282 14.39 22.68 4.59
C THR C 282 13.65 21.37 4.37
N GLY C 283 13.59 20.54 5.41
CA GLY C 283 12.99 19.22 5.29
C GLY C 283 13.88 18.18 4.66
N GLY C 284 15.19 18.40 4.65
CA GLY C 284 16.11 17.45 4.05
C GLY C 284 17.15 16.91 5.01
N ALA C 285 16.90 17.03 6.31
CA ALA C 285 17.84 16.56 7.31
C ALA C 285 17.11 15.71 8.35
N ASP C 286 17.72 14.59 8.72
CA ASP C 286 17.17 13.72 9.75
C ASP C 286 18.23 13.38 10.78
N ALA C 287 17.95 12.42 11.65
CA ALA C 287 18.91 12.03 12.68
C ALA C 287 20.18 11.47 12.07
N ASN C 288 20.05 10.61 11.05
CA ASN C 288 21.23 10.03 10.42
C ASN C 288 22.04 11.08 9.66
N THR C 289 21.38 12.10 9.09
CA THR C 289 22.13 13.19 8.49
C THR C 289 22.96 13.92 9.53
N PHE C 290 22.40 14.16 10.70
CA PHE C 290 23.16 14.79 11.77
C PHE C 290 24.30 13.90 12.24
N ARG C 291 24.08 12.59 12.28
CA ARG C 291 25.13 11.67 12.67
C ARG C 291 26.28 11.70 11.67
N SER C 292 25.96 11.71 10.38
CA SER C 292 27.00 11.82 9.36
C SER C 292 27.73 13.14 9.46
N LEU C 293 26.99 14.23 9.73
CA LEU C 293 27.62 15.53 9.92
C LEU C 293 28.59 15.51 11.10
N LEU C 294 28.19 14.89 12.21
CA LEU C 294 29.08 14.79 13.36
C LEU C 294 30.30 13.96 13.04
N ASN C 295 30.13 12.86 12.30
CA ASN C 295 31.27 12.04 11.93
C ASN C 295 32.25 12.83 11.05
N GLU C 296 31.73 13.56 10.08
CA GLU C 296 32.61 14.30 9.18
C GLU C 296 33.25 15.50 9.90
N LEU C 297 32.56 16.10 10.86
CA LEU C 297 33.16 17.18 11.62
C LEU C 297 34.21 16.67 12.58
N LYS C 298 34.07 15.43 13.03
CA LYS C 298 35.11 14.84 13.87
C LYS C 298 36.32 14.42 13.05
N LEU C 299 36.10 13.96 11.81
CA LEU C 299 37.21 13.46 11.01
C LEU C 299 37.94 14.58 10.28
N LYS C 300 37.23 15.37 9.48
CA LYS C 300 37.86 16.41 8.67
C LYS C 300 38.54 17.49 9.50
N LYS C 301 38.18 17.63 10.77
CA LYS C 301 38.83 18.60 11.64
C LYS C 301 38.69 18.12 13.08
N ASN C 302 39.62 18.59 13.92
CA ASN C 302 39.59 18.24 15.34
C ASN C 302 38.48 19.02 16.03
N PHE C 303 37.25 18.67 15.68
CA PHE C 303 36.06 19.37 16.15
C PHE C 303 35.03 18.34 16.60
N VAL C 304 34.95 18.13 17.92
CA VAL C 304 33.90 17.31 18.51
C VAL C 304 32.98 18.25 19.28
N PRO C 305 31.72 18.37 18.89
CA PRO C 305 30.85 19.36 19.54
C PRO C 305 30.49 18.97 20.96
N THR C 306 30.33 19.99 21.80
CA THR C 306 29.73 19.82 23.11
C THR C 306 28.34 20.41 23.20
N ILE C 307 27.96 21.25 22.24
CA ILE C 307 26.61 21.81 22.12
C ILE C 307 26.19 21.71 20.67
N ILE C 308 24.97 21.25 20.43
CA ILE C 308 24.41 21.17 19.09
C ILE C 308 23.12 21.98 19.08
N ILE C 309 23.07 23.01 18.24
CA ILE C 309 21.92 23.88 18.13
C ILE C 309 21.30 23.60 16.77
N VAL C 310 20.17 22.90 16.75
CA VAL C 310 19.38 22.72 15.54
C VAL C 310 18.43 23.90 15.42
N ASP C 311 18.40 24.53 14.25
CA ASP C 311 17.64 25.78 14.10
C ASP C 311 16.15 25.54 14.33
N TYR C 312 15.62 24.45 13.80
CA TYR C 312 14.19 24.17 13.92
C TYR C 312 14.00 22.67 13.70
N LEU C 313 13.46 21.98 14.70
CA LEU C 313 13.26 20.54 14.60
C LEU C 313 12.07 20.20 13.71
N GLY C 314 11.04 21.05 13.68
CA GLY C 314 9.86 20.79 12.87
C GLY C 314 10.14 20.70 11.39
N ILE C 315 11.13 21.43 10.91
CA ILE C 315 11.49 21.40 9.50
C ILE C 315 12.57 20.35 9.22
N CYS C 316 12.81 19.45 10.18
CA CYS C 316 13.62 18.27 9.94
C CYS C 316 12.68 17.14 9.48
N LYS C 317 13.25 15.97 9.24
CA LYS C 317 12.48 14.80 8.85
C LYS C 317 12.83 13.63 9.75
N SER C 318 11.87 12.71 9.89
CA SER C 318 12.09 11.52 10.70
C SER C 318 13.03 10.56 9.99
N CYS C 319 13.92 9.94 10.75
CA CYS C 319 14.88 8.99 10.21
C CYS C 319 14.30 7.59 10.06
N ARG C 320 13.14 7.33 10.65
CA ARG C 320 12.46 6.05 10.51
C ARG C 320 11.20 6.15 9.69
N ILE C 321 10.32 7.10 10.00
CA ILE C 321 9.10 7.29 9.25
C ILE C 321 9.45 7.78 7.84
N ARG C 322 8.84 7.17 6.83
CA ARG C 322 8.95 7.70 5.49
C ARG C 322 8.28 9.06 5.40
N VAL C 323 8.82 9.92 4.54
CA VAL C 323 8.47 11.33 4.56
C VAL C 323 6.98 11.51 4.32
N TYR C 324 6.33 12.26 5.23
CA TYR C 324 4.91 12.60 5.14
C TYR C 324 4.02 11.37 5.10
N SER C 325 4.49 10.23 5.60
CA SER C 325 3.65 9.05 5.71
C SER C 325 2.67 9.16 6.88
N GLU C 326 3.11 9.73 7.99
CA GLU C 326 2.29 9.91 9.17
C GLU C 326 1.93 11.38 9.31
N ASN C 327 0.99 11.67 10.20
CA ASN C 327 0.53 13.02 10.41
C ASN C 327 1.57 13.81 11.22
N SER C 328 1.20 15.05 11.57
CA SER C 328 2.14 15.92 12.27
C SER C 328 2.57 15.33 13.61
N TYR C 329 1.61 14.79 14.37
CA TYR C 329 1.91 14.30 15.72
C TYR C 329 2.96 13.21 15.68
N THR C 330 2.70 12.14 14.92
CA THR C 330 3.61 11.00 14.91
C THR C 330 4.96 11.38 14.33
N THR C 331 4.97 12.11 13.22
CA THR C 331 6.24 12.46 12.56
C THR C 331 7.09 13.34 13.46
N VAL C 332 6.50 14.38 14.04
CA VAL C 332 7.27 15.31 14.87
C VAL C 332 7.72 14.63 16.16
N LYS C 333 6.87 13.76 16.74
CA LYS C 333 7.32 13.02 17.92
C LYS C 333 8.49 12.12 17.59
N ALA C 334 8.46 11.45 16.43
CA ALA C 334 9.58 10.62 16.03
C ALA C 334 10.83 11.44 15.82
N ILE C 335 10.69 12.63 15.22
CA ILE C 335 11.84 13.51 15.03
C ILE C 335 12.43 13.92 16.37
N ALA C 336 11.57 14.29 17.32
CA ALA C 336 12.06 14.68 18.64
C ALA C 336 12.76 13.52 19.34
N GLU C 337 12.21 12.31 19.23
CA GLU C 337 12.82 11.16 19.86
C GLU C 337 14.18 10.84 19.23
N GLU C 338 14.27 10.96 17.90
CA GLU C 338 15.54 10.72 17.23
C GLU C 338 16.58 11.77 17.63
N LEU C 339 16.16 13.03 17.73
CA LEU C 339 17.09 14.07 18.15
C LEU C 339 17.56 13.85 19.58
N ARG C 340 16.66 13.44 20.47
CA ARG C 340 17.07 13.18 21.84
C ARG C 340 17.99 11.97 21.90
N ALA C 341 17.75 10.96 21.06
CA ALA C 341 18.66 9.83 20.99
C ALA C 341 20.04 10.27 20.53
N LEU C 342 20.10 11.16 19.54
CA LEU C 342 21.39 11.71 19.12
C LEU C 342 22.07 12.44 20.27
N ALA C 343 21.28 13.23 21.02
CA ALA C 343 21.84 13.98 22.15
C ALA C 343 22.42 13.04 23.20
N VAL C 344 21.68 11.98 23.54
CA VAL C 344 22.17 11.07 24.58
C VAL C 344 23.37 10.27 24.07
N GLU C 345 23.41 9.99 22.77
CA GLU C 345 24.56 9.26 22.23
C GLU C 345 25.81 10.12 22.24
N THR C 346 25.69 11.38 21.83
CA THR C 346 26.84 12.27 21.81
C THR C 346 27.13 12.90 23.16
N GLU C 347 26.25 12.74 24.15
CA GLU C 347 26.38 13.37 25.45
C GLU C 347 26.53 14.89 25.31
N THR C 348 25.76 15.45 24.37
CA THR C 348 25.81 16.87 24.07
C THR C 348 24.42 17.48 24.22
N VAL C 349 24.39 18.68 24.78
CA VAL C 349 23.16 19.45 24.92
C VAL C 349 22.67 19.80 23.52
N LEU C 350 21.46 19.37 23.18
CA LEU C 350 20.90 19.60 21.85
C LEU C 350 19.77 20.61 21.98
N TRP C 351 20.09 21.88 21.78
CA TRP C 351 19.09 22.93 21.72
C TRP C 351 18.40 22.91 20.37
N THR C 352 17.14 23.34 20.35
CA THR C 352 16.40 23.47 19.11
C THR C 352 15.23 24.41 19.36
N ALA C 353 14.38 24.55 18.35
CA ALA C 353 13.27 25.48 18.40
C ALA C 353 12.03 24.83 17.82
N ALA C 354 10.88 25.39 18.18
CA ALA C 354 9.59 24.89 17.73
C ALA C 354 8.62 26.05 17.58
N GLN C 355 7.67 25.89 16.67
CA GLN C 355 6.62 26.87 16.49
C GLN C 355 5.46 26.57 17.43
N VAL C 356 4.64 27.58 17.65
CA VAL C 356 3.45 27.43 18.46
C VAL C 356 2.24 27.44 17.53
N GLY C 357 1.07 27.12 18.09
CA GLY C 357 -0.13 27.10 17.29
C GLY C 357 -0.51 28.48 16.79
N LYS C 358 -1.33 28.48 15.74
CA LYS C 358 -1.73 29.74 15.12
C LYS C 358 -2.48 30.63 16.10
N GLN C 359 -3.08 30.05 17.13
CA GLN C 359 -3.88 30.80 18.08
C GLN C 359 -3.04 31.64 19.04
N ALA C 360 -1.77 31.30 19.23
CA ALA C 360 -0.94 31.94 20.25
C ALA C 360 -0.02 33.02 19.69
N TRP C 361 -0.08 33.28 18.38
CA TRP C 361 0.85 34.25 17.78
C TRP C 361 0.59 35.67 18.24
N ASP C 362 -0.60 35.97 18.75
CA ASP C 362 -0.92 37.28 19.30
C ASP C 362 -1.47 37.13 20.71
N SER C 363 -0.86 36.24 21.49
CA SER C 363 -1.30 35.94 22.84
C SER C 363 -0.25 36.41 23.84
N SER C 364 -0.68 37.22 24.81
CA SER C 364 0.20 37.68 25.86
C SER C 364 0.74 36.55 26.74
N ASP C 365 0.06 35.40 26.74
CA ASP C 365 0.50 34.23 27.48
C ASP C 365 0.46 33.02 26.56
N VAL C 366 1.50 32.17 26.65
CA VAL C 366 1.60 30.97 25.84
C VAL C 366 1.62 29.77 26.76
N ASN C 367 0.70 28.84 26.54
CA ASN C 367 0.61 27.62 27.33
C ASN C 367 1.25 26.46 26.56
N MET C 368 1.54 25.39 27.30
CA MET C 368 2.12 24.20 26.66
C MET C 368 1.17 23.60 25.64
N SER C 369 -0.14 23.77 25.83
CA SER C 369 -1.12 23.25 24.90
C SER C 369 -1.08 23.93 23.54
N ASP C 370 -0.35 25.04 23.40
CA ASP C 370 -0.23 25.74 22.14
C ASP C 370 0.96 25.26 21.30
N ILE C 371 1.65 24.20 21.73
CA ILE C 371 2.75 23.68 20.93
C ILE C 371 2.24 23.26 19.57
N ALA C 372 2.88 23.75 18.52
CA ALA C 372 2.51 23.33 17.18
C ALA C 372 3.08 21.95 16.89
N GLU C 373 2.62 21.36 15.79
CA GLU C 373 3.06 20.03 15.36
C GLU C 373 2.69 19.05 16.46
N SER C 374 3.58 18.16 16.89
CA SER C 374 3.21 17.10 17.82
C SER C 374 3.03 17.64 19.24
N ALA C 375 2.18 16.95 19.99
CA ALA C 375 2.12 17.11 21.44
C ALA C 375 3.11 16.21 22.16
N GLY C 376 3.77 15.30 21.43
CA GLY C 376 4.82 14.50 22.02
C GLY C 376 6.16 15.20 22.09
N LEU C 377 6.27 16.38 21.48
CA LEU C 377 7.50 17.16 21.61
C LEU C 377 7.75 17.58 23.05
N PRO C 378 6.79 18.14 23.80
CA PRO C 378 7.03 18.34 25.23
C PRO C 378 7.31 17.05 25.97
N ALA C 379 6.71 15.94 25.53
CA ALA C 379 6.95 14.66 26.20
C ALA C 379 8.42 14.24 26.06
N THR C 380 9.01 14.44 24.88
CA THR C 380 10.37 13.99 24.65
C THR C 380 11.41 15.06 24.97
N ALA C 381 10.99 16.33 25.05
CA ALA C 381 11.93 17.39 25.38
C ALA C 381 12.31 17.32 26.85
N ASP C 382 13.46 17.90 27.17
CA ASP C 382 13.96 17.89 28.54
C ASP C 382 13.90 19.25 29.22
N PHE C 383 13.80 20.33 28.46
CA PHE C 383 13.71 21.67 29.03
C PHE C 383 13.14 22.60 27.98
N MET C 384 11.95 23.15 28.24
CA MET C 384 11.22 23.91 27.24
C MET C 384 10.97 25.33 27.73
N LEU C 385 11.33 26.30 26.91
CA LEU C 385 11.10 27.70 27.21
C LEU C 385 10.25 28.33 26.12
N ALA C 386 9.16 28.99 26.51
CA ALA C 386 8.26 29.66 25.58
C ALA C 386 8.67 31.13 25.50
N VAL C 387 8.94 31.58 24.28
CA VAL C 387 9.34 32.96 24.02
C VAL C 387 8.10 33.73 23.59
N ILE C 388 7.74 34.76 24.36
CA ILE C 388 6.51 35.51 24.15
C ILE C 388 6.88 36.99 23.99
N GLU C 389 6.33 37.63 22.97
CA GLU C 389 6.57 39.04 22.73
C GLU C 389 5.24 39.75 22.51
N THR C 390 5.08 40.90 23.14
CA THR C 390 3.89 41.74 23.01
C THR C 390 4.30 43.16 22.69
N GLU C 391 3.31 43.98 22.32
CA GLU C 391 3.58 45.38 22.02
C GLU C 391 4.16 46.11 23.23
N GLU C 392 3.60 45.86 24.41
CA GLU C 392 4.14 46.47 25.61
C GLU C 392 5.56 46.01 25.87
N LEU C 393 5.82 44.71 25.72
CA LEU C 393 7.17 44.20 25.89
C LEU C 393 8.12 44.77 24.84
N ALA C 394 7.65 44.87 23.59
CA ALA C 394 8.47 45.43 22.53
C ALA C 394 8.81 46.90 22.79
N ALA C 395 7.89 47.63 23.44
CA ALA C 395 8.13 49.03 23.72
C ALA C 395 9.34 49.28 24.60
N ALA C 396 9.76 48.28 25.39
CA ALA C 396 10.95 48.40 26.21
C ALA C 396 12.04 47.41 25.82
N GLU C 397 11.88 46.75 24.67
CA GLU C 397 12.86 45.77 24.17
C GLU C 397 13.06 44.64 25.19
N GLN C 398 11.97 43.94 25.48
CA GLN C 398 11.98 42.81 26.40
C GLN C 398 11.04 41.73 25.89
N GLN C 399 11.23 40.53 26.40
CA GLN C 399 10.37 39.39 26.08
C GLN C 399 9.85 38.78 27.38
N LEU C 400 9.14 37.66 27.25
CA LEU C 400 8.50 36.99 28.36
C LEU C 400 8.78 35.48 28.32
N ILE C 401 10.05 35.13 28.17
CA ILE C 401 10.46 33.73 28.17
C ILE C 401 9.98 33.08 29.47
N LYS C 402 9.23 31.99 29.37
CA LYS C 402 8.60 31.35 30.51
C LYS C 402 8.82 29.84 30.43
N GLN C 403 8.98 29.21 31.58
CA GLN C 403 9.33 27.79 31.64
C GLN C 403 8.09 26.96 31.38
N ILE C 404 8.03 26.30 30.23
CA ILE C 404 6.89 25.45 29.88
C ILE C 404 7.10 24.03 30.41
N LYS C 405 8.28 23.48 30.21
CA LYS C 405 8.64 22.19 30.77
C LYS C 405 10.05 22.28 31.34
N SER C 406 10.31 21.52 32.40
CA SER C 406 11.64 21.52 33.01
C SER C 406 11.88 20.19 33.69
N ARG C 407 12.87 19.45 33.22
CA ARG C 407 13.39 18.31 33.95
C ARG C 407 14.58 18.67 34.83
N TYR C 408 14.88 19.96 34.96
CA TYR C 408 16.04 20.41 35.72
C TYR C 408 15.66 21.08 37.04
N GLY C 409 14.44 21.58 37.17
CA GLY C 409 14.02 22.20 38.40
C GLY C 409 12.52 22.40 38.39
N ASP C 410 12.00 22.75 39.56
CA ASP C 410 10.58 23.06 39.71
C ASP C 410 10.23 24.24 38.81
N LYS C 411 9.40 23.99 37.79
CA LYS C 411 9.08 25.02 36.82
C LYS C 411 8.30 26.18 37.43
N ASN C 412 7.72 26.01 38.61
CA ASN C 412 6.90 27.04 39.22
C ASN C 412 7.69 28.04 40.06
N LYS C 413 8.95 27.75 40.39
CA LYS C 413 9.71 28.66 41.22
C LYS C 413 9.91 30.01 40.54
N TRP C 414 10.33 30.01 39.28
CA TRP C 414 10.41 31.21 38.46
C TRP C 414 9.78 30.87 37.12
N ASN C 415 8.45 30.95 37.07
CA ASN C 415 7.72 30.53 35.87
C ASN C 415 7.97 31.48 34.71
N LYS C 416 7.60 32.74 34.87
CA LYS C 416 7.79 33.76 33.84
C LYS C 416 8.81 34.76 34.31
N PHE C 417 9.75 35.13 33.44
CA PHE C 417 10.75 36.14 33.77
C PHE C 417 11.01 36.99 32.53
N LEU C 418 10.96 38.31 32.72
CA LEU C 418 11.27 39.22 31.63
C LEU C 418 12.74 39.10 31.23
N MET C 419 12.99 39.07 29.93
CA MET C 419 14.34 38.93 29.38
C MET C 419 14.51 39.96 28.29
N GLY C 420 15.34 40.98 28.53
CA GLY C 420 15.52 42.02 27.55
C GLY C 420 16.17 41.46 26.30
N VAL C 421 15.69 41.89 25.14
CA VAL C 421 16.18 41.38 23.87
C VAL C 421 16.60 42.56 23.00
N GLN C 422 17.89 42.64 22.70
CA GLN C 422 18.41 43.64 21.77
C GLN C 422 18.40 43.02 20.38
N LYS C 423 17.31 43.23 19.65
CA LYS C 423 17.15 42.64 18.33
C LYS C 423 18.19 43.16 17.35
N GLY C 424 18.53 44.45 17.44
CA GLY C 424 19.58 44.99 16.58
C GLY C 424 20.89 44.26 16.77
N ASN C 425 21.24 43.95 18.01
CA ASN C 425 22.42 43.16 18.30
C ASN C 425 22.11 41.67 18.39
N GLN C 426 20.83 41.29 18.32
CA GLN C 426 20.42 39.89 18.44
C GLN C 426 21.00 39.26 19.71
N LYS C 427 20.76 39.90 20.84
CA LYS C 427 21.37 39.47 22.09
C LYS C 427 20.32 39.43 23.20
N TRP C 428 20.55 38.55 24.16
CA TRP C 428 19.72 38.42 25.36
C TRP C 428 20.43 39.08 26.52
N VAL C 429 19.73 39.93 27.25
CA VAL C 429 20.23 40.57 28.45
C VAL C 429 19.24 40.32 29.58
N GLU C 430 19.77 40.28 30.80
CA GLU C 430 18.97 40.02 31.98
C GLU C 430 18.71 41.32 32.72
N ILE C 431 17.48 41.49 33.20
CA ILE C 431 17.11 42.71 33.90
C ILE C 431 17.66 42.66 35.32
N GLU C 432 18.52 43.61 35.65
CA GLU C 432 19.14 43.67 36.97
C GLU C 432 19.03 45.07 37.56
N MET D 1 4.82 -43.58 12.89
CA MET D 1 3.50 -44.17 13.13
C MET D 1 2.41 -43.29 12.54
N VAL D 2 2.79 -42.44 11.58
CA VAL D 2 1.85 -41.51 10.99
C VAL D 2 0.70 -42.26 10.30
N GLU D 3 1.02 -43.39 9.67
CA GLU D 3 -0.02 -44.18 9.02
C GLU D 3 -1.06 -44.65 10.03
N ILE D 4 -0.60 -45.14 11.18
CA ILE D 4 -1.52 -45.57 12.23
C ILE D 4 -2.35 -44.38 12.72
N ILE D 5 -1.71 -43.23 12.91
CA ILE D 5 -2.41 -42.06 13.41
C ILE D 5 -3.53 -41.66 12.47
N LEU D 6 -3.23 -41.62 11.16
CA LEU D 6 -4.26 -41.26 10.18
C LEU D 6 -5.35 -42.33 10.12
N SER D 7 -4.95 -43.61 10.16
CA SER D 7 -5.93 -44.69 10.08
C SER D 7 -6.93 -44.61 11.21
N HIS D 8 -6.46 -44.32 12.42
CA HIS D 8 -7.38 -44.15 13.54
C HIS D 8 -8.02 -42.77 13.58
N LEU D 9 -7.47 -41.80 12.84
CA LEU D 9 -8.18 -40.54 12.66
C LEU D 9 -9.42 -40.74 11.81
N ILE D 10 -9.37 -41.67 10.85
CA ILE D 10 -10.49 -41.85 9.94
C ILE D 10 -11.46 -42.90 10.46
N PHE D 11 -10.96 -44.10 10.77
CA PHE D 11 -11.81 -45.25 11.10
C PHE D 11 -12.13 -45.35 12.58
N ASP D 12 -12.07 -44.24 13.32
CA ASP D 12 -12.32 -44.30 14.76
C ASP D 12 -12.84 -42.94 15.20
N GLN D 13 -14.08 -42.93 15.71
CA GLN D 13 -14.64 -41.70 16.24
C GLN D 13 -14.05 -41.37 17.61
N ALA D 14 -13.85 -42.38 18.45
CA ALA D 14 -13.33 -42.13 19.79
C ALA D 14 -11.92 -41.54 19.75
N TYR D 15 -11.03 -42.13 18.96
CA TYR D 15 -9.67 -41.63 18.85
C TYR D 15 -9.65 -40.22 18.28
N PHE D 16 -10.45 -39.99 17.23
CA PHE D 16 -10.48 -38.68 16.60
C PHE D 16 -10.97 -37.61 17.57
N SER D 17 -12.09 -37.88 18.24
CA SER D 17 -12.73 -36.88 19.09
C SER D 17 -11.78 -36.39 20.18
N LYS D 18 -10.78 -37.20 20.52
CA LYS D 18 -9.79 -36.82 21.51
C LYS D 18 -8.58 -36.15 20.86
N VAL D 19 -8.00 -36.75 19.82
CA VAL D 19 -6.68 -36.33 19.38
C VAL D 19 -6.76 -35.15 18.41
N TRP D 20 -7.89 -34.97 17.74
CA TRP D 20 -7.95 -34.00 16.64
C TRP D 20 -7.63 -32.56 17.04
N PRO D 21 -8.21 -31.99 18.11
CA PRO D 21 -7.98 -30.56 18.37
C PRO D 21 -6.52 -30.20 18.52
N TYR D 22 -5.70 -31.06 19.12
CA TYR D 22 -4.27 -30.82 19.23
C TYR D 22 -3.53 -31.05 17.92
N MET D 23 -4.05 -31.91 17.04
CA MET D 23 -3.34 -32.23 15.82
C MET D 23 -3.25 -31.02 14.91
N ASP D 24 -2.14 -30.93 14.17
CA ASP D 24 -1.90 -29.83 13.25
C ASP D 24 -1.02 -30.30 12.09
N SER D 25 -0.97 -29.48 11.05
CA SER D 25 -0.29 -29.86 9.82
C SER D 25 1.20 -30.13 10.01
N GLU D 26 1.89 -29.32 10.82
CA GLU D 26 3.34 -29.35 10.90
C GLU D 26 3.87 -30.56 11.67
N TYR D 27 3.01 -31.54 11.98
CA TYR D 27 3.39 -32.64 12.86
C TYR D 27 3.75 -33.92 12.13
N PHE D 28 3.68 -33.97 10.80
CA PHE D 28 3.81 -35.25 10.12
C PHE D 28 5.03 -35.35 9.23
N GLU D 29 5.17 -34.49 8.23
CA GLU D 29 6.22 -34.65 7.23
C GLU D 29 6.20 -33.51 6.22
N SER D 30 7.13 -33.54 5.27
CA SER D 30 7.07 -32.69 4.10
C SER D 30 6.58 -33.43 2.86
N GLY D 31 6.15 -34.68 3.02
CA GLY D 31 5.75 -35.50 1.90
C GLY D 31 4.28 -35.86 1.90
N PRO D 32 3.96 -37.12 1.60
CA PRO D 32 2.56 -37.53 1.46
C PRO D 32 1.73 -37.33 2.72
N ALA D 33 2.32 -37.55 3.90
CA ALA D 33 1.55 -37.51 5.14
C ALA D 33 0.97 -36.11 5.36
N LYS D 34 1.78 -35.08 5.11
CA LYS D 34 1.30 -33.72 5.29
C LYS D 34 0.13 -33.43 4.36
N ASN D 35 0.23 -33.88 3.10
CA ASN D 35 -0.85 -33.63 2.15
C ASN D 35 -2.12 -34.37 2.54
N THR D 36 -1.98 -35.62 3.02
CA THR D 36 -3.15 -36.36 3.48
C THR D 36 -3.81 -35.65 4.65
N PHE D 37 -3.01 -35.18 5.61
CA PHE D 37 -3.60 -34.44 6.73
C PHE D 37 -4.23 -33.13 6.26
N LYS D 38 -3.64 -32.49 5.25
CA LYS D 38 -4.25 -31.28 4.72
C LYS D 38 -5.62 -31.56 4.11
N LEU D 39 -5.72 -32.65 3.35
CA LEU D 39 -7.02 -33.02 2.79
C LEU D 39 -8.03 -33.33 3.89
N ILE D 40 -7.59 -34.07 4.91
CA ILE D 40 -8.47 -34.41 6.01
C ILE D 40 -8.94 -33.14 6.72
N LYS D 41 -8.02 -32.21 6.97
CA LYS D 41 -8.38 -30.98 7.66
C LYS D 41 -9.33 -30.13 6.83
N SER D 42 -9.10 -30.07 5.51
CA SER D 42 -10.00 -29.32 4.65
C SER D 42 -11.41 -29.92 4.68
N HIS D 43 -11.50 -31.24 4.59
CA HIS D 43 -12.81 -31.89 4.66
C HIS D 43 -13.47 -31.65 6.02
N VAL D 44 -12.69 -31.70 7.09
CA VAL D 44 -13.24 -31.47 8.43
C VAL D 44 -13.78 -30.06 8.55
N ASN D 45 -13.05 -29.08 8.03
CA ASN D 45 -13.55 -27.71 8.02
C ASN D 45 -14.82 -27.60 7.19
N GLU D 46 -14.89 -28.31 6.06
CA GLU D 46 -16.06 -28.20 5.20
C GLU D 46 -17.29 -28.85 5.79
N TYR D 47 -17.15 -29.99 6.47
CA TYR D 47 -18.31 -30.78 6.89
C TYR D 47 -18.35 -31.15 8.37
N HIS D 48 -17.36 -30.75 9.17
CA HIS D 48 -17.35 -31.03 10.61
C HIS D 48 -17.46 -32.52 10.90
N SER D 49 -16.79 -33.34 10.09
CA SER D 49 -16.83 -34.78 10.29
C SER D 49 -15.60 -35.41 9.65
N VAL D 50 -15.37 -36.66 10.01
CA VAL D 50 -14.28 -37.43 9.41
C VAL D 50 -14.71 -37.95 8.05
N PRO D 51 -13.95 -37.70 6.99
CA PRO D 51 -14.29 -38.27 5.69
C PRO D 51 -13.97 -39.74 5.62
N SER D 52 -14.70 -40.45 4.75
CA SER D 52 -14.39 -41.84 4.47
C SER D 52 -13.25 -41.91 3.46
N ILE D 53 -12.84 -43.13 3.11
CA ILE D 53 -11.80 -43.31 2.11
C ILE D 53 -12.27 -42.79 0.75
N ASN D 54 -13.55 -43.01 0.43
CA ASN D 54 -14.08 -42.53 -0.84
C ASN D 54 -14.05 -41.00 -0.91
N ALA D 55 -14.39 -40.34 0.20
CA ALA D 55 -14.34 -38.88 0.23
C ALA D 55 -12.90 -38.39 0.06
N LEU D 56 -11.94 -39.06 0.69
CA LEU D 56 -10.54 -38.68 0.51
C LEU D 56 -10.09 -38.88 -0.92
N ASN D 57 -10.53 -39.96 -1.56
CA ASN D 57 -10.20 -40.18 -2.96
C ASN D 57 -10.79 -39.07 -3.83
N VAL D 58 -12.02 -38.66 -3.53
CA VAL D 58 -12.64 -37.58 -4.29
C VAL D 58 -11.85 -36.29 -4.13
N ALA D 59 -11.46 -35.96 -2.89
CA ALA D 59 -10.67 -34.77 -2.66
C ALA D 59 -9.32 -34.85 -3.35
N LEU D 60 -8.69 -36.03 -3.33
CA LEU D 60 -7.41 -36.22 -4.01
C LEU D 60 -7.54 -36.00 -5.51
N GLU D 61 -8.65 -36.48 -6.09
CA GLU D 61 -8.87 -36.26 -7.52
C GLU D 61 -9.02 -34.77 -7.81
N ASN D 62 -9.68 -34.03 -6.93
CA ASN D 62 -9.82 -32.58 -7.07
C ASN D 62 -8.72 -31.87 -6.29
N SER D 63 -7.47 -32.19 -6.60
CA SER D 63 -6.32 -31.58 -5.95
C SER D 63 -5.38 -31.01 -7.01
N SER D 64 -4.30 -30.38 -6.55
CA SER D 64 -3.45 -29.59 -7.41
C SER D 64 -1.98 -30.01 -7.39
N PHE D 65 -1.58 -30.92 -6.51
CA PHE D 65 -0.16 -31.22 -6.42
C PHE D 65 0.28 -32.12 -7.57
N THR D 66 1.58 -32.37 -7.62
CA THR D 66 2.22 -33.00 -8.77
C THR D 66 1.93 -34.51 -8.78
N GLU D 67 2.39 -35.18 -9.83
CA GLU D 67 2.16 -36.62 -9.98
C GLU D 67 2.83 -37.40 -8.85
N THR D 68 4.03 -36.97 -8.44
CA THR D 68 4.70 -37.66 -7.34
C THR D 68 3.87 -37.55 -6.06
N GLU D 69 3.42 -36.35 -5.74
CA GLU D 69 2.61 -36.16 -4.53
C GLU D 69 1.28 -36.88 -4.64
N TYR D 70 0.65 -36.85 -5.81
CA TYR D 70 -0.61 -37.56 -6.01
C TYR D 70 -0.43 -39.06 -5.80
N SER D 71 0.63 -39.63 -6.38
CA SER D 71 0.90 -41.05 -6.20
C SER D 71 1.17 -41.37 -4.74
N GLY D 72 1.92 -40.50 -4.06
CA GLY D 72 2.19 -40.75 -2.65
C GLY D 72 0.92 -40.74 -1.81
N VAL D 73 0.04 -39.76 -2.04
CA VAL D 73 -1.20 -39.68 -1.27
C VAL D 73 -2.09 -40.87 -1.58
N LYS D 74 -2.17 -41.27 -2.85
CA LYS D 74 -2.98 -42.44 -3.19
C LYS D 74 -2.44 -43.69 -2.53
N THR D 75 -1.11 -43.85 -2.53
CA THR D 75 -0.51 -45.01 -1.87
C THR D 75 -0.80 -45.00 -0.38
N LEU D 76 -0.69 -43.84 0.27
CA LEU D 76 -0.98 -43.76 1.69
C LEU D 76 -2.43 -44.10 1.99
N ILE D 77 -3.35 -43.55 1.21
CA ILE D 77 -4.77 -43.82 1.43
C ILE D 77 -5.06 -45.30 1.22
N SER D 78 -4.49 -45.90 0.17
CA SER D 78 -4.65 -47.34 -0.02
C SER D 78 -4.08 -48.13 1.14
N LYS D 79 -3.00 -47.65 1.74
CA LYS D 79 -2.40 -48.30 2.89
C LYS D 79 -3.14 -48.00 4.19
N LEU D 80 -4.06 -47.05 4.20
CA LEU D 80 -4.86 -46.80 5.38
C LEU D 80 -5.86 -47.94 5.58
N ALA D 81 -5.91 -48.47 6.80
CA ALA D 81 -6.80 -49.57 7.11
C ALA D 81 -6.91 -49.72 8.63
N ASP D 82 -8.14 -49.82 9.12
CA ASP D 82 -8.34 -50.00 10.54
C ASP D 82 -7.86 -51.36 10.99
N SER D 83 -7.29 -51.41 12.19
CA SER D 83 -6.84 -52.64 12.80
C SER D 83 -7.37 -52.74 14.22
N PRO D 84 -7.58 -53.96 14.74
CA PRO D 84 -8.00 -54.11 16.13
C PRO D 84 -6.99 -53.51 17.09
N GLU D 85 -7.36 -52.44 17.78
CA GLU D 85 -6.44 -51.67 18.59
C GLU D 85 -7.12 -51.21 19.87
N ASP D 86 -6.31 -50.77 20.82
CA ASP D 86 -6.79 -50.30 22.11
C ASP D 86 -6.70 -48.79 22.18
N HIS D 87 -7.61 -48.19 22.95
CA HIS D 87 -7.67 -46.73 23.02
C HIS D 87 -6.49 -46.15 23.76
N SER D 88 -6.15 -46.72 24.92
CA SER D 88 -5.12 -46.12 25.78
C SER D 88 -3.75 -46.11 25.11
N TRP D 89 -3.34 -47.27 24.57
CA TRP D 89 -2.04 -47.35 23.93
C TRP D 89 -1.95 -46.43 22.71
N LEU D 90 -3.02 -46.38 21.91
CA LEU D 90 -3.04 -45.49 20.75
C LEU D 90 -2.90 -44.03 21.17
N VAL D 91 -3.64 -43.61 22.20
CA VAL D 91 -3.57 -42.22 22.61
C VAL D 91 -2.19 -41.90 23.20
N LYS D 92 -1.62 -42.83 23.96
CA LYS D 92 -0.29 -42.60 24.52
C LYS D 92 0.76 -42.48 23.42
N GLU D 93 0.72 -43.38 22.44
CA GLU D 93 1.69 -43.30 21.34
C GLU D 93 1.50 -42.04 20.53
N THR D 94 0.24 -41.64 20.30
CA THR D 94 0.00 -40.39 19.58
C THR D 94 0.55 -39.20 20.34
N GLU D 95 0.36 -39.18 21.66
CA GLU D 95 0.89 -38.09 22.47
C GLU D 95 2.40 -38.04 22.40
N LYS D 96 3.06 -39.21 22.51
CA LYS D 96 4.51 -39.24 22.44
C LYS D 96 5.00 -38.76 21.08
N TYR D 97 4.36 -39.21 20.01
CA TYR D 97 4.78 -38.79 18.67
C TYR D 97 4.59 -37.29 18.48
N VAL D 98 3.46 -36.75 18.95
CA VAL D 98 3.20 -35.33 18.79
C VAL D 98 4.19 -34.51 19.61
N GLN D 99 4.52 -34.97 20.81
CA GLN D 99 5.54 -34.29 21.60
C GLN D 99 6.89 -34.30 20.89
N GLN D 100 7.28 -35.45 20.34
CA GLN D 100 8.55 -35.53 19.63
C GLN D 100 8.57 -34.60 18.41
N ARG D 101 7.47 -34.55 17.67
CA ARG D 101 7.44 -33.71 16.48
C ARG D 101 7.39 -32.24 16.85
N ALA D 102 6.74 -31.89 17.95
CA ALA D 102 6.76 -30.51 18.42
C ALA D 102 8.18 -30.12 18.82
N MET D 103 8.90 -31.00 19.51
CA MET D 103 10.29 -30.73 19.85
C MET D 103 11.13 -30.57 18.60
N PHE D 104 10.91 -31.42 17.60
CA PHE D 104 11.67 -31.34 16.36
C PHE D 104 11.43 -30.01 15.66
N ASN D 105 10.17 -29.61 15.55
CA ASN D 105 9.85 -28.34 14.89
C ASN D 105 10.45 -27.17 15.66
N ALA D 106 10.37 -27.22 17.00
CA ALA D 106 10.89 -26.12 17.80
C ALA D 106 12.41 -26.01 17.67
N THR D 107 13.11 -27.14 17.72
CA THR D 107 14.57 -27.06 17.60
C THR D 107 15.00 -26.66 16.20
N SER D 108 14.26 -27.09 15.17
CA SER D 108 14.56 -26.64 13.83
C SER D 108 14.36 -25.14 13.70
N LYS D 109 13.27 -24.62 14.29
CA LYS D 109 13.03 -23.19 14.25
C LYS D 109 14.10 -22.42 15.02
N ILE D 110 14.53 -22.95 16.17
CA ILE D 110 15.58 -22.28 16.94
C ILE D 110 16.88 -22.23 16.14
N ILE D 111 17.25 -23.33 15.49
CA ILE D 111 18.45 -23.34 14.68
C ILE D 111 18.33 -22.37 13.51
N GLU D 112 17.15 -22.32 12.88
CA GLU D 112 16.95 -21.38 11.78
C GLU D 112 17.07 -19.95 12.25
N ILE D 113 16.51 -19.63 13.41
CA ILE D 113 16.61 -18.28 13.94
C ILE D 113 18.06 -17.93 14.25
N GLN D 114 18.80 -18.87 14.84
CA GLN D 114 20.20 -18.61 15.15
C GLN D 114 21.02 -18.37 13.88
N THR D 115 20.84 -19.22 12.86
CA THR D 115 21.56 -19.03 11.62
C THR D 115 21.07 -17.79 10.86
N ASN D 116 19.87 -17.30 11.17
CA ASN D 116 19.37 -16.06 10.61
C ASN D 116 19.98 -14.84 11.28
N ALA D 117 20.20 -14.92 12.60
CA ALA D 117 20.76 -13.78 13.33
C ALA D 117 22.21 -13.54 12.98
N GLU D 118 22.98 -14.59 12.72
CA GLU D 118 24.38 -14.45 12.35
C GLU D 118 24.53 -14.10 10.87
N LEU D 119 23.82 -13.05 10.46
CA LEU D 119 23.80 -12.57 9.10
C LEU D 119 23.83 -11.04 9.13
N PRO D 120 24.41 -10.41 8.12
CA PRO D 120 24.42 -8.94 8.06
C PRO D 120 23.00 -8.40 7.96
N PRO D 121 22.73 -7.25 8.58
CA PRO D 121 21.39 -6.66 8.49
C PRO D 121 21.03 -6.29 7.06
N GLU D 122 19.74 -6.00 6.87
CA GLU D 122 19.13 -5.66 5.58
C GLU D 122 19.14 -6.87 4.65
N LYS D 123 19.72 -7.98 5.12
CA LYS D 123 19.72 -9.26 4.42
C LYS D 123 19.42 -10.39 5.39
N ARG D 124 18.74 -10.10 6.49
CA ARG D 124 18.52 -11.06 7.57
C ARG D 124 17.16 -11.74 7.49
N ASN D 125 16.43 -11.58 6.38
CA ASN D 125 15.18 -12.29 6.15
C ASN D 125 14.20 -12.06 7.30
N LYS D 126 13.69 -10.83 7.36
CA LYS D 126 12.85 -10.41 8.47
C LYS D 126 11.55 -11.21 8.51
N LYS D 127 10.75 -10.90 9.53
CA LYS D 127 9.51 -11.58 9.95
C LYS D 127 9.86 -12.85 10.73
N MET D 128 11.13 -13.19 10.85
CA MET D 128 11.57 -14.27 11.73
C MET D 128 11.87 -13.72 13.12
N PRO D 129 11.27 -14.26 14.17
CA PRO D 129 11.49 -13.71 15.51
C PRO D 129 12.96 -13.77 15.91
N ASP D 130 13.40 -12.74 16.62
CA ASP D 130 14.80 -12.60 17.00
C ASP D 130 15.19 -13.67 18.02
N VAL D 131 16.48 -13.67 18.36
CA VAL D 131 17.01 -14.64 19.31
C VAL D 131 16.38 -14.48 20.69
N GLY D 132 15.83 -13.31 20.99
CA GLY D 132 15.30 -13.07 22.32
C GLY D 132 14.25 -14.09 22.72
N ALA D 133 13.34 -14.41 21.81
CA ALA D 133 12.36 -15.46 22.06
C ALA D 133 12.83 -16.80 21.51
N ILE D 134 14.07 -17.18 21.83
CA ILE D 134 14.55 -18.53 21.49
C ILE D 134 14.13 -19.53 22.56
N PRO D 135 14.33 -19.26 23.86
CA PRO D 135 13.86 -20.24 24.85
C PRO D 135 12.34 -20.31 24.92
N ASP D 136 11.66 -19.17 24.75
CA ASP D 136 10.21 -19.15 24.88
C ASP D 136 9.55 -20.11 23.89
N ILE D 137 10.02 -20.12 22.65
CA ILE D 137 9.50 -21.06 21.66
C ILE D 137 9.70 -22.49 22.14
N MET D 138 10.87 -22.77 22.72
CA MET D 138 11.11 -24.09 23.29
C MET D 138 10.10 -24.41 24.38
N ARG D 139 9.67 -23.39 25.13
CA ARG D 139 8.62 -23.60 26.12
C ARG D 139 7.36 -24.13 25.47
N GLN D 140 7.00 -23.60 24.30
CA GLN D 140 5.85 -24.12 23.56
C GLN D 140 6.04 -25.57 23.17
N ALA D 141 7.28 -26.01 22.96
CA ALA D 141 7.52 -27.40 22.63
C ALA D 141 7.29 -28.34 23.81
N LEU D 142 7.19 -27.79 25.02
CA LEU D 142 6.96 -28.62 26.20
C LEU D 142 5.52 -28.54 26.70
N SER D 143 4.77 -27.53 26.29
CA SER D 143 3.38 -27.39 26.72
C SER D 143 2.42 -28.05 25.73
N ILE D 144 2.70 -29.30 25.38
CA ILE D 144 1.83 -30.08 24.50
C ILE D 144 1.71 -31.48 25.08
N SER D 145 0.60 -31.76 25.77
CA SER D 145 0.43 -33.06 26.41
C SER D 145 -0.97 -33.63 26.27
N PHE D 146 -1.76 -33.16 25.30
CA PHE D 146 -3.10 -33.68 25.03
C PHE D 146 -4.02 -33.57 26.24
N ASP D 147 -3.65 -32.76 27.22
CA ASP D 147 -4.36 -32.65 28.49
C ASP D 147 -4.91 -31.24 28.66
N SER D 148 -5.52 -30.72 27.60
CA SER D 148 -6.02 -29.35 27.60
C SER D 148 -7.00 -29.14 28.76
N TYR D 149 -6.81 -28.04 29.48
CA TYR D 149 -7.69 -27.68 30.57
C TYR D 149 -8.95 -27.04 30.00
N VAL D 150 -10.08 -27.72 30.16
CA VAL D 150 -11.33 -27.26 29.57
C VAL D 150 -11.74 -25.92 30.15
N GLY D 151 -11.65 -25.76 31.45
CA GLY D 151 -12.03 -24.53 32.10
C GLY D 151 -12.37 -24.79 33.55
N HIS D 152 -12.97 -23.79 34.19
CA HIS D 152 -13.30 -23.83 35.60
C HIS D 152 -14.80 -24.04 35.78
N ASP D 153 -15.18 -25.11 36.45
CA ASP D 153 -16.57 -25.38 36.79
C ASP D 153 -16.88 -24.68 38.12
N TRP D 154 -17.96 -23.90 38.13
CA TRP D 154 -18.26 -23.09 39.30
C TRP D 154 -18.59 -23.94 40.52
N MET D 155 -19.07 -25.15 40.30
CA MET D 155 -19.51 -26.00 41.40
C MET D 155 -18.57 -27.19 41.64
N ASP D 156 -18.10 -27.83 40.57
CA ASP D 156 -17.24 -28.99 40.73
C ASP D 156 -15.94 -28.64 41.44
N ASP D 157 -15.32 -27.52 41.09
CA ASP D 157 -14.08 -27.06 41.70
C ASP D 157 -14.39 -25.81 42.52
N TYR D 158 -14.78 -26.01 43.77
CA TYR D 158 -15.07 -24.89 44.67
C TYR D 158 -14.14 -24.82 45.87
N GLU D 159 -13.62 -25.94 46.38
CA GLU D 159 -12.64 -25.88 47.45
C GLU D 159 -11.32 -25.30 46.94
N ALA D 160 -10.91 -25.68 45.74
CA ALA D 160 -9.66 -25.15 45.18
C ALA D 160 -9.73 -23.64 45.02
N ARG D 161 -10.89 -23.14 44.57
CA ARG D 161 -11.06 -21.69 44.48
C ARG D 161 -11.02 -21.04 45.85
N TRP D 162 -11.67 -21.64 46.84
CA TRP D 162 -11.64 -21.06 48.18
C TRP D 162 -10.24 -21.05 48.75
N LEU D 163 -9.39 -21.99 48.33
CA LEU D 163 -7.99 -21.90 48.73
C LEU D 163 -7.26 -20.94 47.81
N SER D 164 -7.85 -19.77 47.59
CA SER D 164 -7.20 -18.65 46.94
C SER D 164 -7.63 -17.31 47.50
N TYR D 165 -8.46 -17.28 48.54
CA TYR D 165 -8.97 -16.04 49.12
C TYR D 165 -8.20 -15.61 50.36
N MET D 166 -8.10 -16.46 51.36
CA MET D 166 -7.21 -16.19 52.48
C MET D 166 -5.74 -16.28 52.08
N ASN D 167 -5.46 -16.78 50.88
CA ASN D 167 -4.09 -16.80 50.37
C ASN D 167 -3.50 -15.40 50.35
N LYS D 168 -4.11 -14.50 49.59
CA LYS D 168 -3.76 -13.08 49.53
C LYS D 168 -2.34 -12.84 49.01
N ALA D 169 -1.64 -13.89 48.61
CA ALA D 169 -0.29 -13.72 48.07
C ALA D 169 -0.30 -13.06 46.70
N ARG D 170 -1.46 -13.00 46.05
CA ARG D 170 -1.56 -12.33 44.76
C ARG D 170 -1.53 -10.80 44.91
N LYS D 171 -1.97 -10.29 46.06
CA LYS D 171 -1.98 -8.86 46.31
C LYS D 171 -0.69 -8.42 46.97
N VAL D 172 -0.16 -7.28 46.53
CA VAL D 172 1.06 -6.69 47.05
C VAL D 172 0.70 -5.31 47.60
N PRO D 173 0.80 -5.09 48.91
CA PRO D 173 0.36 -3.81 49.47
C PRO D 173 1.26 -2.66 49.08
N PHE D 174 0.67 -1.47 49.03
CA PHE D 174 1.44 -0.24 48.93
C PHE D 174 1.99 0.12 50.30
N LYS D 175 2.68 1.24 50.40
CA LYS D 175 3.01 1.82 51.69
C LYS D 175 2.10 2.98 52.08
N LEU D 176 1.60 3.73 51.11
CA LEU D 176 0.62 4.76 51.39
C LEU D 176 -0.70 4.11 51.79
N ARG D 177 -1.33 4.64 52.84
CA ARG D 177 -2.56 4.05 53.33
C ARG D 177 -3.72 4.31 52.37
N ILE D 178 -3.74 5.46 51.70
CA ILE D 178 -4.85 5.79 50.82
C ILE D 178 -4.88 4.86 49.61
N LEU D 179 -3.71 4.55 49.04
CA LEU D 179 -3.67 3.64 47.90
C LEU D 179 -4.15 2.24 48.29
N ASN D 180 -3.74 1.76 49.47
CA ASN D 180 -4.22 0.47 49.93
C ASN D 180 -5.72 0.50 50.18
N LYS D 181 -6.24 1.60 50.72
CA LYS D 181 -7.66 1.71 50.97
C LYS D 181 -8.45 1.68 49.67
N ILE D 182 -7.99 2.40 48.65
CA ILE D 182 -8.75 2.44 47.40
C ILE D 182 -8.56 1.14 46.61
N THR D 183 -7.45 0.44 46.81
CA THR D 183 -7.23 -0.82 46.13
C THR D 183 -7.64 -2.02 46.97
N LYS D 184 -8.16 -1.80 48.18
CA LYS D 184 -8.64 -2.87 49.06
C LYS D 184 -7.57 -3.95 49.24
N GLY D 185 -6.34 -3.51 49.45
CA GLY D 185 -5.22 -4.41 49.69
C GLY D 185 -4.04 -4.25 48.77
N GLY D 186 -3.95 -3.15 48.03
CA GLY D 186 -2.82 -2.91 47.15
C GLY D 186 -3.03 -3.49 45.76
N ALA D 187 -2.09 -3.17 44.89
CA ALA D 187 -2.13 -3.67 43.53
C ALA D 187 -1.91 -5.18 43.50
N GLU D 188 -2.51 -5.83 42.50
CA GLU D 188 -2.46 -7.28 42.37
C GLU D 188 -1.43 -7.67 41.33
N THR D 189 -0.74 -8.79 41.59
CA THR D 189 0.27 -9.28 40.68
C THR D 189 -0.34 -9.70 39.35
N GLY D 190 0.51 -9.84 38.35
CA GLY D 190 0.06 -10.21 37.01
C GLY D 190 -0.88 -9.21 36.40
N THR D 191 -0.65 -7.92 36.64
CA THR D 191 -1.53 -6.86 36.13
C THR D 191 -0.67 -5.72 35.60
N LEU D 192 -1.33 -4.82 34.88
CA LEU D 192 -0.67 -3.66 34.26
C LEU D 192 -1.33 -2.41 34.82
N ASN D 193 -0.59 -1.69 35.65
CA ASN D 193 -1.07 -0.45 36.25
C ASN D 193 -0.48 0.75 35.52
N VAL D 194 -1.22 1.85 35.50
CA VAL D 194 -0.88 3.00 34.70
C VAL D 194 -1.11 4.28 35.50
N LEU D 195 -0.22 5.25 35.34
CA LEU D 195 -0.39 6.60 35.86
C LEU D 195 -0.64 7.55 34.71
N MET D 196 -1.50 8.54 34.94
CA MET D 196 -1.83 9.54 33.93
C MET D 196 -1.66 10.93 34.53
N ALA D 197 -0.74 11.69 33.97
CA ALA D 197 -0.51 13.04 34.49
C ALA D 197 -0.50 14.12 33.41
N GLY D 198 0.05 13.82 32.24
CA GLY D 198 0.38 14.84 31.25
C GLY D 198 1.88 14.99 31.12
N VAL D 199 2.33 16.22 30.82
CA VAL D 199 3.79 16.48 30.67
C VAL D 199 4.28 17.29 31.87
N ASN D 200 5.32 16.79 32.55
CA ASN D 200 5.91 17.51 33.70
C ASN D 200 4.87 17.63 34.82
N VAL D 201 3.91 16.70 34.89
CA VAL D 201 2.95 16.72 36.05
C VAL D 201 3.35 15.62 37.00
N GLY D 202 4.51 15.00 36.80
CA GLY D 202 4.99 14.00 37.78
C GLY D 202 4.57 12.58 37.48
N LYS D 203 4.52 12.20 36.21
CA LYS D 203 4.21 10.78 35.90
C LYS D 203 5.28 9.89 36.55
N SER D 204 6.55 10.30 36.50
CA SER D 204 7.63 9.48 37.07
C SER D 204 7.76 9.74 38.57
N LEU D 205 7.78 11.01 38.98
CA LEU D 205 7.77 11.33 40.42
C LEU D 205 6.83 10.32 41.09
N GLY D 206 5.65 10.09 40.51
CA GLY D 206 4.80 9.09 41.12
C GLY D 206 5.38 7.69 40.98
N LEU D 207 5.92 7.36 39.80
CA LEU D 207 6.53 6.06 39.61
C LEU D 207 7.76 5.89 40.49
N CYS D 208 8.60 6.92 40.58
CA CYS D 208 9.77 6.84 41.45
C CYS D 208 9.36 6.72 42.92
N SER D 209 8.31 7.45 43.32
CA SER D 209 7.82 7.34 44.68
C SER D 209 7.32 5.93 44.97
N LEU D 210 6.57 5.34 44.03
CA LEU D 210 6.08 3.99 44.22
C LEU D 210 7.23 3.00 44.27
N ALA D 211 8.24 3.19 43.43
CA ALA D 211 9.39 2.30 43.45
C ALA D 211 10.12 2.39 44.79
N ALA D 212 10.29 3.61 45.31
CA ALA D 212 10.92 3.76 46.62
C ALA D 212 10.09 3.13 47.72
N ASP D 213 8.77 3.31 47.67
CA ASP D 213 7.91 2.74 48.70
C ASP D 213 7.94 1.21 48.67
N TYR D 214 7.97 0.63 47.47
CA TYR D 214 8.07 -0.82 47.36
C TYR D 214 9.44 -1.31 47.79
N LEU D 215 10.48 -0.52 47.53
CA LEU D 215 11.81 -0.89 48.00
C LEU D 215 11.88 -0.90 49.53
N GLN D 216 11.22 0.07 50.17
CA GLN D 216 11.16 0.07 51.62
C GLN D 216 10.39 -1.13 52.16
N LEU D 217 9.44 -1.65 51.40
CA LEU D 217 8.64 -2.79 51.83
C LEU D 217 9.23 -4.11 51.34
N GLY D 218 10.53 -4.28 51.51
CA GLY D 218 11.17 -5.57 51.30
C GLY D 218 10.86 -6.24 49.98
N HIS D 219 10.93 -5.49 48.88
CA HIS D 219 10.60 -6.02 47.57
C HIS D 219 11.77 -5.87 46.62
N ASN D 220 11.67 -6.54 45.48
CA ASN D 220 12.64 -6.42 44.41
C ASN D 220 11.98 -5.65 43.26
N VAL D 221 12.45 -4.43 43.03
CA VAL D 221 11.86 -3.54 42.03
C VAL D 221 12.85 -3.41 40.88
N LEU D 222 12.35 -3.60 39.65
CA LEU D 222 13.16 -3.46 38.45
C LEU D 222 12.63 -2.26 37.68
N TYR D 223 13.12 -1.07 38.03
CA TYR D 223 12.76 0.14 37.33
C TYR D 223 13.34 0.10 35.92
N ILE D 224 12.51 0.36 34.92
CA ILE D 224 12.94 0.44 33.53
C ILE D 224 12.58 1.83 33.04
N SER D 225 13.59 2.60 32.68
CA SER D 225 13.41 3.98 32.21
C SER D 225 13.74 4.03 30.73
N MET D 226 12.82 4.59 29.95
CA MET D 226 12.99 4.68 28.51
C MET D 226 13.58 6.01 28.06
N GLN D 227 13.41 7.08 28.85
CA GLN D 227 13.96 8.39 28.49
C GLN D 227 15.01 8.84 29.49
N MET D 228 14.69 8.91 30.78
CA MET D 228 15.65 9.39 31.76
C MET D 228 16.79 8.40 31.93
N ALA D 229 18.00 8.94 32.05
CA ALA D 229 19.19 8.11 32.20
C ALA D 229 19.18 7.45 33.57
N GLU D 230 20.01 6.42 33.75
CA GLU D 230 20.05 5.68 35.01
C GLU D 230 20.39 6.58 36.19
N GLU D 231 21.28 7.54 35.99
CA GLU D 231 21.70 8.41 37.08
C GLU D 231 20.57 9.33 37.53
N VAL D 232 19.73 9.81 36.62
CA VAL D 232 18.66 10.72 37.01
C VAL D 232 17.60 9.98 37.83
N CYS D 233 17.21 8.79 37.38
CA CYS D 233 16.24 7.99 38.13
C CYS D 233 16.81 7.58 39.48
N ALA D 234 18.10 7.19 39.51
CA ALA D 234 18.73 6.89 40.78
C ALA D 234 18.78 8.11 41.67
N LYS D 235 18.95 9.30 41.10
CA LYS D 235 18.93 10.53 41.89
C LYS D 235 17.56 10.77 42.50
N ARG D 236 16.49 10.52 41.73
CA ARG D 236 15.15 10.67 42.29
C ARG D 236 14.92 9.66 43.41
N ILE D 237 15.37 8.42 43.22
CA ILE D 237 15.25 7.42 44.28
C ILE D 237 16.03 7.84 45.52
N ASP D 238 17.22 8.40 45.33
CA ASP D 238 18.01 8.87 46.46
C ASP D 238 17.30 10.01 47.18
N ALA D 239 16.68 10.92 46.42
CA ALA D 239 15.94 12.01 47.03
C ALA D 239 14.79 11.49 47.85
N ASN D 240 14.12 10.44 47.37
CA ASN D 240 13.00 9.88 48.12
C ASN D 240 13.49 9.17 49.38
N MET D 241 14.52 8.34 49.25
CA MET D 241 14.93 7.48 50.35
C MET D 241 15.66 8.27 51.44
N LEU D 242 16.55 9.18 51.05
CA LEU D 242 17.43 9.83 52.00
C LEU D 242 16.88 11.12 52.57
N ASP D 243 15.67 11.51 52.19
CA ASP D 243 15.02 12.71 52.73
C ASP D 243 15.86 13.97 52.49
N VAL D 244 16.63 13.97 51.41
CA VAL D 244 17.42 15.12 51.00
C VAL D 244 16.86 15.63 49.68
N SER D 245 16.56 16.93 49.63
CA SER D 245 15.94 17.48 48.43
C SER D 245 16.90 17.45 47.26
N LEU D 246 16.34 17.43 46.05
CA LEU D 246 17.16 17.48 44.86
C LEU D 246 17.93 18.78 44.77
N ASP D 247 17.36 19.88 45.28
CA ASP D 247 18.10 21.13 45.33
C ASP D 247 19.33 21.02 46.20
N ASP D 248 19.21 20.33 47.34
CA ASP D 248 20.36 20.12 48.21
C ASP D 248 21.41 19.25 47.52
N ILE D 249 20.97 18.22 46.81
CA ILE D 249 21.91 17.34 46.11
C ILE D 249 22.64 18.10 45.02
N ASP D 250 21.92 18.93 44.26
CA ASP D 250 22.54 19.67 43.17
C ASP D 250 23.50 20.74 43.71
N ASP D 251 23.07 21.51 44.69
CA ASP D 251 23.89 22.58 45.25
C ASP D 251 24.92 22.09 46.25
N GLY D 252 25.15 20.79 46.33
CA GLY D 252 26.14 20.25 47.25
C GLY D 252 25.88 20.56 48.70
N HIS D 253 24.62 20.57 49.11
CA HIS D 253 24.25 20.86 50.49
C HIS D 253 24.22 19.63 51.37
N ILE D 254 24.54 18.46 50.82
CA ILE D 254 24.69 17.23 51.60
C ILE D 254 26.12 16.74 51.42
N SER D 255 26.84 16.61 52.53
CA SER D 255 28.22 16.18 52.50
C SER D 255 28.30 14.69 52.16
N TYR D 256 29.47 14.28 51.65
CA TYR D 256 29.68 12.86 51.39
C TYR D 256 29.57 12.05 52.66
N ALA D 257 29.95 12.61 53.80
CA ALA D 257 29.79 11.92 55.07
C ALA D 257 28.32 11.62 55.35
N GLU D 258 27.45 12.62 55.16
CA GLU D 258 26.03 12.43 55.43
C GLU D 258 25.40 11.45 54.45
N TYR D 259 25.75 11.55 53.17
CA TYR D 259 25.24 10.60 52.18
C TYR D 259 25.67 9.19 52.50
N LYS D 260 26.95 9.01 52.84
CA LYS D 260 27.44 7.69 53.22
C LYS D 260 26.72 7.17 54.45
N GLY D 261 26.53 8.03 55.46
CA GLY D 261 25.86 7.59 56.67
C GLY D 261 24.43 7.18 56.42
N LYS D 262 23.70 7.96 55.62
CA LYS D 262 22.32 7.60 55.31
C LYS D 262 22.24 6.31 54.52
N MET D 263 23.12 6.13 53.52
CA MET D 263 23.10 4.91 52.74
C MET D 263 23.43 3.69 53.61
N GLU D 264 24.42 3.82 54.50
CA GLU D 264 24.75 2.72 55.38
C GLU D 264 23.62 2.41 56.35
N LYS D 265 23.00 3.46 56.91
CA LYS D 265 21.88 3.26 57.82
C LYS D 265 20.73 2.54 57.13
N TRP D 266 20.49 2.86 55.86
CA TRP D 266 19.47 2.12 55.12
C TRP D 266 19.91 0.69 54.82
N ARG D 267 21.22 0.49 54.59
CA ARG D 267 21.70 -0.86 54.31
C ARG D 267 21.49 -1.79 55.48
N GLU D 268 21.74 -1.30 56.71
CA GLU D 268 21.64 -2.17 57.87
C GLU D 268 20.21 -2.51 58.25
N LYS D 269 19.22 -1.81 57.68
CA LYS D 269 17.83 -2.14 57.95
C LYS D 269 17.44 -3.39 57.16
N SER D 270 16.93 -4.40 57.87
CA SER D 270 16.60 -5.66 57.23
C SER D 270 15.45 -5.54 56.26
N THR D 271 14.46 -4.70 56.58
CA THR D 271 13.28 -4.54 55.73
C THR D 271 13.63 -3.64 54.54
N LEU D 272 14.42 -4.21 53.63
CA LEU D 272 14.83 -3.50 52.42
C LEU D 272 15.30 -4.52 51.40
N GLY D 273 14.75 -4.46 50.20
CA GLY D 273 15.14 -5.33 49.11
C GLY D 273 16.28 -4.74 48.31
N ARG D 274 16.17 -4.84 46.98
CA ARG D 274 17.13 -4.28 46.06
C ARG D 274 16.41 -3.69 44.87
N LEU D 275 16.73 -2.44 44.53
CA LEU D 275 16.18 -1.77 43.36
C LEU D 275 17.23 -1.70 42.27
N ILE D 276 16.86 -2.09 41.06
CA ILE D 276 17.76 -2.07 39.91
C ILE D 276 17.09 -1.28 38.80
N VAL D 277 17.79 -0.27 38.30
CA VAL D 277 17.28 0.63 37.27
C VAL D 277 18.01 0.33 35.98
N LYS D 278 17.26 0.21 34.89
CA LYS D 278 17.82 -0.08 33.58
C LYS D 278 17.29 0.91 32.57
N GLN D 279 18.18 1.49 31.79
CA GLN D 279 17.83 2.51 30.80
C GLN D 279 17.89 1.91 29.40
N TYR D 280 16.83 2.13 28.63
CA TYR D 280 16.78 1.74 27.24
C TYR D 280 16.55 2.99 26.39
N PRO D 281 17.18 3.05 25.21
CA PRO D 281 16.96 4.21 24.33
C PRO D 281 15.49 4.32 23.94
N THR D 282 15.06 5.57 23.76
CA THR D 282 13.66 5.84 23.48
C THR D 282 13.20 5.09 22.24
N GLY D 283 12.07 4.39 22.37
CA GLY D 283 11.56 3.60 21.26
C GLY D 283 12.36 2.36 20.93
N GLY D 284 13.13 1.84 21.87
CA GLY D 284 13.98 0.70 21.60
C GLY D 284 13.83 -0.44 22.58
N ALA D 285 12.62 -0.68 23.07
CA ALA D 285 12.38 -1.78 23.99
C ALA D 285 10.97 -2.32 23.79
N ASP D 286 10.87 -3.65 23.77
CA ASP D 286 9.59 -4.33 23.65
C ASP D 286 9.50 -5.34 24.78
N ALA D 287 8.43 -6.15 24.76
CA ALA D 287 8.23 -7.16 25.81
C ALA D 287 9.36 -8.18 25.80
N ASN D 288 9.83 -8.57 24.61
CA ASN D 288 10.94 -9.51 24.53
C ASN D 288 12.21 -8.91 25.13
N THR D 289 12.43 -7.62 24.93
CA THR D 289 13.58 -6.97 25.56
C THR D 289 13.48 -7.05 27.08
N PHE D 290 12.29 -6.81 27.61
CA PHE D 290 12.09 -6.90 29.06
C PHE D 290 12.29 -8.32 29.56
N ARG D 291 11.88 -9.32 28.78
CA ARG D 291 12.09 -10.71 29.17
C ARG D 291 13.58 -11.06 29.17
N SER D 292 14.31 -10.56 28.17
CA SER D 292 15.76 -10.78 28.16
C SER D 292 16.41 -10.12 29.37
N LEU D 293 15.97 -8.91 29.70
CA LEU D 293 16.46 -8.25 30.91
C LEU D 293 16.13 -9.07 32.15
N LEU D 294 14.94 -9.65 32.19
CA LEU D 294 14.55 -10.51 33.30
C LEU D 294 15.47 -11.71 33.41
N ASN D 295 15.78 -12.35 32.27
CA ASN D 295 16.64 -13.52 32.29
C ASN D 295 18.03 -13.18 32.79
N GLU D 296 18.61 -12.08 32.29
CA GLU D 296 19.94 -11.72 32.72
C GLU D 296 19.96 -11.25 34.17
N LEU D 297 18.87 -10.64 34.64
CA LEU D 297 18.78 -10.28 36.05
C LEU D 297 18.73 -11.53 36.92
N LYS D 298 17.92 -12.52 36.54
CA LYS D 298 17.80 -13.73 37.33
C LYS D 298 19.12 -14.50 37.36
N LEU D 299 19.82 -14.57 36.24
CA LEU D 299 21.03 -15.37 36.18
C LEU D 299 22.23 -14.62 36.75
N LYS D 300 22.57 -13.47 36.18
CA LYS D 300 23.79 -12.77 36.58
C LYS D 300 23.68 -12.20 37.99
N LYS D 301 22.58 -11.50 38.29
CA LYS D 301 22.45 -10.78 39.56
C LYS D 301 21.51 -11.47 40.53
N ASN D 302 21.10 -12.71 40.25
CA ASN D 302 20.19 -13.48 41.11
C ASN D 302 19.04 -12.62 41.64
N PHE D 303 18.50 -11.81 40.74
CA PHE D 303 17.51 -10.79 41.08
C PHE D 303 16.16 -11.22 40.53
N VAL D 304 15.21 -11.47 41.42
CA VAL D 304 13.86 -11.87 41.02
C VAL D 304 12.91 -10.73 41.36
N PRO D 305 12.51 -9.91 40.39
CA PRO D 305 11.67 -8.76 40.68
C PRO D 305 10.22 -9.14 40.91
N THR D 306 9.52 -8.26 41.62
CA THR D 306 8.09 -8.38 41.84
C THR D 306 7.31 -7.13 41.50
N ILE D 307 7.98 -5.97 41.42
CA ILE D 307 7.30 -4.69 41.23
C ILE D 307 7.84 -4.00 39.97
N ILE D 308 8.13 -4.79 38.94
CA ILE D 308 8.66 -4.28 37.67
C ILE D 308 7.94 -3.01 37.25
N ILE D 309 8.69 -1.96 36.94
CA ILE D 309 8.15 -0.66 36.60
C ILE D 309 8.75 -0.21 35.27
N VAL D 310 7.90 0.22 34.35
CA VAL D 310 8.32 0.83 33.09
C VAL D 310 7.95 2.31 33.17
N ASP D 311 8.90 3.17 32.78
CA ASP D 311 8.70 4.60 32.95
C ASP D 311 7.52 5.12 32.14
N TYR D 312 7.43 4.71 30.88
CA TYR D 312 6.42 5.23 29.97
C TYR D 312 6.19 4.19 28.88
N LEU D 313 4.96 3.67 28.80
CA LEU D 313 4.67 2.60 27.83
C LEU D 313 4.60 3.13 26.41
N GLY D 314 4.05 4.32 26.22
CA GLY D 314 3.95 4.90 24.90
C GLY D 314 5.28 5.08 24.21
N ILE D 315 6.34 5.33 24.96
CA ILE D 315 7.70 5.34 24.41
C ILE D 315 8.13 3.96 23.94
N CYS D 316 7.73 2.90 24.63
CA CYS D 316 8.14 1.55 24.29
C CYS D 316 7.64 1.17 22.90
N LYS D 317 8.17 0.08 22.38
CA LYS D 317 7.80 -0.43 21.07
C LYS D 317 7.10 -1.77 21.21
N SER D 318 6.16 -2.05 20.32
CA SER D 318 5.50 -3.34 20.31
C SER D 318 6.43 -4.41 19.75
N CYS D 319 6.27 -5.63 20.25
CA CYS D 319 7.02 -6.78 19.75
C CYS D 319 6.30 -7.48 18.61
N ARG D 320 5.16 -6.96 18.20
CA ARG D 320 4.32 -7.60 17.18
C ARG D 320 4.05 -6.72 15.98
N ILE D 321 3.87 -5.42 16.19
CA ILE D 321 3.58 -4.47 15.12
C ILE D 321 4.87 -3.78 14.71
N ARG D 322 5.14 -3.75 13.40
CA ARG D 322 6.28 -2.97 12.91
C ARG D 322 6.05 -1.49 13.18
N VAL D 323 7.15 -0.79 13.45
CA VAL D 323 7.07 0.58 13.93
C VAL D 323 6.30 1.45 12.94
N TYR D 324 5.34 2.22 13.46
CA TYR D 324 4.57 3.19 12.69
C TYR D 324 3.79 2.53 11.55
N SER D 325 3.49 1.24 11.67
CA SER D 325 2.66 0.55 10.69
C SER D 325 1.18 0.81 10.95
N GLU D 326 0.70 0.40 12.12
CA GLU D 326 -0.65 0.74 12.56
C GLU D 326 -0.64 2.15 13.15
N ASN D 327 -1.84 2.72 13.28
CA ASN D 327 -1.94 4.05 13.86
C ASN D 327 -1.73 3.98 15.38
N SER D 328 -1.94 5.11 16.04
CA SER D 328 -1.67 5.19 17.47
C SER D 328 -2.50 4.17 18.26
N TYR D 329 -3.78 4.07 17.94
CA TYR D 329 -4.70 3.23 18.71
C TYR D 329 -4.21 1.79 18.78
N THR D 330 -4.09 1.14 17.62
CA THR D 330 -3.72 -0.26 17.57
C THR D 330 -2.33 -0.49 18.13
N THR D 331 -1.37 0.38 17.79
CA THR D 331 0.00 0.19 18.25
C THR D 331 0.08 0.24 19.78
N VAL D 332 -0.52 1.27 20.37
CA VAL D 332 -0.44 1.42 21.82
C VAL D 332 -1.23 0.32 22.52
N LYS D 333 -2.38 -0.07 21.96
CA LYS D 333 -3.12 -1.18 22.56
C LYS D 333 -2.30 -2.46 22.53
N ALA D 334 -1.61 -2.72 21.42
CA ALA D 334 -0.75 -3.90 21.34
C ALA D 334 0.37 -3.83 22.37
N ILE D 335 0.98 -2.66 22.52
CA ILE D 335 2.05 -2.50 23.50
C ILE D 335 1.54 -2.79 24.90
N ALA D 336 0.37 -2.24 25.25
CA ALA D 336 -0.20 -2.46 26.57
C ALA D 336 -0.54 -3.92 26.80
N GLU D 337 -1.11 -4.58 25.80
CA GLU D 337 -1.46 -5.99 25.94
C GLU D 337 -0.22 -6.86 26.09
N GLU D 338 0.84 -6.54 25.35
CA GLU D 338 2.08 -7.29 25.51
C GLU D 338 2.69 -7.09 26.90
N LEU D 339 2.63 -5.85 27.41
CA LEU D 339 3.12 -5.61 28.76
C LEU D 339 2.30 -6.37 29.79
N ARG D 340 0.98 -6.40 29.62
CA ARG D 340 0.14 -7.16 30.55
C ARG D 340 0.45 -8.64 30.47
N ALA D 341 0.71 -9.16 29.27
CA ALA D 341 1.10 -10.55 29.12
C ALA D 341 2.41 -10.83 29.84
N LEU D 342 3.37 -9.92 29.73
CA LEU D 342 4.61 -10.06 30.48
C LEU D 342 4.34 -10.08 31.98
N ALA D 343 3.46 -9.19 32.44
CA ALA D 343 3.15 -9.12 33.86
C ALA D 343 2.54 -10.43 34.35
N VAL D 344 1.60 -10.99 33.61
CA VAL D 344 1.01 -12.27 34.03
C VAL D 344 2.03 -13.38 33.92
N GLU D 345 3.01 -13.25 33.01
CA GLU D 345 4.03 -14.28 32.88
C GLU D 345 4.94 -14.31 34.10
N THR D 346 5.43 -13.16 34.53
CA THR D 346 6.39 -13.12 35.63
C THR D 346 5.74 -12.83 36.98
N GLU D 347 4.42 -12.67 37.03
CA GLU D 347 3.68 -12.46 38.28
C GLU D 347 4.25 -11.25 39.04
N THR D 348 4.36 -10.14 38.34
CA THR D 348 4.89 -8.90 38.91
C THR D 348 3.89 -7.77 38.68
N VAL D 349 3.70 -6.96 39.71
CA VAL D 349 2.87 -5.76 39.59
C VAL D 349 3.61 -4.78 38.68
N LEU D 350 3.11 -4.63 37.46
CA LEU D 350 3.75 -3.78 36.45
C LEU D 350 3.15 -2.39 36.50
N TRP D 351 3.93 -1.42 36.93
CA TRP D 351 3.53 -0.03 36.94
C TRP D 351 4.09 0.67 35.70
N THR D 352 3.28 1.55 35.12
CA THR D 352 3.70 2.31 33.95
C THR D 352 3.01 3.66 34.00
N ALA D 353 3.32 4.49 33.02
CA ALA D 353 2.74 5.82 32.93
C ALA D 353 2.24 6.06 31.51
N ALA D 354 1.29 6.97 31.39
CA ALA D 354 0.69 7.28 30.10
C ALA D 354 0.38 8.77 30.02
N GLN D 355 0.73 9.37 28.90
CA GLN D 355 0.42 10.78 28.69
C GLN D 355 -1.07 10.97 28.44
N VAL D 356 -1.50 12.22 28.56
CA VAL D 356 -2.87 12.59 28.26
C VAL D 356 -2.86 13.50 27.04
N GLY D 357 -4.03 13.71 26.45
CA GLY D 357 -4.14 14.50 25.25
C GLY D 357 -3.81 15.96 25.50
N LYS D 358 -3.57 16.66 24.39
CA LYS D 358 -3.24 18.08 24.47
C LYS D 358 -4.35 18.88 25.13
N GLN D 359 -5.58 18.38 25.07
CA GLN D 359 -6.71 19.11 25.63
C GLN D 359 -6.74 19.08 27.16
N ALA D 360 -6.13 18.07 27.78
CA ALA D 360 -6.23 17.93 29.23
C ALA D 360 -5.08 18.59 29.97
N TRP D 361 -4.07 19.10 29.29
CA TRP D 361 -2.99 19.81 29.96
C TRP D 361 -3.50 21.13 30.52
N ASP D 362 -3.03 21.46 31.73
CA ASP D 362 -3.49 22.64 32.45
C ASP D 362 -5.01 22.64 32.60
N SER D 363 -5.58 21.48 32.91
CA SER D 363 -7.01 21.31 33.14
C SER D 363 -7.25 20.82 34.55
N SER D 364 -8.24 21.43 35.22
CA SER D 364 -8.53 21.09 36.61
C SER D 364 -9.07 19.68 36.77
N ASP D 365 -9.54 19.04 35.70
CA ASP D 365 -10.03 17.67 35.78
C ASP D 365 -9.57 16.91 34.54
N VAL D 366 -9.32 15.62 34.71
CA VAL D 366 -8.88 14.75 33.62
C VAL D 366 -9.81 13.55 33.58
N ASN D 367 -10.48 13.36 32.45
CA ASN D 367 -11.35 12.21 32.24
C ASN D 367 -10.60 11.10 31.53
N MET D 368 -11.20 9.91 31.51
CA MET D 368 -10.59 8.79 30.83
C MET D 368 -10.57 9.00 29.31
N SER D 369 -11.47 9.83 28.80
CA SER D 369 -11.48 10.14 27.38
C SER D 369 -10.28 10.99 26.96
N ASP D 370 -9.52 11.52 27.91
CA ASP D 370 -8.34 12.31 27.60
C ASP D 370 -7.07 11.48 27.47
N ILE D 371 -7.18 10.15 27.51
CA ILE D 371 -6.00 9.31 27.33
C ILE D 371 -5.39 9.58 25.96
N ALA D 372 -4.07 9.75 25.93
CA ALA D 372 -3.43 10.30 24.74
C ALA D 372 -3.28 9.28 23.63
N GLU D 373 -2.52 8.23 23.87
CA GLU D 373 -2.01 7.42 22.77
C GLU D 373 -2.99 6.36 22.29
N SER D 374 -3.99 6.01 23.08
CA SER D 374 -4.97 5.02 22.66
C SER D 374 -6.13 4.97 23.66
N ALA D 375 -7.34 4.78 23.14
CA ALA D 375 -8.47 4.43 23.99
C ALA D 375 -8.43 2.99 24.45
N GLY D 376 -7.60 2.16 23.81
CA GLY D 376 -7.46 0.77 24.22
C GLY D 376 -6.68 0.58 25.51
N LEU D 377 -5.76 1.49 25.81
CA LEU D 377 -5.01 1.38 27.05
C LEU D 377 -5.91 1.40 28.28
N PRO D 378 -6.91 2.29 28.39
CA PRO D 378 -7.85 2.15 29.51
C PRO D 378 -8.58 0.82 29.53
N ALA D 379 -8.70 0.16 28.39
CA ALA D 379 -9.40 -1.12 28.34
C ALA D 379 -8.54 -2.26 28.89
N THR D 380 -7.21 -2.18 28.72
CA THR D 380 -6.33 -3.30 29.04
C THR D 380 -5.34 -2.97 30.16
N ALA D 381 -5.57 -1.88 30.88
CA ALA D 381 -4.73 -1.52 32.03
C ALA D 381 -5.58 -1.61 33.28
N ASP D 382 -5.16 -2.47 34.22
CA ASP D 382 -6.00 -2.79 35.38
C ASP D 382 -6.26 -1.56 36.24
N PHE D 383 -5.22 -0.78 36.52
CA PHE D 383 -5.35 0.36 37.42
C PHE D 383 -4.78 1.60 36.73
N MET D 384 -5.57 2.67 36.73
CA MET D 384 -5.15 3.94 36.16
C MET D 384 -5.52 5.07 37.09
N LEU D 385 -4.53 5.89 37.43
CA LEU D 385 -4.72 7.05 38.29
C LEU D 385 -4.46 8.30 37.47
N ALA D 386 -5.34 9.28 37.61
CA ALA D 386 -5.20 10.57 36.92
C ALA D 386 -4.54 11.57 37.84
N VAL D 387 -3.31 11.96 37.50
CA VAL D 387 -2.56 12.92 38.28
C VAL D 387 -2.89 14.31 37.74
N ILE D 388 -3.52 15.13 38.57
CA ILE D 388 -3.99 16.45 38.18
C ILE D 388 -3.32 17.48 39.09
N GLU D 389 -2.79 18.54 38.48
CA GLU D 389 -2.14 19.61 39.24
C GLU D 389 -2.45 20.94 38.60
N THR D 390 -3.04 21.84 39.37
CA THR D 390 -3.32 23.20 38.94
C THR D 390 -2.46 24.17 39.73
N GLU D 391 -2.65 25.47 39.46
CA GLU D 391 -1.89 26.48 40.17
C GLU D 391 -2.18 26.45 41.66
N GLU D 392 -3.46 26.31 42.04
CA GLU D 392 -3.81 26.26 43.46
C GLU D 392 -3.20 25.05 44.13
N LEU D 393 -3.28 23.89 43.49
CA LEU D 393 -2.68 22.69 44.06
C LEU D 393 -1.17 22.82 44.19
N ALA D 394 -0.52 23.34 43.14
CA ALA D 394 0.93 23.51 43.19
C ALA D 394 1.34 24.49 44.28
N ALA D 395 0.52 25.51 44.53
CA ALA D 395 0.78 26.42 45.64
C ALA D 395 0.72 25.71 46.99
N ALA D 396 -0.06 24.65 47.09
CA ALA D 396 -0.15 23.85 48.30
C ALA D 396 0.75 22.63 48.28
N GLU D 397 1.56 22.47 47.22
CA GLU D 397 2.46 21.32 47.06
C GLU D 397 1.67 20.01 47.08
N GLN D 398 0.57 19.97 46.35
CA GLN D 398 -0.30 18.80 46.32
C GLN D 398 -0.73 18.51 44.88
N GLN D 399 -1.11 17.25 44.65
CA GLN D 399 -1.73 16.84 43.41
C GLN D 399 -3.10 16.23 43.72
N LEU D 400 -3.98 16.24 42.73
CA LEU D 400 -5.31 15.66 42.87
C LEU D 400 -5.38 14.38 42.06
N ILE D 401 -5.13 13.25 42.72
CA ILE D 401 -5.14 11.95 42.07
C ILE D 401 -6.60 11.50 41.97
N LYS D 402 -7.04 11.21 40.76
CA LYS D 402 -8.42 10.85 40.48
C LYS D 402 -8.46 9.40 40.03
N GLN D 403 -9.23 8.58 40.74
CA GLN D 403 -9.31 7.16 40.44
C GLN D 403 -10.11 6.99 39.16
N ILE D 404 -9.42 6.94 38.02
CA ILE D 404 -10.09 6.92 36.73
C ILE D 404 -10.55 5.53 36.35
N LYS D 405 -9.68 4.53 36.52
CA LYS D 405 -9.99 3.16 36.13
C LYS D 405 -9.50 2.24 37.24
N SER D 406 -10.43 1.72 38.04
CA SER D 406 -10.09 0.90 39.19
C SER D 406 -10.74 -0.47 39.03
N ARG D 407 -9.93 -1.46 38.65
CA ARG D 407 -10.39 -2.83 38.65
C ARG D 407 -10.40 -3.47 40.03
N TYR D 408 -9.69 -2.89 41.00
CA TYR D 408 -9.57 -3.49 42.31
C TYR D 408 -10.65 -3.04 43.29
N GLY D 409 -11.48 -2.08 42.92
CA GLY D 409 -12.49 -1.63 43.86
C GLY D 409 -13.43 -0.64 43.21
N ASP D 410 -14.49 -0.31 43.95
CA ASP D 410 -15.48 0.65 43.48
C ASP D 410 -14.83 2.03 43.38
N LYS D 411 -14.60 2.49 42.16
CA LYS D 411 -13.93 3.76 41.96
C LYS D 411 -14.75 4.96 42.42
N ASN D 412 -16.07 4.79 42.58
CA ASN D 412 -16.90 5.90 43.02
C ASN D 412 -16.54 6.34 44.43
N LYS D 413 -16.28 5.38 45.32
CA LYS D 413 -15.84 5.69 46.67
C LYS D 413 -14.39 6.14 46.65
N TRP D 414 -14.11 7.30 47.24
CA TRP D 414 -12.79 7.91 47.20
C TRP D 414 -12.32 8.08 45.77
N ASN D 415 -13.15 8.71 44.95
CA ASN D 415 -12.81 8.87 43.54
C ASN D 415 -11.67 9.87 43.36
N LYS D 416 -11.74 11.02 44.03
CA LYS D 416 -10.71 12.04 43.95
C LYS D 416 -10.11 12.21 45.33
N PHE D 417 -8.79 12.06 45.43
CA PHE D 417 -8.09 12.24 46.70
C PHE D 417 -6.81 13.05 46.46
N LEU D 418 -6.45 13.82 47.47
CA LEU D 418 -5.31 14.74 47.39
C LEU D 418 -4.06 14.02 47.88
N MET D 419 -3.05 13.93 47.01
CA MET D 419 -1.77 13.36 47.38
C MET D 419 -0.75 14.47 47.63
N GLY D 420 -0.08 14.39 48.78
CA GLY D 420 0.88 15.40 49.17
C GLY D 420 2.24 15.21 48.53
N VAL D 421 2.35 15.54 47.25
CA VAL D 421 3.60 15.33 46.53
C VAL D 421 4.59 16.43 46.89
N GLN D 422 5.82 16.03 47.21
CA GLN D 422 6.92 16.95 47.46
C GLN D 422 7.91 16.81 46.32
N LYS D 423 7.83 17.71 45.34
CA LYS D 423 8.70 17.62 44.17
C LYS D 423 10.17 17.75 44.54
N GLY D 424 10.47 18.42 45.66
CA GLY D 424 11.86 18.53 46.08
C GLY D 424 12.47 17.20 46.45
N ASN D 425 11.69 16.31 47.06
CA ASN D 425 12.20 15.03 47.53
C ASN D 425 11.73 13.86 46.69
N GLN D 426 10.94 14.10 45.63
CA GLN D 426 10.46 13.04 44.75
C GLN D 426 9.71 11.96 45.53
N LYS D 427 8.85 12.40 46.45
CA LYS D 427 8.15 11.50 47.34
C LYS D 427 6.68 11.87 47.41
N TRP D 428 5.83 10.86 47.56
CA TRP D 428 4.41 11.04 47.81
C TRP D 428 4.15 10.85 49.30
N VAL D 429 3.40 11.77 49.90
CA VAL D 429 2.97 11.63 51.28
C VAL D 429 1.45 11.80 51.32
N GLU D 430 0.83 11.22 52.33
CA GLU D 430 -0.61 11.30 52.49
C GLU D 430 -1.01 12.62 53.14
N ILE D 431 -2.30 12.74 53.42
CA ILE D 431 -2.82 13.94 54.08
C ILE D 431 -3.34 13.67 55.48
N GLU D 432 -4.03 12.55 55.69
CA GLU D 432 -4.58 12.22 57.01
C GLU D 432 -3.47 12.01 58.04
N MET E 1 -15.99 -38.58 -9.66
CA MET E 1 -16.90 -39.07 -8.63
C MET E 1 -18.18 -39.63 -9.24
N VAL E 2 -18.16 -39.82 -10.56
CA VAL E 2 -19.33 -40.35 -11.27
C VAL E 2 -19.69 -41.72 -10.73
N GLU E 3 -18.67 -42.54 -10.43
CA GLU E 3 -18.93 -43.86 -9.86
C GLU E 3 -19.66 -43.74 -8.53
N ILE E 4 -19.24 -42.79 -7.70
CA ILE E 4 -19.91 -42.56 -6.43
C ILE E 4 -21.34 -42.10 -6.67
N ILE E 5 -21.56 -41.23 -7.65
CA ILE E 5 -22.90 -40.71 -7.92
C ILE E 5 -23.83 -41.85 -8.30
N LEU E 6 -23.39 -42.72 -9.21
CA LEU E 6 -24.24 -43.82 -9.63
C LEU E 6 -24.45 -44.82 -8.50
N SER E 7 -23.40 -45.11 -7.74
CA SER E 7 -23.54 -46.06 -6.64
C SER E 7 -24.53 -45.58 -5.60
N HIS E 8 -24.49 -44.29 -5.27
CA HIS E 8 -25.44 -43.75 -4.31
C HIS E 8 -26.81 -43.47 -4.91
N LEU E 9 -26.92 -43.41 -6.24
CA LEU E 9 -28.23 -43.39 -6.88
C LEU E 9 -28.89 -44.75 -6.75
N ILE E 10 -28.14 -45.82 -6.99
CA ILE E 10 -28.73 -47.16 -6.97
C ILE E 10 -28.98 -47.61 -5.53
N PHE E 11 -27.99 -47.46 -4.66
CA PHE E 11 -28.06 -48.03 -3.31
C PHE E 11 -28.40 -47.00 -2.23
N ASP E 12 -29.28 -46.05 -2.52
CA ASP E 12 -29.73 -45.09 -1.52
C ASP E 12 -31.03 -44.46 -1.99
N GLN E 13 -32.00 -44.35 -1.09
CA GLN E 13 -33.25 -43.70 -1.42
C GLN E 13 -33.22 -42.21 -1.10
N ALA E 14 -32.54 -41.83 -0.01
CA ALA E 14 -32.47 -40.42 0.36
C ALA E 14 -31.74 -39.60 -0.70
N TYR E 15 -30.63 -40.14 -1.21
CA TYR E 15 -29.88 -39.44 -2.25
C TYR E 15 -30.70 -39.31 -3.53
N PHE E 16 -31.32 -40.41 -3.96
CA PHE E 16 -32.18 -40.39 -5.14
C PHE E 16 -33.36 -39.45 -4.96
N SER E 17 -33.80 -39.24 -3.72
CA SER E 17 -34.94 -38.37 -3.45
C SER E 17 -34.59 -36.90 -3.50
N LYS E 18 -33.31 -36.55 -3.68
CA LYS E 18 -32.92 -35.15 -3.73
C LYS E 18 -31.98 -34.77 -4.86
N VAL E 19 -31.44 -35.74 -5.60
CA VAL E 19 -30.55 -35.42 -6.71
C VAL E 19 -31.11 -35.82 -8.07
N TRP E 20 -32.09 -36.73 -8.11
CA TRP E 20 -32.69 -37.08 -9.40
C TRP E 20 -33.44 -35.94 -10.06
N PRO E 21 -34.05 -34.99 -9.34
CA PRO E 21 -34.65 -33.83 -10.05
C PRO E 21 -33.66 -33.08 -10.93
N TYR E 22 -32.39 -33.02 -10.55
CA TYR E 22 -31.37 -32.31 -11.31
C TYR E 22 -30.37 -33.33 -11.84
N MET E 23 -30.69 -33.96 -12.97
CA MET E 23 -29.80 -34.93 -13.57
C MET E 23 -30.08 -35.02 -15.05
N ASP E 24 -29.04 -34.82 -15.87
CA ASP E 24 -29.16 -34.92 -17.32
C ASP E 24 -28.02 -35.78 -17.85
N SER E 25 -28.29 -36.47 -18.95
CA SER E 25 -27.26 -37.30 -19.57
C SER E 25 -26.08 -36.48 -20.05
N GLU E 26 -26.27 -35.17 -20.25
CA GLU E 26 -25.18 -34.32 -20.71
C GLU E 26 -24.17 -34.01 -19.62
N TYR E 27 -24.46 -34.39 -18.37
CA TYR E 27 -23.56 -34.08 -17.26
C TYR E 27 -22.37 -35.02 -17.16
N PHE E 28 -22.54 -36.30 -17.44
CA PHE E 28 -21.59 -37.30 -16.94
C PHE E 28 -20.38 -37.48 -17.86
N GLU E 29 -20.61 -37.92 -19.09
CA GLU E 29 -19.51 -38.30 -19.97
C GLU E 29 -20.12 -38.65 -21.33
N SER E 30 -19.26 -38.95 -22.30
CA SER E 30 -19.65 -39.57 -23.54
C SER E 30 -19.31 -41.06 -23.58
N GLY E 31 -18.78 -41.60 -22.48
CA GLY E 31 -18.36 -42.98 -22.45
C GLY E 31 -19.33 -43.89 -21.72
N PRO E 32 -18.80 -44.88 -21.01
CA PRO E 32 -19.69 -45.85 -20.33
C PRO E 32 -20.60 -45.23 -19.30
N ALA E 33 -20.16 -44.15 -18.64
CA ALA E 33 -21.00 -43.50 -17.65
C ALA E 33 -22.29 -42.98 -18.27
N LYS E 34 -22.19 -42.43 -19.48
CA LYS E 34 -23.39 -41.95 -20.16
C LYS E 34 -24.40 -43.06 -20.38
N ASN E 35 -23.94 -44.21 -20.90
CA ASN E 35 -24.85 -45.31 -21.17
C ASN E 35 -25.40 -45.90 -19.88
N THR E 36 -24.60 -45.93 -18.81
CA THR E 36 -25.09 -46.42 -17.53
C THR E 36 -26.20 -45.53 -16.99
N PHE E 37 -26.00 -44.21 -17.04
CA PHE E 37 -27.05 -43.30 -16.61
C PHE E 37 -28.27 -43.39 -17.52
N LYS E 38 -28.05 -43.64 -18.81
CA LYS E 38 -29.18 -43.85 -19.72
C LYS E 38 -29.98 -45.08 -19.31
N LEU E 39 -29.29 -46.16 -18.94
CA LEU E 39 -29.98 -47.35 -18.45
C LEU E 39 -30.78 -47.04 -17.20
N ILE E 40 -30.19 -46.27 -16.28
CA ILE E 40 -30.90 -45.92 -15.05
C ILE E 40 -32.14 -45.09 -15.38
N LYS E 41 -32.00 -44.12 -16.28
CA LYS E 41 -33.14 -43.29 -16.65
C LYS E 41 -34.24 -44.09 -17.31
N SER E 42 -33.87 -45.01 -18.21
CA SER E 42 -34.87 -45.85 -18.86
C SER E 42 -35.57 -46.74 -17.84
N HIS E 43 -34.81 -47.31 -16.91
CA HIS E 43 -35.41 -48.19 -15.93
C HIS E 43 -36.37 -47.44 -15.00
N VAL E 44 -36.03 -46.21 -14.65
CA VAL E 44 -36.94 -45.45 -13.79
C VAL E 44 -38.14 -44.94 -14.59
N ASN E 45 -37.97 -44.72 -15.90
CA ASN E 45 -39.10 -44.29 -16.71
C ASN E 45 -40.11 -45.42 -16.89
N GLU E 46 -39.64 -46.61 -17.25
CA GLU E 46 -40.55 -47.72 -17.51
C GLU E 46 -41.26 -48.17 -16.24
N TYR E 47 -40.55 -48.17 -15.11
CA TYR E 47 -41.10 -48.56 -13.82
C TYR E 47 -40.60 -47.56 -12.79
N HIS E 48 -41.51 -46.78 -12.22
CA HIS E 48 -41.12 -45.60 -11.45
C HIS E 48 -40.51 -45.98 -10.10
N SER E 49 -39.34 -46.61 -10.15
CA SER E 49 -38.57 -46.90 -8.95
C SER E 49 -37.12 -47.10 -9.35
N VAL E 50 -36.22 -46.95 -8.38
CA VAL E 50 -34.79 -47.08 -8.64
C VAL E 50 -34.48 -48.56 -8.89
N PRO E 51 -33.71 -48.89 -9.92
CA PRO E 51 -33.46 -50.30 -10.23
C PRO E 51 -32.51 -50.94 -9.23
N SER E 52 -32.28 -52.23 -9.43
CA SER E 52 -31.28 -52.99 -8.69
C SER E 52 -30.17 -53.44 -9.64
N ILE E 53 -29.09 -53.96 -9.05
CA ILE E 53 -27.96 -54.42 -9.86
C ILE E 53 -28.38 -55.53 -10.79
N ASN E 54 -29.16 -56.50 -10.28
CA ASN E 54 -29.70 -57.54 -11.15
C ASN E 54 -30.61 -56.94 -12.22
N ALA E 55 -31.50 -56.03 -11.81
CA ALA E 55 -32.37 -55.37 -12.77
C ALA E 55 -31.57 -54.56 -13.77
N LEU E 56 -30.53 -53.86 -13.31
CA LEU E 56 -29.69 -53.09 -14.22
C LEU E 56 -29.00 -53.99 -15.23
N ASN E 57 -28.51 -55.15 -14.77
CA ASN E 57 -27.88 -56.10 -15.68
C ASN E 57 -28.86 -56.64 -16.70
N VAL E 58 -30.10 -56.93 -16.26
CA VAL E 58 -31.12 -57.40 -17.20
C VAL E 58 -31.42 -56.32 -18.24
N ALA E 59 -31.52 -55.06 -17.79
CA ALA E 59 -31.76 -53.97 -18.72
C ALA E 59 -30.61 -53.83 -19.72
N LEU E 60 -29.38 -53.97 -19.23
CA LEU E 60 -28.22 -53.90 -20.12
C LEU E 60 -28.25 -55.02 -21.15
N GLU E 61 -28.61 -56.23 -20.72
CA GLU E 61 -28.74 -57.34 -21.66
C GLU E 61 -29.82 -57.06 -22.69
N ASN E 62 -30.96 -56.52 -22.26
CA ASN E 62 -32.03 -56.21 -23.20
C ASN E 62 -31.64 -55.07 -24.13
N SER E 63 -30.95 -54.06 -23.61
CA SER E 63 -30.55 -52.92 -24.43
C SER E 63 -29.45 -53.33 -25.41
N SER E 64 -29.26 -52.49 -26.41
CA SER E 64 -28.30 -52.74 -27.49
C SER E 64 -27.19 -51.71 -27.46
N PHE E 65 -25.95 -52.17 -27.44
CA PHE E 65 -24.77 -51.32 -27.54
C PHE E 65 -23.69 -52.10 -28.27
N THR E 66 -22.62 -51.40 -28.66
CA THR E 66 -21.51 -52.08 -29.28
C THR E 66 -20.75 -52.89 -28.23
N GLU E 67 -19.91 -53.81 -28.71
CA GLU E 67 -19.19 -54.71 -27.82
C GLU E 67 -18.34 -53.93 -26.82
N THR E 68 -17.64 -52.90 -27.30
CA THR E 68 -16.84 -52.09 -26.40
C THR E 68 -17.70 -51.39 -25.36
N GLU E 69 -18.81 -50.79 -25.79
CA GLU E 69 -19.72 -50.15 -24.85
C GLU E 69 -20.34 -51.18 -23.91
N TYR E 70 -20.70 -52.35 -24.44
CA TYR E 70 -21.23 -53.42 -23.59
C TYR E 70 -20.25 -53.75 -22.46
N SER E 71 -18.99 -53.99 -22.83
CA SER E 71 -17.99 -54.35 -21.83
C SER E 71 -17.76 -53.22 -20.84
N GLY E 72 -17.69 -51.98 -21.33
CA GLY E 72 -17.46 -50.86 -20.43
C GLY E 72 -18.60 -50.66 -19.44
N VAL E 73 -19.84 -50.73 -19.93
CA VAL E 73 -21.00 -50.58 -19.04
C VAL E 73 -21.05 -51.72 -18.04
N LYS E 74 -20.76 -52.95 -18.48
CA LYS E 74 -20.77 -54.08 -17.56
C LYS E 74 -19.71 -53.90 -16.48
N THR E 75 -18.51 -53.48 -16.88
CA THR E 75 -17.43 -53.26 -15.91
C THR E 75 -17.80 -52.18 -14.92
N LEU E 76 -18.39 -51.09 -15.39
CA LEU E 76 -18.83 -50.04 -14.47
C LEU E 76 -19.90 -50.55 -13.53
N ILE E 77 -20.86 -51.33 -14.04
CA ILE E 77 -21.93 -51.87 -13.22
C ILE E 77 -21.36 -52.74 -12.12
N SER E 78 -20.38 -53.59 -12.46
CA SER E 78 -19.77 -54.43 -11.44
C SER E 78 -19.09 -53.60 -10.36
N LYS E 79 -18.71 -52.36 -10.67
CA LYS E 79 -18.05 -51.49 -9.71
C LYS E 79 -19.06 -50.54 -9.09
N LEU E 80 -20.01 -51.12 -8.38
CA LEU E 80 -20.99 -50.35 -7.62
C LEU E 80 -21.14 -50.96 -6.23
N ALA E 81 -21.07 -50.13 -5.20
CA ALA E 81 -21.19 -50.58 -3.82
C ALA E 81 -22.04 -49.58 -3.04
N ASP E 82 -22.60 -50.06 -1.93
CA ASP E 82 -23.43 -49.20 -1.08
C ASP E 82 -22.62 -48.03 -0.53
N SER E 83 -21.62 -48.33 0.30
CA SER E 83 -20.71 -47.34 0.88
C SER E 83 -21.49 -46.20 1.54
N PRO E 84 -22.12 -46.44 2.67
CA PRO E 84 -23.01 -45.42 3.26
C PRO E 84 -22.27 -44.25 3.86
N GLU E 85 -21.74 -43.37 3.01
CA GLU E 85 -21.03 -42.19 3.48
C GLU E 85 -22.00 -41.14 4.02
N ASP E 86 -21.45 -39.99 4.38
CA ASP E 86 -22.25 -38.88 4.87
C ASP E 86 -23.17 -38.38 3.77
N HIS E 87 -24.34 -37.88 4.18
CA HIS E 87 -25.32 -37.39 3.20
C HIS E 87 -25.00 -35.96 2.78
N SER E 88 -24.63 -35.11 3.74
CA SER E 88 -24.35 -33.71 3.42
C SER E 88 -23.15 -33.59 2.47
N TRP E 89 -22.06 -34.28 2.79
CA TRP E 89 -20.90 -34.26 1.90
C TRP E 89 -21.26 -34.82 0.53
N LEU E 90 -22.06 -35.88 0.51
CA LEU E 90 -22.42 -36.52 -0.77
C LEU E 90 -23.19 -35.55 -1.66
N VAL E 91 -24.22 -34.90 -1.09
CA VAL E 91 -25.02 -33.99 -1.90
C VAL E 91 -24.20 -32.77 -2.32
N LYS E 92 -23.34 -32.26 -1.42
CA LYS E 92 -22.53 -31.11 -1.80
C LYS E 92 -21.55 -31.46 -2.91
N GLU E 93 -20.91 -32.63 -2.81
CA GLU E 93 -19.94 -33.03 -3.82
C GLU E 93 -20.61 -33.28 -5.16
N THR E 94 -21.77 -33.94 -5.16
CA THR E 94 -22.44 -34.16 -6.43
C THR E 94 -22.97 -32.86 -7.02
N GLU E 95 -23.34 -31.89 -6.16
CA GLU E 95 -23.71 -30.57 -6.67
C GLU E 95 -22.51 -29.89 -7.33
N LYS E 96 -21.34 -30.00 -6.71
CA LYS E 96 -20.15 -29.40 -7.32
C LYS E 96 -19.83 -30.05 -8.66
N TYR E 97 -19.95 -31.38 -8.72
CA TYR E 97 -19.70 -32.07 -9.99
C TYR E 97 -20.69 -31.63 -11.06
N VAL E 98 -21.97 -31.50 -10.68
CA VAL E 98 -22.98 -31.06 -11.62
C VAL E 98 -22.67 -29.65 -12.13
N GLN E 99 -22.28 -28.74 -11.23
CA GLN E 99 -21.99 -27.38 -11.64
C GLN E 99 -20.79 -27.34 -12.58
N GLN E 100 -19.72 -28.06 -12.26
CA GLN E 100 -18.55 -28.01 -13.13
C GLN E 100 -18.84 -28.61 -14.50
N ARG E 101 -19.60 -29.70 -14.55
CA ARG E 101 -19.89 -30.30 -15.85
C ARG E 101 -20.88 -29.46 -16.64
N ALA E 102 -21.79 -28.76 -15.95
CA ALA E 102 -22.67 -27.83 -16.64
C ALA E 102 -21.88 -26.67 -17.25
N MET E 103 -20.91 -26.14 -16.51
CA MET E 103 -20.05 -25.11 -17.07
C MET E 103 -19.30 -25.60 -18.29
N PHE E 104 -18.75 -26.82 -18.20
CA PHE E 104 -18.03 -27.37 -19.34
C PHE E 104 -18.95 -27.52 -20.56
N ASN E 105 -20.16 -28.03 -20.34
CA ASN E 105 -21.10 -28.21 -21.43
C ASN E 105 -21.47 -26.88 -22.07
N ALA E 106 -21.77 -25.87 -21.25
CA ALA E 106 -22.14 -24.57 -21.80
C ALA E 106 -21.01 -23.95 -22.60
N THR E 107 -19.78 -24.06 -22.09
CA THR E 107 -18.64 -23.50 -22.81
C THR E 107 -18.44 -24.21 -24.14
N SER E 108 -18.53 -25.55 -24.15
CA SER E 108 -18.42 -26.27 -25.40
C SER E 108 -19.53 -25.87 -26.36
N LYS E 109 -20.73 -25.66 -25.84
CA LYS E 109 -21.84 -25.25 -26.69
C LYS E 109 -21.59 -23.89 -27.33
N ILE E 110 -21.10 -22.92 -26.56
CA ILE E 110 -20.87 -21.61 -27.14
C ILE E 110 -19.70 -21.66 -28.12
N ILE E 111 -18.71 -22.51 -27.87
CA ILE E 111 -17.61 -22.66 -28.82
C ILE E 111 -18.14 -23.21 -30.14
N GLU E 112 -19.01 -24.22 -30.07
CA GLU E 112 -19.60 -24.76 -31.29
C GLU E 112 -20.46 -23.72 -31.98
N ILE E 113 -21.15 -22.89 -31.21
CA ILE E 113 -21.98 -21.83 -31.78
C ILE E 113 -21.11 -20.87 -32.59
N GLN E 114 -19.98 -20.44 -32.00
CA GLN E 114 -19.10 -19.53 -32.72
C GLN E 114 -18.50 -20.20 -33.95
N THR E 115 -18.12 -21.47 -33.83
CA THR E 115 -17.56 -22.19 -34.97
C THR E 115 -18.56 -22.25 -36.12
N ASN E 116 -19.83 -22.51 -35.80
CA ASN E 116 -20.86 -22.47 -36.82
C ASN E 116 -21.06 -21.07 -37.37
N ALA E 117 -20.96 -20.05 -36.51
CA ALA E 117 -21.17 -18.68 -36.96
C ALA E 117 -20.12 -18.26 -37.97
N GLU E 118 -18.87 -18.69 -37.78
CA GLU E 118 -17.84 -18.38 -38.76
C GLU E 118 -18.10 -19.02 -40.11
N LEU E 119 -18.83 -20.14 -40.15
CA LEU E 119 -19.08 -20.82 -41.39
C LEU E 119 -20.02 -20.00 -42.29
N PRO E 120 -19.94 -20.20 -43.61
CA PRO E 120 -20.87 -19.51 -44.50
C PRO E 120 -22.29 -19.98 -44.25
N PRO E 121 -23.28 -19.12 -44.49
CA PRO E 121 -24.67 -19.52 -44.23
C PRO E 121 -25.09 -20.77 -44.98
N GLU E 122 -24.60 -20.97 -46.21
CA GLU E 122 -24.86 -22.22 -46.91
C GLU E 122 -24.21 -23.40 -46.19
N LYS E 123 -22.96 -23.22 -45.75
CA LYS E 123 -22.26 -24.31 -45.07
C LYS E 123 -22.69 -24.47 -43.62
N ARG E 124 -23.04 -23.38 -42.94
CA ARG E 124 -23.31 -23.44 -41.51
C ARG E 124 -24.59 -24.19 -41.21
N ASN E 125 -24.74 -24.61 -39.95
CA ASN E 125 -25.90 -25.37 -39.52
C ASN E 125 -26.93 -24.44 -38.87
N LYS E 126 -28.17 -24.54 -39.36
CA LYS E 126 -29.25 -23.73 -38.83
C LYS E 126 -29.75 -24.20 -37.47
N LYS E 127 -29.45 -25.44 -37.09
CA LYS E 127 -29.97 -25.98 -35.84
C LYS E 127 -29.42 -25.23 -34.63
N MET E 128 -28.14 -24.89 -34.66
CA MET E 128 -27.54 -24.20 -33.53
C MET E 128 -28.10 -22.78 -33.42
N PRO E 129 -28.10 -22.20 -32.22
CA PRO E 129 -28.58 -20.82 -32.07
C PRO E 129 -27.62 -19.83 -32.72
N ASP E 130 -28.00 -18.55 -32.62
CA ASP E 130 -27.13 -17.48 -33.08
C ASP E 130 -26.20 -17.04 -31.96
N VAL E 131 -25.26 -16.17 -32.31
CA VAL E 131 -24.28 -15.71 -31.33
C VAL E 131 -24.97 -14.99 -30.18
N GLY E 132 -26.11 -14.35 -30.43
CA GLY E 132 -26.79 -13.61 -29.39
C GLY E 132 -27.26 -14.47 -28.23
N ALA E 133 -27.26 -15.79 -28.40
CA ALA E 133 -27.65 -16.71 -27.33
C ALA E 133 -26.49 -17.12 -26.44
N ILE E 134 -25.27 -16.64 -26.73
CA ILE E 134 -24.12 -17.01 -25.89
C ILE E 134 -24.28 -16.56 -24.44
N PRO E 135 -24.70 -15.33 -24.14
CA PRO E 135 -24.77 -14.93 -22.72
C PRO E 135 -25.73 -15.75 -21.89
N ASP E 136 -27.00 -15.85 -22.32
CA ASP E 136 -27.98 -16.58 -21.52
C ASP E 136 -27.58 -18.04 -21.34
N ILE E 137 -27.07 -18.67 -22.39
CA ILE E 137 -26.59 -20.05 -22.28
C ILE E 137 -25.61 -20.20 -21.13
N MET E 138 -24.79 -19.18 -20.87
CA MET E 138 -23.89 -19.26 -19.74
C MET E 138 -24.63 -19.13 -18.42
N ARG E 139 -25.55 -18.17 -18.31
CA ARG E 139 -26.18 -17.91 -17.02
C ARG E 139 -27.11 -19.05 -16.62
N GLN E 140 -27.77 -19.68 -17.60
CA GLN E 140 -28.56 -20.86 -17.29
C GLN E 140 -27.68 -22.01 -16.82
N ALA E 141 -26.40 -22.00 -17.20
CA ALA E 141 -25.46 -22.98 -16.69
C ALA E 141 -24.84 -22.54 -15.37
N LEU E 142 -25.16 -21.34 -14.89
CA LEU E 142 -24.70 -20.88 -13.59
C LEU E 142 -25.84 -20.80 -12.59
N SER E 143 -26.94 -21.48 -12.88
CA SER E 143 -28.13 -21.46 -12.03
C SER E 143 -28.62 -22.89 -11.83
N ILE E 144 -27.67 -23.82 -11.67
CA ILE E 144 -28.00 -25.23 -11.55
C ILE E 144 -27.57 -25.73 -10.18
N SER E 145 -27.64 -24.86 -9.18
CA SER E 145 -27.36 -25.28 -7.82
C SER E 145 -28.40 -26.28 -7.35
N PHE E 146 -27.98 -27.21 -6.49
CA PHE E 146 -28.86 -28.25 -5.96
C PHE E 146 -29.68 -27.63 -4.83
N ASP E 147 -30.92 -27.25 -5.15
CA ASP E 147 -31.82 -26.70 -4.14
C ASP E 147 -33.25 -26.91 -4.63
N SER E 148 -33.94 -27.87 -4.02
CA SER E 148 -35.33 -28.14 -4.35
C SER E 148 -36.30 -27.32 -3.52
N TYR E 149 -35.81 -26.57 -2.53
CA TYR E 149 -36.68 -25.83 -1.63
C TYR E 149 -37.01 -24.47 -2.24
N VAL E 150 -38.30 -24.17 -2.35
CA VAL E 150 -38.75 -22.90 -2.90
C VAL E 150 -39.02 -21.94 -1.76
N GLY E 151 -39.23 -22.48 -0.57
CA GLY E 151 -39.46 -21.69 0.63
C GLY E 151 -40.92 -21.67 1.02
N HIS E 152 -41.27 -20.66 1.81
CA HIS E 152 -42.64 -20.50 2.27
C HIS E 152 -43.56 -20.12 1.11
N ASP E 153 -44.85 -20.01 1.42
CA ASP E 153 -45.85 -19.58 0.45
C ASP E 153 -46.81 -18.53 0.97
N TRP E 154 -46.97 -18.42 2.29
CA TRP E 154 -47.81 -17.42 2.94
C TRP E 154 -49.29 -17.71 2.71
N MET E 155 -49.61 -18.63 1.80
CA MET E 155 -51.00 -18.95 1.53
C MET E 155 -51.23 -20.46 1.56
N ASP E 156 -50.25 -21.22 1.06
CA ASP E 156 -50.33 -22.67 1.07
C ASP E 156 -49.64 -23.30 2.27
N ASP E 157 -49.04 -22.48 3.14
CA ASP E 157 -48.33 -23.00 4.31
C ASP E 157 -48.66 -22.18 5.56
N TYR E 158 -49.91 -21.74 5.69
CA TYR E 158 -50.25 -20.91 6.85
C TYR E 158 -50.41 -21.73 8.12
N GLU E 159 -50.91 -22.96 8.00
CA GLU E 159 -51.03 -23.82 9.18
C GLU E 159 -49.66 -24.16 9.76
N ALA E 160 -48.71 -24.51 8.88
CA ALA E 160 -47.36 -24.80 9.35
C ALA E 160 -46.71 -23.56 9.96
N ARG E 161 -46.99 -22.39 9.39
CA ARG E 161 -46.45 -21.16 9.94
C ARG E 161 -47.03 -20.87 11.32
N TRP E 162 -48.32 -21.13 11.51
CA TRP E 162 -48.90 -20.97 12.85
C TRP E 162 -48.30 -21.95 13.84
N LEU E 163 -48.06 -23.19 13.39
CA LEU E 163 -47.39 -24.16 14.25
C LEU E 163 -45.99 -23.67 14.62
N SER E 164 -45.27 -23.08 13.67
CA SER E 164 -43.97 -22.50 13.95
C SER E 164 -44.07 -21.36 14.96
N TYR E 165 -45.13 -20.55 14.86
CA TYR E 165 -45.38 -19.53 15.88
C TYR E 165 -45.56 -20.17 17.25
N MET E 166 -46.29 -21.28 17.31
CA MET E 166 -46.54 -21.97 18.56
C MET E 166 -45.28 -22.60 19.16
N ASN E 167 -44.21 -22.74 18.37
CA ASN E 167 -42.97 -23.33 18.85
C ASN E 167 -42.07 -22.22 19.39
N LYS E 168 -42.25 -21.90 20.67
CA LYS E 168 -41.43 -20.92 21.37
C LYS E 168 -40.16 -21.52 21.95
N ALA E 169 -39.72 -22.68 21.43
CA ALA E 169 -38.55 -23.35 21.97
C ALA E 169 -37.26 -22.56 21.70
N ARG E 170 -37.32 -21.55 20.83
CA ARG E 170 -36.14 -20.74 20.57
C ARG E 170 -35.87 -19.75 21.70
N LYS E 171 -36.92 -19.25 22.34
CA LYS E 171 -36.76 -18.24 23.37
C LYS E 171 -36.12 -18.82 24.62
N VAL E 172 -35.32 -17.98 25.30
CA VAL E 172 -34.68 -18.34 26.56
C VAL E 172 -34.98 -17.23 27.56
N PRO E 173 -35.48 -17.55 28.75
CA PRO E 173 -35.83 -16.49 29.70
C PRO E 173 -34.59 -15.79 30.25
N PHE E 174 -34.83 -14.67 30.93
CA PHE E 174 -33.75 -13.82 31.42
C PHE E 174 -33.60 -13.81 32.93
N LYS E 175 -34.54 -14.40 33.68
CA LYS E 175 -34.56 -14.35 35.14
C LYS E 175 -34.78 -12.93 35.62
N LEU E 176 -34.95 -11.99 34.70
CA LEU E 176 -35.27 -10.60 35.00
C LEU E 176 -36.54 -10.23 34.27
N ARG E 177 -37.50 -9.63 34.98
CA ARG E 177 -38.77 -9.29 34.36
C ARG E 177 -38.61 -8.23 33.27
N ILE E 178 -37.76 -7.23 33.50
CA ILE E 178 -37.64 -6.14 32.54
C ILE E 178 -37.02 -6.63 31.24
N LEU E 179 -35.98 -7.45 31.31
CA LEU E 179 -35.32 -7.92 30.09
C LEU E 179 -36.25 -8.81 29.27
N ASN E 180 -36.94 -9.75 29.92
CA ASN E 180 -37.89 -10.58 29.20
C ASN E 180 -39.03 -9.77 28.63
N LYS E 181 -39.50 -8.77 29.39
CA LYS E 181 -40.57 -7.91 28.89
C LYS E 181 -40.16 -7.14 27.65
N ILE E 182 -38.91 -6.66 27.62
CA ILE E 182 -38.45 -5.91 26.46
C ILE E 182 -37.89 -6.80 25.37
N THR E 183 -37.82 -8.11 25.60
CA THR E 183 -37.38 -9.04 24.56
C THR E 183 -38.43 -10.07 24.20
N LYS E 184 -39.64 -9.97 24.76
CA LYS E 184 -40.77 -10.82 24.39
C LYS E 184 -40.41 -12.31 24.49
N GLY E 185 -40.01 -12.73 25.68
CA GLY E 185 -39.64 -14.11 25.89
C GLY E 185 -38.14 -14.31 26.03
N GLY E 186 -37.40 -13.21 26.08
CA GLY E 186 -35.97 -13.27 26.24
C GLY E 186 -35.22 -13.40 24.93
N ALA E 187 -33.94 -13.73 25.06
CA ALA E 187 -33.10 -13.89 23.89
C ALA E 187 -33.42 -15.20 23.19
N GLU E 188 -32.92 -15.34 21.95
CA GLU E 188 -33.14 -16.60 21.17
C GLU E 188 -31.81 -17.28 20.88
N THR E 189 -31.83 -18.58 20.57
CA THR E 189 -30.56 -19.32 20.36
C THR E 189 -29.90 -18.82 19.09
N GLY E 190 -28.58 -19.01 18.97
CA GLY E 190 -27.83 -18.54 17.77
C GLY E 190 -28.12 -17.09 17.46
N THR E 191 -28.37 -16.26 18.48
CA THR E 191 -28.74 -14.84 18.25
C THR E 191 -27.75 -13.95 19.00
N LEU E 192 -26.85 -13.27 18.28
CA LEU E 192 -25.78 -12.48 18.95
C LEU E 192 -26.36 -11.24 19.61
N ASN E 193 -26.05 -11.05 20.89
CA ASN E 193 -26.50 -9.87 21.61
C ASN E 193 -25.29 -9.16 22.21
N VAL E 194 -25.33 -7.83 22.18
CA VAL E 194 -24.21 -7.00 22.62
C VAL E 194 -24.67 -6.06 23.72
N LEU E 195 -24.05 -6.17 24.88
CA LEU E 195 -24.24 -5.27 26.01
C LEU E 195 -23.04 -4.33 26.02
N MET E 196 -23.08 -3.30 25.19
CA MET E 196 -21.96 -2.38 25.07
C MET E 196 -21.97 -1.37 26.20
N ALA E 197 -20.79 -0.95 26.61
CA ALA E 197 -20.62 0.05 27.66
C ALA E 197 -19.21 0.61 27.54
N GLY E 198 -18.98 1.75 28.18
CA GLY E 198 -17.66 2.34 28.22
C GLY E 198 -16.72 1.54 29.10
N VAL E 199 -15.46 1.97 29.11
CA VAL E 199 -14.45 1.31 29.93
C VAL E 199 -14.77 1.53 31.40
N ASN E 200 -14.69 0.45 32.18
CA ASN E 200 -14.89 0.50 33.62
C ASN E 200 -16.28 1.01 33.98
N VAL E 201 -17.28 0.55 33.23
CA VAL E 201 -18.67 0.85 33.53
C VAL E 201 -19.49 -0.39 33.87
N GLY E 202 -18.96 -1.59 33.65
CA GLY E 202 -19.68 -2.79 34.04
C GLY E 202 -20.04 -3.75 32.93
N LYS E 203 -19.20 -3.82 31.90
CA LYS E 203 -19.44 -4.79 30.84
C LYS E 203 -19.32 -6.22 31.36
N SER E 204 -18.14 -6.59 31.85
CA SER E 204 -17.95 -7.94 32.37
C SER E 204 -18.80 -8.19 33.60
N LEU E 205 -19.10 -7.15 34.37
CA LEU E 205 -20.02 -7.29 35.49
C LEU E 205 -21.39 -7.71 34.99
N GLY E 206 -21.89 -7.05 33.95
CA GLY E 206 -23.19 -7.42 33.41
C GLY E 206 -23.18 -8.81 32.79
N LEU E 207 -22.06 -9.18 32.14
CA LEU E 207 -21.99 -10.49 31.52
C LEU E 207 -21.97 -11.60 32.58
N CYS E 208 -21.24 -11.37 33.68
CA CYS E 208 -21.26 -12.34 34.77
C CYS E 208 -22.60 -12.37 35.47
N SER E 209 -23.29 -11.23 35.55
CA SER E 209 -24.63 -11.22 36.11
C SER E 209 -25.58 -12.05 35.24
N LEU E 210 -25.47 -11.93 33.93
CA LEU E 210 -26.29 -12.74 33.05
C LEU E 210 -25.93 -14.22 33.16
N ALA E 211 -24.64 -14.51 33.33
CA ALA E 211 -24.22 -15.90 33.53
C ALA E 211 -24.82 -16.47 34.80
N ALA E 212 -24.82 -15.70 35.88
CA ALA E 212 -25.41 -16.17 37.13
C ALA E 212 -26.92 -16.34 37.00
N ASP E 213 -27.59 -15.40 36.32
CA ASP E 213 -29.03 -15.51 36.13
C ASP E 213 -29.38 -16.73 35.31
N TYR E 214 -28.61 -17.02 34.26
CA TYR E 214 -28.85 -18.23 33.47
C TYR E 214 -28.51 -19.48 34.27
N LEU E 215 -27.53 -19.41 35.16
CA LEU E 215 -27.21 -20.55 36.00
C LEU E 215 -28.34 -20.85 36.97
N GLN E 216 -28.95 -19.81 37.55
CA GLN E 216 -30.10 -20.02 38.43
C GLN E 216 -31.33 -20.49 37.68
N LEU E 217 -31.35 -20.41 36.35
CA LEU E 217 -32.44 -20.90 35.54
C LEU E 217 -32.18 -22.28 34.95
N GLY E 218 -31.12 -22.95 35.38
CA GLY E 218 -30.87 -24.32 34.98
C GLY E 218 -30.17 -24.52 33.65
N HIS E 219 -29.82 -23.45 32.94
CA HIS E 219 -29.13 -23.61 31.67
C HIS E 219 -27.69 -24.05 31.91
N ASN E 220 -26.99 -24.28 30.79
CA ASN E 220 -25.56 -24.53 30.81
C ASN E 220 -24.87 -23.34 30.16
N VAL E 221 -23.99 -22.67 30.89
CA VAL E 221 -23.40 -21.41 30.48
C VAL E 221 -21.90 -21.59 30.30
N LEU E 222 -21.37 -21.04 29.21
CA LEU E 222 -19.94 -21.05 28.92
C LEU E 222 -19.45 -19.62 28.91
N TYR E 223 -18.75 -19.23 29.97
CA TYR E 223 -18.20 -17.90 30.12
C TYR E 223 -16.76 -17.90 29.61
N ILE E 224 -16.50 -17.14 28.56
CA ILE E 224 -15.20 -17.10 27.90
C ILE E 224 -14.49 -15.84 28.37
N SER E 225 -13.66 -15.98 29.39
CA SER E 225 -12.93 -14.85 29.95
C SER E 225 -11.81 -14.43 29.01
N MET E 226 -12.01 -13.30 28.33
CA MET E 226 -11.03 -12.76 27.40
C MET E 226 -9.96 -11.92 28.07
N GLN E 227 -10.28 -11.28 29.19
CA GLN E 227 -9.33 -10.39 29.87
C GLN E 227 -8.92 -10.91 31.23
N MET E 228 -9.88 -11.20 32.10
CA MET E 228 -9.57 -11.63 33.46
C MET E 228 -9.08 -13.07 33.49
N ALA E 229 -8.83 -13.55 34.70
CA ALA E 229 -8.42 -14.93 34.92
C ALA E 229 -9.60 -15.76 35.40
N GLU E 230 -9.43 -17.08 35.36
CA GLU E 230 -10.52 -17.98 35.74
C GLU E 230 -10.97 -17.74 37.18
N GLU E 231 -10.02 -17.64 38.10
CA GLU E 231 -10.37 -17.50 39.51
C GLU E 231 -11.13 -16.21 39.77
N VAL E 232 -10.73 -15.12 39.10
CA VAL E 232 -11.39 -13.84 39.32
C VAL E 232 -12.83 -13.89 38.82
N CYS E 233 -13.05 -14.46 37.63
CA CYS E 233 -14.40 -14.58 37.11
C CYS E 233 -15.27 -15.46 38.00
N ALA E 234 -14.71 -16.58 38.46
CA ALA E 234 -15.45 -17.43 39.38
C ALA E 234 -15.74 -16.71 40.69
N LYS E 235 -14.83 -15.83 41.11
CA LYS E 235 -15.08 -15.03 42.30
C LYS E 235 -16.26 -14.09 42.10
N ARG E 236 -16.35 -13.46 40.93
CA ARG E 236 -17.49 -12.61 40.63
C ARG E 236 -18.79 -13.42 40.61
N ILE E 237 -18.73 -14.61 40.02
CA ILE E 237 -19.91 -15.47 39.97
C ILE E 237 -20.33 -15.87 41.38
N ASP E 238 -19.36 -16.16 42.24
CA ASP E 238 -19.66 -16.48 43.63
C ASP E 238 -20.27 -15.28 44.33
N ALA E 239 -19.76 -14.08 44.03
CA ALA E 239 -20.33 -12.88 44.63
C ALA E 239 -21.79 -12.70 44.24
N ASN E 240 -22.14 -13.10 43.01
CA ASN E 240 -23.55 -13.02 42.61
C ASN E 240 -24.37 -14.14 43.25
N MET E 241 -23.91 -15.38 43.11
CA MET E 241 -24.69 -16.53 43.61
C MET E 241 -24.61 -16.59 45.13
N LEU E 242 -23.42 -16.80 45.69
CA LEU E 242 -23.31 -17.00 47.16
C LEU E 242 -23.70 -15.72 47.88
N ASP E 243 -24.17 -14.71 47.14
CA ASP E 243 -24.60 -13.44 47.77
C ASP E 243 -23.60 -13.04 48.86
N VAL E 244 -22.35 -12.77 48.48
CA VAL E 244 -21.33 -12.29 49.46
C VAL E 244 -20.55 -11.17 48.78
N SER E 245 -20.64 -9.95 49.30
CA SER E 245 -20.00 -8.79 48.63
C SER E 245 -18.58 -9.15 48.20
N LEU E 246 -18.23 -8.84 46.95
CA LEU E 246 -16.90 -9.25 46.44
C LEU E 246 -15.85 -8.84 47.45
N ASP E 247 -15.96 -7.64 48.01
CA ASP E 247 -14.91 -7.17 48.95
C ASP E 247 -14.90 -8.11 50.14
N ASP E 248 -16.05 -8.28 50.78
CA ASP E 248 -16.13 -9.17 51.97
C ASP E 248 -15.27 -10.39 51.69
N ILE E 249 -15.40 -10.94 50.49
CA ILE E 249 -14.68 -12.15 50.13
C ILE E 249 -13.19 -12.00 50.41
N ASP E 250 -12.63 -10.85 50.06
CA ASP E 250 -11.20 -10.60 50.28
C ASP E 250 -10.90 -10.08 51.68
N ASP E 251 -11.91 -9.68 52.45
CA ASP E 251 -11.72 -9.19 53.81
C ASP E 251 -12.10 -10.22 54.86
N GLY E 252 -12.28 -11.48 54.47
CA GLY E 252 -12.56 -12.54 55.42
C GLY E 252 -13.86 -12.42 56.17
N HIS E 253 -14.81 -11.63 55.69
CA HIS E 253 -16.09 -11.51 56.37
C HIS E 253 -16.96 -12.75 56.19
N ILE E 254 -16.59 -13.66 55.30
CA ILE E 254 -17.27 -14.94 55.12
C ILE E 254 -16.32 -16.03 55.59
N SER E 255 -16.68 -16.69 56.68
CA SER E 255 -15.91 -17.82 57.16
C SER E 255 -16.06 -19.00 56.21
N TYR E 256 -15.03 -19.85 56.17
CA TYR E 256 -15.07 -21.03 55.32
C TYR E 256 -16.25 -21.92 55.64
N ALA E 257 -16.69 -21.93 56.90
CA ALA E 257 -17.88 -22.69 57.26
C ALA E 257 -19.11 -22.16 56.53
N GLU E 258 -19.31 -20.84 56.55
CA GLU E 258 -20.46 -20.26 55.87
C GLU E 258 -20.35 -20.43 54.36
N TYR E 259 -19.14 -20.28 53.82
CA TYR E 259 -18.95 -20.48 52.38
C TYR E 259 -19.31 -21.90 51.97
N LYS E 260 -18.83 -22.88 52.74
CA LYS E 260 -19.17 -24.28 52.46
C LYS E 260 -20.66 -24.53 52.59
N GLY E 261 -21.28 -23.95 53.62
CA GLY E 261 -22.72 -24.11 53.79
C GLY E 261 -23.50 -23.57 52.61
N LYS E 262 -23.15 -22.37 52.16
CA LYS E 262 -23.85 -21.77 51.02
C LYS E 262 -23.61 -22.58 49.75
N MET E 263 -22.38 -23.04 49.52
CA MET E 263 -22.11 -23.82 48.32
C MET E 263 -22.88 -25.13 48.34
N GLU E 264 -22.93 -25.80 49.48
CA GLU E 264 -23.68 -27.06 49.56
C GLU E 264 -25.19 -26.81 49.43
N LYS E 265 -25.69 -25.72 50.00
CA LYS E 265 -27.10 -25.40 49.83
C LYS E 265 -27.44 -25.17 48.37
N TRP E 266 -26.58 -24.46 47.63
CA TRP E 266 -26.81 -24.28 46.21
C TRP E 266 -26.68 -25.58 45.44
N ARG E 267 -25.76 -26.46 45.87
CA ARG E 267 -25.64 -27.76 45.22
C ARG E 267 -26.91 -28.59 45.41
N GLU E 268 -27.53 -28.49 46.59
CA GLU E 268 -28.72 -29.28 46.87
C GLU E 268 -29.87 -28.92 45.95
N LYS E 269 -29.92 -27.68 45.45
CA LYS E 269 -30.97 -27.26 44.55
C LYS E 269 -30.92 -28.07 43.26
N SER E 270 -32.08 -28.58 42.83
CA SER E 270 -32.18 -29.33 41.59
C SER E 270 -32.36 -28.44 40.37
N THR E 271 -32.70 -27.17 40.56
CA THR E 271 -32.86 -26.23 39.47
C THR E 271 -31.57 -25.55 39.07
N LEU E 272 -30.47 -25.83 39.77
CA LEU E 272 -29.18 -25.26 39.44
C LEU E 272 -28.50 -26.09 38.35
N GLY E 273 -27.83 -25.41 37.43
CA GLY E 273 -27.15 -26.08 36.35
C GLY E 273 -25.66 -26.11 36.50
N ARG E 274 -24.94 -26.01 35.39
CA ARG E 274 -23.48 -26.01 35.39
C ARG E 274 -22.99 -24.74 34.71
N LEU E 275 -21.89 -24.20 35.22
CA LEU E 275 -21.26 -23.01 34.65
C LEU E 275 -19.77 -23.27 34.52
N ILE E 276 -19.26 -23.16 33.30
CA ILE E 276 -17.86 -23.38 33.00
C ILE E 276 -17.28 -22.07 32.47
N VAL E 277 -16.17 -21.64 33.06
CA VAL E 277 -15.52 -20.39 32.71
C VAL E 277 -14.13 -20.71 32.17
N LYS E 278 -13.82 -20.18 30.99
CA LYS E 278 -12.53 -20.39 30.35
C LYS E 278 -11.87 -19.04 30.11
N GLN E 279 -10.62 -18.91 30.54
CA GLN E 279 -9.83 -17.71 30.31
C GLN E 279 -9.01 -17.88 29.04
N TYR E 280 -8.82 -16.78 28.31
CA TYR E 280 -8.05 -16.82 27.09
C TYR E 280 -7.14 -15.62 26.99
N PRO E 281 -5.90 -15.82 26.54
CA PRO E 281 -5.00 -14.69 26.30
C PRO E 281 -5.59 -13.74 25.26
N THR E 282 -5.32 -12.46 25.43
CA THR E 282 -5.88 -11.45 24.54
C THR E 282 -5.47 -11.71 23.10
N GLY E 283 -6.45 -11.68 22.20
CA GLY E 283 -6.19 -11.95 20.79
C GLY E 283 -5.74 -13.36 20.50
N GLY E 284 -6.35 -14.36 21.15
CA GLY E 284 -5.93 -15.74 20.94
C GLY E 284 -7.05 -16.76 20.95
N ALA E 285 -8.28 -16.33 20.64
CA ALA E 285 -9.39 -17.28 20.63
C ALA E 285 -10.51 -16.72 19.75
N ASP E 286 -11.19 -17.63 19.05
CA ASP E 286 -12.32 -17.27 18.19
C ASP E 286 -13.11 -18.53 17.90
N ALA E 287 -14.00 -18.44 16.89
CA ALA E 287 -14.93 -19.52 16.58
C ALA E 287 -14.23 -20.86 16.38
N ASN E 288 -13.05 -20.87 15.75
CA ASN E 288 -12.31 -22.12 15.63
C ASN E 288 -11.84 -22.61 17.01
N THR E 289 -11.19 -21.75 17.77
CA THR E 289 -10.78 -22.10 19.12
C THR E 289 -11.99 -22.37 20.00
N PHE E 290 -13.08 -21.62 19.80
CA PHE E 290 -14.28 -21.85 20.58
C PHE E 290 -14.88 -23.22 20.29
N ARG E 291 -14.87 -23.66 19.04
CA ARG E 291 -15.40 -24.97 18.72
C ARG E 291 -14.47 -26.08 19.21
N SER E 292 -13.17 -25.84 19.18
CA SER E 292 -12.25 -26.79 19.82
C SER E 292 -12.57 -26.92 21.31
N LEU E 293 -12.81 -25.78 21.97
CA LEU E 293 -13.18 -25.81 23.38
C LEU E 293 -14.52 -26.51 23.58
N LEU E 294 -15.47 -26.31 22.66
CA LEU E 294 -16.76 -26.98 22.72
C LEU E 294 -16.59 -28.49 22.68
N ASN E 295 -15.78 -28.98 21.74
CA ASN E 295 -15.56 -30.41 21.62
C ASN E 295 -14.85 -30.96 22.85
N GLU E 296 -13.84 -30.23 23.35
CA GLU E 296 -13.14 -30.68 24.55
C GLU E 296 -14.08 -30.74 25.74
N LEU E 297 -14.96 -29.75 25.88
CA LEU E 297 -15.94 -29.77 26.95
C LEU E 297 -16.87 -30.96 26.82
N LYS E 298 -17.46 -31.15 25.63
CA LYS E 298 -18.44 -32.23 25.45
C LYS E 298 -17.80 -33.59 25.64
N LEU E 299 -16.49 -33.70 25.42
CA LEU E 299 -15.82 -34.97 25.63
C LEU E 299 -15.48 -35.18 27.11
N LYS E 300 -14.83 -34.20 27.72
CA LYS E 300 -14.39 -34.38 29.11
C LYS E 300 -15.57 -34.44 30.07
N LYS E 301 -16.63 -33.69 29.79
CA LYS E 301 -17.77 -33.64 30.69
C LYS E 301 -19.06 -33.61 29.87
N ASN E 302 -20.13 -34.12 30.47
CA ASN E 302 -21.45 -34.12 29.83
C ASN E 302 -22.03 -32.70 29.94
N PHE E 303 -21.43 -31.80 29.18
CA PHE E 303 -21.77 -30.38 29.22
C PHE E 303 -22.08 -29.89 27.81
N VAL E 304 -23.30 -29.41 27.60
CA VAL E 304 -23.70 -28.78 26.35
C VAL E 304 -24.16 -27.36 26.67
N PRO E 305 -23.36 -26.34 26.38
CA PRO E 305 -23.71 -24.99 26.81
C PRO E 305 -24.95 -24.46 26.09
N THR E 306 -25.89 -23.94 26.88
CA THR E 306 -27.08 -23.31 26.34
C THR E 306 -26.89 -21.81 26.14
N ILE E 307 -25.97 -21.20 26.89
CA ILE E 307 -25.60 -19.80 26.74
C ILE E 307 -24.10 -19.74 26.53
N ILE E 308 -23.66 -18.89 25.60
CA ILE E 308 -22.24 -18.65 25.37
C ILE E 308 -22.02 -17.15 25.58
N ILE E 309 -21.23 -16.81 26.60
CA ILE E 309 -20.94 -15.41 26.92
C ILE E 309 -19.47 -15.18 26.61
N VAL E 310 -19.18 -14.10 25.90
CA VAL E 310 -17.81 -13.70 25.56
C VAL E 310 -17.49 -12.43 26.34
N ASP E 311 -16.37 -12.45 27.06
CA ASP E 311 -16.03 -11.34 27.95
C ASP E 311 -15.92 -10.03 27.18
N TYR E 312 -15.26 -10.06 26.02
CA TYR E 312 -15.22 -8.92 25.12
C TYR E 312 -14.91 -9.41 23.72
N LEU E 313 -15.76 -9.05 22.76
CA LEU E 313 -15.55 -9.45 21.37
C LEU E 313 -14.28 -8.83 20.80
N GLY E 314 -14.01 -7.56 21.14
CA GLY E 314 -12.85 -6.89 20.58
C GLY E 314 -11.55 -7.58 20.93
N ILE E 315 -11.46 -8.15 22.13
CA ILE E 315 -10.28 -8.88 22.55
C ILE E 315 -10.05 -10.12 21.69
N CYS E 316 -11.11 -10.68 21.10
CA CYS E 316 -10.98 -11.87 20.29
C CYS E 316 -10.15 -11.58 19.03
N LYS E 317 -9.60 -12.64 18.45
CA LYS E 317 -8.79 -12.57 17.24
C LYS E 317 -9.52 -13.28 16.11
N SER E 318 -9.71 -12.58 14.99
CA SER E 318 -10.50 -13.09 13.89
C SER E 318 -9.96 -14.43 13.38
N CYS E 319 -10.86 -15.24 12.83
CA CYS E 319 -10.48 -16.57 12.36
C CYS E 319 -9.66 -16.51 11.08
N ARG E 320 -10.24 -15.96 10.01
CA ARG E 320 -9.54 -15.87 8.73
C ARG E 320 -8.56 -14.70 8.68
N ILE E 321 -9.02 -13.52 9.11
CA ILE E 321 -8.15 -12.34 9.16
C ILE E 321 -7.06 -12.56 10.20
N ARG E 322 -5.83 -12.17 9.86
CA ARG E 322 -4.71 -12.31 10.78
C ARG E 322 -4.87 -11.31 11.93
N VAL E 323 -3.84 -11.20 12.76
CA VAL E 323 -3.95 -10.42 13.98
C VAL E 323 -4.22 -8.95 13.66
N TYR E 324 -3.53 -8.40 12.66
CA TYR E 324 -3.74 -7.02 12.23
C TYR E 324 -3.72 -6.92 10.71
N SER E 325 -4.35 -7.88 10.04
CA SER E 325 -4.29 -7.92 8.58
C SER E 325 -4.94 -6.68 7.96
N GLU E 326 -6.10 -6.29 8.46
CA GLU E 326 -6.86 -5.18 7.87
C GLU E 326 -7.25 -4.21 8.97
N ASN E 327 -8.00 -3.18 8.59
CA ASN E 327 -8.40 -2.14 9.53
C ASN E 327 -9.37 -2.70 10.56
N SER E 328 -9.70 -1.87 11.56
CA SER E 328 -10.54 -2.34 12.66
C SER E 328 -11.92 -2.73 12.18
N TYR E 329 -12.51 -1.96 11.26
CA TYR E 329 -13.88 -2.20 10.84
C TYR E 329 -14.05 -3.56 10.16
N THR E 330 -13.09 -3.99 9.36
CA THR E 330 -13.21 -5.27 8.66
C THR E 330 -13.03 -6.42 9.65
N THR E 331 -11.99 -6.34 10.48
CA THR E 331 -11.66 -7.47 11.35
C THR E 331 -12.68 -7.64 12.47
N VAL E 332 -13.17 -6.55 13.06
CA VAL E 332 -14.13 -6.69 14.14
C VAL E 332 -15.47 -7.18 13.62
N LYS E 333 -15.88 -6.69 12.44
CA LYS E 333 -17.11 -7.21 11.85
C LYS E 333 -16.96 -8.67 11.46
N ALA E 334 -15.76 -9.06 11.03
CA ALA E 334 -15.51 -10.48 10.76
C ALA E 334 -15.65 -11.31 12.03
N ILE E 335 -15.12 -10.81 13.15
CA ILE E 335 -15.26 -11.50 14.42
C ILE E 335 -16.73 -11.62 14.81
N ALA E 336 -17.48 -10.53 14.62
CA ALA E 336 -18.90 -10.54 14.96
C ALA E 336 -19.66 -11.56 14.13
N GLU E 337 -19.40 -11.60 12.82
CA GLU E 337 -20.08 -12.56 11.96
C GLU E 337 -19.69 -13.99 12.31
N GLU E 338 -18.41 -14.22 12.62
CA GLU E 338 -17.98 -15.55 13.01
C GLU E 338 -18.65 -15.99 14.31
N LEU E 339 -18.76 -15.08 15.28
CA LEU E 339 -19.43 -15.42 16.53
C LEU E 339 -20.91 -15.69 16.33
N ARG E 340 -21.57 -14.90 15.48
CA ARG E 340 -22.97 -15.16 15.19
C ARG E 340 -23.15 -16.51 14.50
N ALA E 341 -22.24 -16.85 13.60
CA ALA E 341 -22.28 -18.16 12.94
C ALA E 341 -22.09 -19.27 13.95
N LEU E 342 -21.16 -19.10 14.89
CA LEU E 342 -20.96 -20.09 15.94
C LEU E 342 -22.21 -20.26 16.78
N ALA E 343 -22.85 -19.14 17.15
CA ALA E 343 -24.08 -19.22 17.94
C ALA E 343 -25.17 -19.95 17.18
N VAL E 344 -25.39 -19.60 15.91
CA VAL E 344 -26.45 -20.23 15.15
C VAL E 344 -26.11 -21.70 14.87
N GLU E 345 -24.83 -22.05 14.87
CA GLU E 345 -24.46 -23.45 14.77
C GLU E 345 -24.83 -24.21 16.02
N THR E 346 -24.46 -23.68 17.19
CA THR E 346 -24.73 -24.39 18.43
C THR E 346 -26.10 -24.07 19.01
N GLU E 347 -26.87 -23.22 18.36
CA GLU E 347 -28.22 -22.85 18.82
C GLU E 347 -28.19 -22.36 20.27
N THR E 348 -27.27 -21.45 20.55
CA THR E 348 -27.09 -20.90 21.88
C THR E 348 -27.06 -19.38 21.81
N VAL E 349 -27.68 -18.74 22.79
CA VAL E 349 -27.65 -17.29 22.91
C VAL E 349 -26.20 -16.87 23.17
N LEU E 350 -25.65 -16.06 22.27
CA LEU E 350 -24.27 -15.60 22.39
C LEU E 350 -24.27 -14.15 22.84
N TRP E 351 -23.95 -13.92 24.10
CA TRP E 351 -23.81 -12.60 24.68
C TRP E 351 -22.37 -12.13 24.55
N THR E 352 -22.19 -10.83 24.34
CA THR E 352 -20.86 -10.25 24.38
C THR E 352 -21.00 -8.77 24.65
N ALA E 353 -19.90 -8.15 25.07
CA ALA E 353 -19.87 -6.73 25.36
C ALA E 353 -19.05 -5.99 24.30
N ALA E 354 -19.24 -4.68 24.24
CA ALA E 354 -18.53 -3.85 23.29
C ALA E 354 -18.09 -2.56 23.97
N GLN E 355 -17.02 -1.97 23.45
CA GLN E 355 -16.51 -0.71 23.95
C GLN E 355 -17.09 0.46 23.16
N VAL E 356 -17.02 1.64 23.77
CA VAL E 356 -17.54 2.87 23.20
C VAL E 356 -16.39 3.83 22.96
N GLY E 357 -16.39 4.50 21.81
CA GLY E 357 -15.38 5.49 21.52
C GLY E 357 -15.35 6.58 22.57
N LYS E 358 -14.27 7.36 22.54
CA LYS E 358 -14.03 8.35 23.59
C LYS E 358 -15.07 9.44 23.60
N GLN E 359 -15.90 9.54 22.56
CA GLN E 359 -16.89 10.62 22.51
C GLN E 359 -18.00 10.44 23.53
N ALA E 360 -18.27 9.23 24.01
CA ALA E 360 -19.40 8.97 24.89
C ALA E 360 -19.01 8.30 26.19
N TRP E 361 -17.71 8.28 26.53
CA TRP E 361 -17.28 7.63 27.77
C TRP E 361 -17.73 8.39 29.01
N ASP E 362 -18.23 9.62 28.86
CA ASP E 362 -18.74 10.40 29.99
C ASP E 362 -20.05 11.09 29.63
N SER E 363 -20.85 10.45 28.77
CA SER E 363 -22.10 11.03 28.31
C SER E 363 -23.27 10.41 29.05
N SER E 364 -24.33 11.21 29.22
CA SER E 364 -25.55 10.68 29.82
C SER E 364 -26.24 9.67 28.93
N ASP E 365 -25.99 9.71 27.62
CA ASP E 365 -26.56 8.76 26.68
C ASP E 365 -25.50 8.35 25.67
N VAL E 366 -25.61 7.12 25.19
CA VAL E 366 -24.72 6.59 24.17
C VAL E 366 -25.56 6.02 23.05
N ASN E 367 -25.23 6.41 21.81
CA ASN E 367 -25.97 6.01 20.63
C ASN E 367 -25.25 4.87 19.93
N MET E 368 -25.95 4.28 18.95
CA MET E 368 -25.39 3.16 18.21
C MET E 368 -24.10 3.53 17.50
N SER E 369 -24.00 4.77 17.02
CA SER E 369 -22.81 5.22 16.33
C SER E 369 -21.58 5.22 17.22
N ASP E 370 -21.76 5.29 18.54
CA ASP E 370 -20.63 5.32 19.47
C ASP E 370 -20.13 3.91 19.78
N ILE E 371 -19.80 3.16 18.75
CA ILE E 371 -19.19 1.84 18.87
C ILE E 371 -17.71 2.01 18.57
N ALA E 372 -16.86 1.74 19.58
CA ALA E 372 -15.43 1.96 19.42
C ALA E 372 -14.86 1.08 18.31
N GLU E 373 -15.32 -0.16 18.23
CA GLU E 373 -14.87 -1.09 17.21
C GLU E 373 -15.74 -0.92 15.97
N SER E 374 -15.68 -1.89 15.06
CA SER E 374 -16.40 -1.84 13.79
C SER E 374 -17.85 -1.45 13.98
N ALA E 375 -18.36 -0.65 13.04
CA ALA E 375 -19.79 -0.39 12.94
C ALA E 375 -20.55 -1.58 12.38
N GLY E 376 -19.84 -2.62 11.91
CA GLY E 376 -20.49 -3.85 11.51
C GLY E 376 -20.97 -4.67 12.68
N LEU E 377 -20.36 -4.52 13.85
CA LEU E 377 -20.86 -5.20 15.04
C LEU E 377 -22.28 -4.77 15.39
N PRO E 378 -22.64 -3.48 15.38
CA PRO E 378 -24.06 -3.14 15.52
C PRO E 378 -24.79 -3.26 14.20
N ALA E 379 -24.53 -4.37 13.53
CA ALA E 379 -25.28 -4.71 12.30
C ALA E 379 -25.35 -6.23 12.31
N THR E 380 -24.23 -6.88 12.66
CA THR E 380 -24.22 -8.36 12.76
C THR E 380 -24.95 -8.79 14.02
N ALA E 381 -25.22 -7.86 14.94
CA ALA E 381 -25.80 -8.26 16.24
C ALA E 381 -27.33 -8.18 16.23
N ASP E 382 -27.97 -8.53 17.34
CA ASP E 382 -29.46 -8.56 17.37
C ASP E 382 -29.96 -7.67 18.52
N PHE E 383 -29.78 -8.08 19.78
CA PHE E 383 -30.32 -7.30 20.90
C PHE E 383 -29.15 -6.54 21.53
N MET E 384 -29.08 -5.24 21.24
CA MET E 384 -27.98 -4.41 21.72
C MET E 384 -28.49 -3.47 22.81
N LEU E 385 -27.93 -3.66 24.00
CA LEU E 385 -28.13 -2.73 25.11
C LEU E 385 -26.88 -1.88 25.30
N ALA E 386 -27.09 -0.68 25.84
CA ALA E 386 -25.99 0.22 26.16
C ALA E 386 -26.07 0.58 27.62
N VAL E 387 -24.94 0.50 28.32
CA VAL E 387 -24.89 0.74 29.75
C VAL E 387 -24.26 2.11 29.96
N ILE E 388 -24.98 2.97 30.68
CA ILE E 388 -24.58 4.35 30.90
C ILE E 388 -24.63 4.62 32.40
N GLU E 389 -23.59 5.27 32.91
CA GLU E 389 -23.52 5.63 34.32
C GLU E 389 -22.94 7.03 34.46
N THR E 390 -23.60 7.87 35.24
CA THR E 390 -23.15 9.22 35.54
C THR E 390 -22.96 9.37 37.04
N GLU E 391 -22.69 10.59 37.48
CA GLU E 391 -22.53 10.84 38.91
C GLU E 391 -23.83 10.57 39.66
N GLU E 392 -24.97 11.01 39.13
CA GLU E 392 -26.25 10.74 39.76
C GLU E 392 -26.56 9.26 39.77
N LEU E 393 -26.31 8.58 38.65
CA LEU E 393 -26.54 7.14 38.59
C LEU E 393 -25.62 6.39 39.56
N ALA E 394 -24.35 6.79 39.62
CA ALA E 394 -23.44 6.15 40.56
C ALA E 394 -23.88 6.37 42.00
N ALA E 395 -24.38 7.57 42.32
CA ALA E 395 -24.91 7.81 43.66
C ALA E 395 -26.12 6.93 43.93
N ALA E 396 -26.99 6.77 42.94
CA ALA E 396 -28.18 5.95 43.08
C ALA E 396 -27.90 4.47 42.86
N GLU E 397 -26.67 4.10 42.47
CA GLU E 397 -26.29 2.71 42.21
C GLU E 397 -27.16 2.09 41.13
N GLN E 398 -27.55 2.89 40.14
CA GLN E 398 -28.49 2.48 39.10
C GLN E 398 -27.89 2.77 37.73
N GLN E 399 -27.36 1.72 37.08
CA GLN E 399 -26.96 1.86 35.68
C GLN E 399 -28.19 2.02 34.80
N LEU E 400 -28.06 2.85 33.78
CA LEU E 400 -29.13 3.09 32.82
C LEU E 400 -28.85 2.27 31.56
N ILE E 401 -29.77 1.39 31.21
CA ILE E 401 -29.59 0.53 30.05
C ILE E 401 -30.53 1.03 28.96
N LYS E 402 -29.96 1.35 27.81
CA LYS E 402 -30.67 1.91 26.67
C LYS E 402 -30.77 0.84 25.59
N GLN E 403 -31.99 0.60 25.12
CA GLN E 403 -32.24 -0.43 24.13
C GLN E 403 -31.80 0.10 22.77
N ILE E 404 -30.50 0.06 22.50
CA ILE E 404 -29.94 0.73 21.34
C ILE E 404 -30.33 0.03 20.04
N LYS E 405 -30.22 -1.29 20.00
CA LYS E 405 -30.63 -2.08 18.85
C LYS E 405 -31.42 -3.27 19.34
N SER E 406 -32.69 -3.36 18.97
CA SER E 406 -33.58 -4.43 19.41
C SER E 406 -34.16 -5.13 18.20
N ARG E 407 -33.58 -6.27 17.83
CA ARG E 407 -34.15 -7.09 16.77
C ARG E 407 -35.35 -7.88 17.24
N TYR E 408 -35.33 -8.37 18.49
CA TYR E 408 -36.42 -9.21 18.97
C TYR E 408 -37.74 -8.44 19.03
N GLY E 409 -37.73 -7.28 19.68
CA GLY E 409 -38.97 -6.58 19.93
C GLY E 409 -38.96 -5.12 19.56
N ASP E 410 -40.01 -4.39 19.93
CA ASP E 410 -40.12 -2.97 19.64
C ASP E 410 -39.01 -2.23 20.35
N LYS E 411 -38.14 -1.57 19.58
CA LYS E 411 -36.99 -0.88 20.14
C LYS E 411 -37.38 0.37 20.91
N ASN E 412 -38.64 0.80 20.82
CA ASN E 412 -39.04 2.09 21.39
C ASN E 412 -40.12 1.96 22.46
N LYS E 413 -40.55 0.74 22.79
CA LYS E 413 -41.59 0.58 23.81
C LYS E 413 -41.08 0.98 25.18
N TRP E 414 -39.93 0.45 25.59
CA TRP E 414 -39.21 0.88 26.79
C TRP E 414 -37.75 1.03 26.38
N ASN E 415 -37.39 2.19 25.86
CA ASN E 415 -36.06 2.37 25.27
C ASN E 415 -34.99 2.44 26.35
N LYS E 416 -35.23 3.21 27.41
CA LYS E 416 -34.26 3.38 28.49
C LYS E 416 -34.88 2.87 29.79
N PHE E 417 -34.18 2.00 30.49
CA PHE E 417 -34.65 1.45 31.76
C PHE E 417 -33.53 1.43 32.77
N LEU E 418 -33.84 1.80 34.00
CA LEU E 418 -32.87 1.82 35.09
C LEU E 418 -32.71 0.42 35.68
N MET E 419 -31.47 -0.04 35.75
CA MET E 419 -31.11 -1.30 36.39
C MET E 419 -30.61 -1.02 37.80
N GLY E 420 -30.69 -2.04 38.65
CA GLY E 420 -30.33 -1.88 40.05
C GLY E 420 -28.99 -2.49 40.38
N VAL E 421 -28.00 -2.25 39.52
CA VAL E 421 -26.68 -2.85 39.61
C VAL E 421 -26.05 -2.59 40.97
N GLN E 422 -25.69 -3.66 41.66
CA GLN E 422 -24.94 -3.61 42.91
C GLN E 422 -23.54 -4.12 42.63
N LYS E 423 -22.60 -3.20 42.45
CA LYS E 423 -21.25 -3.58 42.03
C LYS E 423 -20.57 -4.50 43.04
N GLY E 424 -20.93 -4.38 44.32
CA GLY E 424 -20.34 -5.25 45.32
C GLY E 424 -20.68 -6.72 45.10
N ASN E 425 -21.90 -6.99 44.66
CA ASN E 425 -22.36 -8.36 44.47
C ASN E 425 -22.28 -8.84 43.03
N GLN E 426 -21.94 -7.96 42.09
CA GLN E 426 -21.90 -8.29 40.66
C GLN E 426 -23.27 -8.80 40.19
N LYS E 427 -24.31 -8.08 40.59
CA LYS E 427 -25.68 -8.53 40.37
C LYS E 427 -26.52 -7.40 39.79
N TRP E 428 -27.50 -7.77 38.97
CA TRP E 428 -28.49 -6.83 38.44
C TRP E 428 -29.81 -7.04 39.17
N VAL E 429 -30.44 -5.95 39.58
CA VAL E 429 -31.72 -6.00 40.29
C VAL E 429 -32.72 -5.16 39.51
N GLU E 430 -33.81 -5.79 39.09
CA GLU E 430 -34.88 -5.05 38.44
C GLU E 430 -35.51 -4.07 39.42
N ILE E 431 -36.05 -2.98 38.89
CA ILE E 431 -36.58 -1.89 39.70
C ILE E 431 -38.10 -1.88 39.52
N GLU E 432 -38.82 -1.96 40.64
CA GLU E 432 -40.28 -1.92 40.63
C GLU E 432 -40.79 -0.60 41.22
N MET F 1 -7.61 -11.21 -42.06
CA MET F 1 -7.56 -10.02 -42.89
C MET F 1 -6.92 -8.86 -42.14
N VAL F 2 -6.02 -9.18 -41.22
CA VAL F 2 -5.32 -8.15 -40.47
C VAL F 2 -4.47 -7.29 -41.39
N GLU F 3 -3.85 -7.92 -42.40
CA GLU F 3 -3.02 -7.17 -43.33
C GLU F 3 -3.84 -6.12 -44.08
N ILE F 4 -5.04 -6.48 -44.52
CA ILE F 4 -5.89 -5.52 -45.21
C ILE F 4 -6.29 -4.38 -44.27
N ILE F 5 -6.62 -4.71 -43.02
CA ILE F 5 -7.04 -3.69 -42.07
C ILE F 5 -5.91 -2.69 -41.83
N LEU F 6 -4.69 -3.19 -41.63
CA LEU F 6 -3.56 -2.30 -41.43
C LEU F 6 -3.25 -1.50 -42.69
N SER F 7 -3.37 -2.14 -43.86
CA SER F 7 -3.10 -1.45 -45.11
C SER F 7 -4.03 -0.27 -45.30
N HIS F 8 -5.31 -0.46 -44.99
CA HIS F 8 -6.26 0.63 -45.14
C HIS F 8 -6.28 1.56 -43.93
N LEU F 9 -5.63 1.18 -42.83
CA LEU F 9 -5.39 2.14 -41.76
C LEU F 9 -4.25 3.08 -42.11
N ILE F 10 -3.28 2.59 -42.88
CA ILE F 10 -2.13 3.41 -43.24
C ILE F 10 -2.40 4.23 -44.49
N PHE F 11 -2.78 3.56 -45.59
CA PHE F 11 -2.88 4.20 -46.89
C PHE F 11 -4.21 4.86 -47.15
N ASP F 12 -5.15 4.82 -46.20
CA ASP F 12 -6.46 5.42 -46.38
C ASP F 12 -6.77 6.33 -45.20
N GLN F 13 -7.61 7.33 -45.45
CA GLN F 13 -8.00 8.32 -44.45
C GLN F 13 -9.43 8.11 -43.97
N ALA F 14 -10.38 7.97 -44.89
CA ALA F 14 -11.78 7.79 -44.51
C ALA F 14 -11.96 6.50 -43.70
N TYR F 15 -11.30 5.42 -44.14
CA TYR F 15 -11.35 4.17 -43.40
C TYR F 15 -10.87 4.37 -41.96
N PHE F 16 -9.73 5.05 -41.80
CA PHE F 16 -9.24 5.35 -40.47
C PHE F 16 -10.24 6.19 -39.69
N SER F 17 -10.71 7.28 -40.29
CA SER F 17 -11.62 8.18 -39.60
C SER F 17 -12.89 7.47 -39.16
N LYS F 18 -13.25 6.38 -39.84
CA LYS F 18 -14.44 5.63 -39.47
C LYS F 18 -14.16 4.57 -38.41
N VAL F 19 -13.03 3.86 -38.50
CA VAL F 19 -12.85 2.64 -37.73
C VAL F 19 -11.85 2.75 -36.60
N TRP F 20 -11.00 3.78 -36.56
CA TRP F 20 -9.87 3.78 -35.61
C TRP F 20 -10.29 3.73 -34.15
N PRO F 21 -11.23 4.55 -33.66
CA PRO F 21 -11.43 4.64 -32.20
C PRO F 21 -11.79 3.31 -31.55
N TYR F 22 -12.45 2.40 -32.26
CA TYR F 22 -12.83 1.11 -31.73
C TYR F 22 -11.69 0.10 -31.74
N MET F 23 -10.71 0.29 -32.61
CA MET F 23 -9.60 -0.65 -32.70
C MET F 23 -8.78 -0.65 -31.41
N ASP F 24 -8.26 -1.82 -31.06
CA ASP F 24 -7.45 -1.98 -29.86
C ASP F 24 -6.43 -3.08 -30.09
N SER F 25 -5.35 -3.03 -29.32
CA SER F 25 -4.27 -4.00 -29.49
C SER F 25 -4.73 -5.42 -29.18
N GLU F 26 -5.80 -5.57 -28.40
CA GLU F 26 -6.28 -6.91 -28.05
C GLU F 26 -6.97 -7.61 -29.21
N TYR F 27 -7.18 -6.93 -30.34
CA TYR F 27 -7.89 -7.51 -31.46
C TYR F 27 -6.96 -8.15 -32.49
N PHE F 28 -5.68 -8.32 -32.16
CA PHE F 28 -4.71 -8.87 -33.10
C PHE F 28 -3.92 -10.00 -32.44
N GLU F 29 -3.39 -10.89 -33.29
CA GLU F 29 -2.56 -11.98 -32.81
C GLU F 29 -1.26 -11.45 -32.21
N SER F 30 -0.63 -12.29 -31.39
CA SER F 30 0.58 -11.89 -30.67
C SER F 30 1.80 -11.75 -31.56
N GLY F 31 1.69 -12.08 -32.85
CA GLY F 31 2.83 -12.01 -33.73
C GLY F 31 3.11 -10.61 -34.23
N PRO F 32 3.50 -10.50 -35.50
CA PRO F 32 3.85 -9.17 -36.04
C PRO F 32 2.70 -8.19 -36.01
N ALA F 33 1.45 -8.67 -36.11
CA ALA F 33 0.31 -7.77 -36.22
C ALA F 33 0.17 -6.88 -34.98
N LYS F 34 0.30 -7.49 -33.79
CA LYS F 34 0.14 -6.72 -32.58
C LYS F 34 1.24 -5.67 -32.44
N ASN F 35 2.48 -6.01 -32.80
CA ASN F 35 3.57 -5.04 -32.69
C ASN F 35 3.39 -3.91 -33.70
N THR F 36 2.94 -4.24 -34.91
CA THR F 36 2.66 -3.20 -35.89
C THR F 36 1.58 -2.26 -35.40
N PHE F 37 0.51 -2.81 -34.82
CA PHE F 37 -0.54 -1.96 -34.28
C PHE F 37 -0.04 -1.15 -33.10
N LYS F 38 0.88 -1.70 -32.30
CA LYS F 38 1.47 -0.93 -31.22
C LYS F 38 2.24 0.27 -31.75
N LEU F 39 3.05 0.06 -32.78
CA LEU F 39 3.79 1.17 -33.38
C LEU F 39 2.84 2.22 -33.95
N ILE F 40 1.80 1.77 -34.66
CA ILE F 40 0.85 2.69 -35.26
C ILE F 40 0.14 3.49 -34.18
N LYS F 41 -0.30 2.82 -33.12
CA LYS F 41 -1.00 3.51 -32.04
C LYS F 41 -0.09 4.50 -31.33
N SER F 42 1.17 4.12 -31.10
CA SER F 42 2.11 5.04 -30.49
C SER F 42 2.30 6.28 -31.35
N HIS F 43 2.47 6.10 -32.66
CA HIS F 43 2.63 7.25 -33.55
C HIS F 43 1.39 8.12 -33.55
N VAL F 44 0.21 7.51 -33.56
CA VAL F 44 -1.04 8.28 -33.56
C VAL F 44 -1.18 9.08 -32.28
N ASN F 45 -0.83 8.47 -31.14
CA ASN F 45 -0.84 9.20 -29.88
C ASN F 45 0.14 10.36 -29.90
N GLU F 46 1.34 10.15 -30.46
CA GLU F 46 2.37 11.17 -30.41
C GLU F 46 2.16 12.31 -31.42
N TYR F 47 1.45 12.07 -32.52
CA TYR F 47 1.35 13.06 -33.58
C TYR F 47 -0.05 13.27 -34.12
N HIS F 48 -1.05 12.55 -33.64
CA HIS F 48 -2.45 12.76 -34.02
C HIS F 48 -2.69 12.61 -35.52
N SER F 49 -2.00 11.63 -36.12
CA SER F 49 -2.21 11.35 -37.53
C SER F 49 -1.71 9.96 -37.85
N VAL F 50 -2.14 9.45 -39.00
CA VAL F 50 -1.68 8.15 -39.47
C VAL F 50 -0.26 8.30 -40.03
N PRO F 51 0.69 7.50 -39.58
CA PRO F 51 2.05 7.59 -40.11
C PRO F 51 2.15 7.06 -41.53
N SER F 52 3.22 7.43 -42.21
CA SER F 52 3.55 6.87 -43.51
C SER F 52 4.43 5.64 -43.31
N ILE F 53 4.67 4.89 -44.39
CA ILE F 53 5.48 3.69 -44.28
C ILE F 53 6.90 4.01 -43.83
N ASN F 54 7.44 5.13 -44.31
CA ASN F 54 8.75 5.57 -43.85
C ASN F 54 8.73 5.88 -42.36
N ALA F 55 7.65 6.50 -41.88
CA ALA F 55 7.53 6.78 -40.45
C ALA F 55 7.47 5.48 -39.65
N LEU F 56 6.73 4.49 -40.16
CA LEU F 56 6.67 3.20 -39.48
C LEU F 56 8.02 2.51 -39.45
N ASN F 57 8.78 2.60 -40.55
CA ASN F 57 10.12 2.04 -40.55
C ASN F 57 11.02 2.74 -39.55
N VAL F 58 10.89 4.07 -39.44
CA VAL F 58 11.70 4.81 -38.46
C VAL F 58 11.34 4.37 -37.05
N ALA F 59 10.04 4.27 -36.74
CA ALA F 59 9.62 3.84 -35.42
C ALA F 59 10.09 2.43 -35.13
N LEU F 60 10.01 1.54 -36.11
CA LEU F 60 10.48 0.16 -35.93
C LEU F 60 11.97 0.12 -35.65
N GLU F 61 12.75 0.94 -36.38
CA GLU F 61 14.19 0.99 -36.12
C GLU F 61 14.48 1.48 -34.72
N ASN F 62 13.73 2.49 -34.26
CA ASN F 62 13.87 3.00 -32.90
C ASN F 62 12.89 2.31 -31.95
N SER F 63 12.92 0.98 -31.94
CA SER F 63 12.04 0.20 -31.09
C SER F 63 12.81 -0.95 -30.45
N SER F 64 12.29 -1.44 -29.33
CA SER F 64 12.91 -2.53 -28.59
C SER F 64 12.16 -3.83 -28.88
N PHE F 65 12.55 -4.48 -29.97
CA PHE F 65 11.96 -5.74 -30.39
C PHE F 65 13.04 -6.80 -30.54
N THR F 66 12.61 -8.06 -30.65
CA THR F 66 13.54 -9.14 -30.92
C THR F 66 13.90 -9.17 -32.39
N GLU F 67 14.94 -9.94 -32.71
CA GLU F 67 15.30 -10.13 -34.11
C GLU F 67 14.14 -10.75 -34.89
N THR F 68 13.50 -11.76 -34.31
CA THR F 68 12.32 -12.33 -34.94
C THR F 68 11.19 -11.30 -35.04
N GLU F 69 10.95 -10.56 -33.96
CA GLU F 69 9.90 -9.54 -33.98
C GLU F 69 10.23 -8.44 -34.98
N TYR F 70 11.48 -7.98 -34.99
CA TYR F 70 11.87 -6.92 -35.92
C TYR F 70 11.70 -7.39 -37.36
N SER F 71 12.17 -8.60 -37.67
CA SER F 71 12.04 -9.12 -39.02
C SER F 71 10.58 -9.27 -39.41
N GLY F 72 9.75 -9.78 -38.50
CA GLY F 72 8.34 -9.95 -38.81
C GLY F 72 7.64 -8.63 -39.05
N VAL F 73 7.89 -7.64 -38.20
CA VAL F 73 7.23 -6.35 -38.36
C VAL F 73 7.69 -5.68 -39.65
N LYS F 74 8.99 -5.74 -39.96
CA LYS F 74 9.47 -5.16 -41.20
C LYS F 74 8.85 -5.84 -42.39
N THR F 75 8.76 -7.18 -42.37
CA THR F 75 8.15 -7.90 -43.47
C THR F 75 6.68 -7.53 -43.62
N LEU F 76 5.95 -7.43 -42.52
CA LEU F 76 4.54 -7.07 -42.59
C LEU F 76 4.36 -5.67 -43.18
N ILE F 77 5.16 -4.71 -42.72
CA ILE F 77 5.05 -3.35 -43.23
C ILE F 77 5.40 -3.32 -44.71
N SER F 78 6.42 -4.07 -45.12
CA SER F 78 6.76 -4.15 -46.53
C SER F 78 5.61 -4.76 -47.33
N LYS F 79 4.86 -5.68 -46.71
CA LYS F 79 3.70 -6.26 -47.37
C LYS F 79 2.51 -5.33 -47.42
N LEU F 80 2.50 -4.27 -46.62
CA LEU F 80 1.39 -3.33 -46.63
C LEU F 80 1.38 -2.53 -47.93
N ALA F 81 0.20 -2.41 -48.53
CA ALA F 81 0.03 -1.64 -49.75
C ALA F 81 -1.44 -1.26 -49.88
N ASP F 82 -1.71 -0.27 -50.72
CA ASP F 82 -3.07 0.23 -50.91
C ASP F 82 -3.75 -0.60 -51.98
N SER F 83 -4.80 -1.31 -51.57
CA SER F 83 -5.62 -2.05 -52.52
C SER F 83 -6.88 -1.26 -52.82
N PRO F 84 -7.06 -0.77 -54.04
CA PRO F 84 -8.25 0.05 -54.34
C PRO F 84 -9.51 -0.80 -54.27
N GLU F 85 -10.34 -0.52 -53.26
CA GLU F 85 -11.57 -1.27 -53.03
C GLU F 85 -12.65 -0.29 -52.59
N ASP F 86 -13.85 -0.81 -52.37
CA ASP F 86 -15.02 -0.02 -52.06
C ASP F 86 -15.08 0.30 -50.58
N HIS F 87 -15.48 1.52 -50.24
CA HIS F 87 -15.62 1.93 -48.84
C HIS F 87 -17.01 1.57 -48.30
N SER F 88 -17.44 0.35 -48.60
CA SER F 88 -18.57 -0.26 -47.90
C SER F 88 -18.29 -1.67 -47.44
N TRP F 89 -17.55 -2.46 -48.21
CA TRP F 89 -17.15 -3.80 -47.82
C TRP F 89 -16.04 -3.79 -46.77
N LEU F 90 -15.13 -2.82 -46.86
CA LEU F 90 -14.02 -2.75 -45.91
C LEU F 90 -14.52 -2.52 -44.50
N VAL F 91 -15.45 -1.57 -44.31
CA VAL F 91 -15.91 -1.24 -42.97
C VAL F 91 -16.66 -2.42 -42.36
N LYS F 92 -17.56 -3.03 -43.12
CA LYS F 92 -18.33 -4.14 -42.57
C LYS F 92 -17.44 -5.34 -42.28
N GLU F 93 -16.48 -5.63 -43.16
CA GLU F 93 -15.58 -6.75 -42.90
C GLU F 93 -14.69 -6.47 -41.70
N THR F 94 -14.25 -5.22 -41.53
CA THR F 94 -13.47 -4.86 -40.36
C THR F 94 -14.29 -5.04 -39.09
N GLU F 95 -15.57 -4.64 -39.13
CA GLU F 95 -16.42 -4.82 -37.97
C GLU F 95 -16.63 -6.30 -37.67
N LYS F 96 -16.82 -7.11 -38.71
CA LYS F 96 -16.95 -8.55 -38.51
C LYS F 96 -15.69 -9.15 -37.89
N TYR F 97 -14.52 -8.77 -38.40
CA TYR F 97 -13.27 -9.30 -37.83
C TYR F 97 -13.07 -8.83 -36.40
N VAL F 98 -13.40 -7.58 -36.10
CA VAL F 98 -13.27 -7.08 -34.74
C VAL F 98 -14.20 -7.79 -33.77
N GLN F 99 -15.45 -8.05 -34.18
CA GLN F 99 -16.35 -8.84 -33.35
C GLN F 99 -15.85 -10.27 -33.16
N GLN F 100 -15.39 -10.91 -34.23
CA GLN F 100 -14.91 -12.28 -34.13
C GLN F 100 -13.69 -12.38 -33.21
N ARG F 101 -12.74 -11.45 -33.34
CA ARG F 101 -11.56 -11.47 -32.49
C ARG F 101 -11.83 -10.90 -31.11
N ALA F 102 -12.92 -10.16 -30.92
CA ALA F 102 -13.33 -9.80 -29.57
C ALA F 102 -13.91 -11.01 -28.85
N MET F 103 -14.75 -11.79 -29.54
CA MET F 103 -15.34 -13.00 -28.98
C MET F 103 -14.30 -14.05 -28.62
N PHE F 104 -13.28 -14.22 -29.46
CA PHE F 104 -12.22 -15.18 -29.16
C PHE F 104 -11.51 -14.79 -27.88
N ASN F 105 -11.15 -13.51 -27.77
CA ASN F 105 -10.46 -13.04 -26.58
C ASN F 105 -11.33 -13.19 -25.34
N ALA F 106 -12.61 -12.84 -25.46
CA ALA F 106 -13.55 -12.98 -24.36
C ALA F 106 -13.64 -14.43 -23.91
N THR F 107 -13.80 -15.35 -24.87
CA THR F 107 -13.90 -16.77 -24.57
C THR F 107 -12.66 -17.27 -23.84
N SER F 108 -11.49 -16.86 -24.33
CA SER F 108 -10.24 -17.22 -23.67
C SER F 108 -10.26 -16.71 -22.24
N LYS F 109 -10.83 -15.51 -22.05
CA LYS F 109 -10.89 -14.94 -20.71
C LYS F 109 -11.76 -15.78 -19.78
N ILE F 110 -12.91 -16.25 -20.26
CA ILE F 110 -13.79 -17.05 -19.40
C ILE F 110 -13.16 -18.41 -19.12
N ILE F 111 -12.40 -18.94 -20.08
CA ILE F 111 -11.69 -20.18 -19.83
C ILE F 111 -10.67 -19.98 -18.72
N GLU F 112 -9.94 -18.87 -18.77
CA GLU F 112 -8.99 -18.54 -17.70
C GLU F 112 -9.71 -18.38 -16.37
N ILE F 113 -10.89 -17.76 -16.39
CA ILE F 113 -11.66 -17.57 -15.16
C ILE F 113 -12.04 -18.91 -14.55
N GLN F 114 -12.52 -19.84 -15.38
CA GLN F 114 -12.85 -21.17 -14.88
C GLN F 114 -11.63 -21.88 -14.34
N THR F 115 -10.50 -21.75 -15.04
CA THR F 115 -9.26 -22.37 -14.55
C THR F 115 -8.87 -21.80 -13.19
N ASN F 116 -9.02 -20.49 -13.02
CA ASN F 116 -8.72 -19.87 -11.73
C ASN F 116 -9.67 -20.37 -10.65
N ALA F 117 -10.95 -20.53 -11.00
CA ALA F 117 -11.94 -21.00 -10.04
C ALA F 117 -11.62 -22.41 -9.57
N GLU F 118 -11.20 -23.28 -10.49
CA GLU F 118 -10.92 -24.66 -10.10
C GLU F 118 -9.67 -24.76 -9.24
N LEU F 119 -8.85 -23.70 -9.20
CA LEU F 119 -7.65 -23.71 -8.38
C LEU F 119 -8.02 -23.73 -6.89
N PRO F 120 -7.21 -24.37 -6.05
CA PRO F 120 -7.48 -24.34 -4.61
C PRO F 120 -7.21 -22.96 -4.03
N PRO F 121 -7.70 -22.68 -2.82
CA PRO F 121 -7.40 -21.39 -2.19
C PRO F 121 -5.90 -21.20 -2.00
N GLU F 122 -5.51 -19.95 -1.74
CA GLU F 122 -4.11 -19.54 -1.62
C GLU F 122 -3.42 -19.66 -2.97
N LYS F 123 -3.33 -20.88 -3.50
CA LYS F 123 -2.69 -21.11 -4.79
C LYS F 123 -3.35 -20.28 -5.89
N ARG F 124 -4.67 -20.13 -5.83
CA ARG F 124 -5.37 -19.34 -6.83
C ARG F 124 -4.98 -17.87 -6.71
N ASN F 125 -4.80 -17.22 -7.85
CA ASN F 125 -4.40 -15.81 -7.87
C ASN F 125 -5.61 -14.91 -7.75
N LYS F 126 -5.42 -13.62 -8.02
CA LYS F 126 -6.51 -12.66 -7.96
C LYS F 126 -6.37 -11.71 -9.15
N LYS F 127 -7.10 -10.59 -9.11
CA LYS F 127 -7.26 -9.67 -10.22
C LYS F 127 -8.04 -10.33 -11.35
N MET F 128 -8.54 -11.53 -11.09
CA MET F 128 -9.39 -12.21 -12.06
C MET F 128 -10.79 -12.41 -11.47
N PRO F 129 -11.85 -12.13 -12.22
CA PRO F 129 -13.20 -12.22 -11.67
C PRO F 129 -13.62 -13.64 -11.38
N ASP F 130 -14.73 -13.81 -10.66
CA ASP F 130 -15.26 -15.13 -10.33
C ASP F 130 -16.05 -15.68 -11.51
N VAL F 131 -16.33 -16.98 -11.45
CA VAL F 131 -17.03 -17.68 -12.53
C VAL F 131 -18.37 -17.02 -12.79
N GLY F 132 -19.01 -16.51 -11.73
CA GLY F 132 -20.30 -15.85 -11.90
C GLY F 132 -20.26 -14.66 -12.83
N ALA F 133 -19.09 -14.06 -13.02
CA ALA F 133 -18.93 -12.92 -13.92
C ALA F 133 -18.84 -13.33 -15.39
N ILE F 134 -18.70 -14.61 -15.69
CA ILE F 134 -18.48 -15.10 -17.05
C ILE F 134 -19.55 -14.61 -18.02
N PRO F 135 -20.85 -14.72 -17.70
CA PRO F 135 -21.85 -14.21 -18.66
C PRO F 135 -21.71 -12.73 -18.96
N ASP F 136 -21.45 -11.91 -17.93
CA ASP F 136 -21.39 -10.47 -18.15
C ASP F 136 -20.31 -10.10 -19.15
N ILE F 137 -19.13 -10.70 -19.02
CA ILE F 137 -18.08 -10.48 -20.00
C ILE F 137 -18.57 -10.85 -21.40
N MET F 138 -19.22 -12.01 -21.52
CA MET F 138 -19.75 -12.43 -22.80
C MET F 138 -20.81 -11.46 -23.33
N ARG F 139 -21.42 -10.68 -22.45
CA ARG F 139 -22.35 -9.65 -22.92
C ARG F 139 -21.61 -8.48 -23.54
N GLN F 140 -20.45 -8.10 -22.98
CA GLN F 140 -19.71 -6.97 -23.52
C GLN F 140 -19.20 -7.27 -24.93
N ALA F 141 -18.66 -8.47 -25.14
CA ALA F 141 -18.04 -8.79 -26.43
C ALA F 141 -19.07 -8.74 -27.56
N LEU F 142 -20.27 -9.24 -27.32
CA LEU F 142 -21.31 -9.21 -28.34
C LEU F 142 -21.79 -7.79 -28.63
N SER F 143 -21.45 -6.83 -27.78
CA SER F 143 -21.89 -5.45 -27.95
C SER F 143 -20.91 -4.60 -28.75
N ILE F 144 -19.74 -5.15 -29.12
CA ILE F 144 -18.76 -4.36 -29.86
C ILE F 144 -19.30 -4.06 -31.25
N SER F 145 -19.31 -2.78 -31.61
CA SER F 145 -19.81 -2.34 -32.90
C SER F 145 -19.22 -0.97 -33.20
N PHE F 146 -19.04 -0.69 -34.48
CA PHE F 146 -18.42 0.55 -34.93
C PHE F 146 -19.40 1.72 -34.95
N ASP F 147 -20.63 1.52 -34.50
CA ASP F 147 -21.59 2.59 -34.31
C ASP F 147 -21.74 2.84 -32.81
N SER F 148 -20.93 3.75 -32.28
CA SER F 148 -20.87 3.99 -30.84
C SER F 148 -21.66 5.24 -30.51
N TYR F 149 -22.60 5.11 -29.58
CA TYR F 149 -23.35 6.22 -29.02
C TYR F 149 -22.67 6.64 -27.73
N VAL F 150 -22.09 7.84 -27.73
CA VAL F 150 -21.33 8.34 -26.59
C VAL F 150 -22.17 9.30 -25.75
N GLY F 151 -22.96 10.15 -26.40
CA GLY F 151 -23.82 11.08 -25.71
C GLY F 151 -24.93 11.54 -26.64
N HIS F 152 -25.89 12.25 -26.05
CA HIS F 152 -27.03 12.75 -26.82
C HIS F 152 -26.56 13.91 -27.68
N ASP F 153 -26.72 13.77 -28.99
CA ASP F 153 -26.25 14.76 -29.95
C ASP F 153 -27.44 15.62 -30.39
N TRP F 154 -27.55 16.81 -29.82
CA TRP F 154 -28.62 17.72 -30.20
C TRP F 154 -28.47 18.10 -31.67
N MET F 155 -29.62 18.28 -32.33
CA MET F 155 -29.72 18.60 -33.76
C MET F 155 -29.35 17.39 -34.61
N ASP F 156 -28.87 16.32 -33.97
CA ASP F 156 -28.59 15.06 -34.65
C ASP F 156 -29.49 13.93 -34.20
N ASP F 157 -29.74 13.82 -32.89
CA ASP F 157 -30.66 12.82 -32.35
C ASP F 157 -31.87 13.57 -31.81
N TYR F 158 -32.81 13.85 -32.70
CA TYR F 158 -34.05 14.51 -32.32
C TYR F 158 -35.28 13.63 -32.48
N GLU F 159 -35.19 12.55 -33.27
CA GLU F 159 -36.30 11.59 -33.31
C GLU F 159 -36.42 10.84 -31.99
N ALA F 160 -35.31 10.32 -31.48
CA ALA F 160 -35.34 9.59 -30.23
C ALA F 160 -35.82 10.47 -29.08
N ARG F 161 -35.37 11.73 -29.07
CA ARG F 161 -35.78 12.64 -28.00
C ARG F 161 -37.28 12.91 -28.05
N TRP F 162 -37.84 13.08 -29.26
CA TRP F 162 -39.28 13.29 -29.36
C TRP F 162 -40.05 12.04 -28.97
N LEU F 163 -39.52 10.86 -29.33
CA LEU F 163 -40.16 9.62 -28.89
C LEU F 163 -40.18 9.53 -27.37
N SER F 164 -39.06 9.90 -26.73
CA SER F 164 -39.00 9.90 -25.28
C SER F 164 -39.96 10.93 -24.70
N TYR F 165 -40.15 12.05 -25.40
CA TYR F 165 -41.17 13.02 -24.99
C TYR F 165 -42.55 12.38 -24.98
N MET F 166 -43.02 11.95 -26.16
CA MET F 166 -44.40 11.49 -26.30
C MET F 166 -44.67 10.20 -25.55
N ASN F 167 -43.72 9.27 -25.52
CA ASN F 167 -43.93 7.98 -24.90
C ASN F 167 -43.42 7.99 -23.46
N LYS F 168 -44.02 7.12 -22.64
CA LYS F 168 -43.63 6.97 -21.25
C LYS F 168 -43.61 5.48 -20.92
N ALA F 169 -42.64 5.08 -20.10
CA ALA F 169 -42.47 3.67 -19.78
C ALA F 169 -43.60 3.18 -18.89
N ARG F 170 -43.89 1.88 -18.98
CA ARG F 170 -44.91 1.28 -18.14
C ARG F 170 -44.46 1.26 -16.69
N LYS F 171 -45.40 1.58 -15.80
CA LYS F 171 -45.12 1.71 -14.37
C LYS F 171 -45.86 0.62 -13.61
N VAL F 172 -45.15 -0.03 -12.68
CA VAL F 172 -45.76 -0.97 -11.75
C VAL F 172 -46.21 -0.18 -10.53
N PRO F 173 -47.51 0.10 -10.39
CA PRO F 173 -47.96 1.02 -9.34
C PRO F 173 -47.71 0.47 -7.95
N PHE F 174 -47.45 1.39 -7.02
CA PHE F 174 -47.43 1.07 -5.60
C PHE F 174 -48.86 1.16 -5.06
N LYS F 175 -49.04 0.72 -3.81
CA LYS F 175 -50.33 0.92 -3.15
C LYS F 175 -50.39 2.22 -2.37
N LEU F 176 -49.24 2.83 -2.08
CA LEU F 176 -49.19 4.15 -1.49
C LEU F 176 -49.13 5.19 -2.59
N ARG F 177 -50.15 6.05 -2.66
CA ARG F 177 -50.22 7.04 -3.73
C ARG F 177 -49.05 8.02 -3.68
N ILE F 178 -48.40 8.17 -2.53
CA ILE F 178 -47.26 9.07 -2.43
C ILE F 178 -46.10 8.57 -3.28
N LEU F 179 -45.84 7.26 -3.27
CA LEU F 179 -44.77 6.72 -4.09
C LEU F 179 -45.09 6.84 -5.58
N ASN F 180 -46.36 6.63 -5.95
CA ASN F 180 -46.76 6.84 -7.33
C ASN F 180 -46.54 8.29 -7.75
N LYS F 181 -46.92 9.24 -6.88
CA LYS F 181 -46.74 10.65 -7.20
C LYS F 181 -45.27 11.01 -7.35
N ILE F 182 -44.43 10.49 -6.46
CA ILE F 182 -42.99 10.77 -6.56
C ILE F 182 -42.30 9.90 -7.59
N THR F 183 -43.03 9.00 -8.24
CA THR F 183 -42.47 8.20 -9.33
C THR F 183 -43.31 8.31 -10.60
N LYS F 184 -44.27 9.24 -10.64
CA LYS F 184 -45.11 9.48 -11.81
C LYS F 184 -45.81 8.20 -12.27
N GLY F 185 -46.42 7.49 -11.32
CA GLY F 185 -47.22 6.32 -11.63
C GLY F 185 -46.64 4.99 -11.17
N GLY F 186 -45.39 4.92 -10.73
CA GLY F 186 -44.85 3.66 -10.25
C GLY F 186 -43.39 3.43 -10.60
N ALA F 187 -42.97 2.17 -10.51
CA ALA F 187 -41.58 1.79 -10.75
C ALA F 187 -41.48 0.97 -12.02
N GLU F 188 -40.52 1.34 -12.88
CA GLU F 188 -40.30 0.62 -14.12
C GLU F 188 -39.77 -0.78 -13.84
N THR F 189 -40.02 -1.68 -14.79
CA THR F 189 -39.81 -3.10 -14.55
C THR F 189 -38.33 -3.44 -14.34
N GLY F 190 -37.51 -3.23 -15.37
CA GLY F 190 -36.12 -3.62 -15.29
C GLY F 190 -35.28 -2.68 -14.45
N THR F 191 -35.60 -2.57 -13.16
CA THR F 191 -34.95 -1.63 -12.27
C THR F 191 -34.52 -2.32 -10.99
N LEU F 192 -33.47 -1.77 -10.38
CA LEU F 192 -32.98 -2.20 -9.08
C LEU F 192 -33.29 -1.09 -8.08
N ASN F 193 -34.34 -1.27 -7.30
CA ASN F 193 -34.76 -0.30 -6.30
C ASN F 193 -34.17 -0.70 -4.96
N VAL F 194 -33.75 0.29 -4.18
CA VAL F 194 -33.14 0.06 -2.89
C VAL F 194 -33.82 0.97 -1.86
N LEU F 195 -34.03 0.45 -0.66
CA LEU F 195 -34.59 1.23 0.45
C LEU F 195 -33.50 1.32 1.51
N MET F 196 -32.65 2.34 1.38
CA MET F 196 -31.59 2.53 2.35
C MET F 196 -32.15 3.04 3.67
N ALA F 197 -31.38 2.83 4.73
CA ALA F 197 -31.77 3.27 6.07
C ALA F 197 -30.61 3.00 7.01
N GLY F 198 -30.77 3.43 8.25
CA GLY F 198 -29.86 3.05 9.30
C GLY F 198 -30.13 1.64 9.79
N VAL F 199 -29.29 1.19 10.71
CA VAL F 199 -29.44 -0.17 11.23
C VAL F 199 -30.59 -0.20 12.23
N ASN F 200 -31.44 -1.21 12.11
CA ASN F 200 -32.56 -1.43 13.03
C ASN F 200 -33.48 -0.22 13.05
N VAL F 201 -33.74 0.35 11.87
CA VAL F 201 -34.67 1.46 11.73
C VAL F 201 -35.73 1.22 10.67
N GLY F 202 -35.71 0.07 10.01
CA GLY F 202 -36.79 -0.24 9.09
C GLY F 202 -36.42 -0.52 7.65
N LYS F 203 -35.21 -1.04 7.40
CA LYS F 203 -34.89 -1.55 6.07
C LYS F 203 -35.85 -2.68 5.69
N SER F 204 -35.77 -3.79 6.43
CA SER F 204 -36.66 -4.92 6.18
C SER F 204 -38.11 -4.56 6.44
N LEU F 205 -38.37 -3.63 7.36
CA LEU F 205 -39.74 -3.17 7.57
C LEU F 205 -40.29 -2.55 6.29
N GLY F 206 -39.53 -1.66 5.66
CA GLY F 206 -39.98 -1.05 4.42
C GLY F 206 -40.10 -2.06 3.30
N LEU F 207 -39.15 -2.98 3.20
CA LEU F 207 -39.22 -4.00 2.16
C LEU F 207 -40.45 -4.88 2.35
N CYS F 208 -40.77 -5.24 3.59
CA CYS F 208 -41.96 -6.05 3.84
C CYS F 208 -43.24 -5.26 3.61
N SER F 209 -43.23 -3.96 3.91
CA SER F 209 -44.40 -3.14 3.58
C SER F 209 -44.64 -3.10 2.07
N LEU F 210 -43.57 -2.94 1.29
CA LEU F 210 -43.70 -2.97 -0.15
C LEU F 210 -44.16 -4.34 -0.65
N ALA F 211 -43.64 -5.40 -0.04
CA ALA F 211 -44.04 -6.75 -0.43
C ALA F 211 -45.53 -6.98 -0.16
N ALA F 212 -46.01 -6.53 1.00
CA ALA F 212 -47.42 -6.70 1.32
C ALA F 212 -48.29 -5.87 0.38
N ASP F 213 -47.86 -4.64 0.08
CA ASP F 213 -48.64 -3.81 -0.84
C ASP F 213 -48.70 -4.44 -2.24
N TYR F 214 -47.57 -4.99 -2.70
CA TYR F 214 -47.56 -5.57 -4.04
C TYR F 214 -48.31 -6.90 -4.08
N LEU F 215 -48.33 -7.64 -2.97
CA LEU F 215 -49.16 -8.83 -2.91
C LEU F 215 -50.64 -8.46 -2.94
N GLN F 216 -51.02 -7.41 -2.22
CA GLN F 216 -52.39 -6.91 -2.29
C GLN F 216 -52.72 -6.33 -3.66
N LEU F 217 -51.72 -5.94 -4.44
CA LEU F 217 -51.93 -5.41 -5.78
C LEU F 217 -51.93 -6.50 -6.85
N GLY F 218 -51.89 -7.77 -6.45
CA GLY F 218 -52.02 -8.87 -7.39
C GLY F 218 -50.76 -9.31 -8.06
N HIS F 219 -49.62 -8.67 -7.78
CA HIS F 219 -48.36 -9.09 -8.36
C HIS F 219 -47.86 -10.36 -7.69
N ASN F 220 -46.84 -10.96 -8.30
CA ASN F 220 -46.19 -12.14 -7.75
C ASN F 220 -44.88 -11.70 -7.10
N VAL F 221 -44.74 -11.94 -5.80
CA VAL F 221 -43.66 -11.38 -5.01
C VAL F 221 -42.78 -12.51 -4.49
N LEU F 222 -41.47 -12.32 -4.59
CA LEU F 222 -40.49 -13.22 -3.99
C LEU F 222 -39.66 -12.42 -3.00
N TYR F 223 -39.63 -12.87 -1.75
CA TYR F 223 -38.88 -12.22 -0.68
C TYR F 223 -37.75 -13.15 -0.28
N ILE F 224 -36.52 -12.74 -0.59
CA ILE F 224 -35.34 -13.54 -0.28
C ILE F 224 -34.68 -12.94 0.96
N SER F 225 -34.77 -13.67 2.07
CA SER F 225 -34.22 -13.24 3.35
C SER F 225 -32.81 -13.80 3.51
N MET F 226 -31.92 -12.95 4.02
CA MET F 226 -30.54 -13.34 4.22
C MET F 226 -30.15 -13.17 5.68
N GLN F 227 -30.93 -12.41 6.43
CA GLN F 227 -30.68 -12.16 7.84
C GLN F 227 -31.84 -12.61 8.74
N MET F 228 -32.93 -13.09 8.15
CA MET F 228 -34.09 -13.52 8.91
C MET F 228 -34.54 -14.88 8.41
N ALA F 229 -35.11 -15.68 9.30
CA ALA F 229 -35.70 -16.95 8.90
C ALA F 229 -36.96 -16.71 8.08
N GLU F 230 -37.31 -17.70 7.26
CA GLU F 230 -38.51 -17.60 6.45
C GLU F 230 -39.74 -17.30 7.31
N GLU F 231 -39.82 -17.93 8.48
CA GLU F 231 -40.95 -17.70 9.37
C GLU F 231 -41.02 -16.24 9.81
N VAL F 232 -39.86 -15.60 10.04
CA VAL F 232 -39.88 -14.21 10.50
C VAL F 232 -40.43 -13.28 9.43
N CYS F 233 -39.96 -13.43 8.20
CA CYS F 233 -40.44 -12.57 7.11
C CYS F 233 -41.91 -12.85 6.81
N ALA F 234 -42.29 -14.12 6.78
CA ALA F 234 -43.69 -14.45 6.58
C ALA F 234 -44.56 -13.90 7.70
N LYS F 235 -44.03 -13.88 8.93
CA LYS F 235 -44.75 -13.29 10.05
C LYS F 235 -44.91 -11.79 9.87
N ARG F 236 -43.88 -11.12 9.37
CA ARG F 236 -43.99 -9.70 9.06
C ARG F 236 -45.09 -9.45 8.03
N ILE F 237 -45.12 -10.27 6.98
CA ILE F 237 -46.14 -10.11 5.95
C ILE F 237 -47.53 -10.38 6.52
N ASP F 238 -47.65 -11.40 7.38
CA ASP F 238 -48.93 -11.70 8.00
C ASP F 238 -49.38 -10.55 8.88
N ALA F 239 -48.47 -9.95 9.64
CA ALA F 239 -48.82 -8.82 10.47
C ALA F 239 -49.28 -7.64 9.62
N ASN F 240 -48.64 -7.44 8.47
CA ASN F 240 -49.04 -6.34 7.59
C ASN F 240 -50.42 -6.58 7.00
N MET F 241 -50.67 -7.79 6.49
CA MET F 241 -51.87 -8.04 5.70
C MET F 241 -53.05 -8.56 6.50
N LEU F 242 -52.86 -8.88 7.78
CA LEU F 242 -53.95 -9.34 8.62
C LEU F 242 -54.33 -8.35 9.71
N ASP F 243 -53.66 -7.20 9.77
CA ASP F 243 -53.95 -6.14 10.75
C ASP F 243 -53.81 -6.66 12.19
N VAL F 244 -52.95 -7.66 12.37
CA VAL F 244 -52.67 -8.22 13.69
C VAL F 244 -51.24 -7.84 14.07
N SER F 245 -51.08 -7.28 15.26
CA SER F 245 -49.76 -6.87 15.72
C SER F 245 -48.86 -8.08 15.92
N LEU F 246 -47.56 -7.85 15.76
CA LEU F 246 -46.59 -8.90 16.05
C LEU F 246 -46.64 -9.31 17.52
N ASP F 247 -46.93 -8.36 18.41
CA ASP F 247 -47.12 -8.69 19.81
C ASP F 247 -48.30 -9.65 19.98
N ASP F 248 -49.38 -9.43 19.23
CA ASP F 248 -50.52 -10.33 19.29
C ASP F 248 -50.14 -11.72 18.79
N ILE F 249 -49.31 -11.79 17.75
CA ILE F 249 -48.91 -13.10 17.21
C ILE F 249 -48.02 -13.84 18.19
N ASP F 250 -47.03 -13.15 18.75
CA ASP F 250 -46.11 -13.80 19.68
C ASP F 250 -46.82 -14.20 20.97
N ASP F 251 -47.65 -13.32 21.52
CA ASP F 251 -48.40 -13.62 22.73
C ASP F 251 -49.55 -14.58 22.47
N GLY F 252 -49.90 -14.82 21.21
CA GLY F 252 -51.01 -15.68 20.90
C GLY F 252 -52.37 -15.07 21.20
N HIS F 253 -52.48 -13.74 21.21
CA HIS F 253 -53.75 -13.10 21.50
C HIS F 253 -54.82 -13.50 20.48
N ILE F 254 -54.46 -13.54 19.21
CA ILE F 254 -55.38 -14.00 18.18
C ILE F 254 -55.41 -15.52 18.17
N SER F 255 -56.61 -16.08 18.07
CA SER F 255 -56.77 -17.52 18.05
C SER F 255 -56.50 -18.08 16.66
N TYR F 256 -56.09 -19.35 16.62
CA TYR F 256 -55.80 -19.99 15.34
C TYR F 256 -57.02 -20.02 14.44
N ALA F 257 -58.23 -20.12 15.01
CA ALA F 257 -59.44 -20.08 14.21
C ALA F 257 -59.57 -18.76 13.47
N GLU F 258 -59.34 -17.64 14.17
CA GLU F 258 -59.42 -16.33 13.54
C GLU F 258 -58.31 -16.15 12.51
N TYR F 259 -57.12 -16.68 12.80
CA TYR F 259 -56.02 -16.63 11.84
C TYR F 259 -56.40 -17.35 10.55
N LYS F 260 -56.94 -18.56 10.68
CA LYS F 260 -57.35 -19.31 9.50
C LYS F 260 -58.49 -18.60 8.77
N GLY F 261 -59.41 -18.00 9.50
CA GLY F 261 -60.50 -17.26 8.87
C GLY F 261 -59.99 -16.09 8.06
N LYS F 262 -59.05 -15.33 8.61
CA LYS F 262 -58.47 -14.23 7.87
C LYS F 262 -57.69 -14.72 6.65
N MET F 263 -56.96 -15.83 6.81
CA MET F 263 -56.22 -16.38 5.67
C MET F 263 -57.17 -16.80 4.56
N GLU F 264 -58.29 -17.42 4.90
CA GLU F 264 -59.26 -17.81 3.89
C GLU F 264 -59.93 -16.60 3.26
N LYS F 265 -60.23 -15.57 4.06
CA LYS F 265 -60.81 -14.35 3.51
C LYS F 265 -59.85 -13.70 2.51
N TRP F 266 -58.55 -13.78 2.77
CA TRP F 266 -57.59 -13.23 1.82
C TRP F 266 -57.44 -14.13 0.60
N ARG F 267 -57.49 -15.46 0.80
CA ARG F 267 -57.32 -16.37 -0.32
C ARG F 267 -58.51 -16.28 -1.28
N GLU F 268 -59.71 -16.04 -0.76
CA GLU F 268 -60.87 -15.95 -1.62
C GLU F 268 -60.87 -14.68 -2.47
N LYS F 269 -60.02 -13.72 -2.16
CA LYS F 269 -59.93 -12.49 -2.94
C LYS F 269 -59.30 -12.79 -4.30
N SER F 270 -60.00 -12.40 -5.36
CA SER F 270 -59.54 -12.69 -6.72
C SER F 270 -58.29 -11.91 -7.09
N THR F 271 -58.20 -10.64 -6.69
CA THR F 271 -57.06 -9.81 -7.06
C THR F 271 -55.90 -10.03 -6.11
N LEU F 272 -55.46 -11.27 -5.96
CA LEU F 272 -54.36 -11.61 -5.08
C LEU F 272 -53.38 -12.51 -5.82
N GLY F 273 -52.09 -12.22 -5.65
CA GLY F 273 -51.03 -13.03 -6.20
C GLY F 273 -50.55 -14.07 -5.22
N ARG F 274 -49.29 -14.45 -5.38
CA ARG F 274 -48.64 -15.40 -4.48
C ARG F 274 -47.27 -14.85 -4.09
N LEU F 275 -47.04 -14.70 -2.79
CA LEU F 275 -45.75 -14.28 -2.26
C LEU F 275 -45.03 -15.48 -1.69
N ILE F 276 -43.77 -15.65 -2.07
CA ILE F 276 -42.97 -16.78 -1.65
C ILE F 276 -41.71 -16.26 -0.98
N VAL F 277 -41.42 -16.75 0.21
CA VAL F 277 -40.27 -16.30 1.00
C VAL F 277 -39.25 -17.43 1.02
N LYS F 278 -38.03 -17.12 0.59
CA LYS F 278 -36.93 -18.07 0.56
C LYS F 278 -35.77 -17.52 1.37
N GLN F 279 -35.14 -18.37 2.18
CA GLN F 279 -34.07 -17.96 3.07
C GLN F 279 -32.76 -18.61 2.64
N TYR F 280 -31.69 -17.81 2.65
CA TYR F 280 -30.34 -18.29 2.46
C TYR F 280 -29.46 -17.80 3.59
N PRO F 281 -28.43 -18.56 3.96
CA PRO F 281 -27.51 -18.08 5.00
C PRO F 281 -26.76 -16.85 4.55
N THR F 282 -26.40 -16.01 5.52
CA THR F 282 -25.68 -14.78 5.23
C THR F 282 -24.42 -15.06 4.45
N GLY F 283 -24.33 -14.50 3.25
CA GLY F 283 -23.22 -14.78 2.36
C GLY F 283 -23.32 -16.07 1.60
N GLY F 284 -24.45 -16.78 1.69
CA GLY F 284 -24.64 -18.04 1.02
C GLY F 284 -25.41 -18.00 -0.28
N ALA F 285 -25.87 -16.82 -0.70
CA ALA F 285 -26.62 -16.68 -1.94
C ALA F 285 -26.04 -15.55 -2.77
N ASP F 286 -26.14 -15.70 -4.10
CA ASP F 286 -25.67 -14.69 -5.03
C ASP F 286 -26.74 -14.52 -6.10
N ALA F 287 -26.43 -13.70 -7.11
CA ALA F 287 -27.37 -13.49 -8.21
C ALA F 287 -27.60 -14.77 -8.99
N ASN F 288 -26.56 -15.59 -9.14
CA ASN F 288 -26.74 -16.89 -9.76
C ASN F 288 -27.64 -17.79 -8.92
N THR F 289 -27.48 -17.75 -7.60
CA THR F 289 -28.37 -18.51 -6.73
C THR F 289 -29.80 -18.02 -6.86
N PHE F 290 -29.99 -16.70 -6.95
CA PHE F 290 -31.33 -16.17 -7.15
C PHE F 290 -31.92 -16.62 -8.49
N ARG F 291 -31.08 -16.70 -9.53
CA ARG F 291 -31.55 -17.20 -10.82
C ARG F 291 -31.97 -18.66 -10.72
N SER F 292 -31.20 -19.47 -10.00
CA SER F 292 -31.59 -20.86 -9.79
C SER F 292 -32.91 -20.95 -9.03
N LEU F 293 -33.08 -20.09 -8.03
CA LEU F 293 -34.34 -20.03 -7.28
C LEU F 293 -35.49 -19.67 -8.21
N LEU F 294 -35.26 -18.70 -9.10
CA LEU F 294 -36.30 -18.34 -10.06
C LEU F 294 -36.64 -19.49 -10.98
N ASN F 295 -35.63 -20.23 -11.43
CA ASN F 295 -35.87 -21.38 -12.30
C ASN F 295 -36.74 -22.42 -11.59
N GLU F 296 -36.38 -22.76 -10.35
CA GLU F 296 -37.18 -23.76 -9.64
C GLU F 296 -38.57 -23.23 -9.31
N LEU F 297 -38.70 -21.94 -9.03
CA LEU F 297 -40.02 -21.36 -8.77
C LEU F 297 -40.89 -21.41 -10.01
N LYS F 298 -40.30 -21.20 -11.18
CA LYS F 298 -41.04 -21.34 -12.43
C LYS F 298 -41.35 -22.79 -12.75
N LEU F 299 -40.53 -23.74 -12.27
CA LEU F 299 -40.74 -25.15 -12.56
C LEU F 299 -41.46 -25.86 -11.41
N LYS F 300 -40.90 -25.83 -10.20
CA LYS F 300 -41.49 -26.60 -9.10
C LYS F 300 -42.83 -26.03 -8.66
N LYS F 301 -42.88 -24.72 -8.40
CA LYS F 301 -44.08 -24.08 -7.91
C LYS F 301 -44.90 -23.40 -9.00
N ASN F 302 -44.41 -23.38 -10.24
CA ASN F 302 -45.07 -22.71 -11.35
C ASN F 302 -45.40 -21.26 -11.00
N PHE F 303 -44.41 -20.59 -10.41
CA PHE F 303 -44.54 -19.21 -9.96
C PHE F 303 -43.52 -18.35 -10.69
N VAL F 304 -44.00 -17.36 -11.42
CA VAL F 304 -43.14 -16.45 -12.18
C VAL F 304 -43.05 -15.15 -11.40
N PRO F 305 -41.86 -14.78 -10.90
CA PRO F 305 -41.76 -13.60 -10.04
C PRO F 305 -42.04 -12.32 -10.81
N THR F 306 -42.58 -11.34 -10.07
CA THR F 306 -42.81 -10.01 -10.58
C THR F 306 -42.04 -9.01 -9.73
N ILE F 307 -42.01 -9.25 -8.42
CA ILE F 307 -41.30 -8.35 -7.50
C ILE F 307 -40.33 -9.16 -6.66
N ILE F 308 -39.08 -9.25 -7.12
CA ILE F 308 -38.04 -9.86 -6.29
C ILE F 308 -37.61 -8.86 -5.22
N ILE F 309 -37.59 -9.33 -3.97
CA ILE F 309 -37.21 -8.49 -2.84
C ILE F 309 -36.14 -9.22 -2.06
N VAL F 310 -34.93 -8.68 -2.04
CA VAL F 310 -33.82 -9.26 -1.29
C VAL F 310 -33.68 -8.48 0.01
N ASP F 311 -33.53 -9.19 1.12
CA ASP F 311 -33.55 -8.59 2.44
C ASP F 311 -32.40 -7.61 2.66
N TYR F 312 -31.20 -7.98 2.25
CA TYR F 312 -30.02 -7.18 2.55
C TYR F 312 -29.01 -7.30 1.41
N LEU F 313 -28.79 -6.19 0.70
CA LEU F 313 -27.84 -6.18 -0.40
C LEU F 313 -26.41 -6.41 0.09
N GLY F 314 -26.02 -5.73 1.16
CA GLY F 314 -24.65 -5.82 1.65
C GLY F 314 -24.27 -7.15 2.24
N ILE F 315 -25.23 -8.04 2.47
CA ILE F 315 -24.93 -9.36 3.01
C ILE F 315 -24.68 -10.37 1.88
N CYS F 316 -25.34 -10.20 0.75
CA CYS F 316 -25.29 -11.19 -0.33
C CYS F 316 -23.87 -11.37 -0.84
N LYS F 317 -23.60 -12.56 -1.39
CA LYS F 317 -22.23 -12.82 -1.90
C LYS F 317 -22.08 -12.01 -3.17
N SER F 318 -20.85 -11.62 -3.52
CA SER F 318 -20.68 -10.72 -4.70
C SER F 318 -21.28 -11.38 -5.94
N CYS F 319 -21.08 -12.69 -6.11
CA CYS F 319 -21.59 -13.44 -7.30
C CYS F 319 -20.65 -13.21 -8.48
N ARG F 320 -19.63 -12.38 -8.31
CA ARG F 320 -18.68 -12.07 -9.40
C ARG F 320 -17.31 -11.78 -8.78
N ILE F 321 -17.29 -11.34 -7.52
CA ILE F 321 -16.00 -11.08 -6.82
C ILE F 321 -15.78 -12.17 -5.77
N ARG F 322 -14.72 -12.99 -5.93
CA ARG F 322 -14.44 -14.09 -4.97
C ARG F 322 -14.67 -13.61 -3.54
N VAL F 323 -15.19 -14.48 -2.67
CA VAL F 323 -15.51 -14.04 -1.32
C VAL F 323 -14.25 -13.57 -0.60
N TYR F 324 -14.34 -12.40 0.04
CA TYR F 324 -13.26 -11.85 0.85
C TYR F 324 -12.00 -11.61 0.00
N SER F 325 -12.19 -10.99 -1.15
CA SER F 325 -11.08 -10.70 -2.05
C SER F 325 -10.79 -9.21 -2.21
N GLU F 326 -11.79 -8.43 -2.60
CA GLU F 326 -11.63 -7.00 -2.79
C GLU F 326 -12.07 -6.26 -1.53
N ASN F 327 -12.16 -4.93 -1.64
CA ASN F 327 -12.65 -4.11 -0.55
C ASN F 327 -14.17 -4.14 -0.51
N SER F 328 -14.74 -3.32 0.38
CA SER F 328 -16.19 -3.28 0.52
C SER F 328 -16.85 -2.56 -0.65
N TYR F 329 -16.24 -1.46 -1.10
CA TYR F 329 -16.84 -0.68 -2.18
C TYR F 329 -16.98 -1.51 -3.45
N THR F 330 -15.88 -2.15 -3.88
CA THR F 330 -15.91 -2.93 -5.11
C THR F 330 -16.88 -4.11 -4.99
N THR F 331 -16.86 -4.80 -3.85
CA THR F 331 -17.72 -5.96 -3.68
C THR F 331 -19.19 -5.56 -3.74
N VAL F 332 -19.57 -4.50 -3.02
CA VAL F 332 -20.98 -4.12 -2.97
C VAL F 332 -21.42 -3.52 -4.29
N LYS F 333 -20.53 -2.78 -4.97
CA LYS F 333 -20.88 -2.28 -6.30
C LYS F 333 -21.11 -3.44 -7.27
N ALA F 334 -20.28 -4.48 -7.20
CA ALA F 334 -20.50 -5.65 -8.03
C ALA F 334 -21.80 -6.35 -7.67
N ILE F 335 -22.14 -6.41 -6.37
CA ILE F 335 -23.41 -6.99 -5.95
C ILE F 335 -24.57 -6.22 -6.56
N ALA F 336 -24.51 -4.89 -6.51
CA ALA F 336 -25.56 -4.08 -7.09
C ALA F 336 -25.66 -4.30 -8.60
N GLU F 337 -24.51 -4.38 -9.28
CA GLU F 337 -24.53 -4.61 -10.72
C GLU F 337 -25.15 -5.96 -11.05
N GLU F 338 -24.81 -7.00 -10.29
CA GLU F 338 -25.37 -8.33 -10.54
C GLU F 338 -26.88 -8.34 -10.28
N LEU F 339 -27.32 -7.70 -9.20
CA LEU F 339 -28.75 -7.67 -8.91
C LEU F 339 -29.51 -6.89 -9.98
N ARG F 340 -28.96 -5.77 -10.45
CA ARG F 340 -29.64 -5.03 -11.50
C ARG F 340 -29.66 -5.82 -12.80
N ALA F 341 -28.59 -6.55 -13.09
CA ALA F 341 -28.57 -7.39 -14.30
C ALA F 341 -29.65 -8.45 -14.22
N LEU F 342 -29.80 -9.09 -13.06
CA LEU F 342 -30.86 -10.08 -12.89
C LEU F 342 -32.23 -9.44 -13.04
N ALA F 343 -32.43 -8.26 -12.46
CA ALA F 343 -33.73 -7.59 -12.57
C ALA F 343 -34.05 -7.25 -14.02
N VAL F 344 -33.06 -6.77 -14.77
CA VAL F 344 -33.28 -6.44 -16.18
C VAL F 344 -33.57 -7.72 -16.97
N GLU F 345 -32.86 -8.79 -16.67
CA GLU F 345 -33.08 -10.05 -17.39
C GLU F 345 -34.49 -10.58 -17.18
N THR F 346 -34.91 -10.69 -15.92
CA THR F 346 -36.20 -11.28 -15.61
C THR F 346 -37.36 -10.30 -15.67
N GLU F 347 -37.08 -9.02 -15.96
CA GLU F 347 -38.10 -7.99 -16.08
C GLU F 347 -38.96 -7.92 -14.81
N THR F 348 -38.27 -7.97 -13.66
CA THR F 348 -38.93 -7.91 -12.36
C THR F 348 -38.49 -6.65 -11.64
N VAL F 349 -39.45 -5.99 -10.98
CA VAL F 349 -39.14 -4.79 -10.21
C VAL F 349 -38.46 -5.23 -8.91
N LEU F 350 -37.13 -5.21 -8.90
CA LEU F 350 -36.33 -5.72 -7.79
C LEU F 350 -36.29 -4.67 -6.69
N TRP F 351 -36.32 -5.12 -5.44
CA TRP F 351 -36.15 -4.25 -4.29
C TRP F 351 -35.12 -4.85 -3.35
N THR F 352 -34.34 -3.97 -2.72
CA THR F 352 -33.35 -4.38 -1.74
C THR F 352 -33.23 -3.27 -0.70
N ALA F 353 -32.20 -3.35 0.14
CA ALA F 353 -32.00 -2.36 1.19
C ALA F 353 -30.51 -2.28 1.48
N ALA F 354 -29.99 -1.06 1.56
CA ALA F 354 -28.59 -0.85 1.88
C ALA F 354 -28.45 -0.11 3.21
N GLN F 355 -27.27 -0.23 3.80
CA GLN F 355 -26.98 0.31 5.12
C GLN F 355 -26.12 1.57 4.98
N VAL F 356 -26.56 2.66 5.62
CA VAL F 356 -25.84 3.92 5.54
C VAL F 356 -24.62 3.87 6.43
N GLY F 357 -23.72 4.84 6.27
CA GLY F 357 -22.53 4.90 7.09
C GLY F 357 -22.82 5.28 8.51
N LYS F 358 -21.82 5.06 9.37
CA LYS F 358 -22.00 5.33 10.80
C LYS F 358 -22.26 6.81 11.05
N GLN F 359 -21.82 7.68 10.15
CA GLN F 359 -22.06 9.11 10.32
C GLN F 359 -23.54 9.43 10.25
N ALA F 360 -24.28 8.75 9.37
CA ALA F 360 -25.68 9.06 9.16
C ALA F 360 -26.58 8.55 10.27
N TRP F 361 -26.10 7.61 11.10
CA TRP F 361 -26.92 7.06 12.17
C TRP F 361 -27.33 8.16 13.14
N ASP F 362 -28.61 8.17 13.51
CA ASP F 362 -29.16 9.14 14.45
C ASP F 362 -28.90 10.58 13.99
N SER F 363 -29.04 10.81 12.69
CA SER F 363 -28.90 12.13 12.10
C SER F 363 -30.19 12.50 11.38
N SER F 364 -30.62 13.75 11.53
CA SER F 364 -31.89 14.19 10.97
C SER F 364 -31.90 14.21 9.46
N ASP F 365 -30.74 14.10 8.80
CA ASP F 365 -30.68 14.11 7.35
C ASP F 365 -29.53 13.24 6.87
N VAL F 366 -29.73 12.59 5.72
CA VAL F 366 -28.71 11.80 5.05
C VAL F 366 -28.68 12.20 3.59
N ASN F 367 -27.65 11.73 2.89
CA ASN F 367 -27.51 12.01 1.46
C ASN F 367 -26.70 10.88 0.83
N MET F 368 -26.27 11.10 -0.42
CA MET F 368 -25.49 10.10 -1.13
C MET F 368 -24.15 9.82 -0.45
N SER F 369 -23.51 10.84 0.12
CA SER F 369 -22.23 10.64 0.80
C SER F 369 -22.43 10.11 2.21
N ASP F 370 -23.28 9.09 2.34
CA ASP F 370 -23.48 8.40 3.60
C ASP F 370 -23.59 6.90 3.47
N ILE F 371 -23.51 6.35 2.25
CA ILE F 371 -23.67 4.91 2.08
C ILE F 371 -22.42 4.20 2.60
N ALA F 372 -22.64 3.20 3.45
CA ALA F 372 -21.53 2.61 4.19
C ALA F 372 -20.66 1.73 3.30
N GLU F 373 -21.23 0.65 2.79
CA GLU F 373 -20.43 -0.39 2.16
C GLU F 373 -19.84 0.09 0.83
N SER F 374 -20.62 0.84 0.05
CA SER F 374 -20.16 1.32 -1.24
C SER F 374 -20.97 2.53 -1.65
N ALA F 375 -20.29 3.58 -2.10
CA ALA F 375 -20.96 4.74 -2.66
C ALA F 375 -21.32 4.55 -4.12
N GLY F 376 -21.00 3.39 -4.70
CA GLY F 376 -21.35 3.10 -6.08
C GLY F 376 -22.77 2.65 -6.30
N LEU F 377 -23.53 2.44 -5.24
CA LEU F 377 -24.92 2.01 -5.40
C LEU F 377 -25.77 3.01 -6.18
N PRO F 378 -25.77 4.31 -5.90
CA PRO F 378 -26.60 5.23 -6.70
C PRO F 378 -26.25 5.20 -8.17
N ALA F 379 -24.99 4.93 -8.51
CA ALA F 379 -24.62 4.74 -9.90
C ALA F 379 -25.31 3.52 -10.49
N THR F 380 -25.45 2.46 -9.69
CA THR F 380 -26.07 1.24 -10.19
C THR F 380 -27.57 1.20 -9.94
N ALA F 381 -28.03 1.64 -8.78
CA ALA F 381 -29.44 1.56 -8.45
C ALA F 381 -30.24 2.53 -9.32
N ASP F 382 -31.55 2.27 -9.41
CA ASP F 382 -32.45 3.09 -10.19
C ASP F 382 -33.47 3.87 -9.36
N PHE F 383 -33.67 3.50 -8.10
CA PHE F 383 -34.57 4.25 -7.23
C PHE F 383 -34.22 3.92 -5.79
N MET F 384 -33.74 4.92 -5.06
CA MET F 384 -33.27 4.71 -3.70
C MET F 384 -34.02 5.62 -2.74
N LEU F 385 -34.33 5.11 -1.57
CA LEU F 385 -35.00 5.85 -0.51
C LEU F 385 -34.20 5.72 0.78
N ALA F 386 -34.51 6.59 1.73
CA ALA F 386 -33.86 6.57 3.03
C ALA F 386 -34.92 6.54 4.12
N VAL F 387 -34.50 6.18 5.33
CA VAL F 387 -35.37 6.23 6.50
C VAL F 387 -34.63 6.99 7.59
N ILE F 388 -35.26 8.03 8.12
CA ILE F 388 -34.58 8.97 9.01
C ILE F 388 -35.28 9.02 10.37
N GLU F 389 -35.84 7.89 10.79
CA GLU F 389 -36.55 7.80 12.07
C GLU F 389 -35.51 7.77 13.18
N THR F 390 -35.08 8.95 13.62
CA THR F 390 -33.99 9.01 14.58
C THR F 390 -34.45 9.15 16.03
N GLU F 391 -35.09 10.28 16.38
CA GLU F 391 -35.41 10.55 17.77
C GLU F 391 -36.89 10.79 18.01
N GLU F 392 -37.53 11.65 17.24
CA GLU F 392 -38.91 12.06 17.52
C GLU F 392 -39.93 11.52 16.54
N LEU F 393 -39.50 11.08 15.36
CA LEU F 393 -40.43 10.44 14.44
C LEU F 393 -41.02 9.17 15.03
N ALA F 394 -40.20 8.36 15.70
CA ALA F 394 -40.71 7.20 16.41
C ALA F 394 -41.66 7.61 17.52
N ALA F 395 -41.31 8.66 18.26
CA ALA F 395 -42.21 9.17 19.29
C ALA F 395 -43.52 9.64 18.69
N ALA F 396 -43.50 10.15 17.47
CA ALA F 396 -44.71 10.50 16.75
C ALA F 396 -45.21 9.36 15.87
N GLU F 397 -44.54 8.22 15.89
CA GLU F 397 -44.92 7.05 15.08
C GLU F 397 -45.03 7.41 13.60
N GLN F 398 -43.99 8.05 13.09
CA GLN F 398 -43.92 8.45 11.69
C GLN F 398 -42.54 8.13 11.16
N GLN F 399 -42.27 8.54 9.93
CA GLN F 399 -41.01 8.23 9.28
C GLN F 399 -40.60 9.41 8.41
N LEU F 400 -39.47 9.29 7.73
CA LEU F 400 -38.99 10.31 6.81
C LEU F 400 -38.18 9.63 5.72
N ILE F 401 -38.50 9.94 4.47
CA ILE F 401 -37.83 9.35 3.33
C ILE F 401 -37.14 10.45 2.54
N LYS F 402 -35.83 10.31 2.37
CA LYS F 402 -35.01 11.33 1.74
C LYS F 402 -35.13 11.36 0.22
N GLN F 403 -35.48 10.24 -0.40
CA GLN F 403 -35.50 10.11 -1.86
C GLN F 403 -34.12 10.44 -2.44
N ILE F 404 -33.14 9.64 -1.98
CA ILE F 404 -31.74 9.94 -2.26
C ILE F 404 -31.44 9.86 -3.75
N LYS F 405 -31.84 8.78 -4.41
CA LYS F 405 -31.55 8.58 -5.82
C LYS F 405 -32.85 8.18 -6.51
N SER F 406 -33.31 9.03 -7.43
CA SER F 406 -34.59 8.82 -8.11
C SER F 406 -34.39 9.00 -9.61
N ARG F 407 -34.44 7.89 -10.35
CA ARG F 407 -34.35 7.95 -11.81
C ARG F 407 -35.71 8.03 -12.49
N TYR F 408 -36.80 8.02 -11.72
CA TYR F 408 -38.14 8.03 -12.33
C TYR F 408 -38.66 9.45 -12.53
N GLY F 409 -38.42 10.33 -11.56
CA GLY F 409 -38.88 11.71 -11.66
C GLY F 409 -37.86 12.65 -11.08
N ASP F 410 -38.29 13.86 -10.72
CA ASP F 410 -37.41 14.87 -10.15
C ASP F 410 -37.37 14.69 -8.65
N LYS F 411 -36.24 14.21 -8.15
CA LYS F 411 -36.10 13.93 -6.72
C LYS F 411 -36.25 15.20 -5.88
N ASN F 412 -35.97 16.36 -6.45
CA ASN F 412 -36.12 17.62 -5.72
C ASN F 412 -37.49 18.26 -5.96
N LYS F 413 -38.55 17.45 -5.87
CA LYS F 413 -39.92 17.94 -5.86
C LYS F 413 -40.66 17.53 -4.60
N TRP F 414 -40.57 16.26 -4.23
CA TRP F 414 -41.10 15.72 -2.98
C TRP F 414 -40.01 14.96 -2.23
N ASN F 415 -38.86 15.62 -2.10
CA ASN F 415 -37.66 14.96 -1.59
C ASN F 415 -37.90 14.32 -0.24
N LYS F 416 -38.45 15.07 0.71
CA LYS F 416 -38.71 14.58 2.06
C LYS F 416 -40.21 14.56 2.31
N PHE F 417 -40.70 13.42 2.80
CA PHE F 417 -42.10 13.28 3.18
C PHE F 417 -42.21 12.35 4.38
N LEU F 418 -43.31 12.48 5.10
CA LEU F 418 -43.54 11.71 6.32
C LEU F 418 -44.46 10.53 6.02
N MET F 419 -44.04 9.34 6.41
CA MET F 419 -44.84 8.13 6.29
C MET F 419 -45.18 7.63 7.69
N GLY F 420 -46.44 7.29 7.90
CA GLY F 420 -46.88 6.76 9.17
C GLY F 420 -46.53 5.29 9.29
N VAL F 421 -45.28 5.00 9.61
CA VAL F 421 -44.86 3.62 9.80
C VAL F 421 -45.45 3.09 11.10
N GLN F 422 -46.30 2.08 10.99
CA GLN F 422 -46.86 1.38 12.13
C GLN F 422 -46.03 0.12 12.34
N LYS F 423 -45.22 0.12 13.41
CA LYS F 423 -44.32 -0.99 13.69
C LYS F 423 -45.06 -2.26 14.09
N GLY F 424 -46.10 -2.13 14.92
CA GLY F 424 -46.83 -3.31 15.35
C GLY F 424 -47.44 -4.06 14.18
N ASN F 425 -47.99 -3.35 13.21
CA ASN F 425 -48.53 -3.94 12.01
C ASN F 425 -47.49 -4.05 10.91
N GLN F 426 -46.30 -3.48 11.09
CA GLN F 426 -45.22 -3.56 10.11
C GLN F 426 -45.65 -3.01 8.76
N LYS F 427 -46.35 -1.87 8.78
CA LYS F 427 -46.93 -1.33 7.56
C LYS F 427 -46.66 0.18 7.48
N TRP F 428 -46.98 0.74 6.32
CA TRP F 428 -46.88 2.18 6.09
C TRP F 428 -48.27 2.72 5.81
N VAL F 429 -48.59 3.86 6.42
CA VAL F 429 -49.82 4.58 6.09
C VAL F 429 -49.45 6.00 5.66
N GLU F 430 -50.42 6.67 5.05
CA GLU F 430 -50.22 8.04 4.61
C GLU F 430 -50.77 9.02 5.65
N ILE F 431 -49.97 10.04 5.94
CA ILE F 431 -50.37 11.03 6.95
C ILE F 431 -51.64 11.78 6.57
N GLU F 432 -51.94 11.89 5.28
CA GLU F 432 -53.16 12.56 4.83
C GLU F 432 -54.40 11.78 5.27
N SER G 1 16.32 -3.87 -25.96
CA SER G 1 17.71 -4.14 -25.59
C SER G 1 18.57 -4.33 -26.83
N ILE G 2 19.83 -4.72 -26.60
CA ILE G 2 20.79 -4.94 -27.68
C ILE G 2 21.37 -6.35 -27.50
N PRO G 3 20.62 -7.39 -27.88
CA PRO G 3 21.05 -8.76 -27.55
C PRO G 3 22.39 -9.16 -28.15
N TRP G 4 22.73 -8.68 -29.35
CA TRP G 4 23.97 -9.12 -29.98
C TRP G 4 25.19 -8.59 -29.24
N ILE G 5 25.16 -7.32 -28.82
CA ILE G 5 26.24 -6.79 -28.00
C ILE G 5 26.30 -7.50 -26.66
N ASP G 6 25.14 -7.85 -26.10
CA ASP G 6 25.12 -8.61 -24.86
C ASP G 6 25.82 -9.95 -25.03
N ASN G 7 25.54 -10.64 -26.12
CA ASN G 7 26.19 -11.93 -26.38
C ASN G 7 27.69 -11.76 -26.58
N GLU G 8 28.09 -10.73 -27.33
CA GLU G 8 29.52 -10.48 -27.55
C GLU G 8 30.25 -10.24 -26.24
N PHE G 9 29.70 -9.36 -25.39
CA PHE G 9 30.37 -9.04 -24.14
C PHE G 9 30.33 -10.21 -23.17
N ALA G 10 29.25 -10.98 -23.16
CA ALA G 10 29.19 -12.17 -22.32
C ALA G 10 30.25 -13.18 -22.74
N TYR G 11 30.42 -13.39 -24.05
CA TYR G 11 31.48 -14.27 -24.52
C TYR G 11 32.85 -13.75 -24.15
N ARG G 12 33.05 -12.43 -24.25
CA ARG G 12 34.35 -11.85 -23.89
C ARG G 12 34.63 -12.02 -22.40
N ALA G 13 33.63 -11.83 -21.55
CA ALA G 13 33.82 -11.82 -20.11
C ALA G 13 33.62 -13.18 -19.46
N LEU G 14 33.25 -14.20 -20.23
CA LEU G 14 33.07 -15.55 -19.67
C LEU G 14 33.99 -16.58 -20.29
N ALA G 15 34.70 -16.25 -21.36
CA ALA G 15 35.59 -17.22 -21.99
C ALA G 15 36.70 -17.66 -21.05
N HIS G 16 37.29 -16.70 -20.31
CA HIS G 16 38.39 -17.03 -19.41
C HIS G 16 37.93 -17.82 -18.19
N LEU G 17 36.64 -17.84 -17.88
CA LEU G 17 36.17 -18.57 -16.73
C LEU G 17 36.31 -20.08 -16.96
N PRO G 18 36.57 -20.85 -15.90
CA PRO G 18 36.73 -22.30 -16.06
C PRO G 18 35.44 -22.96 -16.51
N LYS G 19 35.60 -24.08 -17.21
CA LYS G 19 34.47 -24.89 -17.69
C LYS G 19 33.54 -24.07 -18.58
N PHE G 20 34.12 -23.17 -19.37
CA PHE G 20 33.35 -22.39 -20.32
C PHE G 20 33.04 -23.21 -21.57
N THR G 21 31.84 -23.03 -22.11
CA THR G 21 31.38 -23.75 -23.29
C THR G 21 30.36 -22.89 -24.00
N GLN G 22 30.62 -22.58 -25.28
CA GLN G 22 29.74 -21.74 -26.08
C GLN G 22 28.74 -22.62 -26.81
N VAL G 23 27.67 -22.97 -26.11
CA VAL G 23 26.62 -23.82 -26.67
C VAL G 23 25.76 -22.98 -27.60
N ASN G 24 26.00 -23.13 -28.91
CA ASN G 24 25.31 -22.32 -29.91
C ASN G 24 24.52 -23.23 -30.83
N ASN G 25 23.22 -23.34 -30.57
CA ASN G 25 22.31 -24.03 -31.47
C ASN G 25 21.71 -23.02 -32.44
N SER G 26 21.07 -23.54 -33.49
CA SER G 26 20.70 -22.72 -34.64
C SER G 26 19.78 -21.56 -34.26
N SER G 27 19.10 -21.64 -33.12
CA SER G 27 18.28 -20.54 -32.64
C SER G 27 18.63 -20.08 -31.24
N THR G 28 19.59 -20.70 -30.56
CA THR G 28 19.89 -20.38 -29.16
C THR G 28 21.38 -20.12 -28.99
N PHE G 29 21.71 -19.10 -28.20
CA PHE G 29 23.08 -18.79 -27.83
C PHE G 29 23.17 -18.87 -26.31
N LYS G 30 23.91 -19.86 -25.80
CA LYS G 30 24.04 -20.05 -24.37
C LYS G 30 25.50 -20.31 -24.02
N LEU G 31 25.86 -19.98 -22.79
CA LEU G 31 27.21 -20.18 -22.28
C LEU G 31 27.15 -20.98 -21.00
N ARG G 32 27.90 -22.07 -20.94
CA ARG G 32 28.02 -22.87 -19.74
C ARG G 32 29.34 -22.54 -19.06
N PHE G 33 29.32 -22.43 -17.74
CA PHE G 33 30.51 -21.99 -17.01
C PHE G 33 30.30 -22.22 -15.53
N ARG G 34 31.41 -22.45 -14.83
CA ARG G 34 31.39 -22.53 -13.38
C ARG G 34 31.13 -21.14 -12.82
N CYS G 35 30.08 -21.01 -12.03
CA CYS G 35 29.63 -19.68 -11.61
C CYS G 35 30.64 -19.08 -10.63
N PRO G 36 31.23 -17.93 -10.95
CA PRO G 36 32.16 -17.30 -10.00
C PRO G 36 31.50 -16.86 -8.70
N VAL G 37 30.20 -16.63 -8.69
CA VAL G 37 29.51 -16.21 -7.47
C VAL G 37 29.54 -17.33 -6.44
N CYS G 38 29.32 -18.57 -6.89
CA CYS G 38 29.27 -19.72 -6.00
C CYS G 38 30.43 -20.69 -6.16
N GLY G 39 30.96 -20.85 -7.37
CA GLY G 39 31.98 -21.85 -7.62
C GLY G 39 31.45 -23.24 -7.88
N ASP G 40 30.13 -23.44 -7.84
CA ASP G 40 29.49 -24.74 -8.07
C ASP G 40 30.10 -25.76 -7.10
N SER G 41 30.53 -26.93 -7.55
CA SER G 41 31.09 -27.94 -6.67
C SER G 41 32.39 -28.47 -7.26
N LYS G 42 33.28 -28.90 -6.38
CA LYS G 42 34.54 -29.48 -6.83
C LYS G 42 34.31 -30.74 -7.64
N THR G 43 33.39 -31.59 -7.19
CA THR G 43 32.97 -32.72 -8.01
C THR G 43 32.25 -32.25 -9.27
N ASP G 44 31.39 -31.24 -9.14
CA ASP G 44 30.59 -30.76 -10.26
C ASP G 44 31.30 -29.66 -11.03
N GLN G 45 32.53 -29.93 -11.45
CA GLN G 45 33.23 -29.01 -12.35
C GLN G 45 32.55 -28.98 -13.71
N ASN G 46 32.33 -30.16 -14.30
CA ASN G 46 31.61 -30.22 -15.57
C ASN G 46 30.14 -29.94 -15.38
N LYS G 47 29.59 -30.24 -14.20
CA LYS G 47 28.21 -29.92 -13.88
C LYS G 47 28.15 -28.49 -13.34
N ALA G 48 28.56 -27.56 -14.20
CA ALA G 48 28.66 -26.15 -13.85
C ALA G 48 27.29 -25.50 -13.99
N ARG G 49 26.76 -24.97 -12.89
CA ARG G 49 25.42 -24.39 -12.88
C ARG G 49 25.38 -22.98 -13.46
N GLY G 50 26.53 -22.36 -13.71
CA GLY G 50 26.53 -21.04 -14.33
C GLY G 50 26.10 -21.11 -15.77
N TRP G 51 24.99 -20.47 -16.13
CA TRP G 51 24.52 -20.45 -17.50
C TRP G 51 24.24 -19.02 -17.90
N TYR G 52 24.43 -18.73 -19.18
CA TYR G 52 24.03 -17.45 -19.77
C TYR G 52 23.16 -17.72 -20.98
N TYR G 53 22.01 -17.05 -21.03
CA TYR G 53 21.07 -17.16 -22.14
C TYR G 53 21.00 -15.80 -22.81
N GLY G 54 21.35 -15.75 -24.10
CA GLY G 54 21.30 -14.53 -24.86
C GLY G 54 20.31 -14.60 -26.00
N ASP G 55 19.67 -15.75 -26.17
CA ASP G 55 18.69 -15.92 -27.23
C ASP G 55 17.44 -15.09 -27.00
N ASN G 56 17.19 -14.66 -25.77
CA ASN G 56 16.03 -13.83 -25.46
C ASN G 56 16.26 -12.40 -25.95
N ASN G 57 15.27 -11.54 -25.70
CA ASN G 57 15.42 -10.13 -26.03
C ASN G 57 16.48 -9.47 -25.15
N GLU G 58 16.82 -10.10 -24.03
CA GLU G 58 17.85 -9.62 -23.13
C GLU G 58 18.75 -10.78 -22.72
N GLY G 59 20.00 -10.46 -22.39
CA GLY G 59 20.93 -11.48 -21.94
C GLY G 59 20.89 -11.66 -20.43
N ASN G 60 20.64 -12.88 -19.97
CA ASN G 60 20.48 -13.17 -18.56
C ASN G 60 21.48 -14.23 -18.13
N ILE G 61 22.18 -13.98 -17.03
CA ILE G 61 23.08 -14.95 -16.42
C ILE G 61 22.35 -15.53 -15.21
N HIS G 62 22.13 -16.84 -15.23
CA HIS G 62 21.41 -17.54 -14.18
C HIS G 62 22.24 -18.72 -13.71
N CYS G 63 22.41 -18.83 -12.39
CA CYS G 63 23.05 -19.99 -11.78
C CYS G 63 22.08 -20.61 -10.78
N TYR G 64 21.72 -21.87 -11.03
CA TYR G 64 20.81 -22.60 -10.17
C TYR G 64 21.45 -23.03 -8.86
N ASN G 65 22.78 -23.03 -8.77
CA ASN G 65 23.43 -23.42 -7.52
C ASN G 65 23.24 -22.34 -6.45
N CYS G 66 23.64 -21.11 -6.76
CA CYS G 66 23.41 -19.98 -5.87
C CYS G 66 22.15 -19.21 -6.20
N ASN G 67 21.37 -19.68 -7.18
CA ASN G 67 20.10 -19.05 -7.55
C ASN G 67 20.29 -17.59 -7.91
N TYR G 68 21.36 -17.29 -8.65
CA TYR G 68 21.70 -15.92 -9.02
C TYR G 68 21.27 -15.71 -10.47
N HIS G 69 20.17 -14.98 -10.65
CA HIS G 69 19.70 -14.59 -11.98
C HIS G 69 19.79 -13.07 -12.09
N ALA G 70 20.49 -12.59 -13.12
CA ALA G 70 20.71 -11.16 -13.26
C ALA G 70 20.94 -10.80 -14.71
N PRO G 71 20.66 -9.56 -15.10
CA PRO G 71 21.03 -9.11 -16.44
C PRO G 71 22.55 -9.05 -16.59
N ILE G 72 23.00 -9.13 -17.85
CA ILE G 72 24.42 -9.14 -18.13
C ILE G 72 25.09 -7.86 -17.63
N GLY G 73 24.39 -6.72 -17.74
CA GLY G 73 24.96 -5.47 -17.26
C GLY G 73 25.25 -5.50 -15.77
N ILE G 74 24.38 -6.13 -14.98
CA ILE G 74 24.61 -6.23 -13.55
C ILE G 74 25.86 -7.06 -13.27
N TYR G 75 26.02 -8.18 -13.97
CA TYR G 75 27.22 -9.00 -13.80
C TYR G 75 28.47 -8.23 -14.17
N LEU G 76 28.41 -7.48 -15.28
CA LEU G 76 29.56 -6.68 -15.69
C LEU G 76 29.90 -5.64 -14.64
N LYS G 77 28.88 -4.99 -14.08
CA LYS G 77 29.12 -4.00 -13.03
C LYS G 77 29.76 -4.66 -11.81
N GLU G 78 29.28 -5.84 -11.44
CA GLU G 78 29.75 -6.46 -10.21
C GLU G 78 31.11 -7.12 -10.35
N PHE G 79 31.53 -7.46 -11.57
CA PHE G 79 32.76 -8.24 -11.73
C PHE G 79 33.78 -7.64 -12.68
N GLU G 80 33.33 -6.99 -13.76
CA GLU G 80 34.23 -6.45 -14.79
C GLU G 80 33.91 -4.97 -15.00
N PRO G 81 34.27 -4.11 -14.04
CA PRO G 81 33.90 -2.70 -14.16
C PRO G 81 34.46 -2.04 -15.40
N ASP G 82 35.68 -2.39 -15.81
CA ASP G 82 36.21 -1.87 -17.06
C ASP G 82 35.38 -2.32 -18.25
N LEU G 83 35.15 -3.64 -18.35
CA LEU G 83 34.27 -4.16 -19.39
C LEU G 83 32.84 -3.64 -19.21
N TYR G 84 32.42 -3.42 -17.96
CA TYR G 84 31.09 -2.87 -17.73
C TYR G 84 30.97 -1.50 -18.37
N ARG G 85 31.96 -0.63 -18.15
CA ARG G 85 31.92 0.70 -18.73
C ARG G 85 32.01 0.63 -20.25
N GLU G 86 32.86 -0.26 -20.76
CA GLU G 86 32.96 -0.45 -22.20
C GLU G 86 31.61 -0.80 -22.81
N TYR G 87 30.95 -1.80 -22.22
CA TYR G 87 29.65 -2.25 -22.71
C TYR G 87 28.60 -1.15 -22.58
N ILE G 88 28.56 -0.49 -21.43
CA ILE G 88 27.53 0.51 -21.16
C ILE G 88 27.73 1.73 -22.05
N PHE G 89 28.97 1.97 -22.49
CA PHE G 89 29.21 3.07 -23.42
C PHE G 89 28.83 2.66 -24.85
N GLU G 90 29.25 1.46 -25.27
CA GLU G 90 29.04 1.06 -26.64
C GLU G 90 27.58 0.75 -26.93
N ILE G 91 26.82 0.33 -25.90
CA ILE G 91 25.39 0.11 -26.12
C ILE G 91 24.70 1.42 -26.47
N ARG G 92 25.05 2.49 -25.77
CA ARG G 92 24.56 3.81 -26.14
C ARG G 92 25.12 4.25 -27.49
N LYS G 93 26.38 3.90 -27.76
CA LYS G 93 27.02 4.30 -29.00
C LYS G 93 26.28 3.75 -30.22
N GLU G 94 25.95 2.46 -30.21
CA GLU G 94 25.20 1.87 -31.30
C GLU G 94 23.70 2.01 -31.13
N LYS G 95 23.24 2.52 -29.99
CA LYS G 95 21.83 2.73 -29.73
C LYS G 95 21.24 3.74 -30.70
N GLY G 96 21.98 4.82 -30.96
CA GLY G 96 21.49 5.84 -31.87
C GLY G 96 21.38 5.34 -33.30
N LYS G 97 22.35 4.56 -33.74
CA LYS G 97 22.34 4.07 -35.11
C LYS G 97 21.34 2.93 -35.27
N SER G 98 20.97 2.67 -36.53
CA SER G 98 20.09 1.56 -36.86
C SER G 98 20.87 0.25 -36.76
N ARG G 99 20.17 -0.82 -36.35
CA ARG G 99 20.78 -2.12 -36.20
C ARG G 99 21.23 -2.67 -37.55
N PRO G 100 22.52 -2.95 -37.72
CA PRO G 100 23.00 -3.55 -38.99
C PRO G 100 23.20 -5.06 -38.96
N ILE G 101 22.83 -5.75 -37.87
CA ILE G 101 23.19 -7.16 -37.72
C ILE G 101 22.45 -8.03 -38.72
N GLU G 102 21.38 -7.50 -39.32
CA GLU G 102 20.63 -8.30 -40.30
C GLU G 102 21.34 -8.33 -41.66
N LYS G 103 22.30 -7.45 -41.88
CA LYS G 103 23.01 -7.38 -43.15
C LYS G 103 23.75 -8.68 -43.47
N PRO G 104 24.56 -9.25 -42.54
CA PRO G 104 25.25 -10.52 -42.85
C PRO G 104 24.40 -11.74 -42.49
N LYS G 105 23.21 -11.83 -43.08
CA LYS G 105 22.29 -12.93 -42.82
C LYS G 105 22.58 -14.04 -43.83
N GLU G 106 23.38 -15.01 -43.41
CA GLU G 106 23.78 -16.12 -44.26
C GLU G 106 23.47 -17.44 -43.55
N LEU G 107 23.26 -18.49 -44.34
CA LEU G 107 22.95 -19.81 -43.81
C LEU G 107 24.12 -20.74 -44.10
N PRO G 108 24.79 -21.26 -43.06
CA PRO G 108 25.92 -22.17 -43.29
C PRO G 108 25.50 -23.62 -43.37
N LYS G 109 24.20 -23.87 -43.49
CA LYS G 109 23.69 -25.24 -43.50
C LYS G 109 24.02 -25.95 -44.80
N GLN G 110 23.64 -27.21 -44.92
CA GLN G 110 23.92 -28.02 -46.09
C GLN G 110 22.83 -29.08 -46.23
N PRO G 111 22.63 -29.61 -47.44
CA PRO G 111 21.67 -30.71 -47.61
C PRO G 111 22.17 -32.02 -47.05
N GLU G 112 21.45 -33.11 -47.30
CA GLU G 112 21.84 -34.44 -46.82
C GLU G 112 23.31 -34.71 -47.10
N LYS G 113 24.10 -34.85 -46.04
CA LYS G 113 25.55 -34.95 -46.13
C LYS G 113 26.10 -36.29 -45.69
N LYS G 114 25.46 -36.93 -44.71
CA LYS G 114 25.92 -38.22 -44.21
C LYS G 114 24.82 -39.26 -44.37
N ILE G 115 24.24 -39.32 -45.58
CA ILE G 115 23.17 -40.26 -45.86
C ILE G 115 23.59 -41.67 -45.45
N ILE G 116 22.78 -42.29 -44.59
CA ILE G 116 23.11 -43.58 -43.98
C ILE G 116 22.75 -44.67 -44.98
N LYS G 117 23.73 -45.47 -45.39
CA LYS G 117 23.48 -46.50 -46.39
C LYS G 117 23.30 -47.87 -45.73
N SER G 118 24.23 -48.28 -44.88
CA SER G 118 24.18 -49.59 -44.25
C SER G 118 24.57 -49.45 -42.78
N LEU G 119 24.11 -50.41 -41.98
CA LEU G 119 24.33 -50.38 -40.53
C LEU G 119 25.20 -51.55 -40.10
N PRO G 120 26.49 -51.34 -39.87
CA PRO G 120 27.33 -52.42 -39.32
C PRO G 120 26.89 -52.80 -37.91
N SER G 121 27.11 -54.07 -37.58
CA SER G 121 26.83 -54.62 -36.26
C SER G 121 25.35 -54.54 -35.91
N CYS G 122 24.48 -54.49 -36.92
CA CYS G 122 23.05 -54.37 -36.71
C CYS G 122 22.34 -55.47 -37.49
N VAL G 123 21.42 -56.17 -36.82
CA VAL G 123 20.57 -57.17 -37.46
C VAL G 123 19.12 -56.76 -37.25
N ARG G 124 18.38 -56.62 -38.34
CA ARG G 124 17.01 -56.14 -38.23
C ARG G 124 16.14 -57.14 -37.46
N LEU G 125 15.13 -56.59 -36.76
CA LEU G 125 14.31 -57.42 -35.88
C LEU G 125 13.59 -58.52 -36.64
N ASP G 126 13.02 -58.21 -37.81
CA ASP G 126 12.36 -59.23 -38.60
C ASP G 126 13.34 -60.26 -39.14
N LYS G 127 14.62 -59.93 -39.20
CA LYS G 127 15.66 -60.87 -39.61
C LYS G 127 16.11 -61.78 -38.47
N LEU G 128 15.72 -61.47 -37.24
CA LEU G 128 16.18 -62.20 -36.06
C LEU G 128 15.26 -63.39 -35.77
N ALA G 129 15.79 -64.34 -35.02
CA ALA G 129 15.02 -65.52 -34.64
C ALA G 129 13.99 -65.15 -33.57
N GLU G 130 12.93 -65.96 -33.50
CA GLU G 130 11.82 -65.69 -32.60
C GLU G 130 12.19 -65.84 -31.13
N ASP G 131 13.27 -66.54 -30.81
CA ASP G 131 13.70 -66.72 -29.43
C ASP G 131 14.85 -65.79 -29.05
N HIS G 132 15.14 -64.79 -29.88
CA HIS G 132 16.14 -63.80 -29.53
C HIS G 132 15.69 -63.01 -28.30
N PRO G 133 16.60 -62.69 -27.38
CA PRO G 133 16.19 -61.92 -26.20
C PRO G 133 15.53 -60.58 -26.52
N ILE G 134 16.02 -59.88 -27.56
CA ILE G 134 15.36 -58.64 -27.96
C ILE G 134 13.97 -58.93 -28.51
N ILE G 135 13.81 -60.06 -29.19
CA ILE G 135 12.49 -60.43 -29.70
C ILE G 135 11.53 -60.70 -28.53
N LYS G 136 12.00 -61.38 -27.48
CA LYS G 136 11.15 -61.59 -26.32
C LYS G 136 10.83 -60.27 -25.63
N TYR G 137 11.80 -59.36 -25.56
CA TYR G 137 11.56 -58.06 -24.95
C TYR G 137 10.50 -57.27 -25.72
N VAL G 138 10.57 -57.30 -27.06
CA VAL G 138 9.57 -56.58 -27.84
C VAL G 138 8.24 -57.31 -27.86
N LYS G 139 8.23 -58.63 -27.65
CA LYS G 139 6.98 -59.33 -27.39
C LYS G 139 6.33 -58.81 -26.12
N ALA G 140 7.14 -58.62 -25.08
CA ALA G 140 6.66 -57.92 -23.89
C ALA G 140 6.18 -56.52 -24.21
N ARG G 141 6.86 -55.83 -25.14
CA ARG G 141 6.38 -54.54 -25.64
C ARG G 141 5.13 -54.68 -26.50
N CYS G 142 4.81 -55.87 -26.97
CA CYS G 142 3.59 -56.15 -27.74
C CYS G 142 3.52 -55.34 -29.03
N ILE G 143 4.68 -55.06 -29.62
CA ILE G 143 4.70 -54.38 -30.92
C ILE G 143 4.20 -55.34 -32.00
N PRO G 144 3.35 -54.90 -32.92
CA PRO G 144 2.93 -55.78 -34.02
C PRO G 144 4.13 -56.27 -34.84
N LYS G 145 4.06 -57.54 -35.23
CA LYS G 145 5.20 -58.19 -35.87
C LYS G 145 5.55 -57.53 -37.20
N ASP G 146 4.53 -57.06 -37.95
CA ASP G 146 4.76 -56.51 -39.28
C ASP G 146 5.70 -55.32 -39.28
N LYS G 147 5.74 -54.55 -38.20
CA LYS G 147 6.61 -53.38 -38.12
C LYS G 147 8.02 -53.71 -37.65
N TRP G 148 8.28 -54.98 -37.32
CA TRP G 148 9.62 -55.38 -36.88
C TRP G 148 10.67 -55.17 -37.96
N LYS G 149 10.25 -55.01 -39.21
CA LYS G 149 11.15 -54.66 -40.31
C LYS G 149 11.63 -53.21 -40.24
N TYR G 150 11.31 -52.49 -39.16
CA TYR G 150 11.75 -51.11 -39.00
C TYR G 150 12.71 -50.93 -37.84
N LEU G 151 13.09 -52.01 -37.15
CA LEU G 151 13.95 -51.93 -35.98
C LEU G 151 15.09 -52.92 -36.11
N TRP G 152 16.27 -52.51 -35.66
CA TRP G 152 17.46 -53.35 -35.63
C TRP G 152 17.89 -53.60 -34.20
N PHE G 153 18.65 -54.67 -34.01
CA PHE G 153 19.31 -54.97 -32.75
C PHE G 153 20.81 -54.94 -32.96
N THR G 154 21.55 -54.36 -32.01
CA THR G 154 22.99 -54.26 -32.10
C THR G 154 23.62 -54.65 -30.77
N THR G 155 24.90 -55.03 -30.85
CA THR G 155 25.73 -55.23 -29.68
C THR G 155 26.97 -54.36 -29.68
N GLU G 156 27.24 -53.64 -30.76
CA GLU G 156 28.42 -52.78 -30.87
C GLU G 156 28.00 -51.35 -31.14
N TRP G 157 27.05 -50.84 -30.37
CA TRP G 157 26.53 -49.51 -30.61
C TRP G 157 27.61 -48.43 -30.62
N PRO G 158 28.54 -48.34 -29.66
CA PRO G 158 29.64 -47.39 -29.82
C PRO G 158 30.48 -47.68 -31.06
N LYS G 159 30.73 -48.94 -31.37
CA LYS G 159 31.45 -49.29 -32.58
C LYS G 159 30.67 -48.88 -33.82
N LEU G 160 29.35 -49.10 -33.82
CA LEU G 160 28.54 -48.70 -34.96
C LEU G 160 28.59 -47.19 -35.17
N VAL G 161 28.46 -46.43 -34.08
CA VAL G 161 28.48 -44.97 -34.19
C VAL G 161 29.85 -44.50 -34.66
N ASN G 162 30.93 -45.03 -34.08
CA ASN G 162 32.27 -44.63 -34.50
C ASN G 162 32.58 -45.08 -35.92
N SER G 163 31.88 -46.08 -36.43
CA SER G 163 31.97 -46.40 -37.85
C SER G 163 31.20 -45.38 -38.68
N ILE G 164 30.10 -44.86 -38.16
CA ILE G 164 29.33 -43.81 -38.81
C ILE G 164 29.89 -42.44 -38.49
N ALA G 165 30.02 -42.11 -37.21
CA ALA G 165 30.59 -40.84 -36.73
C ALA G 165 31.77 -41.15 -35.83
N PRO G 166 32.98 -41.20 -36.36
CA PRO G 166 34.15 -41.53 -35.55
C PRO G 166 34.42 -40.47 -34.49
N GLY G 167 35.04 -40.92 -33.40
CA GLY G 167 35.40 -40.04 -32.31
C GLY G 167 34.30 -39.73 -31.33
N THR G 168 33.11 -40.29 -31.51
CA THR G 168 32.02 -40.06 -30.57
C THR G 168 32.34 -40.65 -29.20
N TYR G 169 32.92 -41.84 -29.17
CA TYR G 169 33.31 -42.51 -27.93
C TYR G 169 34.78 -42.88 -27.99
N LYS G 170 35.51 -42.55 -26.92
CA LYS G 170 36.92 -42.92 -26.85
C LYS G 170 37.09 -44.44 -26.72
N LYS G 171 36.05 -45.14 -26.27
CA LYS G 171 36.06 -46.59 -26.14
C LYS G 171 34.84 -47.17 -26.84
N GLU G 172 35.07 -48.16 -27.68
CA GLU G 172 33.98 -48.85 -28.38
C GLU G 172 33.56 -50.09 -27.59
N ILE G 173 33.14 -49.86 -26.35
CA ILE G 173 32.66 -50.95 -25.50
C ILE G 173 31.37 -51.51 -26.08
N SER G 174 31.34 -52.82 -26.28
CA SER G 174 30.18 -53.45 -26.91
C SER G 174 28.92 -53.21 -26.08
N GLU G 175 27.86 -52.76 -26.75
CA GLU G 175 26.62 -52.43 -26.06
C GLU G 175 25.41 -52.80 -26.91
N PRO G 176 24.58 -53.74 -26.45
CA PRO G 176 23.35 -54.06 -27.19
C PRO G 176 22.32 -52.96 -27.04
N ARG G 177 21.81 -52.47 -28.17
CA ARG G 177 20.78 -51.45 -28.19
C ARG G 177 19.82 -51.70 -29.34
N LEU G 178 18.64 -51.11 -29.23
CA LEU G 178 17.63 -51.16 -30.28
C LEU G 178 17.87 -49.99 -31.23
N VAL G 179 18.42 -50.27 -32.40
CA VAL G 179 18.70 -49.22 -33.37
C VAL G 179 17.42 -48.93 -34.15
N ILE G 180 16.90 -47.73 -33.98
CA ILE G 180 15.73 -47.28 -34.74
C ILE G 180 16.22 -46.26 -35.77
N PRO G 181 16.32 -46.62 -37.04
CA PRO G 181 16.74 -45.65 -38.05
C PRO G 181 15.63 -44.65 -38.33
N ILE G 182 15.97 -43.37 -38.25
CA ILE G 182 15.05 -42.29 -38.54
C ILE G 182 15.32 -41.83 -39.97
N TYR G 183 14.33 -41.99 -40.84
CA TYR G 183 14.42 -41.70 -42.26
C TYR G 183 13.85 -40.34 -42.58
N ASN G 184 14.06 -39.91 -43.83
CA ASN G 184 13.52 -38.65 -44.31
C ASN G 184 12.20 -38.92 -45.01
N ALA G 185 11.66 -37.88 -45.68
CA ALA G 185 10.41 -38.06 -46.43
C ALA G 185 10.60 -39.02 -47.60
N ASN G 186 11.74 -38.93 -48.28
CA ASN G 186 12.01 -39.80 -49.42
C ASN G 186 12.37 -41.23 -49.03
N GLY G 187 12.57 -41.51 -47.74
CA GLY G 187 12.77 -42.85 -47.28
C GLY G 187 14.20 -43.25 -46.96
N LYS G 188 15.13 -42.31 -46.94
CA LYS G 188 16.52 -42.61 -46.60
C LYS G 188 16.81 -42.20 -45.17
N ALA G 189 17.54 -43.07 -44.46
CA ALA G 189 17.81 -42.86 -43.05
C ALA G 189 18.72 -41.65 -42.86
N GLU G 190 18.25 -40.67 -42.07
CA GLU G 190 19.04 -39.49 -41.77
C GLU G 190 19.60 -39.50 -40.35
N SER G 191 19.12 -40.37 -39.47
CA SER G 191 19.71 -40.51 -38.15
C SER G 191 19.36 -41.89 -37.61
N PHE G 192 19.71 -42.15 -36.36
CA PHE G 192 19.34 -43.42 -35.75
C PHE G 192 19.42 -43.31 -34.23
N GLN G 193 18.43 -43.86 -33.55
CA GLN G 193 18.35 -43.82 -32.09
C GLN G 193 18.76 -45.16 -31.52
N GLY G 194 19.70 -45.13 -30.57
CA GLY G 194 20.09 -46.31 -29.84
C GLY G 194 19.24 -46.51 -28.60
N ARG G 195 18.00 -46.95 -28.79
CA ARG G 195 17.09 -47.17 -27.67
C ARG G 195 17.69 -48.15 -26.67
N ALA G 196 17.59 -47.81 -25.39
CA ALA G 196 18.14 -48.64 -24.33
C ALA G 196 17.39 -49.96 -24.24
N LEU G 197 18.11 -51.02 -23.89
CA LEU G 197 17.53 -52.34 -23.70
C LEU G 197 17.42 -52.64 -22.21
N LYS G 198 16.74 -53.73 -21.90
CA LYS G 198 16.48 -54.18 -20.52
C LYS G 198 15.72 -53.04 -19.82
N LYS G 199 15.97 -52.80 -18.53
CA LYS G 199 15.34 -51.66 -17.86
C LYS G 199 15.96 -50.35 -18.31
N ASP G 200 17.29 -50.30 -18.40
CA ASP G 200 17.99 -49.11 -18.85
C ASP G 200 19.41 -49.50 -19.25
N ALA G 201 19.91 -48.82 -20.28
CA ALA G 201 21.29 -49.01 -20.73
C ALA G 201 22.25 -48.34 -19.76
N PRO G 202 23.53 -48.77 -19.76
CA PRO G 202 24.51 -48.16 -18.85
C PRO G 202 24.61 -46.64 -18.96
N GLN G 203 24.87 -46.13 -20.17
CA GLN G 203 25.07 -44.70 -20.34
C GLN G 203 24.76 -44.29 -21.78
N LYS G 204 24.45 -43.01 -21.94
CA LYS G 204 24.35 -42.34 -23.24
C LYS G 204 23.28 -43.00 -24.13
N TYR G 205 22.04 -42.90 -23.66
CA TYR G 205 20.88 -43.19 -24.49
C TYR G 205 20.55 -41.93 -25.27
N ILE G 206 21.08 -41.84 -26.49
CA ILE G 206 20.95 -40.63 -27.31
C ILE G 206 20.72 -41.04 -28.76
N THR G 207 19.96 -40.23 -29.48
CA THR G 207 19.83 -40.42 -30.92
C THR G 207 21.00 -39.78 -31.64
N ILE G 208 21.74 -40.58 -32.41
CA ILE G 208 22.89 -40.10 -33.15
C ILE G 208 22.40 -39.61 -34.50
N GLU G 209 22.64 -38.33 -34.78
CA GLU G 209 22.32 -37.75 -36.07
C GLU G 209 23.48 -37.95 -37.03
N ALA G 210 23.16 -38.28 -38.27
CA ALA G 210 24.19 -38.35 -39.30
C ALA G 210 24.83 -36.99 -39.53
N TYR G 211 24.05 -35.93 -39.44
CA TYR G 211 24.55 -34.57 -39.60
C TYR G 211 23.59 -33.62 -38.86
N PRO G 212 24.06 -32.43 -38.50
CA PRO G 212 23.21 -31.53 -37.68
C PRO G 212 21.91 -31.14 -38.35
N GLU G 213 21.83 -31.18 -39.68
CA GLU G 213 20.62 -30.80 -40.40
C GLU G 213 19.68 -31.99 -40.63
N ALA G 214 20.00 -33.15 -40.08
CA ALA G 214 19.17 -34.33 -40.29
C ALA G 214 17.83 -34.18 -39.57
N THR G 215 16.83 -34.88 -40.08
CA THR G 215 15.49 -34.80 -39.53
C THR G 215 15.44 -35.47 -38.15
N LYS G 216 14.46 -35.04 -37.35
CA LYS G 216 14.23 -35.59 -36.02
C LYS G 216 12.87 -36.26 -35.91
N ILE G 217 12.19 -36.48 -37.03
CA ILE G 217 10.83 -37.03 -37.04
C ILE G 217 10.90 -38.42 -37.66
N TYR G 218 10.39 -39.41 -36.92
CA TYR G 218 10.45 -40.80 -37.35
C TYR G 218 9.17 -41.19 -38.08
N GLY G 219 9.33 -41.98 -39.14
CA GLY G 219 8.19 -42.49 -39.87
C GLY G 219 7.62 -41.56 -40.92
N VAL G 220 8.32 -40.46 -41.25
CA VAL G 220 7.80 -39.53 -42.25
C VAL G 220 7.64 -40.21 -43.60
N GLU G 221 8.56 -41.10 -43.96
CA GLU G 221 8.45 -41.81 -45.23
C GLU G 221 7.22 -42.69 -45.31
N ARG G 222 6.67 -43.13 -44.18
CA ARG G 222 5.52 -44.01 -44.15
C ARG G 222 4.21 -43.24 -44.01
N VAL G 223 4.25 -41.92 -44.05
CA VAL G 223 3.04 -41.11 -43.92
C VAL G 223 2.17 -41.31 -45.15
N LYS G 224 0.91 -41.65 -44.92
CA LYS G 224 -0.08 -41.82 -45.98
C LYS G 224 -1.10 -40.69 -45.91
N ASP G 225 -2.16 -40.80 -46.69
CA ASP G 225 -3.21 -39.79 -46.68
C ASP G 225 -3.94 -39.80 -45.34
N GLY G 226 -4.67 -38.72 -45.07
CA GLY G 226 -5.36 -38.53 -43.82
C GLY G 226 -4.51 -37.77 -42.82
N ASP G 227 -5.13 -37.50 -41.67
CA ASP G 227 -4.49 -36.69 -40.64
C ASP G 227 -3.25 -37.38 -40.10
N VAL G 228 -2.24 -36.58 -39.77
CA VAL G 228 -0.98 -37.08 -39.25
C VAL G 228 -0.95 -36.90 -37.73
N TYR G 229 -0.64 -37.97 -37.02
CA TYR G 229 -0.62 -37.96 -35.56
C TYR G 229 0.82 -37.87 -35.07
N VAL G 230 1.11 -36.86 -34.28
CA VAL G 230 2.46 -36.65 -33.76
C VAL G 230 2.50 -37.15 -32.32
N LEU G 231 3.45 -38.03 -32.04
CA LEU G 231 3.62 -38.64 -30.73
C LEU G 231 5.01 -38.33 -30.19
N GLU G 232 5.32 -38.92 -29.04
CA GLU G 232 6.59 -38.70 -28.37
C GLU G 232 7.55 -39.87 -28.49
N GLY G 233 7.05 -41.07 -28.78
CA GLY G 233 7.90 -42.24 -28.90
C GLY G 233 7.78 -42.90 -30.25
N PRO G 234 8.92 -43.16 -30.89
CA PRO G 234 8.88 -43.88 -32.19
C PRO G 234 8.22 -45.24 -32.07
N ILE G 235 8.47 -45.97 -30.99
CA ILE G 235 7.77 -47.22 -30.76
C ILE G 235 6.29 -46.97 -30.61
N ASP G 236 5.92 -45.92 -29.88
CA ASP G 236 4.52 -45.53 -29.79
C ASP G 236 3.95 -45.20 -31.15
N SER G 237 4.70 -44.48 -31.98
CA SER G 237 4.26 -44.19 -33.34
C SER G 237 4.05 -45.45 -34.16
N LEU G 238 4.81 -46.52 -33.86
CA LEU G 238 4.63 -47.78 -34.57
C LEU G 238 3.25 -48.38 -34.34
N PHE G 239 2.54 -47.97 -33.30
CA PHE G 239 1.17 -48.42 -33.06
C PHE G 239 0.14 -47.52 -33.71
N ILE G 240 0.56 -46.45 -34.38
CA ILE G 240 -0.34 -45.42 -34.89
C ILE G 240 -0.22 -45.36 -36.40
N GLU G 241 -1.36 -45.48 -37.08
CA GLU G 241 -1.41 -45.28 -38.52
C GLU G 241 -1.26 -43.79 -38.82
N ASN G 242 -0.41 -43.48 -39.80
CA ASN G 242 0.00 -42.10 -40.09
C ASN G 242 0.53 -41.43 -38.83
N GLY G 243 1.33 -42.16 -38.07
CA GLY G 243 1.88 -41.66 -36.83
C GLY G 243 3.37 -41.42 -36.88
N ILE G 244 3.77 -40.17 -36.73
CA ILE G 244 5.18 -39.79 -36.69
C ILE G 244 5.54 -39.43 -35.26
N ALA G 245 6.83 -39.52 -34.95
CA ALA G 245 7.33 -39.23 -33.61
C ALA G 245 8.53 -38.30 -33.71
N ILE G 246 8.48 -37.19 -33.00
CA ILE G 246 9.61 -36.27 -32.94
C ILE G 246 10.64 -36.83 -31.97
N THR G 247 11.91 -36.80 -32.38
CA THR G 247 13.02 -37.35 -31.59
C THR G 247 13.96 -36.21 -31.23
N GLY G 248 13.80 -35.67 -30.04
CA GLY G 248 14.65 -34.59 -29.58
C GLY G 248 13.97 -33.77 -28.50
N GLY G 249 14.80 -33.11 -27.69
CA GLY G 249 14.27 -32.26 -26.63
C GLY G 249 13.69 -30.95 -27.12
N GLN G 250 13.99 -30.56 -28.35
CA GLN G 250 13.48 -29.33 -28.93
C GLN G 250 12.28 -29.67 -29.80
N LEU G 251 11.20 -28.90 -29.66
CA LEU G 251 9.96 -29.09 -30.40
C LEU G 251 9.73 -27.86 -31.27
N ASP G 252 10.10 -27.98 -32.55
CA ASP G 252 9.88 -26.90 -33.51
C ASP G 252 8.70 -27.26 -34.40
N LEU G 253 7.71 -26.38 -34.45
CA LEU G 253 6.55 -26.62 -35.31
C LEU G 253 6.88 -26.46 -36.79
N GLU G 254 7.81 -25.58 -37.13
CA GLU G 254 8.11 -25.32 -38.53
C GLU G 254 8.70 -26.56 -39.21
N VAL G 255 9.62 -27.25 -38.54
CA VAL G 255 10.24 -28.42 -39.14
C VAL G 255 9.27 -29.58 -39.29
N VAL G 256 8.21 -29.61 -38.49
CA VAL G 256 7.22 -30.67 -38.58
C VAL G 256 6.30 -30.38 -39.76
N PRO G 257 6.25 -31.26 -40.76
CA PRO G 257 5.41 -31.00 -41.93
C PRO G 257 3.94 -31.26 -41.67
N PHE G 258 3.13 -31.17 -42.72
CA PHE G 258 1.68 -31.41 -42.64
C PHE G 258 1.02 -30.43 -41.67
N LYS G 259 1.35 -29.14 -41.82
CA LYS G 259 0.75 -28.11 -40.99
C LYS G 259 -0.77 -28.17 -41.05
N ASP G 260 -1.31 -28.53 -42.21
CA ASP G 260 -2.76 -28.67 -42.34
C ASP G 260 -3.31 -29.80 -41.49
N ARG G 261 -2.58 -30.93 -41.40
CA ARG G 261 -3.17 -32.14 -40.85
C ARG G 261 -2.34 -32.81 -39.76
N ARG G 262 -1.39 -32.10 -39.15
CA ARG G 262 -0.61 -32.68 -38.07
C ARG G 262 -1.40 -32.59 -36.76
N VAL G 263 -1.47 -33.72 -36.05
CA VAL G 263 -2.20 -33.82 -34.79
C VAL G 263 -1.21 -34.24 -33.71
N TRP G 264 -1.15 -33.47 -32.64
CA TRP G 264 -0.22 -33.73 -31.55
C TRP G 264 -0.87 -34.69 -30.56
N VAL G 265 -0.29 -35.86 -30.40
CA VAL G 265 -0.77 -36.86 -29.45
C VAL G 265 0.31 -36.99 -28.39
N LEU G 266 0.14 -36.30 -27.26
CA LEU G 266 1.14 -36.31 -26.21
C LEU G 266 0.75 -37.26 -25.09
N ASP G 267 1.49 -37.22 -23.99
CA ASP G 267 1.32 -38.15 -22.88
C ASP G 267 -0.01 -37.91 -22.15
N ASN G 268 -0.35 -38.86 -21.29
CA ASN G 268 -1.61 -38.85 -20.54
C ASN G 268 -1.38 -38.43 -19.09
N GLU G 269 -0.51 -37.45 -18.88
CA GLU G 269 -0.22 -36.97 -17.54
C GLU G 269 -0.75 -35.55 -17.36
N PRO G 270 -1.88 -35.36 -16.69
CA PRO G 270 -2.32 -34.00 -16.33
C PRO G 270 -1.31 -33.28 -15.46
N ARG G 271 -0.54 -34.00 -14.66
CA ARG G 271 0.57 -33.43 -13.90
C ARG G 271 1.77 -33.34 -14.82
N HIS G 272 2.97 -33.14 -14.27
CA HIS G 272 4.17 -32.89 -15.05
C HIS G 272 3.99 -31.58 -15.84
N PRO G 273 4.05 -30.44 -15.16
CA PRO G 273 3.63 -29.16 -15.77
C PRO G 273 4.36 -28.81 -17.06
N ASP G 274 5.48 -29.45 -17.33
CA ASP G 274 6.15 -29.26 -18.61
C ASP G 274 5.25 -29.73 -19.75
N THR G 275 4.54 -30.83 -19.53
CA THR G 275 3.54 -31.32 -20.47
C THR G 275 2.47 -30.26 -20.70
N ILE G 276 1.99 -29.66 -19.61
CA ILE G 276 0.98 -28.61 -19.72
C ILE G 276 1.54 -27.43 -20.51
N LYS G 277 2.82 -27.11 -20.30
CA LYS G 277 3.47 -26.04 -21.04
C LYS G 277 3.48 -26.35 -22.53
N ARG G 278 3.82 -27.59 -22.88
CA ARG G 278 3.83 -28.00 -24.27
C ARG G 278 2.45 -27.88 -24.88
N MET G 279 1.44 -28.36 -24.14
CA MET G 279 0.06 -28.29 -24.61
C MET G 279 -0.36 -26.85 -24.84
N THR G 280 -0.01 -25.98 -23.90
CA THR G 280 -0.39 -24.57 -23.99
C THR G 280 0.29 -23.92 -25.19
N LYS G 281 1.57 -24.19 -25.39
CA LYS G 281 2.27 -23.60 -26.53
C LYS G 281 1.75 -24.15 -27.84
N LEU G 282 1.26 -25.39 -27.85
CA LEU G 282 0.64 -25.92 -29.07
C LEU G 282 -0.71 -25.27 -29.34
N VAL G 283 -1.54 -25.13 -28.31
CA VAL G 283 -2.87 -24.55 -28.51
C VAL G 283 -2.80 -23.06 -28.81
N ASP G 284 -1.81 -22.35 -28.27
CA ASP G 284 -1.63 -20.94 -28.62
C ASP G 284 -1.30 -20.76 -30.09
N ALA G 285 -0.74 -21.79 -30.73
CA ALA G 285 -0.55 -21.79 -32.17
C ALA G 285 -1.79 -22.24 -32.92
N GLY G 286 -2.87 -22.54 -32.21
CA GLY G 286 -4.09 -23.02 -32.85
C GLY G 286 -3.92 -24.35 -33.55
N GLU G 287 -3.11 -25.24 -32.99
CA GLU G 287 -2.82 -26.51 -33.63
C GLU G 287 -3.80 -27.59 -33.17
N ARG G 288 -3.81 -28.69 -33.90
CA ARG G 288 -4.71 -29.80 -33.61
C ARG G 288 -4.07 -30.70 -32.57
N VAL G 289 -4.66 -30.74 -31.38
CA VAL G 289 -4.11 -31.49 -30.25
C VAL G 289 -5.14 -32.48 -29.76
N MET G 290 -4.70 -33.72 -29.53
CA MET G 290 -5.54 -34.75 -28.96
C MET G 290 -5.51 -34.63 -27.43
N PHE G 291 -6.65 -34.91 -26.81
CA PHE G 291 -6.80 -34.76 -25.36
C PHE G 291 -7.24 -36.08 -24.75
N TRP G 292 -6.51 -36.51 -23.72
CA TRP G 292 -6.81 -37.73 -22.99
C TRP G 292 -7.82 -37.52 -21.87
N ASP G 293 -8.51 -36.39 -21.86
CA ASP G 293 -9.41 -36.07 -20.76
C ASP G 293 -10.53 -37.09 -20.61
N LYS G 294 -10.91 -37.76 -21.69
CA LYS G 294 -11.98 -38.75 -21.65
C LYS G 294 -11.45 -40.17 -21.87
N SER G 295 -10.15 -40.38 -21.71
CA SER G 295 -9.56 -41.68 -21.92
C SER G 295 -10.01 -42.65 -20.83
N PRO G 296 -10.59 -43.80 -21.20
CA PRO G 296 -10.86 -44.83 -20.18
C PRO G 296 -9.60 -45.36 -19.51
N TRP G 297 -8.46 -45.31 -20.20
CA TRP G 297 -7.21 -45.80 -19.65
C TRP G 297 -6.45 -44.67 -18.98
N LYS G 298 -5.65 -45.02 -17.97
CA LYS G 298 -4.92 -44.05 -17.18
C LYS G 298 -3.41 -44.26 -17.24
N SER G 299 -2.92 -44.96 -18.25
CA SER G 299 -1.49 -45.17 -18.42
C SER G 299 -0.83 -43.88 -18.94
N LYS G 300 0.46 -43.97 -19.26
CA LYS G 300 1.23 -42.80 -19.70
C LYS G 300 1.26 -42.66 -21.22
N ASP G 301 1.73 -43.69 -21.92
CA ASP G 301 1.80 -43.67 -23.38
C ASP G 301 0.94 -44.79 -23.94
N VAL G 302 0.71 -44.72 -25.25
CA VAL G 302 -0.16 -45.69 -25.92
C VAL G 302 0.34 -47.11 -25.72
N ASN G 303 1.66 -47.31 -25.87
CA ASN G 303 2.21 -48.63 -25.61
C ASN G 303 1.99 -49.05 -24.17
N ASP G 304 2.08 -48.09 -23.23
CA ASP G 304 1.77 -48.40 -21.84
C ASP G 304 0.31 -48.82 -21.69
N MET G 305 -0.60 -48.12 -22.37
CA MET G 305 -2.01 -48.53 -22.35
C MET G 305 -2.15 -49.97 -22.81
N ILE G 306 -1.53 -50.30 -23.94
CA ILE G 306 -1.65 -51.64 -24.51
C ILE G 306 -1.09 -52.68 -23.56
N ARG G 307 0.10 -52.44 -23.02
CA ARG G 307 0.77 -53.46 -22.21
C ARG G 307 0.10 -53.64 -20.87
N LYS G 308 -0.23 -52.54 -20.19
CA LYS G 308 -0.69 -52.62 -18.81
C LYS G 308 -2.21 -52.68 -18.69
N GLU G 309 -2.93 -51.83 -19.42
CA GLU G 309 -4.39 -51.80 -19.35
C GLU G 309 -5.02 -52.60 -20.48
N GLY G 310 -4.23 -53.31 -21.28
CA GLY G 310 -4.77 -54.12 -22.34
C GLY G 310 -5.48 -53.36 -23.44
N ALA G 311 -5.04 -52.15 -23.74
CA ALA G 311 -5.65 -51.38 -24.81
C ALA G 311 -5.29 -51.97 -26.17
N THR G 312 -6.22 -51.85 -27.11
CA THR G 312 -5.98 -52.31 -28.46
C THR G 312 -5.79 -51.13 -29.41
N PRO G 313 -5.01 -51.30 -30.48
CA PRO G 313 -4.76 -50.17 -31.39
C PRO G 313 -6.02 -49.55 -31.97
N GLU G 314 -7.04 -50.35 -32.29
CA GLU G 314 -8.26 -49.79 -32.86
C GLU G 314 -8.96 -48.86 -31.88
N GLN G 315 -8.99 -49.22 -30.59
CA GLN G 315 -9.53 -48.32 -29.59
C GLN G 315 -8.74 -47.02 -29.54
N ILE G 316 -7.43 -47.12 -29.64
CA ILE G 316 -6.59 -45.92 -29.63
C ILE G 316 -6.92 -45.03 -30.82
N MET G 317 -7.04 -45.62 -32.01
CA MET G 317 -7.34 -44.83 -33.19
C MET G 317 -8.72 -44.18 -33.11
N GLU G 318 -9.72 -44.92 -32.64
CA GLU G 318 -11.06 -44.33 -32.53
C GLU G 318 -11.10 -43.24 -31.48
N TYR G 319 -10.36 -43.39 -30.38
CA TYR G 319 -10.30 -42.30 -29.41
C TYR G 319 -9.62 -41.08 -29.99
N MET G 320 -8.51 -41.27 -30.72
CA MET G 320 -7.82 -40.14 -31.31
C MET G 320 -8.68 -39.41 -32.32
N LYS G 321 -9.37 -40.15 -33.19
CA LYS G 321 -10.19 -39.53 -34.21
C LYS G 321 -11.39 -38.80 -33.63
N ASN G 322 -11.87 -39.20 -32.46
CA ASN G 322 -13.02 -38.57 -31.82
C ASN G 322 -12.63 -37.51 -30.81
N ASN G 323 -11.35 -37.33 -30.55
CA ASN G 323 -10.88 -36.41 -29.51
C ASN G 323 -9.85 -35.45 -30.06
N ILE G 324 -10.12 -34.90 -31.24
CA ILE G 324 -9.30 -33.86 -31.84
C ILE G 324 -10.05 -32.54 -31.69
N ALA G 325 -9.44 -31.59 -30.99
CA ALA G 325 -10.04 -30.28 -30.75
C ALA G 325 -9.03 -29.20 -31.10
N GLN G 326 -9.55 -28.06 -31.55
CA GLN G 326 -8.71 -26.95 -32.00
C GLN G 326 -9.26 -25.65 -31.46
N GLY G 327 -8.37 -24.66 -31.33
CA GLY G 327 -8.74 -23.35 -30.86
C GLY G 327 -9.34 -23.32 -29.48
N LEU G 328 -10.47 -22.61 -29.32
CA LEU G 328 -11.13 -22.50 -28.03
C LEU G 328 -11.61 -23.87 -27.54
N MET G 329 -12.07 -24.71 -28.48
CA MET G 329 -12.48 -26.06 -28.13
C MET G 329 -11.34 -26.83 -27.51
N ALA G 330 -10.15 -26.73 -28.12
CA ALA G 330 -8.97 -27.36 -27.56
C ALA G 330 -8.63 -26.76 -26.19
N LYS G 331 -8.72 -25.44 -26.08
CA LYS G 331 -8.34 -24.77 -24.85
C LYS G 331 -9.22 -25.19 -23.69
N MET G 332 -10.49 -25.46 -23.97
CA MET G 332 -11.41 -25.91 -22.94
C MET G 332 -10.93 -27.22 -22.32
N ARG G 333 -10.64 -28.20 -23.18
CA ARG G 333 -10.19 -29.50 -22.72
C ARG G 333 -8.83 -29.38 -22.03
N LEU G 334 -7.97 -28.50 -22.55
CA LEU G 334 -6.67 -28.28 -21.92
C LEU G 334 -6.84 -27.76 -20.51
N SER G 335 -7.68 -26.74 -20.33
CA SER G 335 -7.93 -26.14 -19.04
C SER G 335 -8.51 -27.14 -18.05
N LYS G 336 -9.53 -27.89 -18.48
CA LYS G 336 -10.16 -28.84 -17.57
C LYS G 336 -9.23 -30.00 -17.24
N TYR G 337 -8.42 -30.43 -18.19
CA TYR G 337 -7.61 -31.64 -18.06
C TYR G 337 -6.39 -31.43 -17.19
N ALA G 338 -5.83 -30.22 -17.20
CA ALA G 338 -4.54 -29.97 -16.54
C ALA G 338 -4.58 -30.33 -15.07
N LYS G 339 -5.66 -29.95 -14.38
CA LYS G 339 -5.82 -30.28 -12.97
C LYS G 339 -7.28 -30.26 -12.56
#